data_4YFA
#
_entry.id   4YFA
#
_cell.length_a   85.408
_cell.length_b   89.851
_cell.length_c   122.710
_cell.angle_alpha   103.26
_cell.angle_beta   104.84
_cell.angle_gamma   106.05
#
_symmetry.space_group_name_H-M   'P 1'
#
loop_
_entity.id
_entity.type
_entity.pdbx_description
1 polymer 'Protein related to penicillin acylase'
2 polymer 'Protein related to penicillin acylase'
3 polymer 'Protein related to penicillin acylase'
4 non-polymer 'DECANOIC ACID'
5 water water
#
loop_
_entity_poly.entity_id
_entity_poly.type
_entity_poly.pdbx_seq_one_letter_code
_entity_poly.pdbx_strand_id
1 'polypeptide(L)'
;SGGGDGSTYSAEIRRTTMGVPHIKAGNWGSAGYGFGYVQAQDNLCTMADSFLTYRGERSRHLGGSAQLVYNSTLGRPRNI
DSDFFHRHVISDEAVDRTMAAQPAKLLQMVEGFAAGYNRYVREAKAGGSAHAACRSEAWVQPITARDVWRRIYAANLAGG
YSNFAEAIANAQPPQAKA
;
A,D,G,J
2 'polypeptide(L)' GAQEPAAFEPGRTRAPSLQVGGELGVG B,E,H,K
3 'polypeptide(L)'
;SNMYGFGTAATGEGSGVLFGNPHWYWKGPDRFYQAQLTIDGEANVSGVSFLGLPVIQIGFNDSVAWSHTVSTARRFGFFQ
LSLVQGEPTSYLRDGVPVKMKPATITVPSRNADGSVSDVTRTLYHSEFGPLVNLAGLNPALAWSQGTAFAIRDINGENFR
TLRTWMRWNQAKSLDEFIAIQKEEASIPWVNTVAVGRGSAKAWYADIGAVPNVSPAQTAACTTPFGMAVGQALPNVPFFD
GSRSECDWLTDADSVQKGAVGVSRMPSLQRDDYVGNMNDSYWLANVHAPLTGYPAIFGPAGTSAQTLRTRMGHTMALERL
AGTDGYAGNKATSAVVREMVLGSRVFSAERFKDEVLDLICTPAQWTVNGAAVDAAQACAVLAAWDNRGRKDSRGSHLWDE
FWSRVPTASLFTVPFSAADPLNTPRGINAAAADALRQAMATAIARVGQSGYALDAPRGEVLYATRGGTRLPLYGGCGAMG
YFTITCSENDITQGGYSMDGQPNASNSYMQVVSFPASGVQAHTFLTFSLSDDPASPHHGDYTKAYSAGQWLRVPFTEAEI
TGNADYRTATVKELEHHHHHH
;
C,F,I,L
#
# COMPACT_ATOMS: atom_id res chain seq x y z
N THR A 8 59.78 -27.80 19.20
CA THR A 8 59.48 -29.09 18.51
C THR A 8 57.99 -29.40 18.45
N TYR A 9 57.34 -28.92 17.40
CA TYR A 9 55.95 -29.28 17.14
C TYR A 9 55.91 -30.64 16.44
N SER A 10 54.97 -31.49 16.82
CA SER A 10 54.77 -32.77 16.14
C SER A 10 53.31 -33.17 16.15
N ALA A 11 52.77 -33.34 14.94
CA ALA A 11 51.37 -33.70 14.77
C ALA A 11 51.24 -34.86 13.82
N GLU A 12 50.36 -35.78 14.16
CA GLU A 12 49.99 -36.82 13.24
C GLU A 12 48.76 -36.35 12.49
N ILE A 13 48.84 -36.45 11.16
CA ILE A 13 47.72 -36.12 10.28
C ILE A 13 47.13 -37.39 9.68
N ARG A 14 45.90 -37.72 10.09
CA ARG A 14 45.14 -38.82 9.53
C ARG A 14 44.06 -38.27 8.60
N ARG A 15 44.01 -38.81 7.38
CA ARG A 15 43.00 -38.41 6.39
C ARG A 15 42.05 -39.57 6.16
N THR A 16 40.76 -39.27 6.05
CA THR A 16 39.79 -40.31 5.77
C THR A 16 38.98 -39.93 4.53
N THR A 17 37.87 -40.62 4.28
CA THR A 17 37.03 -40.37 3.11
C THR A 17 36.71 -38.88 2.97
N MET A 18 36.80 -38.39 1.73
CA MET A 18 36.64 -36.96 1.38
C MET A 18 37.81 -36.11 1.83
N GLY A 19 38.87 -36.74 2.33
CA GLY A 19 40.04 -36.02 2.80
C GLY A 19 39.99 -35.45 4.20
N VAL A 20 38.87 -35.62 4.92
CA VAL A 20 38.72 -35.06 6.27
C VAL A 20 40.00 -35.36 7.09
N PRO A 21 40.71 -34.30 7.53
CA PRO A 21 41.91 -34.53 8.35
C PRO A 21 41.56 -34.68 9.82
N HIS A 22 42.32 -35.52 10.53
CA HIS A 22 42.13 -35.72 11.94
C HIS A 22 43.47 -35.53 12.55
N ILE A 23 43.69 -34.35 13.10
CA ILE A 23 44.96 -33.99 13.72
C ILE A 23 45.05 -34.62 15.11
N LYS A 24 46.16 -35.30 15.39
CA LYS A 24 46.41 -35.87 16.71
C LYS A 24 47.76 -35.38 17.23
N ALA A 25 47.74 -34.66 18.34
CA ALA A 25 48.97 -34.12 18.94
C ALA A 25 48.94 -34.24 20.47
N GLY A 26 50.11 -34.13 21.08
CA GLY A 26 50.24 -34.22 22.54
C GLY A 26 49.96 -32.92 23.28
N ASN A 27 49.96 -31.81 22.55
CA ASN A 27 49.77 -30.48 23.15
C ASN A 27 49.12 -29.50 22.19
N TRP A 28 48.71 -28.34 22.71
CA TRP A 28 47.96 -27.37 21.91
C TRP A 28 48.74 -26.76 20.79
N GLY A 29 49.99 -26.39 21.06
CA GLY A 29 50.87 -25.86 20.03
C GLY A 29 51.00 -26.75 18.80
N SER A 30 51.15 -28.07 19.04
CA SER A 30 51.34 -29.04 17.95
C SER A 30 50.05 -29.31 17.19
N ALA A 31 48.91 -29.16 17.88
CA ALA A 31 47.60 -29.21 17.24
C ALA A 31 47.47 -28.05 16.26
N GLY A 32 47.86 -26.86 16.72
CA GLY A 32 47.91 -25.68 15.88
C GLY A 32 48.74 -25.96 14.66
N TYR A 33 49.90 -26.59 14.87
CA TYR A 33 50.81 -26.94 13.80
C TYR A 33 50.17 -27.86 12.76
N GLY A 34 49.61 -28.98 13.20
CA GLY A 34 48.92 -29.91 12.29
C GLY A 34 47.74 -29.29 11.56
N PHE A 35 46.96 -28.46 12.27
CA PHE A 35 45.75 -27.85 11.71
C PHE A 35 46.07 -26.78 10.68
N GLY A 36 47.05 -25.92 10.99
CA GLY A 36 47.49 -24.88 10.06
C GLY A 36 48.08 -25.48 8.80
N TYR A 37 48.76 -26.61 8.96
CA TYR A 37 49.34 -27.32 7.84
C TYR A 37 48.28 -27.84 6.86
N VAL A 38 47.31 -28.60 7.37
CA VAL A 38 46.29 -29.18 6.50
C VAL A 38 45.41 -28.13 5.81
N GLN A 39 45.11 -27.03 6.50
CA GLN A 39 44.27 -25.97 5.92
C GLN A 39 44.96 -25.38 4.69
N ALA A 40 46.26 -25.08 4.83
CA ALA A 40 47.05 -24.50 3.75
C ALA A 40 47.29 -25.53 2.66
N GLN A 41 47.46 -26.78 3.06
CA GLN A 41 47.64 -27.85 2.11
C GLN A 41 46.43 -27.93 1.17
N ASP A 42 45.24 -27.70 1.72
CA ASP A 42 44.02 -27.80 0.93
C ASP A 42 43.57 -26.50 0.30
N ASN A 43 43.92 -25.36 0.91
CA ASN A 43 43.34 -24.08 0.50
C ASN A 43 44.32 -22.92 0.43
N LEU A 44 45.55 -23.21 0.00
CA LEU A 44 46.62 -22.21 -0.02
C LEU A 44 46.27 -20.87 -0.69
N CYS A 45 45.68 -20.91 -1.88
CA CYS A 45 45.44 -19.67 -2.64
C CYS A 45 44.40 -18.78 -1.95
N THR A 46 43.33 -19.39 -1.44
CA THR A 46 42.31 -18.64 -0.71
C THR A 46 42.93 -18.04 0.54
N MET A 47 43.66 -18.86 1.30
CA MET A 47 44.29 -18.41 2.54
C MET A 47 45.37 -17.34 2.37
N ALA A 48 46.30 -17.54 1.44
CA ALA A 48 47.35 -16.55 1.20
C ALA A 48 46.77 -15.22 0.74
N ASP A 49 45.80 -15.26 -0.16
CA ASP A 49 45.05 -14.07 -0.55
C ASP A 49 44.40 -13.41 0.69
N SER A 50 43.92 -14.22 1.62
CA SER A 50 43.21 -13.71 2.80
C SER A 50 44.13 -13.03 3.81
N PHE A 51 45.40 -13.41 3.83
CA PHE A 51 46.35 -12.76 4.73
C PHE A 51 46.83 -11.39 4.24
N LEU A 52 46.87 -11.19 2.92
CA LEU A 52 47.00 -9.84 2.37
C LEU A 52 45.85 -8.96 2.87
N THR A 53 44.65 -9.55 2.94
CA THR A 53 43.45 -8.84 3.37
C THR A 53 43.54 -8.29 4.79
N TYR A 54 43.79 -9.17 5.75
CA TYR A 54 43.78 -8.78 7.16
C TYR A 54 44.97 -7.90 7.55
N ARG A 55 46.10 -8.09 6.87
CA ARG A 55 47.31 -7.29 7.06
C ARG A 55 47.24 -5.96 6.30
N GLY A 56 46.22 -5.79 5.47
CA GLY A 56 46.11 -4.61 4.61
C GLY A 56 47.23 -4.44 3.59
N GLU A 57 47.59 -5.53 2.92
CA GLU A 57 48.66 -5.54 1.93
C GLU A 57 48.14 -5.95 0.54
N ARG A 58 46.82 -5.85 0.36
CA ARG A 58 46.19 -6.25 -0.91
C ARG A 58 46.66 -5.39 -2.08
N SER A 59 46.67 -4.08 -1.86
CA SER A 59 47.00 -3.11 -2.90
C SER A 59 48.43 -3.23 -3.37
N ARG A 60 49.34 -3.55 -2.45
CA ARG A 60 50.75 -3.76 -2.81
C ARG A 60 50.88 -4.77 -3.95
N HIS A 61 50.20 -5.91 -3.79
CA HIS A 61 50.32 -7.00 -4.75
C HIS A 61 49.30 -6.95 -5.87
N LEU A 62 48.06 -6.59 -5.54
CA LEU A 62 46.95 -6.75 -6.49
C LEU A 62 46.39 -5.46 -7.10
N GLY A 63 46.84 -4.32 -6.60
CA GLY A 63 46.40 -3.02 -7.09
C GLY A 63 45.30 -2.44 -6.23
N GLY A 64 45.37 -1.14 -5.97
CA GLY A 64 44.38 -0.44 -5.15
C GLY A 64 42.95 -0.46 -5.65
N SER A 65 42.76 -0.33 -6.96
CA SER A 65 41.43 -0.20 -7.53
C SER A 65 40.69 -1.54 -7.73
N ALA A 66 41.43 -2.65 -7.78
CA ALA A 66 40.82 -3.98 -7.86
C ALA A 66 40.01 -4.28 -6.60
N GLN A 67 38.94 -5.06 -6.78
CA GLN A 67 38.13 -5.52 -5.66
C GLN A 67 38.72 -6.77 -5.04
N LEU A 68 38.37 -7.02 -3.78
CA LEU A 68 38.55 -8.32 -3.14
C LEU A 68 38.15 -9.45 -4.08
N VAL A 69 38.97 -10.49 -4.14
CA VAL A 69 38.74 -11.66 -5.00
C VAL A 69 37.49 -12.42 -4.53
N TYR A 70 37.48 -12.78 -3.24
CA TYR A 70 36.40 -13.57 -2.67
C TYR A 70 35.45 -12.72 -1.82
N ASN A 71 34.15 -13.01 -1.95
CA ASN A 71 33.15 -12.50 -1.03
C ASN A 71 33.40 -13.11 0.34
N SER A 72 32.96 -12.39 1.38
CA SER A 72 33.21 -12.77 2.77
C SER A 72 32.33 -11.89 3.64
N THR A 73 32.49 -11.98 4.97
CA THR A 73 31.74 -11.12 5.88
C THR A 73 32.17 -9.67 5.68
N LEU A 74 33.15 -9.46 4.82
CA LEU A 74 33.69 -8.14 4.53
C LEU A 74 33.08 -7.52 3.27
N GLY A 75 32.36 -8.33 2.51
CA GLY A 75 31.89 -7.91 1.18
C GLY A 75 33.06 -7.74 0.22
N ARG A 76 32.82 -7.07 -0.90
CA ARG A 76 33.88 -6.87 -1.89
C ARG A 76 34.19 -5.40 -2.14
N PRO A 77 34.74 -4.71 -1.13
CA PRO A 77 35.20 -3.34 -1.35
C PRO A 77 36.49 -3.29 -2.17
N ARG A 78 36.91 -2.09 -2.56
CA ARG A 78 38.16 -1.88 -3.27
C ARG A 78 39.33 -2.26 -2.37
N ASN A 79 40.36 -2.85 -2.97
CA ASN A 79 41.59 -3.20 -2.25
C ASN A 79 42.13 -2.06 -1.36
N ILE A 80 42.24 -0.87 -1.93
CA ILE A 80 42.77 0.29 -1.21
C ILE A 80 41.97 0.65 0.06
N ASP A 81 40.65 0.55 -0.02
CA ASP A 81 39.78 0.84 1.14
C ASP A 81 39.82 -0.28 2.19
N SER A 82 39.86 -1.54 1.73
CA SER A 82 40.02 -2.67 2.64
C SER A 82 41.34 -2.56 3.40
N ASP A 83 42.41 -2.24 2.67
CA ASP A 83 43.75 -2.10 3.27
C ASP A 83 43.72 -1.05 4.39
N PHE A 84 43.12 0.11 4.10
CA PHE A 84 42.98 1.13 5.14
C PHE A 84 42.10 0.66 6.30
N PHE A 85 40.97 0.02 6.00
CA PHE A 85 40.10 -0.50 7.06
C PHE A 85 40.84 -1.39 8.05
N HIS A 86 41.51 -2.43 7.55
CA HIS A 86 42.20 -3.40 8.40
C HIS A 86 43.39 -2.86 9.17
N ARG A 87 44.13 -1.93 8.58
CA ARG A 87 45.25 -1.31 9.28
C ARG A 87 44.78 -0.45 10.46
N HIS A 88 43.74 0.34 10.22
CA HIS A 88 43.20 1.29 11.21
C HIS A 88 42.41 0.62 12.30
N VAL A 89 41.66 -0.43 11.97
CA VAL A 89 40.84 -1.14 12.96
C VAL A 89 41.58 -2.36 13.55
N ILE A 90 42.26 -3.12 12.70
CA ILE A 90 43.07 -4.23 13.19
C ILE A 90 44.51 -3.72 13.29
N SER A 91 44.70 -2.79 14.22
CA SER A 91 45.99 -2.15 14.43
C SER A 91 46.86 -3.06 15.29
N ASP A 92 48.15 -2.75 15.33
CA ASP A 92 49.06 -3.42 16.24
C ASP A 92 48.58 -3.40 17.71
N GLU A 93 48.02 -2.26 18.14
CA GLU A 93 47.48 -2.15 19.49
C GLU A 93 46.31 -3.10 19.74
N ALA A 94 45.37 -3.15 18.79
CA ALA A 94 44.24 -4.06 18.86
C ALA A 94 44.71 -5.52 18.93
N VAL A 95 45.68 -5.88 18.10
CA VAL A 95 46.25 -7.23 18.11
C VAL A 95 46.94 -7.53 19.45
N ASP A 96 47.74 -6.58 19.96
CA ASP A 96 48.33 -6.66 21.29
C ASP A 96 47.28 -6.91 22.36
N ARG A 97 46.24 -6.07 22.36
CA ARG A 97 45.15 -6.15 23.34
C ARG A 97 44.44 -7.49 23.27
N THR A 98 44.22 -7.98 22.05
CA THR A 98 43.65 -9.30 21.80
C THR A 98 44.50 -10.40 22.43
N MET A 99 45.78 -10.41 22.08
CA MET A 99 46.72 -11.41 22.59
C MET A 99 46.84 -11.40 24.11
N ALA A 100 46.89 -10.21 24.71
CA ALA A 100 47.04 -10.08 26.16
C ALA A 100 45.96 -10.83 26.95
N ALA A 101 44.76 -10.94 26.39
CA ALA A 101 43.63 -11.58 27.06
C ALA A 101 43.56 -13.11 26.89
N GLN A 102 44.45 -13.66 26.06
CA GLN A 102 44.35 -15.07 25.66
C GLN A 102 45.00 -16.01 26.67
N PRO A 103 44.40 -17.20 26.88
CA PRO A 103 45.07 -18.18 27.75
C PRO A 103 46.31 -18.76 27.05
N ALA A 104 47.20 -19.35 27.85
CA ALA A 104 48.53 -19.75 27.38
C ALA A 104 48.45 -20.78 26.25
N LYS A 105 47.64 -21.81 26.45
CA LYS A 105 47.49 -22.88 25.47
C LYS A 105 47.02 -22.35 24.11
N LEU A 106 46.18 -21.32 24.12
CA LEU A 106 45.68 -20.74 22.85
C LEU A 106 46.73 -19.93 22.12
N LEU A 107 47.55 -19.18 22.87
CA LEU A 107 48.66 -18.46 22.28
C LEU A 107 49.66 -19.43 21.63
N GLN A 108 49.86 -20.57 22.29
CA GLN A 108 50.66 -21.69 21.77
C GLN A 108 50.08 -22.24 20.47
N MET A 109 48.76 -22.44 20.46
CA MET A 109 48.08 -23.01 19.31
C MET A 109 48.27 -22.14 18.07
N VAL A 110 47.99 -20.85 18.22
CA VAL A 110 48.14 -19.90 17.13
C VAL A 110 49.58 -19.87 16.61
N GLU A 111 50.54 -19.98 17.52
CA GLU A 111 51.97 -20.06 17.18
C GLU A 111 52.22 -21.25 16.26
N GLY A 112 51.81 -22.43 16.71
CA GLY A 112 51.87 -23.64 15.90
C GLY A 112 51.19 -23.45 14.56
N PHE A 113 49.99 -22.87 14.59
CA PHE A 113 49.18 -22.70 13.39
C PHE A 113 49.92 -21.90 12.31
N ALA A 114 50.49 -20.77 12.72
CA ALA A 114 51.32 -19.98 11.81
C ALA A 114 52.49 -20.82 11.29
N ALA A 115 53.12 -21.58 12.18
CA ALA A 115 54.30 -22.38 11.82
C ALA A 115 53.93 -23.57 10.93
N GLY A 116 52.73 -24.10 11.12
CA GLY A 116 52.21 -25.17 10.26
C GLY A 116 51.94 -24.67 8.86
N TYR A 117 51.30 -23.50 8.80
CA TYR A 117 51.01 -22.81 7.55
C TYR A 117 52.31 -22.52 6.80
N ASN A 118 53.30 -21.97 7.50
CA ASN A 118 54.57 -21.63 6.89
C ASN A 118 55.32 -22.83 6.32
N ARG A 119 55.14 -23.98 6.97
CA ARG A 119 55.70 -25.22 6.50
C ARG A 119 55.15 -25.58 5.12
N TYR A 120 53.83 -25.53 4.98
CA TYR A 120 53.23 -25.84 3.68
C TYR A 120 53.69 -24.87 2.61
N VAL A 121 53.80 -23.58 2.97
CA VAL A 121 54.27 -22.56 2.05
C VAL A 121 55.65 -22.91 1.46
N ARG A 122 56.58 -23.31 2.32
CA ARG A 122 57.88 -23.80 1.88
C ARG A 122 57.69 -24.93 0.88
N GLU A 123 56.86 -25.91 1.24
CA GLU A 123 56.64 -27.07 0.37
C GLU A 123 56.05 -26.72 -1.00
N ALA A 124 55.10 -25.79 -1.03
CA ALA A 124 54.51 -25.32 -2.29
C ALA A 124 55.50 -24.50 -3.12
N LYS A 125 56.34 -23.73 -2.44
CA LYS A 125 57.43 -23.03 -3.11
C LYS A 125 58.46 -23.98 -3.74
N ALA A 126 58.71 -25.11 -3.08
CA ALA A 126 59.73 -26.08 -3.51
C ALA A 126 59.37 -26.79 -4.81
N GLY A 127 58.10 -27.14 -4.97
CA GLY A 127 57.59 -27.77 -6.18
C GLY A 127 56.19 -28.33 -5.95
N GLY A 128 55.80 -29.31 -6.75
CA GLY A 128 54.51 -29.98 -6.63
C GLY A 128 53.48 -29.41 -7.58
N SER A 129 52.54 -30.25 -7.97
CA SER A 129 51.49 -29.80 -8.89
C SER A 129 50.30 -29.14 -8.16
N ALA A 130 50.30 -29.16 -6.82
CA ALA A 130 49.25 -28.50 -6.02
C ALA A 130 49.29 -26.96 -6.06
N HIS A 131 48.12 -26.33 -6.09
CA HIS A 131 47.98 -24.87 -6.05
C HIS A 131 48.70 -24.16 -7.15
N ALA A 132 48.57 -24.67 -8.38
CA ALA A 132 49.25 -24.07 -9.55
C ALA A 132 48.76 -22.64 -9.82
N ALA A 133 47.54 -22.35 -9.39
CA ALA A 133 46.95 -21.01 -9.47
C ALA A 133 47.83 -19.90 -8.84
N CYS A 134 48.59 -20.22 -7.80
CA CYS A 134 49.23 -19.16 -6.99
C CYS A 134 50.56 -19.50 -6.32
N ARG A 135 51.02 -20.75 -6.43
CA ARG A 135 52.22 -21.22 -5.70
C ARG A 135 53.50 -20.41 -5.92
N SER A 136 53.61 -19.76 -7.08
CA SER A 136 54.82 -19.04 -7.44
C SER A 136 54.64 -17.52 -7.32
N GLU A 137 53.51 -17.10 -6.76
CA GLU A 137 53.20 -15.67 -6.59
C GLU A 137 53.85 -15.11 -5.35
N ALA A 138 54.19 -13.81 -5.40
CA ALA A 138 54.86 -13.13 -4.30
C ALA A 138 54.07 -13.20 -2.99
N TRP A 139 52.74 -13.17 -3.07
CA TRP A 139 51.86 -13.10 -1.89
C TRP A 139 51.59 -14.44 -1.22
N VAL A 140 52.11 -15.52 -1.81
CA VAL A 140 52.27 -16.79 -1.10
C VAL A 140 53.62 -16.70 -0.38
N GLN A 141 53.55 -16.44 0.92
CA GLN A 141 54.73 -16.12 1.74
C GLN A 141 54.43 -16.53 3.17
N PRO A 142 55.46 -16.64 4.03
CA PRO A 142 55.16 -16.99 5.42
C PRO A 142 54.36 -15.90 6.15
N ILE A 143 53.77 -16.26 7.28
CA ILE A 143 52.99 -15.33 8.09
C ILE A 143 53.40 -15.46 9.56
N THR A 144 52.95 -14.54 10.39
CA THR A 144 53.31 -14.55 11.80
C THR A 144 52.12 -14.90 12.68
N ALA A 145 52.38 -15.18 13.95
CA ALA A 145 51.31 -15.50 14.89
C ALA A 145 50.32 -14.33 14.99
N ARG A 146 50.86 -13.12 14.93
CA ARG A 146 50.08 -11.88 14.96
C ARG A 146 49.12 -11.79 13.77
N ASP A 147 49.58 -12.22 12.61
CA ASP A 147 48.74 -12.22 11.39
C ASP A 147 47.52 -13.14 11.54
N VAL A 148 47.71 -14.28 12.20
CA VAL A 148 46.59 -15.17 12.51
C VAL A 148 45.64 -14.47 13.49
N TRP A 149 46.21 -13.77 14.47
CA TRP A 149 45.40 -12.99 15.41
C TRP A 149 44.63 -11.90 14.74
N ARG A 150 45.22 -11.29 13.71
CA ARG A 150 44.48 -10.37 12.86
C ARG A 150 43.24 -11.07 12.28
N ARG A 151 43.43 -12.28 11.74
CA ARG A 151 42.34 -13.06 11.14
C ARG A 151 41.24 -13.37 12.15
N ILE A 152 41.65 -13.76 13.35
CA ILE A 152 40.71 -14.12 14.42
C ILE A 152 39.85 -12.93 14.85
N TYR A 153 40.52 -11.79 15.05
CA TYR A 153 39.86 -10.55 15.42
C TYR A 153 38.90 -10.10 14.31
N ALA A 154 39.35 -10.22 13.06
CA ALA A 154 38.54 -9.85 11.87
C ALA A 154 37.19 -10.54 11.79
N ALA A 155 37.15 -11.85 12.13
CA ALA A 155 35.92 -12.67 12.16
C ALA A 155 34.90 -12.17 13.19
N ASN A 156 35.39 -11.50 14.23
CA ASN A 156 34.52 -10.97 15.25
C ASN A 156 33.71 -9.74 14.87
N LEU A 157 34.13 -9.06 13.80
CA LEU A 157 33.60 -7.74 13.48
C LEU A 157 32.51 -7.80 12.40
N ALA A 158 32.10 -9.02 12.06
CA ALA A 158 31.13 -9.27 11.01
C ALA A 158 29.82 -8.51 11.22
N GLY A 159 29.45 -8.32 12.48
CA GLY A 159 28.20 -7.64 12.86
C GLY A 159 28.27 -6.13 12.85
N GLY A 160 29.47 -5.57 12.89
CA GLY A 160 29.62 -4.12 12.98
C GLY A 160 30.57 -3.56 11.96
N TYR A 161 31.83 -3.39 12.36
CA TYR A 161 32.83 -2.73 11.54
C TYR A 161 32.94 -3.27 10.11
N SER A 162 32.88 -4.59 9.96
CA SER A 162 33.01 -5.23 8.64
C SER A 162 31.99 -4.73 7.63
N ASN A 163 30.77 -4.47 8.10
CA ASN A 163 29.71 -3.92 7.25
C ASN A 163 29.96 -2.49 6.79
N PHE A 164 30.87 -1.79 7.45
CA PHE A 164 31.12 -0.39 7.13
C PHE A 164 32.60 -0.14 6.83
N ALA A 165 33.25 -1.10 6.18
CA ALA A 165 34.68 -1.00 5.87
C ALA A 165 35.00 0.15 4.91
N GLU A 166 34.33 0.23 3.76
CA GLU A 166 34.51 1.36 2.84
C GLU A 166 34.30 2.67 3.61
N ALA A 167 33.23 2.71 4.40
CA ALA A 167 32.81 3.90 5.13
C ALA A 167 33.83 4.35 6.20
N ILE A 168 34.41 3.39 6.93
CA ILE A 168 35.44 3.68 7.93
C ILE A 168 36.75 4.20 7.29
N ALA A 169 37.14 3.58 6.17
CA ALA A 169 38.38 3.93 5.46
C ALA A 169 38.32 5.32 4.80
N ASN A 170 37.11 5.84 4.64
CA ASN A 170 36.92 7.16 4.04
C ASN A 170 36.34 8.20 4.98
N ALA A 171 36.40 7.94 6.28
CA ALA A 171 35.98 8.92 7.28
C ALA A 171 37.07 9.98 7.47
N GLN A 172 36.83 11.15 6.87
CA GLN A 172 37.77 12.27 6.75
C GLN A 172 37.07 13.62 7.08
N PRO A 173 37.75 14.52 7.83
CA PRO A 173 37.14 15.82 8.16
C PRO A 173 37.10 16.77 6.95
N PRO A 174 36.20 17.79 6.97
CA PRO A 174 36.05 18.71 5.84
C PRO A 174 37.33 19.46 5.43
N PHE B 8 17.15 17.37 6.30
CA PHE B 8 17.23 15.90 6.03
C PHE B 8 16.16 15.45 5.03
N GLU B 9 16.57 14.65 4.05
CA GLU B 9 15.66 14.13 3.03
C GLU B 9 15.68 12.60 3.00
N PRO B 10 14.62 11.96 3.56
CA PRO B 10 14.50 10.49 3.66
C PRO B 10 14.54 9.77 2.31
N GLY B 11 14.09 10.44 1.25
CA GLY B 11 14.17 9.92 -0.11
C GLY B 11 15.59 9.61 -0.56
N ARG B 12 16.56 10.30 0.05
CA ARG B 12 17.97 10.11 -0.28
C ARG B 12 18.66 9.03 0.57
N THR B 13 17.93 8.45 1.52
CA THR B 13 18.52 7.43 2.40
C THR B 13 18.75 6.10 1.68
N ARG B 14 19.95 5.54 1.87
CA ARG B 14 20.31 4.25 1.30
C ARG B 14 20.54 3.24 2.42
N ALA B 15 19.51 2.47 2.75
CA ALA B 15 19.64 1.46 3.79
C ALA B 15 20.74 0.48 3.41
N PRO B 16 21.74 0.27 4.30
CA PRO B 16 22.72 -0.78 4.03
C PRO B 16 22.16 -2.13 4.45
N SER B 17 22.68 -3.19 3.86
CA SER B 17 22.32 -4.55 4.28
C SER B 17 23.11 -4.88 5.54
N LEU B 18 22.38 -5.31 6.57
CA LEU B 18 22.96 -5.51 7.90
C LEU B 18 22.86 -6.96 8.36
N GLN B 19 22.45 -7.84 7.44
CA GLN B 19 22.45 -9.28 7.68
C GLN B 19 23.85 -9.84 7.36
N VAL B 20 24.59 -10.25 8.40
CA VAL B 20 25.87 -10.94 8.21
C VAL B 20 25.66 -12.16 7.32
N GLY B 21 26.49 -12.29 6.29
CA GLY B 21 26.42 -13.42 5.36
C GLY B 21 25.35 -13.32 4.29
N GLY B 22 24.54 -12.26 4.34
CA GLY B 22 23.41 -12.09 3.42
C GLY B 22 23.81 -11.38 2.14
N GLU B 23 22.84 -10.84 1.42
CA GLU B 23 23.10 -10.18 0.13
C GLU B 23 23.41 -8.70 0.31
N SER C 1 20.79 -19.62 7.34
CA SER C 1 21.20 -20.73 8.23
C SER C 1 20.04 -21.33 9.03
N ASN C 2 20.02 -22.65 9.16
CA ASN C 2 19.03 -23.35 9.99
C ASN C 2 19.71 -24.16 11.06
N MET C 3 19.03 -24.36 12.17
CA MET C 3 19.45 -25.40 13.08
C MET C 3 18.28 -25.93 13.85
N TYR C 4 18.38 -27.20 14.24
CA TYR C 4 17.41 -27.81 15.13
C TYR C 4 18.16 -28.44 16.28
N GLY C 5 17.55 -28.40 17.46
CA GLY C 5 17.97 -29.24 18.58
C GLY C 5 16.76 -30.04 18.99
N PHE C 6 16.81 -31.35 18.81
CA PHE C 6 15.71 -32.18 19.26
C PHE C 6 16.08 -32.81 20.59
N GLY C 7 15.15 -32.80 21.53
CA GLY C 7 15.35 -33.43 22.83
C GLY C 7 14.84 -34.85 22.85
N THR C 8 15.01 -35.53 23.99
CA THR C 8 14.76 -36.98 24.08
C THR C 8 13.29 -37.36 23.85
N ALA C 9 12.36 -36.49 24.23
CA ALA C 9 10.95 -36.70 23.91
C ALA C 9 10.68 -36.70 22.40
N ALA C 10 11.47 -35.91 21.65
CA ALA C 10 11.39 -35.89 20.19
C ALA C 10 12.03 -37.11 19.53
N THR C 11 13.19 -37.55 20.01
CA THR C 11 13.92 -38.68 19.40
C THR C 11 13.46 -40.05 19.91
N GLY C 12 12.90 -40.07 21.12
CA GLY C 12 12.49 -41.31 21.77
C GLY C 12 13.67 -42.21 22.14
N GLU C 13 14.88 -41.62 22.18
CA GLU C 13 16.09 -42.33 22.61
C GLU C 13 16.68 -41.67 23.86
N GLY C 14 17.91 -42.03 24.21
CA GLY C 14 18.56 -41.56 25.43
C GLY C 14 19.18 -40.18 25.34
N SER C 15 19.39 -39.73 24.10
CA SER C 15 19.95 -38.43 23.81
C SER C 15 19.15 -37.78 22.67
N GLY C 16 19.37 -36.50 22.45
CA GLY C 16 18.73 -35.79 21.36
C GLY C 16 19.54 -35.80 20.07
N VAL C 17 19.03 -35.09 19.07
CA VAL C 17 19.71 -34.94 17.78
C VAL C 17 19.95 -33.46 17.51
N LEU C 18 21.18 -33.13 17.11
CA LEU C 18 21.51 -31.76 16.71
C LEU C 18 21.57 -31.70 15.19
N PHE C 19 20.84 -30.77 14.59
CA PHE C 19 21.00 -30.51 13.16
C PHE C 19 21.60 -29.12 13.02
N GLY C 20 22.80 -29.09 12.44
CA GLY C 20 23.53 -27.85 12.16
C GLY C 20 23.61 -27.65 10.66
N ASN C 21 23.24 -26.44 10.21
CA ASN C 21 23.06 -26.15 8.79
C ASN C 21 23.32 -24.66 8.52
N PRO C 22 24.57 -24.20 8.77
CA PRO C 22 24.91 -22.83 8.40
C PRO C 22 24.79 -22.60 6.88
N HIS C 23 24.15 -21.50 6.50
CA HIS C 23 24.08 -21.16 5.08
C HIS C 23 25.09 -20.08 4.92
N TRP C 24 26.12 -20.38 4.14
CA TRP C 24 27.35 -19.61 4.20
C TRP C 24 28.07 -19.62 2.87
N TYR C 25 29.30 -19.09 2.86
CA TYR C 25 30.04 -18.88 1.63
C TYR C 25 30.59 -20.18 1.08
N TRP C 26 30.60 -20.29 -0.25
CA TRP C 26 31.17 -21.45 -0.92
C TRP C 26 32.61 -21.25 -1.30
N LYS C 27 33.07 -19.99 -1.27
CA LYS C 27 34.48 -19.68 -1.59
C LYS C 27 34.97 -18.60 -0.65
N GLY C 28 36.28 -18.35 -0.62
CA GLY C 28 36.86 -17.33 0.25
C GLY C 28 37.22 -17.81 1.64
N PRO C 29 37.90 -16.95 2.43
CA PRO C 29 38.52 -17.30 3.71
C PRO C 29 37.53 -17.60 4.82
N ASP C 30 36.27 -17.20 4.63
CA ASP C 30 35.23 -17.47 5.61
C ASP C 30 34.55 -18.81 5.37
N ARG C 31 34.84 -19.45 4.23
CA ARG C 31 34.29 -20.77 3.95
C ARG C 31 34.69 -21.71 5.08
N PHE C 32 33.86 -22.70 5.35
CA PHE C 32 34.18 -23.70 6.38
C PHE C 32 35.21 -24.72 5.92
N TYR C 33 35.91 -25.28 6.88
CA TYR C 33 36.90 -26.34 6.65
C TYR C 33 36.67 -27.42 7.70
N GLN C 34 36.43 -28.66 7.25
CA GLN C 34 36.11 -29.75 8.17
C GLN C 34 37.36 -30.46 8.66
N ALA C 35 37.46 -30.67 9.98
CA ALA C 35 38.60 -31.36 10.61
C ALA C 35 38.30 -31.85 12.02
N GLN C 36 39.12 -32.79 12.49
CA GLN C 36 39.04 -33.27 13.87
C GLN C 36 40.35 -32.92 14.61
N LEU C 37 40.22 -32.43 15.84
CA LEU C 37 41.38 -32.12 16.69
C LEU C 37 41.44 -33.04 17.92
N THR C 38 42.41 -33.95 17.94
CA THR C 38 42.60 -34.86 19.06
C THR C 38 43.86 -34.47 19.82
N ILE C 39 43.65 -33.87 20.99
CA ILE C 39 44.76 -33.38 21.80
C ILE C 39 44.82 -34.19 23.08
N ASP C 40 45.97 -34.81 23.29
CA ASP C 40 46.19 -35.72 24.42
C ASP C 40 45.80 -35.11 25.78
N GLY C 41 44.80 -35.72 26.42
CA GLY C 41 44.30 -35.31 27.73
C GLY C 41 43.52 -34.00 27.77
N GLU C 42 43.24 -33.44 26.60
CA GLU C 42 42.73 -32.06 26.49
C GLU C 42 41.39 -31.97 25.77
N ALA C 43 41.37 -32.34 24.49
CA ALA C 43 40.17 -32.21 23.68
C ALA C 43 40.13 -33.28 22.60
N ASN C 44 38.92 -33.73 22.29
CA ASN C 44 38.65 -34.49 21.07
C ASN C 44 37.41 -33.90 20.39
N VAL C 45 37.66 -32.95 19.49
CA VAL C 45 36.60 -32.17 18.86
C VAL C 45 36.64 -32.32 17.34
N SER C 46 35.45 -32.34 16.73
CA SER C 46 35.32 -32.45 15.30
C SER C 46 34.20 -31.54 14.81
N GLY C 47 34.39 -30.97 13.63
CA GLY C 47 33.46 -29.99 13.10
C GLY C 47 34.15 -29.13 12.07
N VAL C 48 33.89 -27.83 12.15
CA VAL C 48 34.27 -26.94 11.08
C VAL C 48 34.85 -25.61 11.61
N SER C 49 35.85 -25.08 10.90
CA SER C 49 36.41 -23.76 11.20
C SER C 49 36.38 -22.90 9.96
N PHE C 50 36.31 -21.58 10.11
CA PHE C 50 36.68 -20.71 9.00
C PHE C 50 38.12 -21.03 8.65
N LEU C 51 38.47 -20.84 7.37
CA LEU C 51 39.87 -20.94 6.98
C LEU C 51 40.66 -19.87 7.72
N GLY C 52 41.74 -20.28 8.39
CA GLY C 52 42.58 -19.36 9.17
C GLY C 52 42.29 -19.37 10.67
N LEU C 53 41.22 -20.07 11.06
CA LEU C 53 40.84 -20.21 12.47
C LEU C 53 41.23 -21.59 13.01
N PRO C 54 41.80 -21.65 14.23
CA PRO C 54 42.40 -22.87 14.79
C PRO C 54 41.56 -23.71 15.77
N VAL C 55 40.37 -23.25 16.12
CA VAL C 55 39.46 -24.08 16.94
C VAL C 55 38.14 -24.31 16.21
N ILE C 56 37.39 -25.33 16.65
CA ILE C 56 36.15 -25.71 15.97
C ILE C 56 35.00 -24.80 16.41
N GLN C 57 34.33 -24.20 15.43
CA GLN C 57 33.27 -23.23 15.71
C GLN C 57 31.88 -23.85 15.69
N ILE C 58 31.70 -24.85 14.83
CA ILE C 58 30.47 -25.61 14.78
C ILE C 58 30.88 -27.07 14.71
N GLY C 59 30.38 -27.87 15.63
CA GLY C 59 30.74 -29.28 15.64
C GLY C 59 30.21 -30.06 16.84
N PHE C 60 31.05 -30.97 17.33
CA PHE C 60 30.68 -31.89 18.41
C PHE C 60 31.96 -32.47 19.03
N ASN C 61 31.83 -32.99 20.25
CA ASN C 61 32.84 -33.85 20.87
C ASN C 61 32.13 -35.10 21.38
N ASP C 62 32.74 -35.82 22.32
CA ASP C 62 32.12 -37.04 22.86
C ASP C 62 30.84 -36.74 23.64
N SER C 63 30.63 -35.48 24.00
CA SER C 63 29.62 -35.12 24.99
C SER C 63 28.59 -34.06 24.56
N VAL C 64 28.97 -33.17 23.66
CA VAL C 64 28.06 -32.11 23.19
C VAL C 64 28.18 -31.83 21.69
N ALA C 65 27.08 -31.38 21.10
CA ALA C 65 27.05 -30.98 19.70
C ALA C 65 26.29 -29.68 19.62
N TRP C 66 26.77 -28.75 18.79
CA TRP C 66 26.12 -27.44 18.68
C TRP C 66 26.28 -26.87 17.30
N SER C 67 25.46 -25.84 17.03
CA SER C 67 25.60 -25.06 15.81
C SER C 67 25.22 -23.62 16.07
N HIS C 68 25.31 -22.81 15.02
CA HIS C 68 25.06 -21.38 15.08
C HIS C 68 24.31 -20.93 13.86
N THR C 69 23.44 -19.95 14.05
CA THR C 69 22.83 -19.19 12.97
C THR C 69 22.99 -17.71 13.29
N VAL C 70 23.15 -16.88 12.26
CA VAL C 70 23.21 -15.44 12.45
C VAL C 70 21.98 -14.97 13.22
N SER C 71 22.23 -14.12 14.22
CA SER C 71 21.18 -13.61 15.10
C SER C 71 20.69 -12.25 14.63
N THR C 72 19.40 -11.97 14.87
CA THR C 72 18.81 -10.67 14.51
C THR C 72 19.36 -9.53 15.37
N ALA C 73 19.90 -9.88 16.54
CA ALA C 73 20.41 -8.89 17.49
C ALA C 73 21.49 -7.98 16.91
N ARG C 74 21.28 -6.68 17.01
CA ARG C 74 22.26 -5.70 16.52
C ARG C 74 23.50 -5.71 17.39
N ARG C 75 24.66 -5.61 16.76
CA ARG C 75 25.91 -5.78 17.50
C ARG C 75 26.73 -4.49 17.53
N PHE C 76 26.13 -3.42 17.00
CA PHE C 76 26.79 -2.14 16.92
C PHE C 76 25.79 -1.01 17.11
N GLY C 77 26.33 0.19 17.28
CA GLY C 77 25.54 1.40 17.28
C GLY C 77 26.35 2.53 16.67
N PHE C 78 25.67 3.66 16.44
CA PHE C 78 26.35 4.88 16.06
C PHE C 78 26.35 5.90 17.20
N PHE C 79 27.31 6.83 17.10
CA PHE C 79 27.41 7.95 18.01
C PHE C 79 27.61 9.21 17.20
N GLN C 80 26.66 10.12 17.33
CA GLN C 80 26.72 11.43 16.70
C GLN C 80 27.54 12.38 17.56
N LEU C 81 28.59 12.92 16.97
CA LEU C 81 29.54 13.74 17.70
C LEU C 81 29.35 15.20 17.33
N SER C 82 29.25 16.04 18.36
CA SER C 82 29.19 17.49 18.17
C SER C 82 30.60 18.05 18.19
N LEU C 83 31.03 18.56 17.04
CA LEU C 83 32.39 19.03 16.85
C LEU C 83 32.64 20.40 17.48
N VAL C 84 33.89 20.61 17.93
CA VAL C 84 34.35 21.91 18.40
C VAL C 84 34.45 22.83 17.19
N GLN C 85 33.90 24.04 17.31
CA GLN C 85 33.99 25.01 16.21
C GLN C 85 35.45 25.41 15.97
N GLY C 86 35.83 25.50 14.70
CA GLY C 86 37.23 25.71 14.32
C GLY C 86 38.03 24.41 14.27
N GLU C 87 37.57 23.37 14.96
CA GLU C 87 38.32 22.13 15.12
C GLU C 87 37.55 20.85 14.74
N PRO C 88 37.45 20.55 13.44
CA PRO C 88 36.69 19.40 12.94
C PRO C 88 37.19 18.03 13.42
N THR C 89 38.42 17.97 13.93
CA THR C 89 38.99 16.73 14.42
C THR C 89 38.83 16.57 15.94
N SER C 90 38.02 17.43 16.54
CA SER C 90 37.74 17.37 17.97
C SER C 90 36.24 17.39 18.21
N TYR C 91 35.78 16.64 19.21
CA TYR C 91 34.36 16.57 19.55
C TYR C 91 34.11 16.98 21.01
N LEU C 92 32.96 17.61 21.25
CA LEU C 92 32.54 18.02 22.59
C LEU C 92 32.00 16.81 23.38
N ARG C 93 32.22 16.82 24.69
CA ARG C 93 31.73 15.77 25.57
C ARG C 93 31.41 16.33 26.96
N ASP C 94 30.13 16.48 27.26
CA ASP C 94 29.64 17.11 28.49
C ASP C 94 30.19 18.52 28.68
N GLY C 95 30.50 19.19 27.57
CA GLY C 95 30.98 20.57 27.60
C GLY C 95 32.48 20.75 27.39
N VAL C 96 33.22 19.64 27.30
CA VAL C 96 34.68 19.67 27.11
C VAL C 96 35.11 19.11 25.74
N PRO C 97 35.96 19.87 25.02
CA PRO C 97 36.57 19.37 23.79
C PRO C 97 37.47 18.18 24.06
N VAL C 98 37.23 17.09 23.31
CA VAL C 98 38.02 15.87 23.38
C VAL C 98 38.58 15.64 21.96
N LYS C 99 39.88 15.50 21.84
CA LYS C 99 40.51 15.25 20.53
C LYS C 99 40.36 13.80 20.06
N MET C 100 40.18 13.65 18.74
CA MET C 100 40.13 12.33 18.11
C MET C 100 41.55 11.82 17.88
N LYS C 101 41.90 10.67 18.48
CA LYS C 101 43.19 10.02 18.27
C LYS C 101 43.45 9.79 16.77
N PRO C 102 44.49 10.43 16.21
CA PRO C 102 44.77 10.22 14.79
C PRO C 102 45.64 9.00 14.53
N ALA C 103 45.66 8.55 13.28
CA ALA C 103 46.55 7.51 12.82
C ALA C 103 46.86 7.76 11.34
N THR C 104 48.10 8.16 11.07
CA THR C 104 48.52 8.38 9.70
C THR C 104 49.00 7.05 9.12
N ILE C 105 48.33 6.61 8.06
CA ILE C 105 48.58 5.29 7.51
C ILE C 105 49.00 5.38 6.05
N THR C 106 50.08 4.67 5.72
CA THR C 106 50.58 4.61 4.36
C THR C 106 50.45 3.18 3.83
N VAL C 107 49.82 3.06 2.67
CA VAL C 107 49.55 1.76 2.06
C VAL C 107 50.15 1.73 0.66
N PRO C 108 51.10 0.82 0.43
CA PRO C 108 51.66 0.69 -0.91
C PRO C 108 50.61 0.11 -1.86
N SER C 109 50.56 0.66 -3.07
CA SER C 109 49.51 0.32 -4.02
C SER C 109 50.14 0.14 -5.40
N ARG C 110 49.95 -1.04 -6.00
CA ARG C 110 50.48 -1.28 -7.34
C ARG C 110 49.67 -0.49 -8.35
N ASN C 111 50.34 0.24 -9.23
CA ASN C 111 49.67 1.01 -10.27
C ASN C 111 49.42 0.16 -11.49
N ALA C 112 48.40 0.51 -12.27
CA ALA C 112 48.08 -0.19 -13.52
C ALA C 112 49.24 -0.26 -14.51
N ASP C 113 50.28 0.54 -14.28
CA ASP C 113 51.49 0.53 -15.12
C ASP C 113 52.60 -0.39 -14.56
N GLY C 114 52.32 -0.98 -13.40
CA GLY C 114 53.25 -1.95 -12.80
C GLY C 114 54.06 -1.44 -11.62
N SER C 115 54.45 -0.18 -11.65
CA SER C 115 55.22 0.43 -10.55
C SER C 115 54.37 0.54 -9.28
N VAL C 116 55.03 0.52 -8.13
CA VAL C 116 54.34 0.57 -6.82
C VAL C 116 54.59 1.91 -6.12
N SER C 117 53.51 2.64 -5.84
CA SER C 117 53.60 3.95 -5.16
C SER C 117 52.70 4.02 -3.91
N ASP C 118 53.08 4.89 -2.97
CA ASP C 118 52.36 5.02 -1.69
C ASP C 118 51.07 5.83 -1.81
N VAL C 119 50.05 5.39 -1.07
CA VAL C 119 48.81 6.14 -0.90
C VAL C 119 48.64 6.33 0.62
N THR C 120 48.36 7.56 1.03
CA THR C 120 48.34 7.89 2.45
C THR C 120 47.12 8.73 2.85
N ARG C 121 46.60 8.47 4.05
CA ARG C 121 45.63 9.34 4.69
C ARG C 121 45.56 9.10 6.20
N THR C 122 45.03 10.08 6.92
CA THR C 122 44.92 10.01 8.35
C THR C 122 43.47 9.72 8.75
N LEU C 123 43.29 8.64 9.50
CA LEU C 123 41.97 8.25 9.98
C LEU C 123 41.94 8.41 11.50
N TYR C 124 40.74 8.43 12.06
CA TYR C 124 40.55 8.83 13.45
C TYR C 124 39.71 7.86 14.27
N HIS C 125 40.00 7.83 15.57
CA HIS C 125 39.15 7.17 16.56
C HIS C 125 38.52 8.16 17.50
N SER C 126 37.30 7.87 17.91
CA SER C 126 36.73 8.49 19.10
C SER C 126 36.88 7.45 20.20
N GLU C 127 36.46 7.77 21.41
CA GLU C 127 36.47 6.80 22.50
C GLU C 127 35.45 5.67 22.26
N PHE C 128 34.48 5.91 21.38
CA PHE C 128 33.44 4.95 21.06
C PHE C 128 33.89 3.90 20.05
N GLY C 129 34.87 4.27 19.22
CA GLY C 129 35.30 3.43 18.11
C GLY C 129 35.62 4.33 16.93
N PRO C 130 35.95 3.76 15.76
CA PRO C 130 36.41 4.56 14.63
C PRO C 130 35.34 5.50 14.06
N LEU C 131 35.79 6.62 13.52
CA LEU C 131 34.93 7.52 12.76
C LEU C 131 34.39 6.80 11.51
N VAL C 132 33.26 7.26 10.99
CA VAL C 132 32.62 6.56 9.87
C VAL C 132 31.97 7.54 8.89
N ASN C 133 32.30 7.43 7.61
CA ASN C 133 31.67 8.27 6.58
C ASN C 133 30.22 7.80 6.32
N LEU C 134 29.24 8.57 6.80
CA LEU C 134 27.83 8.16 6.68
C LEU C 134 27.10 8.86 5.55
N ALA C 135 27.85 9.58 4.70
CA ALA C 135 27.28 10.24 3.53
C ALA C 135 26.58 9.24 2.59
N GLY C 136 27.10 8.01 2.55
CA GLY C 136 26.50 6.93 1.77
C GLY C 136 25.10 6.60 2.28
N LEU C 137 24.96 6.43 3.59
CA LEU C 137 23.66 6.23 4.23
C LEU C 137 22.71 7.36 3.85
N ASN C 138 23.12 8.61 4.11
CA ASN C 138 22.38 9.78 3.66
C ASN C 138 23.35 10.95 3.50
N PRO C 139 23.25 11.70 2.38
CA PRO C 139 24.17 12.81 2.09
C PRO C 139 24.20 13.92 3.16
N ALA C 140 23.13 14.01 3.97
CA ALA C 140 23.07 15.01 5.04
C ALA C 140 23.90 14.60 6.26
N LEU C 141 24.28 13.33 6.28
CA LEU C 141 25.10 12.77 7.36
C LEU C 141 26.61 12.88 7.08
N ALA C 142 27.01 13.85 6.25
CA ALA C 142 28.43 14.05 5.94
C ALA C 142 29.14 14.66 7.14
N TRP C 143 30.43 14.36 7.27
CA TRP C 143 31.28 14.90 8.32
C TRP C 143 31.42 16.38 8.10
N SER C 144 30.50 17.15 8.68
CA SER C 144 30.45 18.59 8.45
C SER C 144 31.44 19.32 9.34
N GLN C 145 31.32 20.64 9.39
CA GLN C 145 32.09 21.47 10.31
C GLN C 145 31.39 21.48 11.67
N GLY C 146 30.14 20.99 11.70
CA GLY C 146 29.34 20.92 12.92
C GLY C 146 29.27 19.55 13.56
N THR C 147 29.08 18.50 12.75
CA THR C 147 28.93 17.16 13.31
C THR C 147 29.75 16.09 12.56
N ALA C 148 30.10 15.03 13.31
CA ALA C 148 30.73 13.83 12.74
C ALA C 148 30.07 12.60 13.37
N PHE C 149 30.39 11.43 12.82
CA PHE C 149 29.78 10.19 13.28
C PHE C 149 30.83 9.12 13.48
N ALA C 150 30.70 8.40 14.59
CA ALA C 150 31.56 7.25 14.84
C ALA C 150 30.71 6.00 15.09
N ILE C 151 31.26 4.85 14.73
CA ILE C 151 30.61 3.55 14.96
C ILE C 151 31.24 2.80 16.13
N ARG C 152 30.42 2.13 16.92
CA ARG C 152 30.89 1.21 17.96
C ARG C 152 30.32 -0.17 17.71
N ASP C 153 31.19 -1.19 17.79
CA ASP C 153 30.84 -2.59 17.68
C ASP C 153 31.31 -3.23 18.99
N ILE C 154 30.40 -3.76 19.80
CA ILE C 154 30.82 -4.34 21.11
C ILE C 154 31.80 -5.47 21.00
N ASN C 155 31.97 -6.01 19.80
CA ASN C 155 32.95 -7.08 19.55
C ASN C 155 34.35 -6.54 19.34
N GLY C 156 34.45 -5.24 19.07
CA GLY C 156 35.74 -4.55 18.93
C GLY C 156 36.57 -4.61 20.21
N GLU C 157 35.91 -4.99 21.31
CA GLU C 157 36.54 -5.11 22.62
C GLU C 157 36.22 -6.46 23.25
N ASN C 158 35.72 -7.38 22.44
CA ASN C 158 35.44 -8.75 22.86
C ASN C 158 36.63 -9.63 22.46
N PHE C 159 37.47 -9.96 23.44
CA PHE C 159 38.66 -10.78 23.23
C PHE C 159 38.47 -12.16 23.86
N ARG C 160 37.21 -12.57 23.98
CA ARG C 160 36.85 -13.80 24.65
C ARG C 160 36.33 -14.90 23.70
N THR C 161 36.18 -14.58 22.41
CA THR C 161 35.50 -15.51 21.50
C THR C 161 36.25 -16.83 21.28
N LEU C 162 37.54 -16.73 20.95
CA LEU C 162 38.35 -17.93 20.75
C LEU C 162 38.31 -18.87 21.95
N ARG C 163 38.59 -18.36 23.15
CA ARG C 163 38.57 -19.18 24.38
C ARG C 163 37.25 -19.90 24.54
N THR C 164 36.16 -19.23 24.18
CA THR C 164 34.82 -19.78 24.35
C THR C 164 34.56 -21.03 23.50
N TRP C 165 34.93 -20.97 22.21
CA TRP C 165 34.90 -22.18 21.37
C TRP C 165 35.89 -23.21 21.85
N MET C 166 37.06 -22.74 22.24
CA MET C 166 38.07 -23.63 22.82
C MET C 166 37.47 -24.43 23.99
N ARG C 167 36.77 -23.76 24.89
CA ARG C 167 36.18 -24.42 26.05
C ARG C 167 35.01 -25.31 25.67
N TRP C 168 34.21 -24.87 24.70
CA TRP C 168 33.19 -25.75 24.13
C TRP C 168 33.79 -26.99 23.52
N ASN C 169 34.90 -26.83 22.78
CA ASN C 169 35.61 -27.97 22.20
C ASN C 169 35.95 -29.00 23.28
N GLN C 170 36.24 -28.52 24.49
CA GLN C 170 36.60 -29.39 25.62
C GLN C 170 35.43 -29.85 26.48
N ALA C 171 34.26 -29.23 26.32
CA ALA C 171 33.13 -29.45 27.24
C ALA C 171 32.70 -30.90 27.38
N LYS C 172 32.35 -31.28 28.63
CA LYS C 172 32.03 -32.67 28.97
C LYS C 172 30.53 -32.97 29.17
N SER C 173 29.68 -31.98 28.95
CA SER C 173 28.22 -32.15 29.05
C SER C 173 27.49 -30.88 28.64
N LEU C 174 26.19 -31.01 28.39
CA LEU C 174 25.38 -29.85 28.02
C LEU C 174 25.37 -28.77 29.12
N ASP C 175 25.13 -29.18 30.36
CA ASP C 175 25.18 -28.25 31.50
C ASP C 175 26.47 -27.45 31.52
N GLU C 176 27.59 -28.11 31.23
CA GLU C 176 28.90 -27.45 31.16
C GLU C 176 28.99 -26.46 29.98
N PHE C 177 28.56 -26.91 28.80
CA PHE C 177 28.39 -26.04 27.61
C PHE C 177 27.62 -24.75 27.95
N ILE C 178 26.44 -24.92 28.55
CA ILE C 178 25.61 -23.79 28.99
C ILE C 178 26.39 -22.82 29.90
N ALA C 179 27.01 -23.36 30.95
CA ALA C 179 27.72 -22.52 31.93
C ALA C 179 28.85 -21.74 31.28
N ILE C 180 29.57 -22.37 30.35
CA ILE C 180 30.63 -21.70 29.60
C ILE C 180 30.07 -20.51 28.84
N GLN C 181 28.96 -20.73 28.15
CA GLN C 181 28.30 -19.68 27.35
C GLN C 181 27.87 -18.51 28.24
N LYS C 182 27.27 -18.83 29.37
CA LYS C 182 26.86 -17.81 30.34
C LYS C 182 28.08 -17.11 30.96
N GLU C 183 29.12 -17.87 31.30
CA GLU C 183 30.34 -17.31 31.91
C GLU C 183 31.02 -16.30 30.99
N GLU C 184 31.09 -16.64 29.71
CA GLU C 184 31.87 -15.86 28.76
C GLU C 184 31.09 -14.74 28.10
N ALA C 185 29.77 -14.96 27.93
CA ALA C 185 28.88 -14.01 27.24
C ALA C 185 29.60 -13.33 26.09
N SER C 186 30.15 -14.15 25.19
CA SER C 186 31.15 -13.69 24.24
C SER C 186 30.71 -13.85 22.80
N ILE C 187 29.67 -14.65 22.59
CA ILE C 187 29.27 -15.02 21.24
C ILE C 187 28.92 -13.78 20.40
N PRO C 188 29.69 -13.54 19.33
CA PRO C 188 29.69 -12.21 18.69
C PRO C 188 28.49 -11.81 17.83
N TRP C 189 27.96 -12.71 17.00
CA TRP C 189 26.86 -12.32 16.10
C TRP C 189 25.97 -13.45 15.69
N VAL C 190 25.92 -14.51 16.51
CA VAL C 190 25.15 -15.69 16.19
C VAL C 190 24.34 -16.23 17.36
N ASN C 191 23.25 -16.91 17.01
CA ASN C 191 22.50 -17.78 17.90
C ASN C 191 23.25 -19.07 18.16
N THR C 192 22.82 -19.81 19.17
CA THR C 192 23.44 -21.09 19.50
C THR C 192 22.37 -22.10 19.89
N VAL C 193 22.47 -23.28 19.30
CA VAL C 193 21.66 -24.43 19.72
C VAL C 193 22.60 -25.59 20.03
N ALA C 194 22.30 -26.33 21.09
CA ALA C 194 23.13 -27.47 21.48
C ALA C 194 22.34 -28.61 22.13
N VAL C 195 22.84 -29.82 21.93
CA VAL C 195 22.32 -31.04 22.52
C VAL C 195 23.50 -31.77 23.19
N GLY C 196 23.23 -32.42 24.30
CA GLY C 196 24.25 -33.15 25.05
C GLY C 196 23.83 -34.58 25.35
N ARG C 197 24.83 -35.44 25.58
CA ARG C 197 24.57 -36.85 25.91
C ARG C 197 23.92 -36.96 27.29
N GLY C 198 22.93 -37.85 27.38
CA GLY C 198 22.23 -38.11 28.65
C GLY C 198 21.35 -36.96 29.13
N SER C 199 21.35 -35.86 28.36
CA SER C 199 20.54 -34.69 28.70
C SER C 199 19.24 -34.69 27.88
N ALA C 200 18.12 -34.47 28.56
CA ALA C 200 16.82 -34.61 27.94
C ALA C 200 16.41 -33.38 27.13
N LYS C 201 16.89 -32.21 27.56
CA LYS C 201 16.48 -30.93 27.01
C LYS C 201 17.50 -30.45 25.99
N ALA C 202 17.01 -29.97 24.85
CA ALA C 202 17.83 -29.26 23.89
C ALA C 202 17.97 -27.79 24.30
N TRP C 203 19.03 -27.13 23.84
CA TRP C 203 19.36 -25.78 24.29
C TRP C 203 19.33 -24.79 23.16
N TYR C 204 18.64 -23.67 23.37
CA TYR C 204 18.75 -22.51 22.47
C TYR C 204 19.15 -21.30 23.30
N ALA C 205 19.95 -20.43 22.70
CA ALA C 205 20.28 -19.14 23.32
C ALA C 205 20.78 -18.12 22.30
N ASP C 206 20.38 -16.86 22.49
CA ASP C 206 21.09 -15.73 21.88
C ASP C 206 21.94 -15.07 22.97
N ILE C 207 22.72 -15.87 23.70
CA ILE C 207 23.58 -15.36 24.76
C ILE C 207 24.98 -15.05 24.24
N GLY C 208 25.31 -13.76 24.11
CA GLY C 208 26.60 -13.34 23.57
C GLY C 208 26.90 -11.89 23.85
N ALA C 209 27.79 -11.29 23.07
CA ALA C 209 28.10 -9.87 23.25
C ALA C 209 27.10 -9.01 22.47
N VAL C 210 26.32 -8.22 23.23
CA VAL C 210 25.20 -7.42 22.71
C VAL C 210 25.16 -6.05 23.41
N PRO C 211 25.13 -4.95 22.62
CA PRO C 211 25.05 -3.61 23.18
C PRO C 211 23.94 -3.45 24.23
N ASN C 212 24.20 -2.66 25.28
CA ASN C 212 23.26 -2.47 26.38
C ASN C 212 22.79 -1.01 26.43
N VAL C 213 21.55 -0.79 25.99
CA VAL C 213 20.87 0.51 26.07
C VAL C 213 19.48 0.26 26.64
N SER C 214 18.96 1.23 27.38
CA SER C 214 17.63 1.12 27.98
C SER C 214 16.56 1.83 27.15
N PRO C 215 15.28 1.44 27.34
CA PRO C 215 14.18 2.16 26.69
C PRO C 215 14.17 3.65 27.05
N ALA C 216 14.42 3.97 28.33
CA ALA C 216 14.48 5.38 28.72
C ALA C 216 15.59 6.07 27.94
N GLN C 217 16.72 5.37 27.79
CA GLN C 217 17.88 5.91 27.11
C GLN C 217 17.61 6.17 25.62
N THR C 218 16.99 5.23 24.90
CA THR C 218 16.79 5.48 23.46
C THR C 218 15.78 6.61 23.18
N ALA C 219 14.82 6.79 24.08
CA ALA C 219 13.93 7.94 24.00
C ALA C 219 14.71 9.24 24.18
N ALA C 220 15.59 9.29 25.18
CA ALA C 220 16.31 10.52 25.52
C ALA C 220 17.53 10.81 24.65
N CYS C 221 18.11 9.75 24.09
CA CYS C 221 19.45 9.83 23.47
C CYS C 221 19.50 9.81 21.95
N THR C 222 18.43 9.36 21.30
CA THR C 222 18.39 9.31 19.85
C THR C 222 18.32 10.74 19.32
N THR C 223 19.20 11.07 18.38
CA THR C 223 19.25 12.40 17.81
C THR C 223 18.20 12.57 16.71
N PRO C 224 17.97 13.82 16.27
CA PRO C 224 17.06 14.05 15.14
C PRO C 224 17.47 13.30 13.88
N PHE C 225 18.78 13.21 13.63
CA PHE C 225 19.28 12.36 12.54
C PHE C 225 18.97 10.90 12.84
N GLY C 226 19.23 10.47 14.07
CA GLY C 226 18.98 9.10 14.49
C GLY C 226 17.52 8.70 14.33
N MET C 227 16.63 9.69 14.51
CA MET C 227 15.20 9.50 14.30
C MET C 227 14.88 9.35 12.81
N ALA C 228 15.36 10.31 12.03
CA ALA C 228 15.09 10.38 10.59
C ALA C 228 15.71 9.23 9.81
N VAL C 229 16.58 8.46 10.45
CA VAL C 229 17.27 7.37 9.76
C VAL C 229 17.01 6.04 10.47
N GLY C 230 16.19 6.10 11.52
CA GLY C 230 15.94 4.96 12.39
C GLY C 230 15.36 3.72 11.72
N GLN C 231 14.53 3.94 10.70
CA GLN C 231 13.91 2.83 9.97
C GLN C 231 14.88 2.10 9.05
N ALA C 232 15.90 2.81 8.54
CA ALA C 232 16.92 2.18 7.69
C ALA C 232 17.88 1.34 8.53
N LEU C 233 17.91 1.61 9.84
CA LEU C 233 18.76 0.88 10.77
C LEU C 233 17.96 0.38 11.97
N PRO C 234 17.04 -0.59 11.76
CA PRO C 234 16.12 -0.96 12.83
C PRO C 234 16.85 -1.46 14.06
N ASN C 235 16.43 -0.97 15.24
CA ASN C 235 16.98 -1.34 16.55
C ASN C 235 18.47 -1.06 16.70
N VAL C 236 19.02 -0.21 15.85
CA VAL C 236 20.41 0.23 16.01
C VAL C 236 20.40 1.52 16.84
N PRO C 237 21.03 1.49 18.04
CA PRO C 237 21.10 2.71 18.85
C PRO C 237 21.93 3.78 18.16
N PHE C 238 21.28 4.88 17.79
CA PHE C 238 21.91 5.99 17.12
C PHE C 238 21.86 7.16 18.10
N PHE C 239 22.89 7.27 18.95
CA PHE C 239 22.83 8.09 20.16
C PHE C 239 23.66 9.38 20.13
N ASP C 240 23.38 10.24 21.11
CA ASP C 240 24.09 11.49 21.31
C ASP C 240 25.42 11.18 21.98
N GLY C 241 26.51 11.41 21.24
CA GLY C 241 27.86 11.16 21.74
C GLY C 241 28.42 12.30 22.57
N SER C 242 27.63 13.36 22.72
CA SER C 242 28.01 14.50 23.55
C SER C 242 27.67 14.31 25.02
N ARG C 243 26.61 13.56 25.30
CA ARG C 243 26.21 13.31 26.69
C ARG C 243 26.49 11.88 27.15
N SER C 244 27.17 11.79 28.30
CA SER C 244 27.69 10.52 28.83
C SER C 244 26.61 9.62 29.40
N GLU C 245 25.48 10.20 29.80
CA GLU C 245 24.31 9.41 30.21
C GLU C 245 23.78 8.53 29.06
N CYS C 246 24.28 8.81 27.85
CA CYS C 246 23.97 8.03 26.65
C CYS C 246 24.95 6.89 26.33
N ASP C 247 26.08 6.81 27.04
CA ASP C 247 27.00 5.66 26.92
C ASP C 247 26.24 4.37 27.22
N TRP C 248 26.63 3.28 26.55
CA TRP C 248 25.99 1.99 26.81
C TRP C 248 26.12 1.61 28.25
N LEU C 249 25.06 1.01 28.79
CA LEU C 249 25.01 0.68 30.21
C LEU C 249 25.72 -0.64 30.52
N THR C 250 25.84 -0.95 31.81
CA THR C 250 26.48 -2.15 32.27
C THR C 250 25.66 -2.70 33.44
N ASP C 251 25.10 -3.88 33.26
CA ASP C 251 24.28 -4.53 34.29
C ASP C 251 25.15 -5.15 35.38
N ALA C 252 24.52 -5.51 36.50
CA ALA C 252 25.20 -6.17 37.63
C ALA C 252 25.75 -7.58 37.30
N ASP C 253 25.22 -8.19 36.25
CA ASP C 253 25.70 -9.51 35.79
C ASP C 253 26.24 -9.42 34.37
N SER C 254 26.73 -8.23 34.04
CA SER C 254 27.30 -7.94 32.72
C SER C 254 28.79 -8.33 32.70
N VAL C 255 29.20 -9.07 31.67
CA VAL C 255 30.58 -9.55 31.58
C VAL C 255 31.52 -8.49 31.00
N GLN C 256 30.99 -7.66 30.11
CA GLN C 256 31.77 -6.64 29.42
C GLN C 256 31.09 -5.29 29.56
N LYS C 257 31.87 -4.24 29.82
CA LYS C 257 31.37 -2.86 29.91
C LYS C 257 30.57 -2.50 28.66
N GLY C 258 29.36 -1.97 28.85
CA GLY C 258 28.51 -1.54 27.73
C GLY C 258 27.74 -2.65 27.03
N ALA C 259 27.66 -3.82 27.65
CA ALA C 259 27.00 -4.99 27.06
C ALA C 259 25.89 -5.53 27.96
N VAL C 260 24.92 -6.21 27.35
CA VAL C 260 23.77 -6.73 28.08
C VAL C 260 24.21 -7.85 29.02
N GLY C 261 23.72 -7.81 30.25
CA GLY C 261 24.00 -8.84 31.25
C GLY C 261 23.29 -10.16 31.00
N VAL C 262 23.88 -11.23 31.52
CA VAL C 262 23.57 -12.60 31.13
C VAL C 262 22.12 -13.05 31.36
N SER C 263 21.50 -12.56 32.42
CA SER C 263 20.13 -12.93 32.76
C SER C 263 19.09 -12.24 31.89
N ARG C 264 19.50 -11.19 31.17
CA ARG C 264 18.59 -10.44 30.28
C ARG C 264 18.83 -10.75 28.79
N MET C 265 19.33 -11.95 28.52
CA MET C 265 19.55 -12.44 27.16
C MET C 265 18.75 -13.74 27.03
N PRO C 266 18.03 -13.88 25.90
CA PRO C 266 17.12 -14.98 25.68
C PRO C 266 17.81 -16.34 25.59
N SER C 267 17.26 -17.31 26.29
CA SER C 267 17.66 -18.70 26.14
C SER C 267 16.43 -19.57 26.37
N LEU C 268 16.51 -20.83 25.99
CA LEU C 268 15.39 -21.75 26.21
C LEU C 268 15.84 -23.20 26.18
N GLN C 269 15.25 -24.00 27.06
CA GLN C 269 15.45 -25.44 27.10
C GLN C 269 14.11 -26.15 26.84
N ARG C 270 14.10 -27.09 25.89
CA ARG C 270 12.89 -27.87 25.58
C ARG C 270 13.25 -29.34 25.39
N ASP C 271 12.37 -30.24 25.83
CA ASP C 271 12.60 -31.67 25.56
C ASP C 271 12.06 -32.15 24.20
N ASP C 272 11.37 -31.26 23.49
CA ASP C 272 10.91 -31.61 22.15
C ASP C 272 11.85 -31.05 21.09
N TYR C 273 11.86 -29.75 20.86
CA TYR C 273 12.81 -29.15 19.92
C TYR C 273 12.99 -27.68 20.20
N VAL C 274 14.16 -27.17 19.82
CA VAL C 274 14.34 -25.73 19.59
C VAL C 274 14.84 -25.60 18.16
N GLY C 275 14.72 -24.42 17.58
CA GLY C 275 15.19 -24.22 16.22
C GLY C 275 15.27 -22.77 15.87
N ASN C 276 16.07 -22.47 14.87
CA ASN C 276 16.20 -21.12 14.40
C ASN C 276 16.59 -21.09 12.94
N MET C 277 15.97 -20.18 12.18
CA MET C 277 16.20 -20.03 10.77
C MET C 277 16.42 -18.56 10.44
N ASN C 278 17.11 -17.85 11.34
CA ASN C 278 17.52 -16.45 11.15
C ASN C 278 16.53 -15.39 11.63
N ASP C 279 15.33 -15.78 12.04
CA ASP C 279 14.46 -14.84 12.73
C ASP C 279 14.87 -14.72 14.18
N SER C 280 14.24 -13.82 14.90
CA SER C 280 14.63 -13.51 16.27
C SER C 280 14.47 -14.72 17.21
N TYR C 281 14.92 -14.54 18.44
CA TYR C 281 14.76 -15.50 19.52
C TYR C 281 13.31 -15.93 19.75
N TRP C 282 12.37 -15.04 19.42
CA TRP C 282 10.96 -15.21 19.70
C TRP C 282 10.45 -16.63 19.59
N LEU C 283 10.59 -17.22 18.41
CA LEU C 283 10.02 -18.54 18.17
C LEU C 283 11.02 -19.72 18.22
N ALA C 284 11.87 -19.75 19.24
CA ALA C 284 12.80 -20.86 19.43
C ALA C 284 12.05 -22.18 19.49
N ASN C 285 10.89 -22.16 20.14
CA ASN C 285 9.94 -23.25 20.07
C ASN C 285 8.58 -22.61 19.89
N VAL C 286 7.86 -23.11 18.89
CA VAL C 286 6.56 -22.59 18.51
C VAL C 286 5.51 -22.65 19.64
N HIS C 287 5.51 -23.74 20.41
CA HIS C 287 4.54 -23.96 21.52
C HIS C 287 4.81 -23.14 22.75
N ALA C 288 6.05 -22.71 22.95
CA ALA C 288 6.43 -21.93 24.13
C ALA C 288 7.28 -20.72 23.74
N PRO C 289 6.64 -19.68 23.17
CA PRO C 289 7.36 -18.51 22.65
C PRO C 289 8.10 -17.71 23.72
N LEU C 290 9.23 -17.12 23.33
CA LEU C 290 10.03 -16.26 24.21
C LEU C 290 9.71 -14.79 24.02
N THR C 291 9.40 -14.09 25.10
CA THR C 291 9.16 -12.64 25.08
C THR C 291 9.75 -11.98 26.32
N GLY C 292 9.95 -10.66 26.24
CA GLY C 292 10.36 -9.86 27.40
C GLY C 292 11.84 -9.59 27.50
N TYR C 293 12.50 -9.52 26.32
CA TYR C 293 13.94 -9.30 26.21
C TYR C 293 14.22 -7.98 25.48
N PRO C 294 15.42 -7.39 25.66
CA PRO C 294 15.67 -6.05 25.09
C PRO C 294 15.42 -5.93 23.58
N ALA C 295 14.77 -4.83 23.21
CA ALA C 295 14.49 -4.46 21.83
C ALA C 295 15.59 -4.88 20.85
N ILE C 296 16.84 -4.58 21.22
CA ILE C 296 17.98 -4.75 20.31
C ILE C 296 18.09 -6.17 19.70
N PHE C 297 17.59 -7.16 20.43
CA PHE C 297 17.60 -8.56 20.02
C PHE C 297 16.68 -8.88 18.82
N GLY C 298 15.86 -7.92 18.42
CA GLY C 298 14.92 -8.11 17.30
C GLY C 298 13.49 -8.32 17.77
N PRO C 299 12.51 -8.28 16.82
CA PRO C 299 11.08 -8.31 17.16
C PRO C 299 10.65 -9.62 17.79
N ALA C 300 9.84 -9.55 18.84
CA ALA C 300 9.34 -10.73 19.51
C ALA C 300 7.82 -10.86 19.34
N GLY C 301 7.39 -11.10 18.10
CA GLY C 301 5.98 -11.35 17.79
C GLY C 301 5.27 -10.21 17.11
N THR C 302 6.03 -9.21 16.67
CA THR C 302 5.47 -7.98 16.08
C THR C 302 5.75 -7.92 14.58
N SER C 303 6.55 -8.85 14.09
CA SER C 303 6.84 -8.95 12.67
C SER C 303 6.46 -10.32 12.15
N ALA C 304 6.01 -10.36 10.90
CA ALA C 304 5.87 -11.61 10.18
C ALA C 304 7.21 -12.36 10.16
N GLN C 305 7.15 -13.68 10.26
CA GLN C 305 8.34 -14.50 10.12
C GLN C 305 8.62 -14.71 8.63
N THR C 306 9.88 -14.96 8.29
CA THR C 306 10.21 -15.24 6.91
C THR C 306 9.57 -16.55 6.47
N LEU C 307 9.44 -16.71 5.15
CA LEU C 307 8.94 -17.96 4.60
C LEU C 307 9.77 -19.18 5.04
N ARG C 308 11.09 -19.01 5.15
CA ARG C 308 11.97 -20.11 5.55
C ARG C 308 11.73 -20.51 7.02
N THR C 309 11.56 -19.52 7.89
CA THR C 309 11.21 -19.77 9.29
C THR C 309 9.90 -20.54 9.40
N ARG C 310 8.89 -20.09 8.65
CA ARG C 310 7.61 -20.77 8.60
C ARG C 310 7.80 -22.23 8.13
N MET C 311 8.67 -22.43 7.13
CA MET C 311 8.97 -23.79 6.62
C MET C 311 9.66 -24.64 7.69
N GLY C 312 10.68 -24.07 8.33
CA GLY C 312 11.48 -24.79 9.30
C GLY C 312 10.71 -25.29 10.51
N HIS C 313 9.87 -24.43 11.07
CA HIS C 313 9.01 -24.84 12.19
C HIS C 313 7.94 -25.80 11.74
N THR C 314 7.35 -25.55 10.57
CA THR C 314 6.34 -26.46 10.00
C THR C 314 6.94 -27.89 9.91
N MET C 315 8.18 -27.99 9.41
CA MET C 315 8.87 -29.27 9.27
C MET C 315 9.02 -29.98 10.63
N ALA C 316 9.39 -29.23 11.66
CA ALA C 316 9.55 -29.80 12.98
C ALA C 316 8.22 -30.32 13.52
N LEU C 317 7.18 -29.49 13.50
CA LEU C 317 5.85 -29.89 13.96
C LEU C 317 5.30 -31.12 13.25
N GLU C 318 5.43 -31.16 11.92
CA GLU C 318 4.86 -32.26 11.14
C GLU C 318 5.63 -33.58 11.34
N ARG C 319 6.93 -33.48 11.64
CA ARG C 319 7.71 -34.66 12.01
C ARG C 319 7.16 -35.24 13.31
N LEU C 320 7.02 -34.39 14.33
CA LEU C 320 6.57 -34.83 15.64
C LEU C 320 5.08 -35.21 15.69
N ALA C 321 4.31 -34.79 14.68
CA ALA C 321 2.93 -35.23 14.53
C ALA C 321 2.83 -36.49 13.66
N GLY C 322 3.91 -36.79 12.94
CA GLY C 322 3.94 -37.92 12.02
C GLY C 322 3.09 -37.66 10.79
N THR C 323 3.17 -36.45 10.24
CA THR C 323 2.33 -36.06 9.11
C THR C 323 3.11 -35.57 7.90
N ASP C 324 4.44 -35.74 7.95
CA ASP C 324 5.32 -35.22 6.88
C ASP C 324 5.65 -36.30 5.86
N GLY C 325 5.06 -37.48 6.01
CA GLY C 325 5.29 -38.57 5.06
C GLY C 325 6.48 -39.46 5.39
N TYR C 326 7.27 -39.07 6.39
CA TYR C 326 8.34 -39.93 6.88
C TYR C 326 7.76 -40.90 7.91
N ALA C 327 8.55 -41.91 8.26
CA ALA C 327 8.12 -42.99 9.13
C ALA C 327 8.00 -42.51 10.58
N GLY C 328 7.02 -43.05 11.30
CA GLY C 328 6.81 -42.74 12.71
C GLY C 328 6.71 -41.25 13.02
N ASN C 329 6.89 -40.90 14.30
CA ASN C 329 6.77 -39.50 14.71
C ASN C 329 7.99 -38.97 15.47
N LYS C 330 9.14 -39.62 15.29
CA LYS C 330 10.33 -39.23 16.04
C LYS C 330 11.38 -38.56 15.17
N ALA C 331 12.12 -37.61 15.74
CA ALA C 331 13.19 -36.92 15.05
C ALA C 331 14.53 -37.66 15.20
N THR C 332 14.61 -38.86 14.63
CA THR C 332 15.81 -39.68 14.71
C THR C 332 16.84 -39.15 13.75
N SER C 333 18.10 -39.48 14.03
CA SER C 333 19.21 -39.11 13.16
C SER C 333 18.88 -39.45 11.69
N ALA C 334 18.39 -40.66 11.45
CA ALA C 334 18.10 -41.12 10.08
C ALA C 334 17.01 -40.32 9.37
N VAL C 335 15.91 -40.06 10.08
CA VAL C 335 14.83 -39.29 9.48
C VAL C 335 15.27 -37.85 9.27
N VAL C 336 15.94 -37.28 10.28
CA VAL C 336 16.39 -35.90 10.21
C VAL C 336 17.26 -35.67 8.96
N ARG C 337 18.18 -36.61 8.70
CA ARG C 337 19.04 -36.62 7.52
C ARG C 337 18.30 -36.50 6.18
N GLU C 338 17.23 -37.27 6.04
CA GLU C 338 16.37 -37.19 4.84
C GLU C 338 15.58 -35.89 4.84
N MET C 339 14.88 -35.63 5.94
CA MET C 339 13.98 -34.48 6.08
C MET C 339 14.61 -33.15 5.64
N VAL C 340 15.85 -32.92 6.06
CA VAL C 340 16.44 -31.59 5.90
C VAL C 340 16.85 -31.31 4.46
N LEU C 341 16.93 -32.36 3.65
CA LEU C 341 17.22 -32.24 2.22
C LEU C 341 15.97 -32.32 1.31
N GLY C 342 14.81 -32.57 1.89
CA GLY C 342 13.57 -32.79 1.11
C GLY C 342 13.15 -31.68 0.15
N SER C 343 13.68 -30.47 0.37
CA SER C 343 13.51 -29.36 -0.57
C SER C 343 12.05 -28.94 -0.85
N ARG C 344 11.20 -29.02 0.20
CA ARG C 344 9.84 -28.45 0.19
C ARG C 344 9.90 -26.94 -0.06
N VAL C 345 8.88 -26.39 -0.69
CA VAL C 345 8.88 -24.98 -1.07
C VAL C 345 7.65 -24.33 -0.44
N PHE C 346 7.86 -23.52 0.58
CA PHE C 346 6.72 -23.01 1.35
C PHE C 346 5.78 -22.18 0.50
N SER C 347 6.33 -21.26 -0.29
CA SER C 347 5.46 -20.38 -1.10
C SER C 347 4.57 -21.22 -2.00
N ALA C 348 5.14 -22.28 -2.59
CA ALA C 348 4.37 -23.12 -3.49
C ALA C 348 3.33 -23.93 -2.74
N GLU C 349 3.75 -24.63 -1.69
CA GLU C 349 2.81 -25.42 -0.88
C GLU C 349 1.62 -24.60 -0.40
N ARG C 350 1.84 -23.32 -0.06
CA ARG C 350 0.77 -22.55 0.57
C ARG C 350 0.00 -21.68 -0.41
N PHE C 351 0.63 -21.28 -1.50
CA PHE C 351 0.07 -20.25 -2.36
C PHE C 351 -0.07 -20.62 -3.85
N LYS C 352 0.57 -21.69 -4.33
CA LYS C 352 0.53 -22.03 -5.77
C LYS C 352 -0.88 -22.27 -6.28
N ASP C 353 -1.62 -23.18 -5.64
CA ASP C 353 -3.03 -23.42 -6.00
C ASP C 353 -3.89 -22.15 -6.08
N GLU C 354 -3.77 -21.27 -5.08
CA GLU C 354 -4.53 -20.02 -5.06
C GLU C 354 -4.15 -19.14 -6.25
N VAL C 355 -2.84 -19.02 -6.51
CA VAL C 355 -2.36 -18.23 -7.63
C VAL C 355 -2.93 -18.78 -8.94
N LEU C 356 -2.77 -20.08 -9.15
CA LEU C 356 -3.20 -20.71 -10.39
C LEU C 356 -4.70 -20.60 -10.61
N ASP C 357 -5.49 -20.80 -9.54
CA ASP C 357 -6.95 -20.64 -9.63
C ASP C 357 -7.31 -19.22 -10.05
N LEU C 358 -6.54 -18.25 -9.54
CA LEU C 358 -6.82 -16.86 -9.76
C LEU C 358 -6.50 -16.38 -11.18
N ILE C 359 -5.39 -16.85 -11.75
CA ILE C 359 -4.90 -16.28 -13.02
C ILE C 359 -4.99 -17.23 -14.21
N CYS C 360 -5.22 -18.52 -13.98
CA CYS C 360 -5.17 -19.49 -15.06
C CYS C 360 -6.51 -19.76 -15.78
N THR C 361 -7.57 -19.00 -15.48
CA THR C 361 -8.85 -19.18 -16.20
C THR C 361 -9.42 -17.87 -16.75
N PRO C 362 -9.18 -17.57 -18.03
CA PRO C 362 -8.44 -18.43 -18.95
C PRO C 362 -6.92 -18.23 -18.84
N ALA C 363 -6.18 -19.08 -19.56
CA ALA C 363 -4.72 -19.01 -19.60
C ALA C 363 -4.21 -18.11 -20.75
N GLN C 364 -5.12 -17.64 -21.60
CA GLN C 364 -4.80 -16.69 -22.68
C GLN C 364 -5.01 -15.28 -22.14
N TRP C 365 -3.93 -14.49 -22.08
CA TRP C 365 -3.98 -13.23 -21.37
C TRP C 365 -3.77 -11.99 -22.22
N THR C 366 -4.11 -10.85 -21.63
CA THR C 366 -3.62 -9.56 -22.11
C THR C 366 -2.83 -8.89 -20.98
N VAL C 367 -1.51 -8.84 -21.17
CA VAL C 367 -0.58 -8.27 -20.21
C VAL C 367 0.13 -7.08 -20.88
N ASN C 368 0.02 -5.90 -20.28
CA ASN C 368 0.59 -4.67 -20.83
C ASN C 368 0.24 -4.49 -22.31
N GLY C 369 -1.02 -4.78 -22.63
CA GLY C 369 -1.55 -4.65 -23.99
C GLY C 369 -1.16 -5.78 -24.93
N ALA C 370 -0.56 -6.83 -24.41
CA ALA C 370 0.04 -7.88 -25.23
C ALA C 370 -0.60 -9.23 -25.01
N ALA C 371 -0.78 -9.98 -26.09
CA ALA C 371 -1.27 -11.36 -26.03
C ALA C 371 -0.20 -12.25 -25.42
N VAL C 372 -0.57 -12.95 -24.34
CA VAL C 372 0.34 -13.85 -23.66
C VAL C 372 -0.34 -15.20 -23.49
N ASP C 373 0.34 -16.24 -23.94
CA ASP C 373 -0.18 -17.59 -23.82
C ASP C 373 0.45 -18.30 -22.63
N ALA C 374 -0.30 -18.41 -21.54
CA ALA C 374 0.23 -18.95 -20.30
C ALA C 374 -0.26 -20.37 -20.00
N ALA C 375 -0.84 -21.03 -21.00
CA ALA C 375 -1.41 -22.38 -20.83
C ALA C 375 -0.38 -23.41 -20.38
N GLN C 376 0.76 -23.45 -21.07
CA GLN C 376 1.84 -24.34 -20.67
C GLN C 376 2.42 -24.01 -19.27
N ALA C 377 2.67 -22.74 -18.98
CA ALA C 377 3.08 -22.37 -17.62
C ALA C 377 2.07 -22.87 -16.58
N CYS C 378 0.78 -22.63 -16.83
CA CYS C 378 -0.25 -22.99 -15.88
C CYS C 378 -0.28 -24.50 -15.64
N ALA C 379 -0.22 -25.28 -16.72
CA ALA C 379 -0.26 -26.74 -16.65
C ALA C 379 0.98 -27.32 -15.98
N VAL C 380 2.15 -26.79 -16.32
CA VAL C 380 3.41 -27.24 -15.75
C VAL C 380 3.41 -27.01 -14.23
N LEU C 381 2.98 -25.83 -13.81
CA LEU C 381 2.98 -25.49 -12.38
C LEU C 381 1.94 -26.29 -11.61
N ALA C 382 0.76 -26.50 -12.21
CA ALA C 382 -0.25 -27.35 -11.60
C ALA C 382 0.27 -28.77 -11.39
N ALA C 383 0.98 -29.30 -12.39
CA ALA C 383 1.55 -30.66 -12.33
C ALA C 383 2.76 -30.80 -11.39
N TRP C 384 3.45 -29.70 -11.13
CA TRP C 384 4.69 -29.71 -10.34
C TRP C 384 4.47 -30.05 -8.89
N ASP C 385 5.43 -30.77 -8.29
CA ASP C 385 5.34 -31.33 -6.93
C ASP C 385 5.65 -30.37 -5.76
N ASN C 386 5.80 -29.07 -6.05
CA ASN C 386 6.09 -28.05 -5.03
C ASN C 386 7.40 -28.29 -4.29
N ARG C 387 8.31 -29.01 -4.93
CA ARG C 387 9.62 -29.27 -4.35
C ARG C 387 10.69 -28.84 -5.33
N GLY C 388 11.90 -28.67 -4.80
CA GLY C 388 13.07 -28.44 -5.60
C GLY C 388 14.00 -29.63 -5.58
N ARG C 389 13.48 -30.82 -5.85
CA ARG C 389 14.32 -32.00 -5.97
C ARG C 389 14.96 -32.03 -7.35
N LYS C 390 15.98 -32.87 -7.52
CA LYS C 390 16.72 -32.91 -8.78
C LYS C 390 15.82 -33.21 -9.97
N ASP C 391 14.78 -34.01 -9.72
CA ASP C 391 13.83 -34.41 -10.76
C ASP C 391 12.49 -33.64 -10.71
N SER C 392 12.39 -32.63 -9.84
CA SER C 392 11.23 -31.74 -9.81
C SER C 392 11.14 -30.90 -11.11
N ARG C 393 9.94 -30.84 -11.69
CA ARG C 393 9.76 -30.19 -12.99
C ARG C 393 8.96 -28.89 -12.93
N GLY C 394 9.58 -27.79 -13.34
CA GLY C 394 8.90 -26.49 -13.36
C GLY C 394 9.21 -25.67 -12.13
N SER C 395 10.05 -26.21 -11.25
CA SER C 395 10.41 -25.54 -9.99
C SER C 395 11.11 -24.19 -10.24
N HIS C 396 11.86 -24.11 -11.33
CA HIS C 396 12.61 -22.90 -11.66
C HIS C 396 11.70 -21.85 -12.25
N LEU C 397 10.63 -22.30 -12.93
CA LEU C 397 9.58 -21.39 -13.36
C LEU C 397 9.02 -20.68 -12.12
N TRP C 398 8.71 -21.46 -11.08
CA TRP C 398 8.19 -20.88 -9.83
C TRP C 398 9.15 -19.88 -9.25
N ASP C 399 10.46 -20.21 -9.23
CA ASP C 399 11.46 -19.28 -8.69
C ASP C 399 11.45 -17.92 -9.40
N GLU C 400 11.43 -17.95 -10.73
CA GLU C 400 11.47 -16.74 -11.52
C GLU C 400 10.17 -15.95 -11.40
N PHE C 401 9.09 -16.63 -11.03
CA PHE C 401 7.78 -16.00 -10.89
C PHE C 401 7.68 -15.36 -9.52
N TRP C 402 7.82 -16.20 -8.49
CA TRP C 402 7.64 -15.79 -7.10
C TRP C 402 8.54 -14.67 -6.67
N SER C 403 9.81 -14.73 -7.07
CA SER C 403 10.78 -13.69 -6.72
C SER C 403 10.39 -12.33 -7.33
N ARG C 404 9.41 -12.34 -8.24
CA ARG C 404 8.95 -11.12 -8.95
C ARG C 404 7.56 -10.64 -8.55
N VAL C 405 6.87 -11.37 -7.69
CA VAL C 405 5.54 -10.97 -7.24
C VAL C 405 5.64 -9.73 -6.35
N PRO C 406 4.93 -8.65 -6.69
CA PRO C 406 4.94 -7.49 -5.78
C PRO C 406 4.29 -7.89 -4.45
N THR C 407 4.87 -7.48 -3.34
CA THR C 407 4.43 -7.94 -2.02
C THR C 407 3.51 -6.95 -1.30
N ALA C 408 3.36 -5.76 -1.87
CA ALA C 408 2.42 -4.77 -1.36
C ALA C 408 1.03 -5.29 -1.62
N SER C 409 0.28 -5.50 -0.54
CA SER C 409 -1.11 -5.95 -0.61
C SER C 409 -1.30 -7.31 -1.30
N LEU C 410 -0.25 -8.13 -1.30
CA LEU C 410 -0.33 -9.49 -1.82
C LEU C 410 -1.23 -10.42 -0.95
N PHE C 411 -1.12 -10.31 0.37
CA PHE C 411 -1.94 -11.17 1.25
C PHE C 411 -3.11 -10.42 1.85
N THR C 412 -4.27 -11.08 1.95
CA THR C 412 -5.45 -10.50 2.58
C THR C 412 -5.61 -10.96 4.04
N VAL C 413 -4.90 -12.01 4.44
CA VAL C 413 -4.88 -12.40 5.84
C VAL C 413 -3.57 -11.92 6.46
N PRO C 414 -3.61 -10.79 7.20
CA PRO C 414 -2.35 -10.21 7.70
C PRO C 414 -1.71 -11.07 8.79
N PHE C 415 -0.43 -10.82 9.05
CA PHE C 415 0.30 -11.52 10.09
C PHE C 415 -0.40 -11.47 11.45
N SER C 416 -0.52 -12.64 12.09
CA SER C 416 -1.06 -12.69 13.44
C SER C 416 -0.14 -13.50 14.35
N ALA C 417 0.36 -12.85 15.39
CA ALA C 417 1.26 -13.46 16.35
C ALA C 417 0.70 -14.74 16.98
N ALA C 418 -0.62 -14.83 17.03
CA ALA C 418 -1.32 -16.02 17.52
C ALA C 418 -1.28 -17.21 16.54
N ASP C 419 -0.84 -16.97 15.30
CA ASP C 419 -0.76 -18.00 14.26
C ASP C 419 0.42 -17.72 13.30
N PRO C 420 1.67 -17.71 13.81
CA PRO C 420 2.81 -17.20 13.05
C PRO C 420 3.29 -18.06 11.86
N LEU C 421 2.89 -19.33 11.85
CA LEU C 421 3.24 -20.22 10.72
C LEU C 421 2.26 -20.12 9.55
N ASN C 422 1.01 -19.77 9.84
CA ASN C 422 -0.03 -19.77 8.81
C ASN C 422 -0.41 -18.38 8.30
N THR C 423 0.20 -17.34 8.87
CA THR C 423 -0.04 -15.95 8.47
C THR C 423 1.32 -15.29 8.20
N PRO C 424 1.37 -14.30 7.28
CA PRO C 424 0.29 -13.81 6.43
C PRO C 424 -0.07 -14.84 5.33
N ARG C 425 -1.31 -14.79 4.85
CA ARG C 425 -1.77 -15.69 3.78
C ARG C 425 -2.94 -15.08 3.00
N GLY C 426 -3.55 -15.87 2.13
CA GLY C 426 -4.68 -15.42 1.30
C GLY C 426 -4.22 -14.49 0.19
N ILE C 427 -3.98 -15.06 -0.99
CA ILE C 427 -3.57 -14.29 -2.16
C ILE C 427 -4.69 -13.34 -2.55
N ASN C 428 -4.35 -12.06 -2.62
CA ASN C 428 -5.34 -11.02 -2.95
C ASN C 428 -5.84 -11.12 -4.39
N ALA C 429 -7.15 -11.18 -4.57
CA ALA C 429 -7.73 -11.19 -5.91
C ALA C 429 -7.40 -9.91 -6.69
N ALA C 430 -7.30 -8.78 -6.01
CA ALA C 430 -6.90 -7.50 -6.65
C ALA C 430 -5.47 -7.54 -7.19
N ALA C 431 -4.70 -8.58 -6.83
CA ALA C 431 -3.33 -8.73 -7.31
C ALA C 431 -3.21 -9.45 -8.66
N ALA C 432 -4.35 -9.90 -9.20
CA ALA C 432 -4.38 -10.79 -10.38
C ALA C 432 -3.55 -10.30 -11.57
N ASP C 433 -3.76 -9.05 -11.97
CA ASP C 433 -2.99 -8.41 -13.06
C ASP C 433 -1.47 -8.37 -12.82
N ALA C 434 -1.08 -8.01 -11.60
CA ALA C 434 0.34 -8.01 -11.22
C ALA C 434 0.92 -9.44 -11.23
N LEU C 435 0.13 -10.41 -10.78
CA LEU C 435 0.56 -11.81 -10.81
C LEU C 435 0.77 -12.30 -12.25
N ARG C 436 -0.15 -11.93 -13.13
CA ARG C 436 -0.01 -12.24 -14.55
C ARG C 436 1.22 -11.53 -15.13
N GLN C 437 1.45 -10.27 -14.74
CA GLN C 437 2.68 -9.57 -15.18
C GLN C 437 3.95 -10.33 -14.81
N ALA C 438 4.03 -10.75 -13.55
CA ALA C 438 5.17 -11.48 -13.01
C ALA C 438 5.35 -12.83 -13.71
N MET C 439 4.26 -13.56 -13.88
CA MET C 439 4.28 -14.84 -14.58
C MET C 439 4.71 -14.68 -16.04
N ALA C 440 4.18 -13.66 -16.71
CA ALA C 440 4.59 -13.34 -18.08
C ALA C 440 6.11 -13.18 -18.10
N THR C 441 6.65 -12.36 -17.21
CA THR C 441 8.11 -12.17 -17.15
C THR C 441 8.86 -13.48 -16.88
N ALA C 442 8.37 -14.27 -15.92
CA ALA C 442 9.01 -15.53 -15.55
C ALA C 442 9.13 -16.48 -16.75
N ILE C 443 8.02 -16.63 -17.46
CA ILE C 443 7.97 -17.41 -18.70
C ILE C 443 9.03 -16.92 -19.68
N ALA C 444 9.11 -15.61 -19.89
CA ALA C 444 10.10 -15.03 -20.79
C ALA C 444 11.54 -15.33 -20.33
N ARG C 445 11.82 -15.15 -19.04
CA ARG C 445 13.18 -15.41 -18.51
C ARG C 445 13.63 -16.87 -18.69
N VAL C 446 12.76 -17.82 -18.35
CA VAL C 446 13.04 -19.24 -18.60
C VAL C 446 13.22 -19.44 -20.11
N GLY C 447 12.40 -18.71 -20.89
CA GLY C 447 12.55 -18.64 -22.34
C GLY C 447 13.97 -18.32 -22.78
N GLN C 448 14.58 -17.25 -22.29
CA GLN C 448 15.94 -16.93 -22.78
C GLN C 448 16.98 -17.86 -22.21
N SER C 449 16.72 -18.45 -21.05
CA SER C 449 17.66 -19.35 -20.40
C SER C 449 17.97 -20.56 -21.29
N GLY C 450 17.11 -20.82 -22.27
CA GLY C 450 17.22 -22.05 -23.05
C GLY C 450 16.66 -23.31 -22.39
N TYR C 451 16.24 -23.22 -21.12
CA TYR C 451 15.61 -24.35 -20.43
C TYR C 451 14.13 -24.43 -20.78
N ALA C 452 13.57 -25.64 -20.72
CA ALA C 452 12.14 -25.81 -20.90
C ALA C 452 11.43 -25.45 -19.59
N LEU C 453 10.16 -25.10 -19.67
CA LEU C 453 9.40 -24.74 -18.49
C LEU C 453 9.36 -25.91 -17.52
N ASP C 454 9.30 -27.12 -18.08
CA ASP C 454 9.19 -28.34 -17.27
C ASP C 454 10.52 -29.10 -17.09
N ALA C 455 11.65 -28.43 -17.31
CA ALA C 455 12.95 -29.05 -17.11
C ALA C 455 13.08 -29.57 -15.68
N PRO C 456 13.79 -30.71 -15.50
CA PRO C 456 14.06 -31.17 -14.13
C PRO C 456 15.02 -30.19 -13.46
N ARG C 457 14.85 -29.93 -12.16
CA ARG C 457 15.67 -28.93 -11.47
C ARG C 457 17.18 -29.22 -11.53
N GLY C 458 17.53 -30.51 -11.45
CA GLY C 458 18.92 -30.95 -11.47
C GLY C 458 19.71 -30.52 -12.68
N GLU C 459 19.02 -30.20 -13.77
CA GLU C 459 19.68 -29.72 -14.99
C GLU C 459 19.82 -28.19 -14.96
N VAL C 460 19.00 -27.54 -14.14
CA VAL C 460 19.04 -26.10 -13.98
C VAL C 460 19.99 -25.69 -12.86
N LEU C 461 19.95 -26.45 -11.75
CA LEU C 461 20.72 -26.19 -10.53
C LEU C 461 21.82 -27.24 -10.41
N TYR C 462 23.08 -26.84 -10.46
CA TYR C 462 24.19 -27.79 -10.57
C TYR C 462 25.49 -27.21 -10.07
N ALA C 463 26.43 -28.10 -9.75
CA ALA C 463 27.80 -27.76 -9.47
C ALA C 463 28.67 -28.55 -10.43
N THR C 464 29.62 -27.88 -11.07
CA THR C 464 30.52 -28.55 -12.01
C THR C 464 31.79 -29.00 -11.30
N ARG C 465 32.17 -30.26 -11.51
CA ARG C 465 33.43 -30.82 -10.99
C ARG C 465 33.96 -31.82 -12.02
N GLY C 466 35.27 -31.78 -12.26
CA GLY C 466 35.88 -32.66 -13.26
C GLY C 466 35.15 -32.64 -14.60
N GLY C 467 34.78 -31.44 -15.05
CA GLY C 467 34.05 -31.26 -16.30
C GLY C 467 32.62 -31.79 -16.32
N THR C 468 32.13 -32.35 -15.22
CA THR C 468 30.74 -32.82 -15.20
C THR C 468 29.80 -32.03 -14.30
N ARG C 469 28.60 -31.74 -14.80
CA ARG C 469 27.59 -31.03 -14.01
C ARG C 469 26.89 -32.00 -13.08
N LEU C 470 27.11 -31.81 -11.78
CA LEU C 470 26.45 -32.63 -10.76
C LEU C 470 25.12 -31.97 -10.44
N PRO C 471 24.00 -32.72 -10.58
CA PRO C 471 22.67 -32.17 -10.31
C PRO C 471 22.47 -31.85 -8.85
N LEU C 472 21.92 -30.67 -8.56
CA LEU C 472 21.68 -30.27 -7.18
C LEU C 472 20.20 -30.09 -6.95
N TYR C 473 19.84 -29.94 -5.68
CA TYR C 473 18.45 -29.79 -5.24
C TYR C 473 18.43 -28.65 -4.21
N GLY C 474 17.25 -28.15 -3.84
CA GLY C 474 17.15 -27.01 -2.91
C GLY C 474 16.98 -25.68 -3.63
N GLY C 475 17.01 -24.57 -2.91
CA GLY C 475 16.79 -23.26 -3.51
C GLY C 475 17.08 -22.09 -2.58
N CYS C 476 16.42 -20.96 -2.81
CA CYS C 476 16.63 -19.74 -2.04
C CYS C 476 15.53 -19.56 -1.02
N GLY C 477 15.88 -18.99 0.13
CA GLY C 477 14.95 -18.74 1.21
C GLY C 477 13.79 -17.84 0.86
N ALA C 478 13.95 -17.00 -0.16
CA ALA C 478 12.88 -16.11 -0.60
C ALA C 478 11.65 -16.86 -1.10
N MET C 479 11.86 -18.03 -1.71
CA MET C 479 10.76 -18.89 -2.11
C MET C 479 10.27 -19.75 -0.96
N GLY C 480 10.96 -19.69 0.16
CA GLY C 480 10.54 -20.46 1.32
C GLY C 480 11.04 -21.88 1.29
N TYR C 481 12.18 -22.09 0.64
CA TYR C 481 12.98 -23.30 0.82
C TYR C 481 13.54 -23.35 2.24
N PHE C 482 13.71 -24.56 2.77
CA PHE C 482 14.53 -24.81 3.97
C PHE C 482 15.91 -25.32 3.49
N THR C 483 15.90 -26.20 2.49
CA THR C 483 17.11 -26.73 1.85
C THR C 483 17.70 -25.67 0.90
N ILE C 484 18.82 -25.08 1.28
CA ILE C 484 19.32 -23.90 0.57
C ILE C 484 20.49 -24.18 -0.39
N THR C 485 20.21 -24.00 -1.67
CA THR C 485 21.18 -24.06 -2.74
C THR C 485 20.84 -22.87 -3.63
N CYS C 486 21.42 -21.72 -3.32
CA CYS C 486 20.94 -20.44 -3.82
C CYS C 486 21.99 -19.74 -4.66
N SER C 487 21.84 -19.89 -5.97
CA SER C 487 22.80 -19.33 -6.92
C SER C 487 22.65 -17.82 -7.06
N GLU C 488 23.74 -17.14 -7.38
CA GLU C 488 23.74 -15.69 -7.60
C GLU C 488 23.66 -15.43 -9.10
N ASN C 489 23.79 -16.51 -9.86
CA ASN C 489 23.82 -16.48 -11.32
C ASN C 489 22.42 -16.35 -11.88
N ASP C 490 22.20 -15.40 -12.79
CA ASP C 490 20.90 -15.28 -13.44
C ASP C 490 20.62 -16.50 -14.29
N ILE C 491 19.36 -16.95 -14.28
CA ILE C 491 18.95 -18.15 -15.01
C ILE C 491 19.34 -18.05 -16.48
N THR C 492 19.29 -16.85 -17.04
CA THR C 492 19.58 -16.65 -18.48
C THR C 492 21.07 -16.79 -18.79
N GLN C 493 21.89 -16.82 -17.75
CA GLN C 493 23.34 -16.87 -17.90
C GLN C 493 23.90 -18.27 -17.62
N GLY C 494 23.20 -19.30 -18.07
CA GLY C 494 23.65 -20.69 -17.93
C GLY C 494 23.02 -21.48 -16.79
N GLY C 495 21.83 -21.06 -16.36
CA GLY C 495 21.13 -21.72 -15.25
C GLY C 495 21.63 -21.32 -13.86
N TYR C 496 21.21 -22.08 -12.85
CA TYR C 496 21.54 -21.79 -11.48
C TYR C 496 22.85 -22.50 -11.10
N SER C 497 23.92 -22.08 -11.77
CA SER C 497 25.26 -22.60 -11.50
C SER C 497 25.72 -22.22 -10.10
N MET C 498 26.30 -23.18 -9.40
CA MET C 498 26.87 -22.96 -8.08
C MET C 498 28.39 -22.83 -8.17
N ASP C 499 28.89 -22.67 -9.39
CA ASP C 499 30.35 -22.69 -9.66
C ASP C 499 31.06 -21.37 -9.37
N GLY C 500 30.30 -20.29 -9.24
CA GLY C 500 30.88 -18.97 -8.99
C GLY C 500 31.00 -18.70 -7.51
N GLN C 501 30.38 -17.60 -7.07
CA GLN C 501 30.27 -17.26 -5.66
C GLN C 501 28.80 -17.17 -5.23
N PRO C 502 28.16 -18.32 -4.97
CA PRO C 502 26.71 -18.33 -4.72
C PRO C 502 26.32 -17.50 -3.50
N ASN C 503 25.01 -17.28 -3.32
CA ASN C 503 24.54 -16.65 -2.08
C ASN C 503 24.63 -17.70 -0.98
N ALA C 504 24.73 -17.24 0.27
CA ALA C 504 24.67 -18.12 1.44
C ALA C 504 23.87 -19.40 1.17
N SER C 505 24.52 -20.55 1.23
CA SER C 505 23.89 -21.84 0.93
C SER C 505 24.38 -22.93 1.86
N ASN C 506 23.69 -24.08 1.84
CA ASN C 506 24.16 -25.27 2.55
C ASN C 506 25.66 -25.44 2.29
N SER C 507 26.42 -25.59 3.38
CA SER C 507 27.89 -25.62 3.34
C SER C 507 28.41 -26.77 4.21
N TYR C 508 28.72 -26.50 5.47
CA TYR C 508 28.92 -27.59 6.42
C TYR C 508 27.57 -28.00 6.97
N MET C 509 27.22 -29.27 6.86
CA MET C 509 26.01 -29.76 7.49
C MET C 509 26.33 -30.87 8.46
N GLN C 510 25.55 -31.02 9.53
CA GLN C 510 25.77 -32.13 10.44
C GLN C 510 24.49 -32.56 11.14
N VAL C 511 24.31 -33.87 11.21
CA VAL C 511 23.28 -34.46 12.05
C VAL C 511 24.06 -35.28 13.06
N VAL C 512 23.95 -34.89 14.32
CA VAL C 512 24.73 -35.54 15.38
C VAL C 512 23.80 -36.11 16.45
N SER C 513 24.07 -37.34 16.89
CA SER C 513 23.34 -37.97 18.00
C SER C 513 24.31 -38.71 18.93
N PHE C 514 23.78 -39.28 20.01
CA PHE C 514 24.60 -39.96 21.02
C PHE C 514 24.02 -41.32 21.39
N PRO C 515 24.14 -42.31 20.50
CA PRO C 515 23.78 -43.69 20.86
C PRO C 515 24.76 -44.25 21.91
N ALA C 516 24.38 -45.36 22.53
CA ALA C 516 25.15 -45.98 23.64
C ALA C 516 26.66 -46.08 23.40
N SER C 517 27.04 -46.46 22.18
CA SER C 517 28.45 -46.72 21.84
C SER C 517 29.30 -45.47 21.61
N GLY C 518 28.64 -44.30 21.55
CA GLY C 518 29.35 -43.03 21.38
C GLY C 518 28.79 -42.14 20.27
N VAL C 519 29.17 -40.86 20.29
CA VAL C 519 28.69 -39.87 19.32
C VAL C 519 28.72 -40.44 17.93
N GLN C 520 27.63 -40.30 17.18
CA GLN C 520 27.67 -40.51 15.74
C GLN C 520 27.43 -39.19 15.03
N ALA C 521 28.16 -38.94 13.94
CA ALA C 521 27.93 -37.74 13.14
C ALA C 521 27.97 -37.97 11.64
N HIS C 522 26.94 -37.45 10.97
CA HIS C 522 26.79 -37.55 9.52
C HIS C 522 26.92 -36.16 8.99
N THR C 523 27.76 -35.98 7.97
CA THR C 523 28.19 -34.64 7.58
C THR C 523 28.25 -34.41 6.08
N PHE C 524 28.15 -33.14 5.69
CA PHE C 524 28.47 -32.69 4.34
C PHE C 524 29.38 -31.47 4.47
N LEU C 525 30.32 -31.34 3.53
CA LEU C 525 30.90 -30.04 3.20
C LEU C 525 30.64 -29.86 1.71
N THR C 526 29.54 -29.19 1.39
CA THR C 526 28.98 -29.21 0.04
C THR C 526 29.97 -28.87 -1.07
N PHE C 527 30.84 -27.89 -0.85
CA PHE C 527 31.77 -27.44 -1.90
C PHE C 527 33.08 -28.25 -1.94
N SER C 528 33.24 -29.15 -0.97
CA SER C 528 34.43 -30.01 -0.81
C SER C 528 35.57 -29.29 -0.07
N LEU C 529 36.49 -30.05 0.53
CA LEU C 529 37.56 -29.47 1.38
C LEU C 529 38.49 -28.49 0.70
N SER C 530 38.80 -28.72 -0.58
CA SER C 530 39.92 -28.02 -1.22
C SER C 530 39.49 -27.11 -2.35
N ASP C 531 40.14 -25.95 -2.41
CA ASP C 531 39.85 -24.93 -3.41
C ASP C 531 40.70 -25.11 -4.66
N ASP C 532 41.59 -26.10 -4.63
CA ASP C 532 42.49 -26.36 -5.74
C ASP C 532 41.79 -27.34 -6.70
N PRO C 533 41.57 -26.93 -7.97
CA PRO C 533 40.92 -27.86 -8.92
C PRO C 533 41.72 -29.12 -9.23
N ALA C 534 43.03 -29.10 -8.97
CA ALA C 534 43.85 -30.30 -9.13
C ALA C 534 43.69 -31.31 -7.98
N SER C 535 43.19 -30.86 -6.84
CA SER C 535 43.15 -31.74 -5.66
C SER C 535 42.07 -32.82 -5.83
N PRO C 536 42.34 -34.05 -5.33
CA PRO C 536 41.27 -35.05 -5.37
C PRO C 536 40.12 -34.71 -4.39
N HIS C 537 40.32 -33.70 -3.55
CA HIS C 537 39.29 -33.26 -2.62
C HIS C 537 38.71 -31.92 -2.99
N HIS C 538 38.68 -31.68 -4.29
CA HIS C 538 38.02 -30.52 -4.84
C HIS C 538 36.56 -30.76 -5.11
N GLY C 539 36.20 -32.01 -5.42
CA GLY C 539 34.84 -32.33 -5.88
C GLY C 539 34.27 -33.66 -5.39
N ASP C 540 35.00 -34.39 -4.56
CA ASP C 540 34.49 -35.65 -4.04
C ASP C 540 33.27 -35.43 -3.11
N TYR C 541 33.41 -34.54 -2.16
CA TYR C 541 32.33 -34.24 -1.23
C TYR C 541 31.11 -33.71 -1.98
N THR C 542 31.34 -32.91 -3.03
CA THR C 542 30.27 -32.32 -3.82
C THR C 542 29.48 -33.38 -4.57
N LYS C 543 30.17 -34.41 -5.04
CA LYS C 543 29.52 -35.56 -5.66
C LYS C 543 28.58 -36.25 -4.65
N ALA C 544 29.05 -36.43 -3.41
CA ALA C 544 28.22 -37.05 -2.36
C ALA C 544 26.99 -36.19 -2.03
N TYR C 545 27.19 -34.88 -1.96
CA TYR C 545 26.09 -33.96 -1.71
C TYR C 545 25.02 -34.07 -2.80
N SER C 546 25.44 -34.03 -4.06
CA SER C 546 24.55 -34.16 -5.21
C SER C 546 23.70 -35.43 -5.10
N ALA C 547 24.33 -36.52 -4.66
CA ALA C 547 23.67 -37.82 -4.51
C ALA C 547 22.86 -37.93 -3.22
N GLY C 548 22.95 -36.93 -2.34
CA GLY C 548 22.31 -37.00 -1.03
C GLY C 548 22.91 -38.06 -0.11
N GLN C 549 24.20 -38.39 -0.30
CA GLN C 549 24.87 -39.39 0.54
C GLN C 549 25.67 -38.76 1.69
N TRP C 550 25.03 -38.64 2.85
CA TRP C 550 25.66 -38.14 4.07
C TRP C 550 26.90 -38.92 4.39
N LEU C 551 27.98 -38.22 4.77
CA LEU C 551 29.20 -38.90 5.19
C LEU C 551 29.10 -39.24 6.67
N ARG C 552 29.23 -40.52 7.01
CA ARG C 552 29.46 -40.89 8.41
C ARG C 552 30.93 -40.57 8.68
N VAL C 553 31.19 -39.53 9.46
CA VAL C 553 32.55 -39.11 9.71
C VAL C 553 33.11 -39.92 10.90
N PRO C 554 34.24 -40.63 10.68
CA PRO C 554 34.85 -41.39 11.76
C PRO C 554 35.30 -40.46 12.87
N PHE C 555 35.11 -40.89 14.12
CA PHE C 555 35.44 -40.05 15.28
C PHE C 555 36.39 -40.74 16.25
N THR C 556 36.07 -41.96 16.68
CA THR C 556 36.97 -42.69 17.58
C THR C 556 38.24 -43.09 16.82
N GLU C 557 39.30 -43.35 17.56
CA GLU C 557 40.55 -43.84 16.99
C GLU C 557 40.34 -45.09 16.11
N ALA C 558 39.53 -46.02 16.61
CA ALA C 558 39.23 -47.26 15.89
C ALA C 558 38.54 -47.00 14.56
N GLU C 559 37.61 -46.03 14.56
CA GLU C 559 36.90 -45.61 13.36
C GLU C 559 37.82 -44.94 12.34
N ILE C 560 38.77 -44.14 12.83
CA ILE C 560 39.67 -43.35 11.97
C ILE C 560 40.63 -44.28 11.22
N THR C 561 41.21 -45.22 11.97
CA THR C 561 42.15 -46.16 11.42
C THR C 561 41.45 -47.24 10.61
N GLY C 562 40.18 -47.50 10.90
CA GLY C 562 39.41 -48.52 10.17
C GLY C 562 38.73 -48.02 8.91
N ASN C 563 38.81 -46.71 8.66
CA ASN C 563 38.21 -46.07 7.48
C ASN C 563 38.86 -46.53 6.17
N ALA C 564 38.02 -46.79 5.17
CA ALA C 564 38.45 -47.31 3.87
C ALA C 564 39.53 -46.49 3.17
N ASP C 565 39.57 -45.18 3.41
CA ASP C 565 40.56 -44.32 2.75
C ASP C 565 41.64 -43.76 3.69
N TYR C 566 41.82 -44.46 4.81
CA TYR C 566 42.76 -44.06 5.85
C TYR C 566 44.20 -43.86 5.36
N ARG C 567 44.71 -42.65 5.52
CA ARG C 567 46.11 -42.36 5.26
C ARG C 567 46.64 -41.57 6.45
N THR C 568 47.91 -41.80 6.81
CA THR C 568 48.52 -41.03 7.90
C THR C 568 49.89 -40.50 7.49
N ALA C 569 50.28 -39.37 8.07
CA ALA C 569 51.63 -38.83 7.90
C ALA C 569 51.95 -37.96 9.10
N THR C 570 53.20 -37.93 9.51
CA THR C 570 53.59 -37.08 10.62
C THR C 570 54.35 -35.83 10.14
N VAL C 571 54.11 -34.69 10.76
CA VAL C 571 54.88 -33.48 10.47
C VAL C 571 55.47 -32.87 11.74
N LYS C 572 56.79 -32.71 11.75
CA LYS C 572 57.52 -32.20 12.92
C LYS C 572 58.50 -31.10 12.53
N GLU C 573 58.95 -30.30 13.51
CA GLU C 573 59.84 -29.15 13.24
C GLU C 573 60.09 -28.22 14.46
N LEU C 574 61.27 -27.58 14.48
CA LEU C 574 61.51 -26.25 15.10
C LEU C 574 62.96 -25.84 14.98
N SER D 7 -2.87 9.88 -47.97
CA SER D 7 -1.42 10.17 -47.76
C SER D 7 -0.78 9.14 -46.80
N THR D 8 -0.07 8.17 -47.36
CA THR D 8 0.29 6.97 -46.62
C THR D 8 1.80 6.69 -46.68
N TYR D 9 2.39 6.29 -45.55
CA TYR D 9 3.74 5.72 -45.57
C TYR D 9 3.71 4.39 -46.32
N SER D 10 4.70 4.14 -47.16
CA SER D 10 4.77 2.93 -47.95
C SER D 10 6.21 2.61 -48.27
N ALA D 11 6.67 1.44 -47.80
CA ALA D 11 8.06 1.06 -47.98
C ALA D 11 8.18 -0.41 -48.35
N GLU D 12 8.97 -0.69 -49.37
CA GLU D 12 9.32 -2.04 -49.75
C GLU D 12 10.58 -2.47 -48.99
N ILE D 13 10.46 -3.56 -48.25
CA ILE D 13 11.56 -4.08 -47.47
C ILE D 13 12.13 -5.30 -48.20
N ARG D 14 13.35 -5.17 -48.70
CA ARG D 14 14.01 -6.29 -49.36
C ARG D 14 15.09 -6.82 -48.44
N ARG D 15 14.98 -8.08 -48.06
CA ARG D 15 16.02 -8.75 -47.26
C ARG D 15 16.86 -9.73 -48.09
N THR D 16 18.17 -9.76 -47.80
CA THR D 16 19.10 -10.65 -48.49
C THR D 16 19.89 -11.49 -47.48
N THR D 17 20.96 -12.11 -47.92
CA THR D 17 21.78 -12.93 -47.03
C THR D 17 22.13 -12.19 -45.72
N MET D 18 22.12 -12.94 -44.61
CA MET D 18 22.31 -12.40 -43.27
C MET D 18 21.15 -11.51 -42.78
N GLY D 19 20.10 -11.40 -43.58
CA GLY D 19 18.96 -10.59 -43.22
C GLY D 19 19.08 -9.11 -43.55
N VAL D 20 20.22 -8.71 -44.14
CA VAL D 20 20.46 -7.29 -44.47
C VAL D 20 19.23 -6.74 -45.20
N PRO D 21 18.54 -5.74 -44.61
CA PRO D 21 17.36 -5.12 -45.22
C PRO D 21 17.75 -3.96 -46.14
N HIS D 22 17.05 -3.85 -47.28
CA HIS D 22 17.25 -2.79 -48.26
C HIS D 22 15.92 -2.14 -48.42
N ILE D 23 15.77 -0.94 -47.85
CA ILE D 23 14.50 -0.23 -47.83
C ILE D 23 14.40 0.60 -49.11
N LYS D 24 13.28 0.49 -49.80
CA LYS D 24 13.07 1.27 -50.99
C LYS D 24 11.77 2.04 -50.80
N ALA D 25 11.84 3.35 -50.99
CA ALA D 25 10.70 4.24 -50.72
C ALA D 25 10.65 5.42 -51.71
N GLY D 26 9.48 6.03 -51.82
CA GLY D 26 9.27 7.14 -52.75
C GLY D 26 9.67 8.47 -52.12
N ASN D 27 9.66 8.52 -50.79
CA ASN D 27 10.01 9.72 -50.05
C ASN D 27 10.79 9.39 -48.77
N TRP D 28 11.25 10.43 -48.09
CA TRP D 28 12.05 10.29 -46.87
C TRP D 28 11.27 9.78 -45.69
N GLY D 29 10.04 10.26 -45.54
CA GLY D 29 9.15 9.78 -44.51
C GLY D 29 9.01 8.27 -44.58
N SER D 30 8.72 7.76 -45.77
CA SER D 30 8.51 6.33 -45.99
C SER D 30 9.80 5.52 -45.85
N ALA D 31 10.93 6.10 -46.23
CA ALA D 31 12.23 5.50 -45.92
C ALA D 31 12.40 5.33 -44.42
N GLY D 32 12.06 6.38 -43.67
CA GLY D 32 12.13 6.32 -42.23
C GLY D 32 11.23 5.21 -41.69
N TYR D 33 10.05 5.13 -42.25
CA TYR D 33 9.06 4.13 -41.84
C TYR D 33 9.62 2.70 -41.98
N GLY D 34 10.13 2.37 -43.16
CA GLY D 34 10.76 1.07 -43.41
C GLY D 34 11.93 0.80 -42.49
N PHE D 35 12.81 1.80 -42.35
CA PHE D 35 13.99 1.66 -41.49
C PHE D 35 13.63 1.46 -40.02
N GLY D 36 12.67 2.24 -39.53
CA GLY D 36 12.21 2.09 -38.14
C GLY D 36 11.61 0.72 -37.90
N TYR D 37 10.83 0.25 -38.88
CA TYR D 37 10.23 -1.08 -38.82
C TYR D 37 11.25 -2.21 -38.73
N VAL D 38 12.21 -2.25 -39.64
CA VAL D 38 13.18 -3.35 -39.63
C VAL D 38 14.10 -3.35 -38.42
N GLN D 39 14.48 -2.17 -37.93
CA GLN D 39 15.31 -2.09 -36.72
C GLN D 39 14.57 -2.70 -35.54
N ALA D 40 13.28 -2.35 -35.41
CA ALA D 40 12.44 -2.88 -34.34
C ALA D 40 12.23 -4.39 -34.51
N GLN D 41 11.98 -4.82 -35.75
CA GLN D 41 11.76 -6.23 -36.05
C GLN D 41 12.94 -7.10 -35.60
N ASP D 42 14.16 -6.59 -35.77
CA ASP D 42 15.36 -7.32 -35.39
C ASP D 42 15.84 -7.04 -33.97
N ASN D 43 15.52 -5.89 -33.39
CA ASN D 43 16.17 -5.52 -32.13
C ASN D 43 15.26 -4.88 -31.08
N LEU D 44 14.02 -5.35 -31.03
CA LEU D 44 13.00 -4.69 -30.23
C LEU D 44 13.41 -4.52 -28.77
N CYS D 45 13.90 -5.59 -28.14
CA CYS D 45 14.18 -5.53 -26.70
C CYS D 45 15.28 -4.52 -26.35
N THR D 46 16.38 -4.52 -27.11
CA THR D 46 17.43 -3.52 -26.94
C THR D 46 16.88 -2.09 -27.11
N MET D 47 16.08 -1.87 -28.15
CA MET D 47 15.55 -0.56 -28.49
C MET D 47 14.52 -0.05 -27.49
N ALA D 48 13.57 -0.89 -27.11
CA ALA D 48 12.52 -0.47 -26.18
C ALA D 48 13.17 -0.09 -24.88
N ASP D 49 14.09 -0.92 -24.43
CA ASP D 49 14.87 -0.59 -23.25
C ASP D 49 15.54 0.77 -23.46
N SER D 50 16.10 1.00 -24.65
CA SER D 50 16.85 2.24 -24.90
C SER D 50 15.97 3.48 -24.85
N PHE D 51 14.73 3.38 -25.32
CA PHE D 51 13.86 4.54 -25.29
C PHE D 51 13.46 4.97 -23.88
N LEU D 52 13.49 4.05 -22.92
CA LEU D 52 13.38 4.41 -21.50
C LEU D 52 14.57 5.27 -21.06
N THR D 53 15.75 4.92 -21.54
CA THR D 53 16.95 5.64 -21.17
C THR D 53 16.84 7.11 -21.58
N TYR D 54 16.56 7.36 -22.86
CA TYR D 54 16.55 8.72 -23.40
C TYR D 54 15.38 9.55 -22.87
N ARG D 55 14.24 8.89 -22.65
CA ARG D 55 13.07 9.52 -22.05
C ARG D 55 13.24 9.72 -20.53
N GLY D 56 14.22 9.04 -19.94
CA GLY D 56 14.41 9.08 -18.50
C GLY D 56 13.31 8.36 -17.76
N GLU D 57 12.82 7.26 -18.32
CA GLU D 57 11.77 6.47 -17.67
C GLU D 57 12.24 5.08 -17.27
N ARG D 58 13.54 4.89 -17.08
CA ARG D 58 14.09 3.61 -16.62
C ARG D 58 13.56 3.19 -15.24
N SER D 59 13.64 4.12 -14.29
CA SER D 59 13.42 3.81 -12.87
C SER D 59 12.01 3.34 -12.60
N ARG D 60 11.03 4.00 -13.22
CA ARG D 60 9.63 3.59 -13.14
C ARG D 60 9.41 2.11 -13.44
N HIS D 61 10.12 1.61 -14.46
CA HIS D 61 9.92 0.25 -14.92
C HIS D 61 10.85 -0.71 -14.25
N LEU D 62 12.13 -0.34 -14.16
CA LEU D 62 13.18 -1.27 -13.72
C LEU D 62 13.73 -1.02 -12.30
N GLY D 63 13.22 -0.01 -11.61
CA GLY D 63 13.72 0.32 -10.28
C GLY D 63 14.91 1.25 -10.37
N GLY D 64 14.99 2.19 -9.44
CA GLY D 64 15.95 3.29 -9.50
C GLY D 64 17.39 2.91 -9.25
N SER D 65 17.61 1.88 -8.44
CA SER D 65 18.95 1.49 -8.02
C SER D 65 19.66 0.46 -8.91
N ALA D 66 18.94 -0.15 -9.85
CA ALA D 66 19.58 -1.04 -10.80
C ALA D 66 20.36 -0.20 -11.81
N GLN D 67 21.44 -0.77 -12.35
CA GLN D 67 22.22 -0.12 -13.40
C GLN D 67 21.55 -0.31 -14.76
N LEU D 68 21.89 0.55 -15.71
CA LEU D 68 21.58 0.30 -17.12
C LEU D 68 21.86 -1.16 -17.46
N VAL D 69 20.97 -1.76 -18.25
CA VAL D 69 21.17 -3.13 -18.69
C VAL D 69 22.39 -3.24 -19.63
N TYR D 70 22.48 -2.34 -20.60
CA TYR D 70 23.53 -2.45 -21.63
C TYR D 70 24.59 -1.36 -21.48
N ASN D 71 25.84 -1.72 -21.79
CA ASN D 71 26.88 -0.73 -21.94
C ASN D 71 26.65 0.06 -23.22
N SER D 72 27.13 1.30 -23.22
CA SER D 72 27.02 2.21 -24.37
C SER D 72 27.96 3.38 -24.12
N THR D 73 27.86 4.41 -24.95
CA THR D 73 28.59 5.67 -24.74
C THR D 73 28.23 6.26 -23.38
N LEU D 74 27.07 5.90 -22.88
CA LEU D 74 26.60 6.36 -21.58
C LEU D 74 27.28 5.67 -20.39
N GLY D 75 27.97 4.56 -20.64
CA GLY D 75 28.47 3.71 -19.56
C GLY D 75 27.28 3.08 -18.85
N ARG D 76 27.47 2.62 -17.61
CA ARG D 76 26.39 1.97 -16.88
C ARG D 76 26.09 2.57 -15.50
N PRO D 77 25.59 3.82 -15.44
CA PRO D 77 25.19 4.42 -14.16
C PRO D 77 23.92 3.77 -13.61
N ARG D 78 23.45 4.26 -12.46
CA ARG D 78 22.19 3.78 -11.90
C ARG D 78 21.03 4.41 -12.67
N ASN D 79 19.94 3.66 -12.77
CA ASN D 79 18.70 4.13 -13.42
C ASN D 79 18.26 5.52 -12.97
N ILE D 80 18.11 5.72 -11.66
CA ILE D 80 17.71 7.01 -11.11
C ILE D 80 18.55 8.18 -11.67
N ASP D 81 19.87 8.02 -11.68
CA ASP D 81 20.77 9.10 -12.10
C ASP D 81 20.72 9.30 -13.61
N SER D 82 20.74 8.20 -14.35
CA SER D 82 20.54 8.26 -15.80
C SER D 82 19.25 9.03 -16.12
N ASP D 83 18.19 8.74 -15.36
CA ASP D 83 16.89 9.39 -15.59
C ASP D 83 16.98 10.90 -15.43
N PHE D 84 17.57 11.35 -14.32
CA PHE D 84 17.76 12.78 -14.10
C PHE D 84 18.67 13.42 -15.14
N PHE D 85 19.75 12.71 -15.53
CA PHE D 85 20.64 13.22 -16.56
C PHE D 85 19.88 13.56 -17.83
N HIS D 86 19.16 12.57 -18.35
CA HIS D 86 18.42 12.71 -19.59
C HIS D 86 17.28 13.68 -19.53
N ARG D 87 16.57 13.73 -18.40
CA ARG D 87 15.47 14.70 -18.21
C ARG D 87 16.02 16.11 -18.19
N HIS D 88 17.20 16.25 -17.58
CA HIS D 88 17.84 17.54 -17.38
C HIS D 88 18.51 18.05 -18.61
N VAL D 89 19.37 17.23 -19.23
CA VAL D 89 20.16 17.66 -20.38
C VAL D 89 19.37 17.55 -21.68
N ILE D 90 18.68 16.43 -21.85
CA ILE D 90 17.81 16.25 -23.01
C ILE D 90 16.39 16.66 -22.63
N SER D 91 16.26 17.94 -22.32
CA SER D 91 15.00 18.54 -21.92
C SER D 91 14.13 18.73 -23.15
N ASP D 92 12.88 19.12 -22.93
CA ASP D 92 11.99 19.49 -24.03
C ASP D 92 12.53 20.68 -24.83
N GLU D 93 13.14 21.63 -24.14
CA GLU D 93 13.77 22.77 -24.82
C GLU D 93 14.92 22.33 -25.74
N ALA D 94 15.73 21.39 -25.27
CA ALA D 94 16.80 20.81 -26.08
C ALA D 94 16.24 20.12 -27.33
N VAL D 95 15.11 19.43 -27.18
CA VAL D 95 14.49 18.73 -28.30
C VAL D 95 13.91 19.75 -29.29
N ASP D 96 13.13 20.70 -28.76
CA ASP D 96 12.61 21.83 -29.56
C ASP D 96 13.71 22.51 -30.39
N ARG D 97 14.83 22.81 -29.75
CA ARG D 97 15.95 23.46 -30.44
C ARG D 97 16.58 22.57 -31.51
N THR D 98 16.76 21.28 -31.19
CA THR D 98 17.30 20.32 -32.15
C THR D 98 16.41 20.24 -33.40
N MET D 99 15.10 20.12 -33.19
CA MET D 99 14.15 19.96 -34.28
C MET D 99 14.04 21.21 -35.18
N ALA D 100 14.14 22.37 -34.56
CA ALA D 100 14.02 23.65 -35.27
C ALA D 100 15.09 23.82 -36.35
N ALA D 101 16.24 23.21 -36.13
CA ALA D 101 17.38 23.32 -37.04
C ALA D 101 17.35 22.29 -38.19
N GLN D 102 16.37 21.40 -38.19
CA GLN D 102 16.35 20.30 -39.16
C GLN D 102 15.69 20.67 -40.48
N PRO D 103 16.17 20.08 -41.59
CA PRO D 103 15.45 20.21 -42.87
C PRO D 103 14.19 19.36 -42.85
N ALA D 104 13.16 19.84 -43.55
CA ALA D 104 11.84 19.18 -43.60
C ALA D 104 11.94 17.67 -43.82
N LYS D 105 12.77 17.26 -44.77
CA LYS D 105 12.91 15.86 -45.13
C LYS D 105 13.37 14.96 -43.99
N LEU D 106 14.18 15.50 -43.08
CA LEU D 106 14.65 14.74 -41.93
C LEU D 106 13.62 14.65 -40.83
N LEU D 107 12.91 15.76 -40.59
CA LEU D 107 11.79 15.76 -39.66
C LEU D 107 10.74 14.74 -40.08
N GLN D 108 10.57 14.56 -41.39
CA GLN D 108 9.58 13.60 -41.91
C GLN D 108 10.12 12.18 -41.79
N MET D 109 11.42 12.02 -42.00
CA MET D 109 12.05 10.72 -41.89
C MET D 109 11.91 10.16 -40.47
N VAL D 110 12.14 11.02 -39.48
CA VAL D 110 12.07 10.66 -38.07
C VAL D 110 10.63 10.37 -37.62
N GLU D 111 9.67 11.12 -38.15
CA GLU D 111 8.26 10.83 -37.93
C GLU D 111 7.89 9.47 -38.53
N GLY D 112 8.39 9.20 -39.72
CA GLY D 112 8.21 7.91 -40.38
C GLY D 112 8.81 6.81 -39.52
N PHE D 113 10.06 7.03 -39.12
CA PHE D 113 10.84 6.10 -38.30
C PHE D 113 10.11 5.72 -37.01
N ALA D 114 9.59 6.70 -36.28
CA ALA D 114 8.79 6.42 -35.09
C ALA D 114 7.54 5.60 -35.42
N ALA D 115 6.84 6.01 -36.49
CA ALA D 115 5.65 5.29 -36.96
C ALA D 115 5.94 3.82 -37.32
N GLY D 116 7.08 3.59 -37.98
CA GLY D 116 7.50 2.24 -38.37
C GLY D 116 7.83 1.38 -37.16
N TYR D 117 8.58 1.96 -36.23
CA TYR D 117 8.87 1.34 -34.93
C TYR D 117 7.59 0.97 -34.19
N ASN D 118 6.65 1.93 -34.11
CA ASN D 118 5.34 1.71 -33.51
C ASN D 118 4.53 0.61 -34.19
N ARG D 119 4.61 0.56 -35.53
CA ARG D 119 3.96 -0.51 -36.28
C ARG D 119 4.44 -1.89 -35.80
N TYR D 120 5.75 -2.06 -35.70
CA TYR D 120 6.27 -3.34 -35.28
C TYR D 120 5.90 -3.65 -33.83
N VAL D 121 5.84 -2.62 -32.99
CA VAL D 121 5.38 -2.79 -31.61
C VAL D 121 3.94 -3.31 -31.53
N ARG D 122 3.08 -2.85 -32.44
CA ARG D 122 1.70 -3.34 -32.44
C ARG D 122 1.70 -4.82 -32.84
N GLU D 123 2.60 -5.19 -33.76
CA GLU D 123 2.71 -6.57 -34.20
C GLU D 123 3.22 -7.51 -33.11
N ALA D 124 4.28 -7.09 -32.42
CA ALA D 124 4.86 -7.88 -31.32
C ALA D 124 3.87 -8.05 -30.19
N LYS D 125 3.14 -6.99 -29.90
CA LYS D 125 2.12 -7.05 -28.87
C LYS D 125 1.00 -8.01 -29.25
N ALA D 126 0.70 -8.12 -30.55
CA ALA D 126 -0.44 -8.93 -31.00
C ALA D 126 -0.18 -10.43 -30.94
N GLY D 127 1.08 -10.85 -31.06
CA GLY D 127 1.38 -12.27 -31.08
C GLY D 127 2.75 -12.56 -31.60
N GLY D 128 3.00 -13.84 -31.87
CA GLY D 128 4.25 -14.29 -32.49
C GLY D 128 5.29 -14.68 -31.47
N SER D 129 6.36 -15.31 -31.94
CA SER D 129 7.40 -15.84 -31.05
C SER D 129 8.64 -14.95 -30.96
N ALA D 130 8.73 -13.95 -31.84
CA ALA D 130 9.86 -13.02 -31.82
C ALA D 130 9.88 -12.21 -30.54
N HIS D 131 11.08 -11.94 -30.04
CA HIS D 131 11.30 -11.10 -28.88
C HIS D 131 10.59 -11.61 -27.66
N ALA D 132 10.64 -12.92 -27.46
CA ALA D 132 9.96 -13.55 -26.33
C ALA D 132 10.48 -12.99 -25.00
N ALA D 133 11.71 -12.48 -25.01
CA ALA D 133 12.31 -11.91 -23.80
C ALA D 133 11.56 -10.67 -23.27
N CYS D 134 10.96 -9.86 -24.14
CA CYS D 134 10.44 -8.58 -23.66
C CYS D 134 9.05 -8.18 -24.18
N ARG D 135 8.54 -8.86 -25.19
CA ARG D 135 7.29 -8.44 -25.87
C ARG D 135 6.08 -8.13 -24.97
N SER D 136 5.99 -8.77 -23.82
CA SER D 136 4.85 -8.58 -22.93
C SER D 136 5.11 -7.55 -21.84
N GLU D 137 6.28 -6.90 -21.87
CA GLU D 137 6.64 -5.92 -20.84
C GLU D 137 6.01 -4.56 -21.10
N ALA D 138 5.72 -3.81 -20.04
CA ALA D 138 5.07 -2.50 -20.17
C ALA D 138 5.92 -1.46 -20.92
N TRP D 139 7.24 -1.62 -20.85
CA TRP D 139 8.18 -0.69 -21.50
C TRP D 139 8.42 -0.93 -22.97
N VAL D 140 7.79 -1.99 -23.50
CA VAL D 140 7.65 -2.16 -24.93
C VAL D 140 6.35 -1.46 -25.29
N GLN D 141 6.48 -0.29 -25.91
CA GLN D 141 5.38 0.66 -26.10
C GLN D 141 5.68 1.63 -27.25
N PRO D 142 4.64 2.25 -27.82
CA PRO D 142 4.87 3.24 -28.88
C PRO D 142 5.76 4.41 -28.43
N ILE D 143 6.44 5.03 -29.40
CA ILE D 143 7.28 6.19 -29.13
C ILE D 143 6.86 7.32 -30.06
N THR D 144 7.39 8.52 -29.81
CA THR D 144 7.08 9.67 -30.64
C THR D 144 8.30 10.07 -31.47
N ALA D 145 8.10 10.97 -32.43
CA ALA D 145 9.20 11.52 -33.22
C ALA D 145 10.20 12.22 -32.30
N ARG D 146 9.65 12.97 -31.35
CA ARG D 146 10.44 13.62 -30.31
C ARG D 146 11.37 12.65 -29.56
N ASP D 147 10.89 11.43 -29.29
CA ASP D 147 11.72 10.42 -28.65
C ASP D 147 12.92 10.00 -29.51
N VAL D 148 12.71 9.94 -30.83
CA VAL D 148 13.81 9.59 -31.73
C VAL D 148 14.86 10.71 -31.74
N TRP D 149 14.37 11.94 -31.70
CA TRP D 149 15.24 13.12 -31.56
C TRP D 149 16.00 13.12 -30.26
N ARG D 150 15.36 12.70 -29.17
CA ARG D 150 16.08 12.51 -27.91
C ARG D 150 17.27 11.59 -28.11
N ARG D 151 17.02 10.47 -28.78
CA ARG D 151 18.02 9.45 -29.04
C ARG D 151 19.15 9.99 -29.92
N ILE D 152 18.77 10.79 -30.91
CA ILE D 152 19.72 11.40 -31.85
C ILE D 152 20.61 12.40 -31.11
N TYR D 153 19.99 13.23 -30.28
CA TYR D 153 20.71 14.21 -29.49
C TYR D 153 21.68 13.52 -28.53
N ALA D 154 21.22 12.46 -27.87
CA ALA D 154 22.06 11.65 -26.97
C ALA D 154 23.35 11.15 -27.62
N ALA D 155 23.25 10.66 -28.86
CA ALA D 155 24.42 10.18 -29.61
C ALA D 155 25.53 11.23 -29.74
N ASN D 156 25.14 12.51 -29.84
CA ASN D 156 26.10 13.59 -29.99
C ASN D 156 26.90 13.92 -28.73
N LEU D 157 26.41 13.48 -27.58
CA LEU D 157 26.95 13.89 -26.29
C LEU D 157 28.07 13.01 -25.77
N ALA D 158 28.42 11.98 -26.54
CA ALA D 158 29.36 10.94 -26.09
C ALA D 158 30.72 11.47 -25.68
N GLY D 159 31.15 12.55 -26.30
CA GLY D 159 32.47 13.10 -26.07
C GLY D 159 32.53 13.99 -24.84
N GLY D 160 31.37 14.27 -24.26
CA GLY D 160 31.27 15.22 -23.15
C GLY D 160 30.27 14.80 -22.10
N TYR D 161 29.04 15.32 -22.20
CA TYR D 161 28.04 15.14 -21.14
C TYR D 161 27.79 13.69 -20.77
N SER D 162 27.77 12.81 -21.78
CA SER D 162 27.51 11.40 -21.55
C SER D 162 28.46 10.78 -20.54
N ASN D 163 29.71 11.24 -20.58
CA ASN D 163 30.75 10.76 -19.70
C ASN D 163 30.60 11.22 -18.25
N PHE D 164 29.78 12.26 -18.03
CA PHE D 164 29.56 12.78 -16.69
C PHE D 164 28.08 12.74 -16.30
N ALA D 165 27.39 11.74 -16.82
CA ALA D 165 25.95 11.61 -16.60
C ALA D 165 25.62 11.61 -15.11
N GLU D 166 26.29 10.74 -14.35
CA GLU D 166 25.98 10.61 -12.93
C GLU D 166 26.33 11.88 -12.14
N ALA D 167 27.40 12.54 -12.55
CA ALA D 167 27.86 13.76 -11.87
C ALA D 167 26.97 14.96 -12.18
N ILE D 168 26.40 14.99 -13.38
CA ILE D 168 25.45 16.03 -13.77
C ILE D 168 24.11 15.83 -13.04
N ALA D 169 23.75 14.56 -12.83
CA ALA D 169 22.49 14.21 -12.16
C ALA D 169 22.49 14.53 -10.67
N ASN D 170 23.69 14.72 -10.11
CA ASN D 170 23.86 14.93 -8.68
C ASN D 170 24.52 16.24 -8.29
N ALA D 171 24.57 17.18 -9.24
CA ALA D 171 25.07 18.52 -8.96
C ALA D 171 24.02 19.36 -8.24
N GLN D 172 24.25 19.62 -6.95
CA GLN D 172 23.38 20.52 -6.15
C GLN D 172 24.11 21.30 -5.06
N PRO D 173 23.62 22.52 -4.75
CA PRO D 173 24.24 23.39 -3.75
C PRO D 173 24.11 22.81 -2.33
N PRO D 174 24.95 23.27 -1.38
CA PRO D 174 24.91 22.79 0.01
C PRO D 174 23.67 23.25 0.80
N PHE E 8 43.57 20.38 -1.09
CA PHE E 8 43.55 19.47 -2.26
C PHE E 8 44.64 18.41 -2.16
N GLU E 9 44.23 17.16 -1.96
CA GLU E 9 45.15 16.02 -1.92
C GLU E 9 45.11 15.27 -3.26
N PRO E 10 46.17 15.42 -4.09
CA PRO E 10 46.18 14.86 -5.45
C PRO E 10 46.01 13.33 -5.48
N GLY E 11 46.30 12.69 -4.35
CA GLY E 11 46.19 11.23 -4.21
C GLY E 11 44.79 10.73 -3.91
N ARG E 12 43.84 11.66 -3.74
CA ARG E 12 42.42 11.32 -3.60
C ARG E 12 41.65 11.55 -4.90
N THR E 13 42.39 11.90 -5.96
CA THR E 13 41.83 12.09 -7.30
C THR E 13 41.53 10.75 -7.97
N ARG E 14 40.35 10.66 -8.58
CA ARG E 14 39.93 9.48 -9.32
C ARG E 14 39.65 9.92 -10.72
N ALA E 15 40.46 9.44 -11.67
CA ALA E 15 40.30 9.78 -13.08
C ALA E 15 39.00 9.17 -13.62
N PRO E 16 38.25 9.95 -14.42
CA PRO E 16 37.02 9.43 -15.04
C PRO E 16 37.34 8.67 -16.32
N SER E 17 36.31 8.08 -16.94
CA SER E 17 36.41 7.51 -18.29
C SER E 17 36.41 8.63 -19.35
N LEU E 18 37.50 8.72 -20.12
CA LEU E 18 37.68 9.81 -21.10
C LEU E 18 37.71 9.35 -22.57
N GLN E 19 37.94 8.06 -22.77
CA GLN E 19 37.95 7.48 -24.11
C GLN E 19 36.53 6.98 -24.46
N VAL E 20 35.84 7.72 -25.34
CA VAL E 20 34.56 7.25 -25.90
C VAL E 20 34.69 5.84 -26.51
N GLY E 21 34.01 4.86 -25.90
CA GLY E 21 34.05 3.47 -26.36
C GLY E 21 34.99 2.57 -25.57
N GLY E 22 35.87 3.16 -24.78
CA GLY E 22 36.88 2.44 -24.00
C GLY E 22 36.41 2.06 -22.60
N SER F 1 39.03 1.54 -32.84
CA SER F 1 38.59 1.57 -34.25
C SER F 1 39.79 1.78 -35.15
N ASN F 2 39.74 1.24 -36.36
CA ASN F 2 40.78 1.47 -37.39
C ASN F 2 40.09 1.92 -38.65
N MET F 3 40.82 2.64 -39.50
CA MET F 3 40.37 2.81 -40.88
C MET F 3 41.53 3.09 -41.84
N TYR F 4 41.38 2.65 -43.08
CA TYR F 4 42.33 2.97 -44.14
C TYR F 4 41.61 3.64 -45.29
N GLY F 5 42.26 4.63 -45.90
CA GLY F 5 41.83 5.16 -47.19
C GLY F 5 42.97 4.92 -48.14
N PHE F 6 42.77 4.10 -49.16
CA PHE F 6 43.83 3.84 -50.12
C PHE F 6 43.60 4.57 -51.44
N GLY F 7 44.60 5.33 -51.87
CA GLY F 7 44.51 6.06 -53.12
C GLY F 7 44.81 5.16 -54.31
N THR F 8 44.56 5.70 -55.50
CA THR F 8 44.74 4.97 -56.76
C THR F 8 46.18 4.53 -57.01
N ALA F 9 47.14 5.36 -56.61
CA ALA F 9 48.55 4.98 -56.66
C ALA F 9 48.77 3.66 -55.89
N ALA F 10 48.09 3.53 -54.74
CA ALA F 10 48.22 2.34 -53.89
C ALA F 10 47.39 1.12 -54.34
N THR F 11 46.30 1.34 -55.08
CA THR F 11 45.45 0.23 -55.51
C THR F 11 45.83 -0.28 -56.89
N GLY F 12 46.43 0.60 -57.70
CA GLY F 12 46.83 0.27 -59.06
C GLY F 12 45.72 0.52 -60.06
N GLU F 13 44.50 0.66 -59.56
CA GLU F 13 43.29 0.77 -60.38
C GLU F 13 42.81 2.22 -60.52
N GLY F 14 41.59 2.37 -61.05
CA GLY F 14 40.99 3.67 -61.30
C GLY F 14 40.36 4.33 -60.08
N SER F 15 40.10 3.54 -59.04
CA SER F 15 39.59 4.09 -57.79
C SER F 15 40.39 3.59 -56.59
N GLY F 16 40.12 4.18 -55.43
CA GLY F 16 40.73 3.75 -54.18
C GLY F 16 39.98 2.63 -53.46
N VAL F 17 40.46 2.31 -52.27
CA VAL F 17 39.86 1.29 -51.43
C VAL F 17 39.70 1.88 -50.03
N LEU F 18 38.51 1.74 -49.51
CA LEU F 18 38.19 2.22 -48.19
C LEU F 18 38.06 1.02 -47.26
N PHE F 19 38.73 1.07 -46.12
CA PHE F 19 38.54 0.05 -45.08
C PHE F 19 37.94 0.71 -43.84
N GLY F 20 36.74 0.28 -43.47
CA GLY F 20 36.06 0.75 -42.27
C GLY F 20 36.02 -0.34 -41.21
N ASN F 21 36.45 -0.01 -39.99
CA ASN F 21 36.64 -1.01 -38.92
C ASN F 21 36.42 -0.36 -37.54
N PRO F 22 35.21 0.16 -37.29
CA PRO F 22 34.94 0.68 -35.95
C PRO F 22 34.97 -0.42 -34.89
N HIS F 23 35.74 -0.23 -33.83
CA HIS F 23 35.67 -1.13 -32.66
C HIS F 23 34.64 -0.57 -31.71
N TRP F 24 33.56 -1.32 -31.55
CA TRP F 24 32.36 -0.78 -30.94
C TRP F 24 31.64 -1.85 -30.15
N TYR F 25 30.50 -1.48 -29.55
CA TYR F 25 29.69 -2.38 -28.72
C TYR F 25 29.08 -3.51 -29.53
N TRP F 26 29.01 -4.68 -28.89
CA TRP F 26 28.37 -5.85 -29.47
C TRP F 26 26.94 -6.00 -29.02
N LYS F 27 26.57 -5.30 -27.96
CA LYS F 27 25.21 -5.29 -27.43
C LYS F 27 24.80 -3.87 -27.04
N GLY F 28 23.51 -3.59 -27.02
CA GLY F 28 23.03 -2.30 -26.55
C GLY F 28 22.64 -1.35 -27.66
N PRO F 29 22.03 -0.21 -27.31
CA PRO F 29 21.43 0.64 -28.36
C PRO F 29 22.44 1.34 -29.25
N ASP F 30 23.67 1.47 -28.77
CA ASP F 30 24.73 2.05 -29.59
C ASP F 30 25.32 1.06 -30.61
N ARG F 31 24.93 -0.23 -30.55
CA ARG F 31 25.41 -1.23 -31.55
C ARG F 31 24.99 -0.85 -32.97
N PHE F 32 25.79 -1.25 -33.95
CA PHE F 32 25.46 -0.98 -35.34
C PHE F 32 24.40 -1.93 -35.89
N TYR F 33 23.61 -1.41 -36.81
CA TYR F 33 22.62 -2.14 -37.58
C TYR F 33 22.89 -1.87 -39.06
N GLN F 34 23.03 -2.93 -39.85
CA GLN F 34 23.39 -2.81 -41.26
C GLN F 34 22.17 -2.72 -42.19
N ALA F 35 22.19 -1.74 -43.09
CA ALA F 35 21.05 -1.51 -43.97
C ALA F 35 21.36 -0.66 -45.20
N GLN F 36 20.48 -0.78 -46.20
CA GLN F 36 20.53 0.06 -47.39
C GLN F 36 19.23 0.85 -47.50
N LEU F 37 19.36 2.14 -47.81
CA LEU F 37 18.22 3.06 -48.00
C LEU F 37 18.19 3.58 -49.42
N THR F 38 17.08 3.33 -50.10
CA THR F 38 16.91 3.74 -51.48
C THR F 38 15.68 4.62 -51.57
N ILE F 39 15.92 5.93 -51.70
CA ILE F 39 14.86 6.91 -51.79
C ILE F 39 14.84 7.45 -53.20
N ASP F 40 13.74 7.14 -53.90
CA ASP F 40 13.42 7.51 -55.27
C ASP F 40 14.06 8.83 -55.71
N GLY F 41 15.06 8.73 -56.59
CA GLY F 41 15.76 9.87 -57.15
C GLY F 41 16.56 10.76 -56.21
N GLU F 42 16.76 10.31 -54.97
CA GLU F 42 17.35 11.17 -53.93
C GLU F 42 18.54 10.57 -53.21
N ALA F 43 18.54 9.25 -53.02
CA ALA F 43 19.60 8.58 -52.28
C ALA F 43 19.60 7.08 -52.49
N ASN F 44 20.80 6.52 -52.56
CA ASN F 44 21.00 5.09 -52.50
C ASN F 44 22.27 4.87 -51.72
N VAL F 45 22.11 4.49 -50.45
CA VAL F 45 23.20 4.45 -49.51
C VAL F 45 23.12 3.16 -48.69
N SER F 46 24.28 2.61 -48.39
CA SER F 46 24.33 1.38 -47.64
C SER F 46 25.40 1.51 -46.59
N GLY F 47 25.20 0.76 -45.51
CA GLY F 47 26.12 0.71 -44.40
C GLY F 47 25.38 0.52 -43.09
N VAL F 48 25.73 1.32 -42.10
CA VAL F 48 25.37 1.02 -40.72
C VAL F 48 24.94 2.28 -39.95
N SER F 49 23.95 2.13 -39.07
CA SER F 49 23.48 3.15 -38.14
C SER F 49 23.50 2.56 -36.74
N PHE F 50 23.66 3.40 -35.72
CA PHE F 50 23.30 2.98 -34.36
C PHE F 50 21.83 2.57 -34.41
N LEU F 51 21.43 1.65 -33.56
CA LEU F 51 20.02 1.38 -33.35
C LEU F 51 19.31 2.64 -32.85
N GLY F 52 18.24 3.02 -33.54
CA GLY F 52 17.52 4.25 -33.20
C GLY F 52 17.83 5.42 -34.11
N LEU F 53 18.86 5.28 -34.94
CA LEU F 53 19.27 6.33 -35.89
C LEU F 53 18.78 6.06 -37.30
N PRO F 54 18.24 7.09 -37.97
CA PRO F 54 17.58 6.90 -39.26
C PRO F 54 18.45 7.09 -40.51
N VAL F 55 19.67 7.58 -40.38
CA VAL F 55 20.52 7.70 -41.56
C VAL F 55 21.81 6.95 -41.34
N ILE F 56 22.50 6.65 -42.43
CA ILE F 56 23.73 5.88 -42.40
C ILE F 56 24.92 6.72 -41.91
N GLN F 57 25.66 6.18 -40.94
CA GLN F 57 26.77 6.90 -40.31
C GLN F 57 28.13 6.44 -40.83
N ILE F 58 28.21 5.14 -41.11
CA ILE F 58 29.40 4.56 -41.72
C ILE F 58 28.89 3.71 -42.87
N GLY F 59 29.40 3.97 -44.07
CA GLY F 59 28.90 3.27 -45.22
C GLY F 59 29.48 3.80 -46.52
N PHE F 60 28.65 3.79 -47.55
CA PHE F 60 29.08 4.03 -48.91
C PHE F 60 27.85 4.25 -49.78
N ASN F 61 28.07 4.86 -50.95
CA ASN F 61 27.03 4.97 -51.96
C ASN F 61 27.71 4.73 -53.32
N ASP F 62 27.00 4.88 -54.43
CA ASP F 62 27.62 4.63 -55.73
C ASP F 62 28.84 5.53 -56.02
N SER F 63 29.11 6.49 -55.14
CA SER F 63 30.17 7.49 -55.40
C SER F 63 31.26 7.62 -54.32
N VAL F 64 30.87 7.62 -53.05
CA VAL F 64 31.84 7.78 -51.97
C VAL F 64 31.70 6.65 -50.97
N ALA F 65 32.79 6.38 -50.25
CA ALA F 65 32.74 5.43 -49.11
C ALA F 65 33.55 6.07 -47.98
N TRP F 66 33.08 5.92 -46.75
CA TRP F 66 33.75 6.54 -45.62
C TRP F 66 33.60 5.74 -44.36
N SER F 67 34.44 6.05 -43.39
CA SER F 67 34.30 5.48 -42.06
C SER F 67 34.77 6.49 -41.00
N HIS F 68 34.66 6.08 -39.73
CA HIS F 68 35.03 6.92 -38.58
C HIS F 68 35.80 6.18 -37.52
N THR F 69 36.69 6.90 -36.85
CA THR F 69 37.31 6.43 -35.61
C THR F 69 37.21 7.53 -34.55
N VAL F 70 37.03 7.13 -33.29
CA VAL F 70 37.04 8.08 -32.17
C VAL F 70 38.33 8.88 -32.22
N SER F 71 38.16 10.20 -32.15
CA SER F 71 39.24 11.15 -32.24
C SER F 71 39.80 11.51 -30.86
N THR F 72 41.10 11.84 -30.82
CA THR F 72 41.74 12.30 -29.59
C THR F 72 41.32 13.71 -29.18
N ALA F 73 40.73 14.48 -30.09
CA ALA F 73 40.33 15.86 -29.79
C ALA F 73 39.23 15.91 -28.73
N ARG F 74 39.52 16.63 -27.64
CA ARG F 74 38.57 16.85 -26.56
C ARG F 74 37.42 17.73 -27.04
N ARG F 75 36.23 17.41 -26.56
CA ARG F 75 35.00 18.03 -27.05
C ARG F 75 34.25 18.77 -25.94
N PHE F 76 34.88 18.88 -24.78
CA PHE F 76 34.24 19.48 -23.62
C PHE F 76 35.25 20.22 -22.77
N GLY F 77 34.73 21.00 -21.82
CA GLY F 77 35.56 21.76 -20.90
C GLY F 77 34.80 21.97 -19.63
N PHE F 78 35.51 22.27 -18.55
CA PHE F 78 34.87 22.67 -17.30
C PHE F 78 35.01 24.17 -17.09
N PHE F 79 33.98 24.76 -16.48
CA PHE F 79 34.04 26.14 -16.02
C PHE F 79 33.86 26.19 -14.51
N GLN F 80 34.85 26.78 -13.85
CA GLN F 80 34.79 27.01 -12.41
C GLN F 80 34.01 28.30 -12.16
N LEU F 81 33.04 28.23 -11.25
CA LEU F 81 32.16 29.35 -10.97
C LEU F 81 32.46 29.96 -9.60
N SER F 82 32.58 31.28 -9.60
CA SER F 82 32.71 32.04 -8.35
C SER F 82 31.32 32.40 -7.83
N LEU F 83 30.90 31.72 -6.77
CA LEU F 83 29.54 31.86 -6.26
C LEU F 83 29.35 33.15 -5.45
N VAL F 84 28.14 33.72 -5.55
CA VAL F 84 27.73 34.83 -4.71
C VAL F 84 27.57 34.34 -3.27
N GLN F 85 28.15 35.08 -2.33
CA GLN F 85 28.11 34.70 -0.92
C GLN F 85 26.67 34.82 -0.42
N GLY F 86 26.20 33.78 0.27
CA GLY F 86 24.81 33.71 0.74
C GLY F 86 23.82 33.16 -0.29
N GLU F 87 24.29 32.99 -1.53
CA GLU F 87 23.45 32.55 -2.64
C GLU F 87 24.20 31.53 -3.52
N PRO F 88 24.30 30.28 -3.05
CA PRO F 88 25.06 29.24 -3.77
C PRO F 88 24.52 28.83 -5.15
N THR F 89 23.43 29.44 -5.61
CA THR F 89 22.88 29.16 -6.96
C THR F 89 23.04 30.36 -7.89
N SER F 90 23.87 31.31 -7.49
CA SER F 90 24.26 32.42 -8.36
C SER F 90 25.78 32.48 -8.51
N TYR F 91 26.23 32.97 -9.67
CA TYR F 91 27.65 33.04 -9.97
C TYR F 91 28.02 34.35 -10.64
N LEU F 92 29.26 34.79 -10.42
CA LEU F 92 29.72 36.09 -10.89
C LEU F 92 30.30 36.05 -12.32
N ARG F 93 29.92 37.07 -13.10
CA ARG F 93 30.41 37.28 -14.45
C ARG F 93 30.93 38.71 -14.57
N ASP F 94 32.25 38.87 -14.56
CA ASP F 94 32.91 40.18 -14.54
C ASP F 94 32.32 41.08 -13.45
N GLY F 95 32.24 40.54 -12.24
CA GLY F 95 31.74 41.29 -11.08
C GLY F 95 30.24 41.56 -11.05
N VAL F 96 29.48 40.78 -11.83
CA VAL F 96 28.03 40.91 -11.93
C VAL F 96 27.40 39.56 -11.60
N PRO F 97 26.46 39.54 -10.65
CA PRO F 97 25.83 38.27 -10.29
C PRO F 97 24.85 37.80 -11.38
N VAL F 98 24.86 36.50 -11.66
CA VAL F 98 23.95 35.91 -12.66
C VAL F 98 23.28 34.70 -12.02
N LYS F 99 21.97 34.62 -12.21
CA LYS F 99 21.19 33.49 -11.72
C LYS F 99 21.45 32.24 -12.54
N MET F 100 21.58 31.11 -11.85
CA MET F 100 21.57 29.79 -12.49
C MET F 100 20.13 29.39 -12.76
N LYS F 101 19.88 28.77 -13.92
CA LYS F 101 18.54 28.33 -14.28
C LYS F 101 18.17 27.01 -13.59
N PRO F 102 17.14 27.03 -12.72
CA PRO F 102 16.77 25.80 -12.04
C PRO F 102 15.81 24.97 -12.88
N ALA F 103 15.79 23.67 -12.62
CA ALA F 103 14.78 22.78 -13.15
C ALA F 103 14.42 21.77 -12.07
N THR F 104 13.16 21.80 -11.63
CA THR F 104 12.67 20.86 -10.65
C THR F 104 12.14 19.66 -11.42
N ILE F 105 12.78 18.51 -11.18
CA ILE F 105 12.51 17.30 -11.93
C ILE F 105 12.02 16.20 -11.01
N THR F 106 10.87 15.63 -11.35
CA THR F 106 10.33 14.48 -10.64
C THR F 106 10.43 13.23 -11.52
N VAL F 107 11.00 12.16 -10.96
CA VAL F 107 11.15 10.88 -11.65
C VAL F 107 10.42 9.81 -10.83
N PRO F 108 9.45 9.11 -11.44
CA PRO F 108 8.86 8.00 -10.70
C PRO F 108 9.82 6.82 -10.67
N SER F 109 9.88 6.14 -9.53
CA SER F 109 10.84 5.06 -9.31
C SER F 109 10.18 3.85 -8.64
N ARG F 110 10.34 2.68 -9.26
CA ARG F 110 9.80 1.44 -8.72
C ARG F 110 10.58 1.01 -7.49
N ASN F 111 9.88 0.82 -6.38
CA ASN F 111 10.49 0.34 -5.15
C ASN F 111 10.55 -1.18 -5.15
N ALA F 112 11.48 -1.73 -4.37
CA ALA F 112 11.72 -3.18 -4.32
C ALA F 112 10.47 -4.02 -4.00
N ASP F 113 9.43 -3.39 -3.43
CA ASP F 113 8.18 -4.09 -3.06
C ASP F 113 7.12 -4.12 -4.18
N GLY F 114 7.35 -3.37 -5.25
CA GLY F 114 6.47 -3.37 -6.41
C GLY F 114 5.86 -2.03 -6.74
N SER F 115 5.64 -1.20 -5.71
CA SER F 115 5.02 0.11 -5.89
C SER F 115 5.96 1.15 -6.52
N VAL F 116 5.38 2.24 -7.00
CA VAL F 116 6.12 3.33 -7.68
C VAL F 116 5.90 4.66 -6.96
N SER F 117 7.00 5.27 -6.51
CA SER F 117 6.95 6.57 -5.84
C SER F 117 7.84 7.60 -6.53
N ASP F 118 7.46 8.87 -6.43
CA ASP F 118 8.17 10.00 -7.02
C ASP F 118 9.44 10.33 -6.24
N VAL F 119 10.54 10.51 -6.96
CA VAL F 119 11.75 11.10 -6.38
C VAL F 119 12.06 12.38 -7.13
N THR F 120 12.32 13.45 -6.39
CA THR F 120 12.51 14.73 -7.05
C THR F 120 13.77 15.45 -6.56
N ARG F 121 14.34 16.25 -7.45
CA ARG F 121 15.46 17.13 -7.11
C ARG F 121 15.57 18.28 -8.12
N THR F 122 16.09 19.41 -7.64
CA THR F 122 16.27 20.57 -8.49
C THR F 122 17.70 20.57 -9.00
N LEU F 123 17.83 20.55 -10.32
CA LEU F 123 19.13 20.62 -10.95
C LEU F 123 19.24 21.95 -11.68
N TYR F 124 20.45 22.30 -12.07
CA TYR F 124 20.75 23.66 -12.52
C TYR F 124 21.56 23.68 -13.81
N HIS F 125 21.34 24.73 -14.60
CA HIS F 125 22.17 25.03 -15.74
C HIS F 125 22.85 26.34 -15.51
N SER F 126 24.05 26.48 -16.07
CA SER F 126 24.73 27.78 -16.17
C SER F 126 24.69 28.17 -17.64
N GLU F 127 25.12 29.39 -17.94
CA GLU F 127 25.26 29.83 -19.34
C GLU F 127 26.33 29.02 -20.08
N PHE F 128 27.09 28.20 -19.36
CA PHE F 128 28.07 27.33 -20.00
C PHE F 128 27.52 25.93 -20.32
N GLY F 129 26.47 25.54 -19.60
CA GLY F 129 25.95 24.16 -19.67
C GLY F 129 25.56 23.70 -18.28
N PRO F 130 25.21 22.42 -18.12
CA PRO F 130 24.73 21.91 -16.83
C PRO F 130 25.79 22.01 -15.74
N LEU F 131 25.32 22.20 -14.51
CA LEU F 131 26.18 22.12 -13.33
C LEU F 131 26.60 20.66 -13.16
N VAL F 132 27.77 20.42 -12.57
CA VAL F 132 28.34 19.07 -12.49
C VAL F 132 28.99 18.82 -11.11
N ASN F 133 28.78 17.62 -10.57
CA ASN F 133 29.31 17.22 -9.27
C ASN F 133 30.71 16.59 -9.41
N LEU F 134 31.74 17.36 -9.07
CA LEU F 134 33.13 16.92 -9.26
C LEU F 134 33.79 16.37 -7.99
N ALA F 135 33.00 16.09 -6.97
CA ALA F 135 33.52 15.53 -5.72
C ALA F 135 34.04 14.09 -5.90
N GLY F 136 33.54 13.41 -6.92
CA GLY F 136 34.00 12.07 -7.26
C GLY F 136 35.37 12.10 -7.93
N LEU F 137 35.60 13.15 -8.73
CA LEU F 137 36.90 13.41 -9.34
C LEU F 137 37.94 13.72 -8.27
N ASN F 138 37.55 14.56 -7.31
CA ASN F 138 38.33 14.82 -6.11
C ASN F 138 37.44 15.47 -5.06
N PRO F 139 37.42 14.92 -3.83
CA PRO F 139 36.46 15.41 -2.80
C PRO F 139 36.63 16.90 -2.49
N ALA F 140 37.82 17.44 -2.75
CA ALA F 140 38.07 18.88 -2.61
C ALA F 140 37.36 19.73 -3.68
N LEU F 141 36.81 19.07 -4.69
CA LEU F 141 36.13 19.76 -5.79
C LEU F 141 34.60 19.81 -5.63
N ALA F 142 34.14 19.71 -4.39
CA ALA F 142 32.71 19.71 -4.08
C ALA F 142 32.10 21.08 -4.36
N TRP F 143 30.78 21.11 -4.49
CA TRP F 143 30.04 22.36 -4.63
C TRP F 143 29.92 22.94 -3.24
N SER F 144 30.64 24.03 -3.01
CA SER F 144 30.76 24.63 -1.68
C SER F 144 30.04 25.98 -1.62
N GLN F 145 30.34 26.75 -0.59
CA GLN F 145 29.73 28.06 -0.40
C GLN F 145 30.18 29.08 -1.44
N GLY F 146 31.41 28.94 -1.90
CA GLY F 146 32.02 29.88 -2.83
C GLY F 146 32.35 29.33 -4.22
N THR F 147 32.41 28.01 -4.34
CA THR F 147 32.82 27.37 -5.59
C THR F 147 31.83 26.32 -6.12
N ALA F 148 31.47 26.45 -7.40
CA ALA F 148 30.71 25.42 -8.12
C ALA F 148 31.39 25.09 -9.45
N PHE F 149 30.92 24.06 -10.16
CA PHE F 149 31.51 23.66 -11.43
C PHE F 149 30.46 23.26 -12.46
N ALA F 150 30.62 23.78 -13.68
CA ALA F 150 29.78 23.41 -14.81
C ALA F 150 30.61 22.79 -15.93
N ILE F 151 29.95 22.00 -16.77
CA ILE F 151 30.58 21.36 -17.92
C ILE F 151 29.98 21.90 -19.22
N ARG F 152 30.83 22.25 -20.16
CA ARG F 152 30.38 22.60 -21.51
C ARG F 152 30.84 21.58 -22.57
N ASP F 153 29.86 21.03 -23.30
CA ASP F 153 30.12 20.14 -24.44
C ASP F 153 29.73 20.91 -25.71
N ILE F 154 30.64 21.11 -26.65
CA ILE F 154 30.30 21.90 -27.87
C ILE F 154 29.17 21.27 -28.69
N ASN F 155 28.96 19.97 -28.51
CA ASN F 155 27.89 19.26 -29.21
C ASN F 155 26.51 19.47 -28.58
N GLY F 156 26.50 20.11 -27.42
CA GLY F 156 25.25 20.53 -26.79
C GLY F 156 24.49 21.53 -27.64
N GLU F 157 25.23 22.31 -28.43
CA GLU F 157 24.65 23.28 -29.37
C GLU F 157 24.88 22.89 -30.82
N ASN F 158 25.22 21.63 -31.05
CA ASN F 158 25.51 21.13 -32.41
C ASN F 158 24.31 20.35 -32.93
N PHE F 159 23.49 21.01 -33.75
CA PHE F 159 22.26 20.41 -34.24
C PHE F 159 22.40 20.00 -35.71
N ARG F 160 23.64 19.84 -36.15
CA ARG F 160 23.97 19.73 -37.56
C ARG F 160 24.42 18.31 -37.99
N THR F 161 24.62 17.43 -37.02
CA THR F 161 25.24 16.12 -37.28
C THR F 161 24.38 15.23 -38.18
N LEU F 162 23.11 15.03 -37.81
CA LEU F 162 22.19 14.18 -38.57
C LEU F 162 22.09 14.65 -40.01
N ARG F 163 21.88 15.95 -40.18
CA ARG F 163 21.92 16.60 -41.49
C ARG F 163 23.21 16.30 -42.29
N THR F 164 24.34 16.25 -41.61
CA THR F 164 25.63 16.02 -42.28
C THR F 164 25.71 14.63 -42.89
N TRP F 165 25.41 13.62 -42.10
CA TRP F 165 25.38 12.26 -42.62
C TRP F 165 24.40 12.13 -43.73
N MET F 166 23.23 12.75 -43.61
CA MET F 166 22.23 12.67 -44.65
C MET F 166 22.79 13.24 -45.96
N ARG F 167 23.45 14.39 -45.88
CA ARG F 167 24.08 14.98 -47.06
C ARG F 167 25.20 14.07 -47.60
N TRP F 168 25.97 13.44 -46.71
CA TRP F 168 26.95 12.44 -47.15
C TRP F 168 26.32 11.27 -47.83
N ASN F 169 25.24 10.76 -47.24
CA ASN F 169 24.46 9.66 -47.83
C ASN F 169 24.13 9.95 -49.30
N GLN F 170 23.84 11.22 -49.60
CA GLN F 170 23.44 11.61 -50.94
C GLN F 170 24.61 12.03 -51.83
N ALA F 171 25.81 12.18 -51.27
CA ALA F 171 26.92 12.83 -52.00
C ALA F 171 27.30 12.07 -53.27
N LYS F 172 27.67 12.83 -54.29
CA LYS F 172 27.99 12.30 -55.63
C LYS F 172 29.50 12.29 -55.98
N SER F 173 30.35 12.79 -55.10
CA SER F 173 31.80 12.73 -55.28
C SER F 173 32.52 12.95 -53.96
N LEU F 174 33.81 12.63 -53.93
CA LEU F 174 34.66 12.94 -52.79
C LEU F 174 34.76 14.46 -52.61
N ASP F 175 34.93 15.17 -53.72
CA ASP F 175 34.97 16.65 -53.70
C ASP F 175 33.78 17.18 -52.91
N GLU F 176 32.59 16.73 -53.28
CA GLU F 176 31.35 17.15 -52.61
C GLU F 176 31.33 16.72 -51.13
N PHE F 177 31.78 15.50 -50.86
CA PHE F 177 31.88 14.95 -49.49
C PHE F 177 32.69 15.88 -48.58
N ILE F 178 33.87 16.25 -49.04
CA ILE F 178 34.79 17.15 -48.33
C ILE F 178 34.14 18.51 -48.08
N ALA F 179 33.54 19.07 -49.14
CA ALA F 179 32.90 20.39 -49.08
C ALA F 179 31.76 20.37 -48.06
N ILE F 180 31.04 19.25 -48.00
CA ILE F 180 29.98 19.07 -47.04
C ILE F 180 30.58 19.11 -45.63
N GLN F 181 31.61 18.30 -45.40
CA GLN F 181 32.25 18.23 -44.08
C GLN F 181 32.68 19.60 -43.60
N LYS F 182 33.22 20.41 -44.54
CA LYS F 182 33.70 21.76 -44.27
C LYS F 182 32.57 22.73 -43.95
N GLU F 183 31.51 22.68 -44.77
CA GLU F 183 30.31 23.50 -44.59
C GLU F 183 29.67 23.29 -43.22
N GLU F 184 29.57 22.02 -42.81
CA GLU F 184 28.80 21.67 -41.61
C GLU F 184 29.65 21.76 -40.34
N ALA F 185 30.93 21.44 -40.46
CA ALA F 185 31.84 21.40 -39.32
C ALA F 185 31.11 20.86 -38.09
N SER F 186 30.62 19.63 -38.21
CA SER F 186 29.64 19.09 -37.28
C SER F 186 30.04 17.75 -36.68
N ILE F 187 30.99 17.06 -37.30
CA ILE F 187 31.37 15.74 -36.83
C ILE F 187 31.77 15.77 -35.33
N PRO F 188 30.95 15.09 -34.50
CA PRO F 188 30.97 15.42 -33.07
C PRO F 188 32.16 14.92 -32.24
N TRP F 189 32.69 13.75 -32.58
CA TRP F 189 33.78 13.14 -31.78
C TRP F 189 34.58 12.08 -32.50
N VAL F 190 34.64 12.18 -33.82
CA VAL F 190 35.32 11.15 -34.62
C VAL F 190 36.15 11.76 -35.75
N ASN F 191 37.22 11.04 -36.10
CA ASN F 191 37.92 11.28 -37.36
C ASN F 191 37.05 10.78 -38.53
N THR F 192 37.42 11.17 -39.73
CA THR F 192 36.73 10.73 -40.93
C THR F 192 37.78 10.40 -42.00
N VAL F 193 37.62 9.23 -42.60
CA VAL F 193 38.37 8.85 -43.80
C VAL F 193 37.38 8.46 -44.90
N ALA F 194 37.61 9.02 -46.09
CA ALA F 194 36.76 8.77 -47.24
C ALA F 194 37.59 8.58 -48.51
N VAL F 195 36.99 7.85 -49.45
CA VAL F 195 37.55 7.60 -50.76
C VAL F 195 36.41 7.84 -51.74
N GLY F 196 36.73 8.40 -52.90
CA GLY F 196 35.72 8.74 -53.90
C GLY F 196 35.95 7.98 -55.19
N ARG F 197 34.89 7.83 -55.97
CA ARG F 197 34.99 7.22 -57.29
C ARG F 197 35.61 8.26 -58.23
N GLY F 198 36.56 7.83 -59.04
CA GLY F 198 37.27 8.71 -59.99
C GLY F 198 38.19 9.76 -59.36
N SER F 199 38.46 9.62 -58.07
CA SER F 199 39.40 10.51 -57.36
C SER F 199 40.65 9.75 -57.00
N ALA F 200 41.80 10.37 -57.25
CA ALA F 200 43.08 9.71 -57.06
C ALA F 200 43.48 9.59 -55.59
N LYS F 201 43.04 10.56 -54.78
CA LYS F 201 43.49 10.72 -53.41
C LYS F 201 42.47 10.23 -52.38
N ALA F 202 42.97 9.68 -51.28
CA ALA F 202 42.13 9.34 -50.13
C ALA F 202 42.16 10.51 -49.15
N TRP F 203 41.04 10.70 -48.46
CA TRP F 203 40.83 11.85 -47.58
C TRP F 203 40.88 11.45 -46.15
N TYR F 204 41.65 12.19 -45.35
CA TYR F 204 41.59 12.12 -43.88
C TYR F 204 41.25 13.48 -43.27
N ALA F 205 40.47 13.48 -42.21
CA ALA F 205 40.18 14.71 -41.47
C ALA F 205 39.64 14.49 -40.06
N ASP F 206 40.10 15.36 -39.17
CA ASP F 206 39.41 15.58 -37.90
C ASP F 206 38.69 16.92 -37.97
N ILE F 207 37.78 17.05 -38.94
CA ILE F 207 37.01 18.27 -39.13
C ILE F 207 35.59 18.04 -38.60
N GLY F 208 35.25 18.80 -37.56
CA GLY F 208 33.97 18.68 -36.86
C GLY F 208 33.89 19.73 -35.76
N ALA F 209 33.08 19.46 -34.75
CA ALA F 209 32.84 20.44 -33.67
C ALA F 209 33.84 20.24 -32.53
N VAL F 210 34.64 21.28 -32.28
CA VAL F 210 35.73 21.23 -31.30
C VAL F 210 35.84 22.57 -30.54
N PRO F 211 35.89 22.53 -29.19
CA PRO F 211 35.98 23.75 -28.39
C PRO F 211 37.21 24.57 -28.78
N ASN F 212 37.01 25.87 -28.95
CA ASN F 212 38.04 26.79 -29.43
C ASN F 212 38.62 27.62 -28.29
N VAL F 213 39.83 27.27 -27.86
CA VAL F 213 40.59 28.04 -26.87
C VAL F 213 41.98 28.38 -27.42
N SER F 214 42.55 29.49 -26.96
CA SER F 214 43.87 29.91 -27.40
C SER F 214 44.94 29.48 -26.39
N PRO F 215 46.22 29.42 -26.85
CA PRO F 215 47.36 29.27 -25.94
C PRO F 215 47.39 30.32 -24.82
N ALA F 216 47.17 31.60 -25.18
CA ALA F 216 47.12 32.66 -24.16
C ALA F 216 46.04 32.37 -23.09
N GLN F 217 44.85 31.96 -23.53
CA GLN F 217 43.75 31.64 -22.63
C GLN F 217 44.09 30.52 -21.66
N THR F 218 44.65 29.43 -22.18
CA THR F 218 44.97 28.26 -21.36
C THR F 218 45.85 28.63 -20.17
N ALA F 219 46.90 29.41 -20.42
CA ALA F 219 47.82 29.86 -19.36
C ALA F 219 47.19 30.82 -18.33
N ALA F 220 46.27 31.66 -18.79
CA ALA F 220 45.69 32.74 -17.95
C ALA F 220 44.39 32.34 -17.26
N CYS F 221 43.63 31.43 -17.88
CA CYS F 221 42.30 31.06 -17.41
C CYS F 221 42.22 29.80 -16.57
N THR F 222 43.21 28.92 -16.68
CA THR F 222 43.19 27.68 -15.89
C THR F 222 43.37 28.05 -14.41
N THR F 223 42.43 27.58 -13.60
CA THR F 223 42.34 27.96 -12.19
C THR F 223 43.26 27.07 -11.37
N PRO F 224 43.54 27.48 -10.11
CA PRO F 224 44.31 26.59 -9.25
C PRO F 224 43.70 25.18 -9.21
N PHE F 225 42.37 25.09 -9.10
CA PHE F 225 41.71 23.78 -9.16
C PHE F 225 41.95 23.10 -10.51
N GLY F 226 41.90 23.88 -11.59
CA GLY F 226 42.16 23.37 -12.94
C GLY F 226 43.58 22.85 -13.11
N MET F 227 44.54 23.62 -12.60
CA MET F 227 45.96 23.22 -12.50
C MET F 227 46.12 21.89 -11.78
N ALA F 228 45.47 21.77 -10.62
CA ALA F 228 45.61 20.62 -9.73
C ALA F 228 45.06 19.30 -10.30
N VAL F 229 44.23 19.39 -11.31
CA VAL F 229 43.49 18.21 -11.76
C VAL F 229 43.67 17.97 -13.25
N GLY F 230 44.31 18.93 -13.92
CA GLY F 230 44.60 18.85 -15.35
C GLY F 230 45.23 17.54 -15.77
N GLN F 231 46.10 16.99 -14.92
CA GLN F 231 46.79 15.73 -15.23
C GLN F 231 45.81 14.56 -15.45
N ALA F 232 44.63 14.63 -14.83
CA ALA F 232 43.60 13.61 -14.99
C ALA F 232 42.62 13.95 -16.12
N LEU F 233 42.75 15.16 -16.67
CA LEU F 233 41.89 15.63 -17.76
C LEU F 233 42.72 16.27 -18.85
N PRO F 234 43.63 15.50 -19.49
CA PRO F 234 44.61 16.12 -20.38
C PRO F 234 43.96 16.86 -21.55
N ASN F 235 44.46 18.07 -21.80
CA ASN F 235 44.01 18.93 -22.88
C ASN F 235 42.60 19.49 -22.69
N VAL F 236 41.94 19.13 -21.59
CA VAL F 236 40.60 19.66 -21.29
C VAL F 236 40.72 21.05 -20.68
N PRO F 237 40.16 22.07 -21.36
CA PRO F 237 40.18 23.41 -20.77
C PRO F 237 39.34 23.47 -19.47
N PHE F 238 39.96 23.91 -18.38
CA PHE F 238 39.32 24.02 -17.08
C PHE F 238 39.45 25.48 -16.65
N PHE F 239 38.52 26.31 -17.13
CA PHE F 239 38.67 27.75 -17.10
C PHE F 239 37.87 28.49 -16.02
N ASP F 240 38.23 29.76 -15.83
CA ASP F 240 37.60 30.65 -14.87
C ASP F 240 36.32 31.21 -15.47
N GLY F 241 35.18 30.70 -14.98
CA GLY F 241 33.85 31.17 -15.41
C GLY F 241 33.54 32.62 -15.11
N SER F 242 34.26 33.22 -14.15
CA SER F 242 34.08 34.64 -13.77
C SER F 242 34.43 35.61 -14.88
N ARG F 243 35.33 35.18 -15.75
CA ARG F 243 35.92 36.10 -16.72
C ARG F 243 35.41 35.78 -18.12
N SER F 244 34.75 36.78 -18.71
CA SER F 244 34.26 36.69 -20.08
C SER F 244 35.38 36.46 -21.10
N GLU F 245 36.58 36.92 -20.77
CA GLU F 245 37.75 36.75 -21.62
C GLU F 245 38.18 35.27 -21.67
N CYS F 246 37.61 34.47 -20.77
CA CYS F 246 37.84 33.02 -20.72
C CYS F 246 36.73 32.21 -21.39
N ASP F 247 35.77 32.87 -22.03
CA ASP F 247 34.77 32.19 -22.85
C ASP F 247 35.47 31.55 -24.04
N TRP F 248 34.86 30.51 -24.63
CA TRP F 248 35.44 29.91 -25.83
C TRP F 248 35.37 30.89 -26.97
N LEU F 249 36.38 30.87 -27.83
CA LEU F 249 36.54 31.85 -28.90
C LEU F 249 35.82 31.46 -30.21
N THR F 250 35.64 32.45 -31.09
CA THR F 250 35.01 32.22 -32.38
C THR F 250 35.89 32.82 -33.48
N ASP F 251 36.35 31.96 -34.38
CA ASP F 251 37.14 32.34 -35.54
C ASP F 251 36.24 32.90 -36.63
N ALA F 252 36.85 33.60 -37.60
CA ALA F 252 36.12 34.17 -38.74
C ALA F 252 35.46 33.10 -39.61
N ASP F 253 36.04 31.92 -39.64
CA ASP F 253 35.48 30.80 -40.42
C ASP F 253 34.95 29.67 -39.52
N SER F 254 34.56 30.01 -38.29
CA SER F 254 33.87 29.09 -37.40
C SER F 254 32.43 28.95 -37.84
N VAL F 255 31.95 27.72 -37.93
CA VAL F 255 30.57 27.46 -38.26
C VAL F 255 29.70 27.63 -37.03
N GLN F 256 30.28 27.36 -35.86
CA GLN F 256 29.58 27.44 -34.59
C GLN F 256 30.36 28.33 -33.60
N LYS F 257 29.64 29.08 -32.77
CA LYS F 257 30.28 29.96 -31.78
C LYS F 257 31.01 29.15 -30.71
N GLY F 258 32.23 29.56 -30.38
CA GLY F 258 33.04 28.84 -29.38
C GLY F 258 33.71 27.57 -29.88
N ALA F 259 33.65 27.33 -31.19
CA ALA F 259 34.21 26.13 -31.83
C ALA F 259 35.37 26.49 -32.75
N VAL F 260 36.28 25.54 -32.96
CA VAL F 260 37.44 25.79 -33.81
C VAL F 260 36.99 26.03 -35.25
N GLY F 261 37.57 27.07 -35.87
CA GLY F 261 37.31 27.38 -37.28
C GLY F 261 37.91 26.35 -38.22
N VAL F 262 37.25 26.17 -39.36
CA VAL F 262 37.54 25.13 -40.37
C VAL F 262 39.01 25.02 -40.84
N SER F 263 39.65 26.14 -41.06
CA SER F 263 41.03 26.14 -41.56
C SER F 263 42.04 25.68 -40.52
N ARG F 264 41.66 25.70 -39.25
CA ARG F 264 42.57 25.28 -38.17
C ARG F 264 42.22 23.88 -37.65
N MET F 265 41.54 23.10 -38.48
CA MET F 265 41.31 21.68 -38.16
C MET F 265 42.06 20.77 -39.13
N PRO F 266 42.72 19.71 -38.60
CA PRO F 266 43.59 18.83 -39.40
C PRO F 266 42.87 18.01 -40.49
N SER F 267 43.40 18.09 -41.70
CA SER F 267 42.99 17.23 -42.82
C SER F 267 44.19 16.97 -43.73
N LEU F 268 44.10 15.92 -44.54
CA LEU F 268 45.17 15.54 -45.46
C LEU F 268 44.59 14.74 -46.61
N GLN F 269 45.15 14.95 -47.80
CA GLN F 269 44.81 14.15 -48.97
C GLN F 269 46.08 13.50 -49.51
N ARG F 270 46.02 12.18 -49.75
CA ARG F 270 47.17 11.40 -50.22
C ARG F 270 46.74 10.44 -51.30
N ASP F 271 47.54 10.28 -52.34
CA ASP F 271 47.25 9.24 -53.32
C ASP F 271 47.83 7.84 -52.96
N ASP F 272 48.66 7.75 -51.93
CA ASP F 272 49.10 6.43 -51.43
C ASP F 272 48.13 5.89 -50.36
N TYR F 273 48.22 6.37 -49.12
CA TYR F 273 47.25 5.98 -48.07
C TYR F 273 47.05 7.06 -46.99
N VAL F 274 45.91 6.99 -46.30
CA VAL F 274 45.72 7.62 -44.99
C VAL F 274 45.14 6.56 -44.04
N GLY F 275 45.40 6.70 -42.75
CA GLY F 275 44.85 5.76 -41.77
C GLY F 275 44.80 6.35 -40.38
N ASN F 276 43.95 5.78 -39.55
CA ASN F 276 43.88 6.17 -38.17
C ASN F 276 43.47 4.99 -37.31
N MET F 277 44.09 4.85 -36.15
CA MET F 277 43.81 3.75 -35.21
C MET F 277 43.60 4.31 -33.79
N ASN F 278 43.03 5.52 -33.73
CA ASN F 278 42.71 6.24 -32.47
C ASN F 278 43.81 7.15 -31.88
N ASP F 279 44.98 7.21 -32.50
CA ASP F 279 45.94 8.22 -32.06
C ASP F 279 45.53 9.55 -32.70
N SER F 280 46.22 10.62 -32.37
CA SER F 280 45.90 11.94 -32.91
C SER F 280 46.07 11.97 -34.42
N TYR F 281 45.56 13.05 -35.02
CA TYR F 281 45.75 13.33 -36.45
C TYR F 281 47.19 13.21 -36.96
N TRP F 282 48.17 13.35 -36.05
CA TRP F 282 49.58 13.45 -36.41
C TRP F 282 50.02 12.61 -37.58
N LEU F 283 49.89 11.29 -37.43
CA LEU F 283 50.37 10.33 -38.42
C LEU F 283 49.25 9.76 -39.32
N ALA F 284 48.39 10.64 -39.83
CA ALA F 284 47.41 10.23 -40.85
C ALA F 284 48.16 9.54 -41.99
N ASN F 285 49.32 10.07 -42.33
CA ASN F 285 50.25 9.37 -43.20
C ASN F 285 51.67 9.51 -42.66
N VAL F 286 52.31 8.37 -42.41
CA VAL F 286 53.63 8.31 -41.80
C VAL F 286 54.68 9.12 -42.56
N HIS F 287 54.56 9.19 -43.89
CA HIS F 287 55.49 9.97 -44.70
C HIS F 287 55.30 11.45 -44.61
N ALA F 288 54.09 11.90 -44.31
CA ALA F 288 53.80 13.33 -44.20
C ALA F 288 53.04 13.65 -42.92
N PRO F 289 53.75 13.59 -41.78
CA PRO F 289 53.13 13.91 -40.50
C PRO F 289 52.52 15.32 -40.49
N LEU F 290 51.40 15.47 -39.80
CA LEU F 290 50.70 16.74 -39.69
C LEU F 290 51.01 17.43 -38.36
N THR F 291 51.31 18.72 -38.40
CA THR F 291 51.59 19.47 -37.17
C THR F 291 50.98 20.88 -37.18
N GLY F 292 51.08 21.57 -36.04
CA GLY F 292 50.68 22.97 -35.95
C GLY F 292 49.21 23.23 -35.69
N TYR F 293 48.43 22.17 -35.50
CA TYR F 293 47.01 22.34 -35.20
C TYR F 293 46.81 22.54 -33.69
N PRO F 294 45.66 23.13 -33.28
CA PRO F 294 45.46 23.48 -31.86
C PRO F 294 45.65 22.31 -30.88
N ALA F 295 46.22 22.62 -29.72
CA ALA F 295 46.61 21.62 -28.72
C ALA F 295 45.49 20.67 -28.34
N ILE F 296 44.27 21.18 -28.33
CA ILE F 296 43.10 20.37 -27.96
C ILE F 296 42.97 19.07 -28.79
N PHE F 297 43.42 19.10 -30.05
CA PHE F 297 43.38 17.91 -30.93
C PHE F 297 44.27 16.73 -30.49
N GLY F 298 45.22 17.00 -29.59
CA GLY F 298 46.11 15.98 -29.07
C GLY F 298 47.57 16.28 -29.44
N PRO F 299 48.50 15.38 -29.06
CA PRO F 299 49.92 15.63 -29.36
C PRO F 299 50.27 15.33 -30.81
N ALA F 300 51.23 16.05 -31.36
CA ALA F 300 51.64 15.84 -32.73
C ALA F 300 53.15 15.67 -32.79
N GLY F 301 53.62 14.51 -32.33
CA GLY F 301 55.03 14.19 -32.39
C GLY F 301 55.77 14.26 -31.06
N THR F 302 55.04 14.41 -29.96
CA THR F 302 55.67 14.42 -28.63
C THR F 302 55.37 13.15 -27.85
N SER F 303 54.39 12.38 -28.33
CA SER F 303 53.92 11.14 -27.69
C SER F 303 54.14 9.90 -28.53
N ALA F 304 54.56 8.83 -27.86
CA ALA F 304 54.63 7.50 -28.46
C ALA F 304 53.25 7.07 -28.93
N GLN F 305 53.19 6.42 -30.09
CA GLN F 305 51.94 5.91 -30.65
C GLN F 305 51.63 4.59 -29.95
N THR F 306 50.34 4.26 -29.83
CA THR F 306 49.92 2.98 -29.27
C THR F 306 50.46 1.82 -30.10
N LEU F 307 50.56 0.65 -29.50
CA LEU F 307 50.96 -0.54 -30.23
C LEU F 307 50.04 -0.81 -31.43
N ARG F 308 48.75 -0.55 -31.31
CA ARG F 308 47.81 -0.79 -32.42
C ARG F 308 48.08 0.13 -33.61
N THR F 309 48.37 1.40 -33.31
CA THR F 309 48.70 2.39 -34.34
C THR F 309 49.99 2.00 -35.08
N ARG F 310 50.96 1.51 -34.31
CA ARG F 310 52.22 1.05 -34.86
C ARG F 310 51.99 -0.17 -35.74
N MET F 311 51.10 -1.08 -35.32
CA MET F 311 50.72 -2.23 -36.14
C MET F 311 50.05 -1.80 -37.44
N GLY F 312 49.07 -0.90 -37.32
CA GLY F 312 48.25 -0.44 -38.45
C GLY F 312 49.04 0.24 -39.55
N HIS F 313 49.91 1.16 -39.16
CA HIS F 313 50.77 1.81 -40.12
C HIS F 313 51.83 0.88 -40.68
N THR F 314 52.35 -0.02 -39.84
CA THR F 314 53.30 -1.02 -40.31
C THR F 314 52.65 -1.87 -41.40
N MET F 315 51.41 -2.28 -41.17
CA MET F 315 50.67 -3.08 -42.14
C MET F 315 50.50 -2.31 -43.45
N ALA F 316 50.10 -1.04 -43.35
CA ALA F 316 49.98 -0.20 -44.54
C ALA F 316 51.27 -0.19 -45.34
N LEU F 317 52.39 0.16 -44.68
CA LEU F 317 53.68 0.32 -45.36
C LEU F 317 54.21 -0.96 -45.95
N GLU F 318 54.08 -2.07 -45.22
CA GLU F 318 54.56 -3.36 -45.67
C GLU F 318 53.73 -3.89 -46.86
N ARG F 319 52.48 -3.44 -46.96
CA ARG F 319 51.67 -3.80 -48.11
C ARG F 319 52.24 -3.12 -49.34
N LEU F 320 52.42 -1.80 -49.27
CA LEU F 320 52.85 -1.02 -50.42
C LEU F 320 54.28 -1.31 -50.82
N ALA F 321 55.09 -1.84 -49.89
CA ALA F 321 56.49 -2.17 -50.20
C ALA F 321 56.59 -3.63 -50.62
N GLY F 322 55.50 -4.38 -50.44
CA GLY F 322 55.44 -5.78 -50.86
C GLY F 322 56.16 -6.76 -49.96
N THR F 323 56.19 -6.46 -48.66
CA THR F 323 57.00 -7.20 -47.70
C THR F 323 56.20 -7.94 -46.60
N ASP F 324 54.86 -7.95 -46.75
CA ASP F 324 53.98 -8.54 -45.73
C ASP F 324 53.58 -9.97 -46.03
N GLY F 325 54.05 -10.53 -47.13
CA GLY F 325 53.74 -11.91 -47.47
C GLY F 325 52.43 -12.12 -48.22
N TYR F 326 51.82 -11.04 -48.71
CA TYR F 326 50.73 -11.16 -49.67
C TYR F 326 51.27 -10.86 -51.06
N ALA F 327 50.46 -11.12 -52.09
CA ALA F 327 50.89 -10.93 -53.48
C ALA F 327 51.01 -9.48 -53.87
N GLY F 328 52.08 -9.17 -54.59
CA GLY F 328 52.28 -7.83 -55.18
C GLY F 328 52.49 -6.77 -54.13
N ASN F 329 52.38 -5.50 -54.54
CA ASN F 329 52.52 -4.39 -53.61
C ASN F 329 51.33 -3.40 -53.65
N LYS F 330 50.16 -3.90 -54.03
CA LYS F 330 48.98 -3.05 -54.20
C LYS F 330 47.91 -3.32 -53.14
N ALA F 331 47.22 -2.27 -52.72
CA ALA F 331 46.16 -2.37 -51.71
C ALA F 331 44.80 -2.62 -52.35
N THR F 332 44.71 -3.73 -53.08
CA THR F 332 43.49 -4.09 -53.76
C THR F 332 42.45 -4.57 -52.74
N SER F 333 41.18 -4.57 -53.16
CA SER F 333 40.06 -5.02 -52.34
C SER F 333 40.28 -6.40 -51.74
N ALA F 334 40.72 -7.35 -52.55
CA ALA F 334 40.86 -8.74 -52.11
C ALA F 334 41.99 -8.93 -51.10
N VAL F 335 43.09 -8.21 -51.32
CA VAL F 335 44.22 -8.31 -50.40
C VAL F 335 43.92 -7.60 -49.08
N VAL F 336 43.25 -6.44 -49.13
CA VAL F 336 42.86 -5.72 -47.91
C VAL F 336 41.95 -6.61 -47.07
N ARG F 337 41.03 -7.33 -47.71
CA ARG F 337 40.11 -8.25 -47.01
C ARG F 337 40.87 -9.28 -46.15
N GLU F 338 42.00 -9.77 -46.66
CA GLU F 338 42.83 -10.72 -45.92
C GLU F 338 43.63 -10.05 -44.79
N MET F 339 44.44 -9.06 -45.16
CA MET F 339 45.39 -8.42 -44.24
C MET F 339 44.70 -7.89 -42.98
N VAL F 340 43.53 -7.30 -43.13
CA VAL F 340 42.82 -6.69 -42.00
C VAL F 340 42.37 -7.73 -40.96
N LEU F 341 42.24 -8.99 -41.39
CA LEU F 341 41.93 -10.11 -40.49
C LEU F 341 43.15 -10.93 -40.05
N GLY F 342 44.31 -10.60 -40.61
CA GLY F 342 45.58 -11.33 -40.42
C GLY F 342 45.98 -11.62 -38.98
N SER F 343 45.57 -10.75 -38.05
CA SER F 343 45.71 -11.01 -36.62
C SER F 343 47.18 -11.05 -36.14
N ARG F 344 48.02 -10.22 -36.77
CA ARG F 344 49.41 -10.03 -36.34
C ARG F 344 49.44 -9.38 -34.96
N VAL F 345 50.39 -9.76 -34.13
CA VAL F 345 50.53 -9.22 -32.76
C VAL F 345 51.84 -8.44 -32.62
N PHE F 346 51.72 -7.11 -32.60
CA PHE F 346 52.87 -6.23 -32.61
C PHE F 346 53.85 -6.48 -31.47
N SER F 347 53.34 -6.57 -30.25
CA SER F 347 54.21 -6.82 -29.09
C SER F 347 55.08 -8.07 -29.31
N ALA F 348 54.47 -9.11 -29.86
CA ALA F 348 55.15 -10.38 -30.08
C ALA F 348 56.16 -10.29 -31.22
N GLU F 349 55.70 -9.80 -32.38
CA GLU F 349 56.58 -9.62 -33.54
C GLU F 349 57.85 -8.86 -33.16
N ARG F 350 57.72 -7.87 -32.27
CA ARG F 350 58.83 -6.98 -31.95
C ARG F 350 59.68 -7.37 -30.74
N PHE F 351 59.05 -7.93 -29.71
CA PHE F 351 59.71 -8.12 -28.42
C PHE F 351 59.74 -9.56 -27.87
N LYS F 352 59.01 -10.49 -28.50
CA LYS F 352 58.99 -11.87 -28.00
C LYS F 352 60.39 -12.51 -27.99
N ASP F 353 61.09 -12.45 -29.12
CA ASP F 353 62.42 -13.05 -29.19
C ASP F 353 63.35 -12.43 -28.16
N GLU F 354 63.33 -11.10 -28.05
CA GLU F 354 64.13 -10.42 -27.03
C GLU F 354 63.76 -10.92 -25.65
N VAL F 355 62.47 -11.06 -25.37
CA VAL F 355 62.00 -11.54 -24.07
C VAL F 355 62.50 -12.96 -23.85
N LEU F 356 62.20 -13.87 -24.77
CA LEU F 356 62.60 -15.28 -24.61
C LEU F 356 64.11 -15.45 -24.43
N ASP F 357 64.87 -14.83 -25.33
CA ASP F 357 66.34 -14.84 -25.26
C ASP F 357 66.81 -14.50 -23.88
N LEU F 358 66.13 -13.52 -23.28
CA LEU F 358 66.53 -12.98 -22.00
C LEU F 358 66.22 -13.88 -20.81
N ILE F 359 65.11 -14.60 -20.84
CA ILE F 359 64.67 -15.31 -19.62
C ILE F 359 64.54 -16.84 -19.71
N CYS F 360 64.67 -17.39 -20.91
CA CYS F 360 64.45 -18.83 -21.13
C CYS F 360 65.71 -19.71 -21.07
N THR F 361 66.86 -19.12 -20.71
CA THR F 361 68.08 -19.90 -20.55
C THR F 361 68.69 -19.61 -19.17
N PRO F 362 68.45 -20.51 -18.19
CA PRO F 362 67.69 -21.75 -18.29
C PRO F 362 66.17 -21.53 -18.24
N ALA F 363 65.42 -22.57 -18.61
CA ALA F 363 63.96 -22.55 -18.60
C ALA F 363 63.38 -22.99 -17.24
N GLN F 364 64.25 -23.43 -16.34
CA GLN F 364 63.88 -23.73 -14.95
C GLN F 364 64.26 -22.54 -14.07
N TRP F 365 63.30 -21.98 -13.35
CA TRP F 365 63.51 -20.73 -12.62
C TRP F 365 63.27 -20.81 -11.14
N THR F 366 63.68 -19.74 -10.47
CA THR F 366 63.24 -19.41 -9.12
C THR F 366 62.58 -18.04 -9.21
N VAL F 367 61.29 -17.98 -8.87
CA VAL F 367 60.55 -16.74 -8.91
C VAL F 367 59.85 -16.58 -7.57
N ASN F 368 60.10 -15.44 -6.90
CA ASN F 368 59.57 -15.18 -5.56
C ASN F 368 59.87 -16.31 -4.59
N GLY F 369 61.08 -16.86 -4.69
CA GLY F 369 61.53 -17.96 -3.84
C GLY F 369 60.92 -19.32 -4.16
N ALA F 370 60.25 -19.40 -5.32
CA ALA F 370 59.53 -20.61 -5.72
C ALA F 370 60.05 -21.19 -7.02
N ALA F 371 60.18 -22.51 -7.08
CA ALA F 371 60.57 -23.21 -8.32
C ALA F 371 59.46 -23.14 -9.36
N VAL F 372 59.82 -22.78 -10.59
CA VAL F 372 58.86 -22.62 -11.68
C VAL F 372 59.41 -23.26 -12.95
N ASP F 373 58.69 -24.26 -13.46
CA ASP F 373 59.06 -24.90 -14.71
C ASP F 373 58.46 -24.12 -15.87
N ALA F 374 59.31 -23.49 -16.64
CA ALA F 374 58.88 -22.64 -17.76
C ALA F 374 59.33 -23.17 -19.12
N ALA F 375 59.71 -24.45 -19.15
CA ALA F 375 60.18 -25.09 -20.38
C ALA F 375 59.06 -25.23 -21.41
N GLN F 376 57.87 -25.61 -20.94
CA GLN F 376 56.72 -25.64 -21.84
C GLN F 376 56.37 -24.22 -22.32
N ALA F 377 56.32 -23.28 -21.39
CA ALA F 377 55.97 -21.89 -21.71
C ALA F 377 56.89 -21.32 -22.76
N CYS F 378 58.20 -21.48 -22.51
CA CYS F 378 59.26 -20.97 -23.39
C CYS F 378 59.22 -21.59 -24.78
N ALA F 379 59.06 -22.91 -24.86
CA ALA F 379 58.96 -23.63 -26.14
C ALA F 379 57.68 -23.31 -26.93
N VAL F 380 56.54 -23.32 -26.26
CA VAL F 380 55.28 -22.95 -26.90
C VAL F 380 55.37 -21.54 -27.50
N LEU F 381 55.85 -20.58 -26.71
CA LEU F 381 55.99 -19.21 -27.23
C LEU F 381 56.98 -19.08 -28.37
N ALA F 382 58.09 -19.83 -28.31
CA ALA F 382 59.10 -19.82 -29.37
C ALA F 382 58.53 -20.32 -30.70
N ALA F 383 57.71 -21.37 -30.63
CA ALA F 383 57.07 -21.98 -31.79
C ALA F 383 55.89 -21.17 -32.32
N TRP F 384 55.29 -20.37 -31.45
CA TRP F 384 54.14 -19.56 -31.82
C TRP F 384 54.44 -18.60 -32.97
N ASP F 385 53.55 -18.57 -33.96
CA ASP F 385 53.62 -17.71 -35.16
C ASP F 385 53.45 -16.18 -34.92
N ASN F 386 53.29 -15.75 -33.68
CA ASN F 386 53.07 -14.33 -33.33
C ASN F 386 51.76 -13.73 -33.87
N ARG F 387 50.79 -14.61 -34.13
CA ARG F 387 49.49 -14.23 -34.64
C ARG F 387 48.40 -14.72 -33.71
N GLY F 388 47.23 -14.08 -33.77
CA GLY F 388 46.05 -14.57 -33.08
C GLY F 388 45.03 -15.15 -34.04
N ARG F 389 45.47 -16.08 -34.89
CA ARG F 389 44.57 -16.82 -35.77
C ARG F 389 43.89 -17.96 -35.02
N LYS F 390 42.83 -18.51 -35.61
CA LYS F 390 42.06 -19.58 -34.98
C LYS F 390 42.92 -20.76 -34.50
N ASP F 391 43.86 -21.19 -35.33
CA ASP F 391 44.75 -22.32 -35.01
C ASP F 391 46.11 -21.91 -34.39
N SER F 392 46.29 -20.63 -34.09
CA SER F 392 47.49 -20.15 -33.40
C SER F 392 47.62 -20.74 -32.00
N ARG F 393 48.78 -21.32 -31.72
CA ARG F 393 48.99 -22.09 -30.51
C ARG F 393 49.90 -21.33 -29.54
N GLY F 394 49.33 -20.97 -28.39
CA GLY F 394 50.06 -20.24 -27.34
C GLY F 394 49.76 -18.74 -27.23
N SER F 395 49.01 -18.18 -28.18
CA SER F 395 48.72 -16.73 -28.22
C SER F 395 48.08 -16.17 -26.94
N HIS F 396 47.32 -17.02 -26.24
CA HIS F 396 46.64 -16.61 -25.03
C HIS F 396 47.57 -16.51 -23.86
N LEU F 397 48.62 -17.35 -23.87
CA LEU F 397 49.72 -17.21 -22.90
C LEU F 397 50.36 -15.84 -23.07
N TRP F 398 50.62 -15.45 -24.30
CA TRP F 398 51.20 -14.12 -24.58
C TRP F 398 50.34 -12.98 -24.09
N ASP F 399 49.03 -13.10 -24.30
CA ASP F 399 48.06 -12.13 -23.81
C ASP F 399 48.15 -11.98 -22.30
N GLU F 400 48.13 -13.12 -21.60
CA GLU F 400 48.17 -13.14 -20.15
C GLU F 400 49.51 -12.65 -19.62
N PHE F 401 50.55 -12.85 -20.43
CA PHE F 401 51.89 -12.41 -20.06
C PHE F 401 52.10 -10.92 -20.33
N TRP F 402 52.00 -10.52 -21.59
CA TRP F 402 52.29 -9.13 -22.00
C TRP F 402 51.50 -8.10 -21.25
N SER F 403 50.21 -8.37 -21.02
CA SER F 403 49.34 -7.40 -20.33
C SER F 403 49.77 -7.22 -18.88
N ARG F 404 50.64 -8.11 -18.42
CA ARG F 404 51.09 -8.07 -17.03
C ARG F 404 52.52 -7.55 -16.83
N VAL F 405 53.21 -7.23 -17.92
CA VAL F 405 54.59 -6.69 -17.83
C VAL F 405 54.59 -5.22 -17.40
N PRO F 406 55.35 -4.89 -16.33
CA PRO F 406 55.49 -3.49 -15.90
C PRO F 406 56.31 -2.68 -16.92
N THR F 407 55.79 -1.51 -17.29
CA THR F 407 56.39 -0.68 -18.34
C THR F 407 57.37 0.38 -17.86
N ALA F 408 57.49 0.56 -16.54
CA ALA F 408 58.51 1.45 -15.97
C ALA F 408 59.89 1.05 -16.47
N SER F 409 60.46 1.91 -17.32
CA SER F 409 61.71 1.64 -18.06
C SER F 409 61.88 0.17 -18.54
N LEU F 410 60.89 -0.31 -19.28
CA LEU F 410 60.97 -1.61 -19.92
C LEU F 410 61.82 -1.51 -21.19
N PHE F 411 61.83 -0.31 -21.78
CA PHE F 411 62.50 -0.09 -23.06
C PHE F 411 63.75 0.77 -22.92
N THR F 412 64.78 0.45 -23.71
CA THR F 412 66.05 1.16 -23.63
C THR F 412 66.24 2.12 -24.79
N VAL F 413 65.45 1.95 -25.84
CA VAL F 413 65.38 2.94 -26.91
C VAL F 413 64.07 3.71 -26.79
N PRO F 414 64.12 4.97 -26.33
CA PRO F 414 62.89 5.72 -26.09
C PRO F 414 62.19 6.12 -27.39
N PHE F 415 60.95 6.59 -27.29
CA PHE F 415 60.22 7.06 -28.46
C PHE F 415 60.98 8.18 -29.17
N SER F 416 61.09 8.06 -30.49
CA SER F 416 61.63 9.13 -31.35
C SER F 416 60.58 9.45 -32.40
N ALA F 417 60.35 10.75 -32.64
CA ALA F 417 59.32 11.20 -33.58
C ALA F 417 59.67 10.88 -35.03
N ALA F 418 60.97 10.81 -35.30
CA ALA F 418 61.49 10.46 -36.62
C ALA F 418 61.45 8.93 -36.86
N ASP F 419 61.14 8.15 -35.82
CA ASP F 419 61.01 6.70 -35.96
C ASP F 419 59.78 6.20 -35.18
N PRO F 420 58.59 6.78 -35.46
CA PRO F 420 57.41 6.64 -34.61
C PRO F 420 56.82 5.23 -34.60
N LEU F 421 57.16 4.45 -35.61
CA LEU F 421 56.62 3.10 -35.72
C LEU F 421 57.44 2.09 -34.93
N ASN F 422 58.74 2.33 -34.83
CA ASN F 422 59.69 1.35 -34.27
C ASN F 422 60.22 1.70 -32.88
N THR F 423 59.87 2.88 -32.39
CA THR F 423 60.20 3.28 -31.03
C THR F 423 58.89 3.45 -30.23
N PRO F 424 58.92 3.25 -28.90
CA PRO F 424 60.07 2.76 -28.13
C PRO F 424 60.31 1.28 -28.40
N ARG F 425 61.56 0.83 -28.22
CA ARG F 425 61.93 -0.59 -28.41
C ARG F 425 63.13 -0.99 -27.55
N GLY F 426 63.54 -2.25 -27.69
CA GLY F 426 64.74 -2.74 -27.02
C GLY F 426 64.45 -3.11 -25.58
N ILE F 427 64.15 -4.39 -25.35
CA ILE F 427 63.87 -4.88 -24.01
C ILE F 427 65.06 -4.69 -23.09
N ASN F 428 64.79 -4.01 -21.97
CA ASN F 428 65.78 -3.78 -20.92
C ASN F 428 66.14 -5.09 -20.22
N ALA F 429 67.43 -5.44 -20.29
CA ALA F 429 67.96 -6.65 -19.69
C ALA F 429 67.72 -6.70 -18.18
N ALA F 430 67.70 -5.52 -17.55
CA ALA F 430 67.42 -5.41 -16.13
C ALA F 430 65.99 -5.84 -15.76
N ALA F 431 65.07 -5.82 -16.71
CA ALA F 431 63.68 -6.23 -16.45
C ALA F 431 63.51 -7.75 -16.27
N ALA F 432 64.62 -8.49 -16.36
CA ALA F 432 64.60 -9.95 -16.43
C ALA F 432 63.77 -10.63 -15.35
N ASP F 433 63.93 -10.19 -14.10
CA ASP F 433 63.19 -10.77 -12.98
C ASP F 433 61.71 -10.44 -13.05
N ALA F 434 61.40 -9.21 -13.46
CA ALA F 434 60.03 -8.72 -13.61
C ALA F 434 59.27 -9.49 -14.70
N LEU F 435 59.97 -9.78 -15.81
CA LEU F 435 59.41 -10.54 -16.92
C LEU F 435 59.13 -11.99 -16.52
N ARG F 436 60.05 -12.60 -15.77
CA ARG F 436 59.84 -13.94 -15.22
C ARG F 436 58.70 -13.98 -14.20
N GLN F 437 58.59 -12.92 -13.40
CA GLN F 437 57.41 -12.76 -12.52
C GLN F 437 56.10 -12.70 -13.29
N ALA F 438 56.09 -11.90 -14.36
CA ALA F 438 54.95 -11.79 -15.27
C ALA F 438 54.59 -13.11 -15.95
N MET F 439 55.60 -13.85 -16.37
CA MET F 439 55.42 -15.13 -17.07
C MET F 439 54.91 -16.21 -16.12
N ALA F 440 55.50 -16.27 -14.93
CA ALA F 440 55.02 -17.16 -13.87
C ALA F 440 53.53 -16.97 -13.64
N THR F 441 53.08 -15.71 -13.59
CA THR F 441 51.67 -15.43 -13.31
C THR F 441 50.80 -15.87 -14.47
N ALA F 442 51.22 -15.51 -15.68
CA ALA F 442 50.53 -15.91 -16.90
C ALA F 442 50.33 -17.42 -16.96
N ILE F 443 51.39 -18.18 -16.73
CA ILE F 443 51.33 -19.65 -16.67
C ILE F 443 50.22 -20.07 -15.71
N ALA F 444 50.26 -19.53 -14.49
CA ALA F 444 49.29 -19.84 -13.45
C ALA F 444 47.83 -19.55 -13.84
N ARG F 445 47.60 -18.41 -14.50
CA ARG F 445 46.25 -18.02 -14.94
C ARG F 445 45.71 -18.98 -16.00
N VAL F 446 46.53 -19.25 -17.02
CA VAL F 446 46.16 -20.22 -18.08
C VAL F 446 45.95 -21.62 -17.47
N GLY F 447 46.82 -21.98 -16.52
CA GLY F 447 46.67 -23.22 -15.75
C GLY F 447 45.28 -23.36 -15.14
N GLN F 448 44.89 -22.41 -14.30
CA GLN F 448 43.62 -22.53 -13.59
C GLN F 448 42.37 -22.30 -14.45
N SER F 449 42.58 -21.87 -15.70
CA SER F 449 41.50 -21.71 -16.68
C SER F 449 41.09 -23.04 -17.32
N GLY F 450 41.97 -24.03 -17.25
CA GLY F 450 41.69 -25.33 -17.85
C GLY F 450 42.26 -25.51 -19.25
N TYR F 451 42.58 -24.40 -19.91
CA TYR F 451 43.20 -24.44 -21.22
C TYR F 451 44.67 -24.87 -21.15
N ALA F 452 45.08 -25.71 -22.09
CA ALA F 452 46.51 -26.02 -22.25
C ALA F 452 47.27 -24.75 -22.69
N LEU F 453 48.56 -24.69 -22.37
CA LEU F 453 49.38 -23.54 -22.73
C LEU F 453 49.50 -23.34 -24.25
N ASP F 454 49.48 -24.44 -24.98
CA ASP F 454 49.52 -24.40 -26.45
C ASP F 454 48.15 -24.59 -27.11
N ALA F 455 47.07 -24.41 -26.36
CA ALA F 455 45.72 -24.49 -26.93
C ALA F 455 45.54 -23.55 -28.14
N PRO F 456 44.85 -24.02 -29.20
CA PRO F 456 44.63 -23.10 -30.32
C PRO F 456 43.66 -21.97 -29.91
N ARG F 457 43.92 -20.74 -30.37
CA ARG F 457 43.18 -19.57 -29.92
C ARG F 457 41.67 -19.72 -30.11
N GLY F 458 41.28 -20.36 -31.21
CA GLY F 458 39.87 -20.59 -31.54
C GLY F 458 39.06 -21.34 -30.50
N GLU F 459 39.73 -22.14 -29.66
CA GLU F 459 39.06 -22.78 -28.52
C GLU F 459 38.96 -21.85 -27.30
N VAL F 460 39.77 -20.79 -27.27
CA VAL F 460 39.81 -19.86 -26.14
C VAL F 460 38.93 -18.64 -26.41
N LEU F 461 38.96 -18.19 -27.66
CA LEU F 461 38.30 -16.96 -28.12
C LEU F 461 37.14 -17.39 -29.02
N TYR F 462 35.92 -17.10 -28.62
CA TYR F 462 34.77 -17.63 -29.34
C TYR F 462 33.50 -16.82 -29.14
N ALA F 463 32.57 -16.97 -30.09
CA ALA F 463 31.18 -16.56 -29.89
C ALA F 463 30.28 -17.78 -29.97
N THR F 464 29.38 -17.90 -29.00
CA THR F 464 28.44 -19.01 -28.96
C THR F 464 27.17 -18.60 -29.70
N ARG F 465 26.77 -19.41 -30.68
CA ARG F 465 25.49 -19.25 -31.35
C ARG F 465 24.91 -20.64 -31.52
N GLY F 466 23.60 -20.78 -31.27
CA GLY F 466 22.92 -22.06 -31.37
C GLY F 466 23.54 -23.15 -30.51
N GLY F 467 24.13 -22.75 -29.39
CA GLY F 467 24.80 -23.69 -28.49
C GLY F 467 26.14 -24.24 -28.99
N THR F 468 26.69 -23.69 -30.07
CA THR F 468 28.04 -24.08 -30.50
C THR F 468 28.99 -22.89 -30.48
N ARG F 469 30.18 -23.11 -29.91
CA ARG F 469 31.20 -22.08 -29.81
C ARG F 469 31.91 -21.87 -31.15
N LEU F 470 31.56 -20.80 -31.84
CA LEU F 470 32.21 -20.44 -33.10
C LEU F 470 33.64 -19.93 -32.78
N PRO F 471 34.67 -20.55 -33.38
CA PRO F 471 36.03 -20.12 -33.09
C PRO F 471 36.31 -18.74 -33.66
N LEU F 472 37.00 -17.90 -32.89
CA LEU F 472 37.34 -16.56 -33.34
C LEU F 472 38.85 -16.33 -33.38
N TYR F 473 39.23 -15.20 -33.96
CA TYR F 473 40.62 -14.78 -34.10
C TYR F 473 40.66 -13.29 -33.80
N GLY F 474 41.87 -12.73 -33.66
CA GLY F 474 42.03 -11.36 -33.21
C GLY F 474 42.27 -11.28 -31.71
N GLY F 475 42.38 -10.06 -31.19
CA GLY F 475 42.74 -9.85 -29.78
C GLY F 475 42.54 -8.42 -29.32
N CYS F 476 43.24 -8.05 -28.25
CA CYS F 476 43.08 -6.72 -27.65
C CYS F 476 44.20 -5.78 -28.08
N GLY F 477 43.85 -4.51 -28.27
CA GLY F 477 44.79 -3.48 -28.67
C GLY F 477 46.01 -3.39 -27.77
N ALA F 478 45.82 -3.62 -26.48
CA ALA F 478 46.94 -3.61 -25.53
C ALA F 478 48.14 -4.44 -26.01
N MET F 479 47.88 -5.60 -26.60
CA MET F 479 48.93 -6.48 -27.14
C MET F 479 49.45 -6.05 -28.52
N GLY F 480 48.85 -5.02 -29.10
CA GLY F 480 49.25 -4.57 -30.43
C GLY F 480 48.62 -5.32 -31.59
N TYR F 481 47.48 -5.96 -31.32
CA TYR F 481 46.57 -6.42 -32.38
C TYR F 481 46.02 -5.22 -33.16
N PHE F 482 45.81 -5.42 -34.45
CA PHE F 482 45.02 -4.55 -35.30
C PHE F 482 43.61 -5.17 -35.44
N THR F 483 43.55 -6.49 -35.59
CA THR F 483 42.29 -7.24 -35.70
C THR F 483 41.75 -7.41 -34.30
N ILE F 484 40.70 -6.67 -33.98
CA ILE F 484 40.28 -6.54 -32.58
C ILE F 484 39.09 -7.42 -32.21
N THR F 485 39.35 -8.38 -31.34
CA THR F 485 38.33 -9.24 -30.78
C THR F 485 38.74 -9.37 -29.32
N CYS F 486 38.15 -8.50 -28.50
CA CYS F 486 38.63 -8.23 -27.17
C CYS F 486 37.56 -8.47 -26.12
N SER F 487 37.66 -9.61 -25.45
CA SER F 487 36.70 -10.04 -24.44
C SER F 487 36.88 -9.32 -23.10
N GLU F 488 35.76 -9.10 -22.40
CA GLU F 488 35.78 -8.50 -21.04
C GLU F 488 35.91 -9.59 -19.98
N ASN F 489 35.89 -10.83 -20.43
CA ASN F 489 35.87 -12.01 -19.58
C ASN F 489 37.30 -12.45 -19.23
N ASP F 490 37.55 -12.73 -17.97
CA ASP F 490 38.85 -13.23 -17.53
C ASP F 490 39.00 -14.67 -18.01
N ILE F 491 40.21 -15.03 -18.44
CA ILE F 491 40.46 -16.33 -19.03
C ILE F 491 40.08 -17.49 -18.11
N THR F 492 40.12 -17.24 -16.80
CA THR F 492 39.74 -18.26 -15.80
C THR F 492 38.22 -18.48 -15.74
N GLN F 493 37.45 -17.56 -16.33
CA GLN F 493 36.00 -17.64 -16.28
C GLN F 493 35.44 -18.20 -17.58
N GLY F 494 36.12 -19.21 -18.13
CA GLY F 494 35.69 -19.89 -19.36
C GLY F 494 36.26 -19.29 -20.64
N GLY F 495 37.51 -18.83 -20.58
CA GLY F 495 38.17 -18.28 -21.75
C GLY F 495 37.72 -16.89 -22.18
N TYR F 496 38.15 -16.48 -23.36
CA TYR F 496 37.83 -15.16 -23.89
C TYR F 496 36.51 -15.24 -24.67
N SER F 497 35.43 -15.42 -23.91
CA SER F 497 34.09 -15.52 -24.47
C SER F 497 33.61 -14.15 -24.94
N MET F 498 32.93 -14.13 -26.08
CA MET F 498 32.43 -12.88 -26.65
C MET F 498 30.90 -12.76 -26.49
N ASP F 499 30.33 -13.53 -25.56
CA ASP F 499 28.87 -13.68 -25.45
C ASP F 499 28.24 -12.64 -24.51
N GLY F 500 29.07 -11.99 -23.70
CA GLY F 500 28.55 -11.02 -22.74
C GLY F 500 28.51 -9.62 -23.34
N GLN F 501 29.23 -8.70 -22.73
CA GLN F 501 29.39 -7.35 -23.29
C GLN F 501 30.90 -7.06 -23.40
N PRO F 502 31.51 -7.54 -24.50
CA PRO F 502 32.94 -7.36 -24.73
C PRO F 502 33.34 -5.90 -24.87
N ASN F 503 34.64 -5.65 -24.74
CA ASN F 503 35.20 -4.32 -24.94
C ASN F 503 35.11 -4.03 -26.42
N ALA F 504 35.25 -2.76 -26.81
CA ALA F 504 35.21 -2.36 -28.21
C ALA F 504 35.92 -3.40 -29.10
N SER F 505 35.16 -3.99 -30.02
CA SER F 505 35.71 -5.00 -30.91
C SER F 505 35.21 -4.82 -32.33
N ASN F 506 35.79 -5.55 -33.27
CA ASN F 506 35.31 -5.58 -34.63
C ASN F 506 33.80 -5.78 -34.61
N SER F 507 33.10 -4.88 -35.32
CA SER F 507 31.64 -4.83 -35.30
C SER F 507 31.12 -4.81 -36.75
N TYR F 508 30.91 -3.61 -37.28
CA TYR F 508 30.72 -3.43 -38.73
C TYR F 508 32.06 -3.25 -39.42
N MET F 509 32.33 -4.11 -40.40
CA MET F 509 33.54 -3.98 -41.21
C MET F 509 33.15 -3.83 -42.67
N GLN F 510 33.81 -2.93 -43.36
CA GLN F 510 33.58 -2.79 -44.80
C GLN F 510 34.88 -2.60 -45.55
N VAL F 511 34.95 -3.23 -46.71
CA VAL F 511 36.02 -3.01 -47.67
C VAL F 511 35.32 -2.60 -48.95
N VAL F 512 35.49 -1.36 -49.35
CA VAL F 512 34.71 -0.79 -50.44
C VAL F 512 35.63 -0.28 -51.52
N SER F 513 35.32 -0.62 -52.76
CA SER F 513 36.08 -0.10 -53.90
C SER F 513 35.11 0.29 -55.00
N PHE F 514 35.61 0.98 -56.01
CA PHE F 514 34.74 1.43 -57.09
C PHE F 514 35.20 0.98 -58.46
N PRO F 515 35.03 -0.33 -58.78
CA PRO F 515 35.35 -0.77 -60.13
C PRO F 515 34.39 -0.17 -61.17
N ALA F 516 34.76 -0.28 -62.44
CA ALA F 516 33.95 0.22 -63.57
C ALA F 516 32.47 -0.15 -63.47
N SER F 517 32.17 -1.40 -63.15
CA SER F 517 30.77 -1.85 -63.09
C SER F 517 29.93 -1.24 -61.97
N GLY F 518 30.55 -0.55 -61.00
CA GLY F 518 29.83 0.03 -59.85
C GLY F 518 30.48 -0.29 -58.53
N VAL F 519 30.15 0.45 -57.45
CA VAL F 519 30.69 0.18 -56.10
C VAL F 519 30.63 -1.30 -55.78
N GLN F 520 31.68 -1.81 -55.14
CA GLN F 520 31.63 -3.16 -54.55
C GLN F 520 32.02 -3.08 -53.08
N ALA F 521 31.17 -3.60 -52.21
CA ALA F 521 31.42 -3.62 -50.77
C ALA F 521 31.37 -5.02 -50.19
N HIS F 522 32.38 -5.33 -49.37
CA HIS F 522 32.42 -6.58 -48.63
C HIS F 522 32.33 -6.21 -47.18
N THR F 523 31.50 -6.92 -46.43
CA THR F 523 31.14 -6.46 -45.09
C THR F 523 31.04 -7.60 -44.08
N PHE F 524 31.21 -7.24 -42.79
CA PHE F 524 30.78 -8.07 -41.67
C PHE F 524 29.94 -7.20 -40.74
N LEU F 525 29.00 -7.86 -40.04
CA LEU F 525 28.44 -7.34 -38.81
C LEU F 525 28.65 -8.51 -37.86
N THR F 526 29.76 -8.43 -37.11
CA THR F 526 30.31 -9.57 -36.40
C THR F 526 29.30 -10.28 -35.49
N PHE F 527 28.54 -9.51 -34.71
CA PHE F 527 27.59 -10.06 -33.72
C PHE F 527 26.23 -10.46 -34.30
N SER F 528 26.05 -10.18 -35.60
CA SER F 528 24.80 -10.45 -36.37
C SER F 528 23.72 -9.40 -36.15
N LEU F 529 22.72 -9.38 -37.02
CA LEU F 529 21.73 -8.30 -37.09
C LEU F 529 20.83 -8.17 -35.86
N SER F 530 20.45 -9.32 -35.30
CA SER F 530 19.34 -9.38 -34.36
C SER F 530 19.78 -9.79 -32.98
N ASP F 531 19.26 -9.08 -31.97
CA ASP F 531 19.54 -9.38 -30.56
C ASP F 531 18.69 -10.55 -30.04
N ASP F 532 17.73 -11.01 -30.85
CA ASP F 532 16.79 -12.04 -30.42
C ASP F 532 17.38 -13.43 -30.68
N PRO F 533 17.62 -14.23 -29.62
CA PRO F 533 18.20 -15.56 -29.82
C PRO F 533 17.42 -16.50 -30.76
N ALA F 534 16.11 -16.26 -30.87
CA ALA F 534 15.24 -17.04 -31.73
C ALA F 534 15.31 -16.56 -33.19
N SER F 535 15.87 -15.39 -33.44
CA SER F 535 15.89 -14.89 -34.82
C SER F 535 16.83 -15.70 -35.71
N PRO F 536 16.42 -15.93 -36.97
CA PRO F 536 17.37 -16.50 -37.95
C PRO F 536 18.64 -15.66 -38.10
N HIS F 537 18.55 -14.36 -37.79
CA HIS F 537 19.69 -13.46 -37.97
C HIS F 537 20.39 -13.09 -36.70
N HIS F 538 20.34 -14.00 -35.73
CA HIS F 538 21.06 -13.83 -34.47
C HIS F 538 22.48 -14.33 -34.54
N GLY F 539 22.74 -15.28 -35.44
CA GLY F 539 24.03 -15.97 -35.45
C GLY F 539 24.64 -16.27 -36.81
N ASP F 540 23.88 -16.01 -37.88
CA ASP F 540 24.36 -16.30 -39.22
C ASP F 540 25.61 -15.48 -39.60
N TYR F 541 25.54 -14.15 -39.50
CA TYR F 541 26.68 -13.29 -39.81
C TYR F 541 27.91 -13.67 -38.95
N THR F 542 27.67 -13.97 -37.67
CA THR F 542 28.72 -14.37 -36.75
C THR F 542 29.46 -15.64 -37.23
N LYS F 543 28.71 -16.58 -37.80
CA LYS F 543 29.29 -17.80 -38.36
C LYS F 543 30.23 -17.49 -39.53
N ALA F 544 29.78 -16.60 -40.42
CA ALA F 544 30.60 -16.13 -41.52
C ALA F 544 31.86 -15.42 -41.00
N TYR F 545 31.73 -14.56 -40.00
CA TYR F 545 32.88 -13.88 -39.40
C TYR F 545 33.90 -14.89 -38.88
N SER F 546 33.40 -15.89 -38.17
CA SER F 546 34.23 -16.96 -37.64
C SER F 546 35.00 -17.66 -38.77
N ALA F 547 34.32 -17.92 -39.88
CA ALA F 547 34.92 -18.55 -41.05
C ALA F 547 35.78 -17.59 -41.87
N GLY F 548 35.69 -16.29 -41.56
CA GLY F 548 36.42 -15.26 -42.30
C GLY F 548 35.88 -15.05 -43.70
N GLN F 549 34.61 -15.35 -43.90
CA GLN F 549 33.97 -15.20 -45.21
C GLN F 549 33.22 -13.86 -45.36
N TRP F 550 33.94 -12.84 -45.83
CA TRP F 550 33.33 -11.53 -46.12
C TRP F 550 32.07 -11.65 -46.92
N LEU F 551 31.06 -10.88 -46.56
CA LEU F 551 29.81 -10.86 -47.30
C LEU F 551 29.87 -9.81 -48.40
N ARG F 552 29.67 -10.25 -49.65
CA ARG F 552 29.46 -9.32 -50.75
C ARG F 552 28.04 -8.83 -50.60
N VAL F 553 27.90 -7.61 -50.09
CA VAL F 553 26.57 -7.07 -49.80
C VAL F 553 25.97 -6.57 -51.11
N PRO F 554 24.79 -7.10 -51.49
CA PRO F 554 24.17 -6.65 -52.75
C PRO F 554 23.84 -5.16 -52.70
N PHE F 555 24.05 -4.44 -53.81
CA PHE F 555 23.80 -2.99 -53.83
C PHE F 555 22.87 -2.54 -54.95
N THR F 556 23.14 -2.97 -56.19
CA THR F 556 22.24 -2.68 -57.30
C THR F 556 20.91 -3.42 -57.14
N GLU F 557 19.87 -2.92 -57.79
CA GLU F 557 18.57 -3.61 -57.79
C GLU F 557 18.69 -5.05 -58.26
N ALA F 558 19.46 -5.27 -59.32
CA ALA F 558 19.66 -6.62 -59.87
C ALA F 558 20.38 -7.54 -58.88
N GLU F 559 21.32 -6.98 -58.10
CA GLU F 559 22.04 -7.73 -57.07
C GLU F 559 21.14 -8.10 -55.91
N ILE F 560 20.28 -7.16 -55.51
CA ILE F 560 19.35 -7.40 -54.41
C ILE F 560 18.36 -8.49 -54.78
N THR F 561 17.68 -8.32 -55.92
CA THR F 561 16.66 -9.29 -56.34
C THR F 561 17.29 -10.62 -56.75
N GLY F 562 18.55 -10.60 -57.18
CA GLY F 562 19.25 -11.80 -57.64
C GLY F 562 19.89 -12.58 -56.52
N ASN F 563 19.91 -12.00 -55.32
CA ASN F 563 20.50 -12.66 -54.17
C ASN F 563 19.76 -13.96 -53.84
N ALA F 564 20.52 -15.01 -53.51
CA ALA F 564 19.95 -16.34 -53.24
C ALA F 564 18.93 -16.37 -52.10
N ASP F 565 19.01 -15.39 -51.20
CA ASP F 565 18.14 -15.36 -50.03
C ASP F 565 17.11 -14.25 -50.11
N TYR F 566 16.88 -13.74 -51.32
CA TYR F 566 16.00 -12.61 -51.56
C TYR F 566 14.58 -12.83 -51.05
N ARG F 567 14.10 -11.91 -50.23
CA ARG F 567 12.71 -11.89 -49.79
C ARG F 567 12.27 -10.44 -49.85
N THR F 568 11.05 -10.20 -50.32
CA THR F 568 10.49 -8.85 -50.32
C THR F 568 9.10 -8.86 -49.70
N ALA F 569 8.71 -7.71 -49.15
CA ALA F 569 7.37 -7.48 -48.62
C ALA F 569 7.25 -5.98 -48.52
N THR F 570 6.03 -5.45 -48.60
CA THR F 570 5.87 -4.02 -48.40
C THR F 570 4.97 -3.70 -47.22
N VAL F 571 5.41 -2.75 -46.41
CA VAL F 571 4.62 -2.23 -45.29
C VAL F 571 4.06 -0.84 -45.62
N LYS F 572 2.79 -0.62 -45.27
CA LYS F 572 2.17 0.69 -45.41
C LYS F 572 1.14 0.98 -44.32
N GLU F 573 0.86 2.27 -44.12
CA GLU F 573 -0.22 2.74 -43.25
C GLU F 573 -0.46 4.23 -43.47
N LEU F 574 -1.59 4.71 -42.96
CA LEU F 574 -1.90 6.15 -42.97
C LEU F 574 -1.01 6.93 -42.02
N THR G 8 -44.45 -12.27 52.45
CA THR G 8 -44.98 -11.00 53.05
C THR G 8 -43.87 -9.94 53.26
N TYR G 9 -43.70 -9.12 52.23
CA TYR G 9 -42.55 -8.24 52.09
C TYR G 9 -42.67 -6.94 52.88
N SER G 10 -41.56 -6.50 53.45
CA SER G 10 -41.47 -5.21 54.11
C SER G 10 -40.08 -4.65 53.90
N ALA G 11 -40.01 -3.46 53.32
CA ALA G 11 -38.72 -2.84 53.02
C ALA G 11 -38.74 -1.38 53.42
N GLU G 12 -37.68 -0.96 54.13
CA GLU G 12 -37.49 0.45 54.47
C GLU G 12 -36.60 1.09 53.41
N ILE G 13 -37.17 2.07 52.72
CA ILE G 13 -36.45 2.80 51.68
C ILE G 13 -35.99 4.11 52.25
N ARG G 14 -34.69 4.22 52.44
CA ARG G 14 -34.06 5.47 52.86
C ARG G 14 -33.45 6.06 51.62
N ARG G 15 -33.84 7.29 51.27
CA ARG G 15 -33.17 8.00 50.17
C ARG G 15 -32.34 9.14 50.73
N THR G 16 -31.16 9.36 50.13
CA THR G 16 -30.28 10.43 50.57
C THR G 16 -29.99 11.39 49.41
N THR G 17 -28.88 12.13 49.51
CA THR G 17 -28.49 13.10 48.47
C THR G 17 -28.35 12.42 47.10
N MET G 18 -28.85 13.13 46.09
CA MET G 18 -28.94 12.63 44.71
C MET G 18 -30.02 11.57 44.57
N GLY G 19 -30.80 11.37 45.63
CA GLY G 19 -31.87 10.35 45.64
C GLY G 19 -31.44 8.91 45.82
N VAL G 20 -30.14 8.69 46.08
CA VAL G 20 -29.60 7.33 46.25
C VAL G 20 -30.40 6.54 47.31
N PRO G 21 -31.07 5.45 46.90
CA PRO G 21 -31.85 4.63 47.84
C PRO G 21 -31.00 3.63 48.62
N HIS G 22 -31.30 3.53 49.90
CA HIS G 22 -30.64 2.59 50.76
C HIS G 22 -31.72 1.69 51.26
N ILE G 23 -31.76 0.49 50.70
CA ILE G 23 -32.79 -0.50 51.07
C ILE G 23 -32.38 -1.26 52.33
N LYS G 24 -33.27 -1.27 53.31
CA LYS G 24 -33.06 -2.05 54.52
C LYS G 24 -34.25 -2.98 54.73
N ALA G 25 -33.96 -4.26 54.99
CA ALA G 25 -35.00 -5.30 55.17
C ALA G 25 -34.47 -6.51 55.96
N GLY G 26 -35.41 -7.30 56.49
CA GLY G 26 -35.06 -8.44 57.37
C GLY G 26 -34.56 -9.67 56.63
N ASN G 27 -34.75 -9.70 55.30
CA ASN G 27 -34.47 -10.90 54.51
C ASN G 27 -34.35 -10.60 53.01
N TRP G 28 -33.86 -11.58 52.25
CA TRP G 28 -33.56 -11.40 50.83
C TRP G 28 -34.78 -11.11 50.00
N GLY G 29 -35.89 -11.79 50.27
CA GLY G 29 -37.17 -11.52 49.59
C GLY G 29 -37.56 -10.05 49.66
N SER G 30 -37.52 -9.50 50.87
CA SER G 30 -37.89 -8.11 51.13
C SER G 30 -36.87 -7.09 50.60
N ALA G 31 -35.60 -7.48 50.50
CA ALA G 31 -34.59 -6.62 49.89
C ALA G 31 -34.86 -6.53 48.39
N GLY G 32 -35.12 -7.69 47.77
CA GLY G 32 -35.62 -7.74 46.40
C GLY G 32 -36.81 -6.83 46.17
N TYR G 33 -37.81 -6.90 47.06
CA TYR G 33 -39.01 -6.04 47.00
C TYR G 33 -38.69 -4.53 46.96
N GLY G 34 -37.86 -4.08 47.91
CA GLY G 34 -37.49 -2.67 48.01
C GLY G 34 -36.71 -2.21 46.81
N PHE G 35 -35.80 -3.08 46.34
CA PHE G 35 -34.97 -2.79 45.18
C PHE G 35 -35.81 -2.65 43.90
N GLY G 36 -36.65 -3.63 43.62
CA GLY G 36 -37.54 -3.60 42.45
C GLY G 36 -38.41 -2.36 42.44
N TYR G 37 -38.94 -2.01 43.60
CA TYR G 37 -39.73 -0.80 43.75
C TYR G 37 -38.96 0.48 43.41
N VAL G 38 -37.77 0.68 43.99
CA VAL G 38 -37.04 1.93 43.71
C VAL G 38 -36.56 2.01 42.27
N GLN G 39 -36.17 0.89 41.67
CA GLN G 39 -35.70 0.89 40.27
C GLN G 39 -36.81 1.34 39.33
N ALA G 40 -37.98 0.71 39.46
CA ALA G 40 -39.17 1.10 38.73
C ALA G 40 -39.60 2.54 39.01
N GLN G 41 -39.53 2.95 40.28
CA GLN G 41 -39.92 4.31 40.67
C GLN G 41 -39.12 5.36 39.93
N ASP G 42 -37.83 5.10 39.75
CA ASP G 42 -36.93 6.01 39.03
C ASP G 42 -36.84 5.75 37.53
N ASN G 43 -37.09 4.52 37.08
CA ASN G 43 -36.83 4.18 35.66
C ASN G 43 -37.87 3.34 34.92
N LEU G 44 -39.13 3.49 35.28
CA LEU G 44 -40.21 2.66 34.75
C LEU G 44 -40.22 2.55 33.23
N CYS G 45 -40.14 3.66 32.51
CA CYS G 45 -40.24 3.59 31.05
C CYS G 45 -39.16 2.70 30.44
N THR G 46 -37.90 2.94 30.78
CA THR G 46 -36.79 2.12 30.30
C THR G 46 -37.00 0.65 30.68
N MET G 47 -37.30 0.38 31.95
CA MET G 47 -37.49 -1.00 32.41
C MET G 47 -38.69 -1.69 31.73
N ALA G 48 -39.84 -1.03 31.64
CA ALA G 48 -41.01 -1.69 31.01
C ALA G 48 -40.71 -2.02 29.55
N ASP G 49 -40.03 -1.10 28.86
CA ASP G 49 -39.64 -1.32 27.48
C ASP G 49 -38.72 -2.53 27.40
N SER G 50 -37.80 -2.64 28.36
CA SER G 50 -36.86 -3.74 28.39
C SER G 50 -37.54 -5.10 28.62
N PHE G 51 -38.61 -5.15 29.41
CA PHE G 51 -39.22 -6.46 29.66
C PHE G 51 -39.97 -7.02 28.46
N LEU G 52 -40.45 -6.13 27.58
CA LEU G 52 -40.91 -6.54 26.25
C LEU G 52 -39.79 -7.27 25.52
N THR G 53 -38.57 -6.75 25.64
CA THR G 53 -37.38 -7.28 24.94
C THR G 53 -37.05 -8.73 25.34
N TYR G 54 -36.88 -8.96 26.64
CA TYR G 54 -36.43 -10.26 27.13
C TYR G 54 -37.50 -11.32 26.96
N ARG G 55 -38.77 -10.89 27.01
CA ARG G 55 -39.92 -11.76 26.81
C ARG G 55 -40.22 -12.06 25.34
N GLY G 56 -39.61 -11.28 24.44
CA GLY G 56 -39.88 -11.37 23.00
C GLY G 56 -41.26 -10.82 22.63
N GLU G 57 -41.61 -9.69 23.23
CA GLU G 57 -42.94 -9.10 23.06
C GLU G 57 -42.91 -7.68 22.49
N ARG G 58 -41.78 -7.27 21.92
CA ARG G 58 -41.66 -5.91 21.39
C ARG G 58 -42.61 -5.67 20.23
N SER G 59 -42.60 -6.60 19.27
CA SER G 59 -43.30 -6.42 18.00
C SER G 59 -44.80 -6.23 18.18
N ARG G 60 -45.39 -7.01 19.11
CA ARG G 60 -46.82 -6.94 19.39
C ARG G 60 -47.26 -5.52 19.73
N HIS G 61 -46.46 -4.81 20.53
CA HIS G 61 -46.81 -3.46 20.97
C HIS G 61 -46.28 -2.40 20.02
N LEU G 62 -45.04 -2.58 19.57
CA LEU G 62 -44.32 -1.51 18.87
C LEU G 62 -44.08 -1.74 17.37
N GLY G 63 -44.67 -2.78 16.79
CA GLY G 63 -44.41 -3.12 15.40
C GLY G 63 -43.10 -3.89 15.24
N GLY G 64 -43.13 -4.89 14.36
CA GLY G 64 -41.97 -5.75 14.12
C GLY G 64 -40.83 -5.13 13.31
N SER G 65 -41.10 -4.02 12.62
CA SER G 65 -40.06 -3.47 11.74
C SER G 65 -39.27 -2.31 12.36
N ALA G 66 -39.78 -1.76 13.46
CA ALA G 66 -39.05 -0.75 14.22
C ALA G 66 -37.89 -1.39 14.99
N GLN G 67 -36.81 -0.64 15.14
CA GLN G 67 -35.67 -1.08 15.93
C GLN G 67 -35.97 -1.00 17.43
N LEU G 68 -35.12 -1.66 18.22
CA LEU G 68 -35.06 -1.44 19.65
C LEU G 68 -34.96 0.06 19.90
N VAL G 69 -35.67 0.54 20.93
CA VAL G 69 -35.65 1.93 21.31
C VAL G 69 -34.27 2.33 21.83
N TYR G 70 -33.73 1.54 22.75
CA TYR G 70 -32.48 1.86 23.43
C TYR G 70 -31.33 0.98 22.97
N ASN G 71 -30.14 1.56 22.91
CA ASN G 71 -28.93 0.78 22.73
C ASN G 71 -28.60 0.01 24.02
N SER G 72 -27.85 -1.07 23.86
CA SER G 72 -27.50 -1.95 24.97
C SER G 72 -26.52 -2.97 24.44
N THR G 73 -26.22 -3.98 25.25
CA THR G 73 -25.36 -5.08 24.86
C THR G 73 -25.95 -5.88 23.71
N LEU G 74 -27.27 -5.78 23.53
CA LEU G 74 -27.98 -6.40 22.41
C LEU G 74 -27.84 -5.58 21.11
N GLY G 75 -27.40 -4.33 21.23
CA GLY G 75 -27.34 -3.46 20.06
C GLY G 75 -28.75 -3.10 19.65
N ARG G 76 -28.97 -2.81 18.37
CA ARG G 76 -30.28 -2.31 17.95
C ARG G 76 -30.86 -3.00 16.72
N PRO G 77 -31.17 -4.30 16.81
CA PRO G 77 -31.77 -5.01 15.67
C PRO G 77 -33.26 -4.66 15.54
N ARG G 78 -33.92 -5.19 14.52
CA ARG G 78 -35.36 -4.99 14.40
C ARG G 78 -36.07 -5.77 15.45
N ASN G 79 -37.16 -5.19 15.96
CA ASN G 79 -38.03 -5.82 16.95
C ASN G 79 -38.41 -7.26 16.62
N ILE G 80 -38.72 -7.53 15.35
CA ILE G 80 -39.15 -8.88 14.98
C ILE G 80 -38.02 -9.91 15.20
N ASP G 81 -36.78 -9.52 14.85
CA ASP G 81 -35.62 -10.38 15.05
C ASP G 81 -35.25 -10.54 16.54
N SER G 82 -35.34 -9.45 17.30
CA SER G 82 -35.14 -9.51 18.75
C SER G 82 -36.12 -10.48 19.42
N ASP G 83 -37.39 -10.41 19.05
CA ASP G 83 -38.40 -11.29 19.63
C ASP G 83 -38.09 -12.76 19.40
N PHE G 84 -37.73 -13.11 18.17
CA PHE G 84 -37.34 -14.47 17.87
C PHE G 84 -36.10 -14.89 18.65
N PHE G 85 -35.08 -14.03 18.67
CA PHE G 85 -33.86 -14.30 19.44
C PHE G 85 -34.15 -14.67 20.90
N HIS G 86 -34.89 -13.80 21.59
CA HIS G 86 -35.16 -14.00 23.02
C HIS G 86 -36.03 -15.20 23.28
N ARG G 87 -37.10 -15.37 22.49
CA ARG G 87 -37.95 -16.57 22.61
C ARG G 87 -37.23 -17.88 22.31
N HIS G 88 -36.25 -17.84 21.40
CA HIS G 88 -35.49 -19.03 20.99
C HIS G 88 -34.33 -19.38 21.88
N VAL G 89 -33.59 -18.37 22.33
CA VAL G 89 -32.41 -18.60 23.16
C VAL G 89 -32.77 -18.53 24.66
N ILE G 90 -33.65 -17.59 25.02
CA ILE G 90 -34.11 -17.52 26.40
C ILE G 90 -35.50 -18.14 26.46
N SER G 91 -35.57 -19.43 26.11
CA SER G 91 -36.79 -20.22 26.16
C SER G 91 -37.19 -20.50 27.60
N ASP G 92 -38.37 -21.08 27.78
CA ASP G 92 -38.83 -21.52 29.10
C ASP G 92 -37.93 -22.58 29.73
N GLU G 93 -37.29 -23.40 28.89
CA GLU G 93 -36.31 -24.38 29.38
C GLU G 93 -35.03 -23.70 29.86
N ALA G 94 -34.59 -22.67 29.13
CA ALA G 94 -33.39 -21.92 29.51
C ALA G 94 -33.62 -21.28 30.87
N VAL G 95 -34.83 -20.77 31.07
CA VAL G 95 -35.24 -20.18 32.35
C VAL G 95 -35.34 -21.26 33.44
N ASP G 96 -35.89 -22.42 33.09
CA ASP G 96 -36.00 -23.53 34.05
C ASP G 96 -34.63 -23.95 34.59
N ARG G 97 -33.67 -24.15 33.69
CA ARG G 97 -32.32 -24.55 34.07
C ARG G 97 -31.65 -23.49 34.96
N THR G 98 -31.76 -22.23 34.56
CA THR G 98 -31.20 -21.11 35.32
C THR G 98 -31.70 -21.15 36.76
N MET G 99 -33.02 -21.17 36.90
CA MET G 99 -33.67 -21.13 38.21
C MET G 99 -33.31 -22.33 39.11
N ALA G 100 -33.21 -23.52 38.53
CA ALA G 100 -32.89 -24.75 39.30
C ALA G 100 -31.53 -24.66 40.01
N ALA G 101 -30.61 -23.88 39.44
CA ALA G 101 -29.23 -23.80 39.95
C ALA G 101 -29.07 -22.72 41.03
N GLN G 102 -30.14 -21.99 41.31
CA GLN G 102 -30.06 -20.83 42.19
C GLN G 102 -30.22 -21.20 43.65
N PRO G 103 -29.54 -20.47 44.55
CA PRO G 103 -29.83 -20.66 45.97
C PRO G 103 -31.19 -20.10 46.33
N ALA G 104 -31.86 -20.75 47.28
CA ALA G 104 -33.17 -20.32 47.76
C ALA G 104 -33.30 -18.81 47.97
N LYS G 105 -32.28 -18.20 48.55
CA LYS G 105 -32.33 -16.79 48.92
C LYS G 105 -32.40 -15.85 47.69
N LEU G 106 -31.72 -16.23 46.62
CA LEU G 106 -31.81 -15.45 45.38
C LEU G 106 -33.16 -15.63 44.70
N LEU G 107 -33.67 -16.85 44.71
CA LEU G 107 -34.99 -17.12 44.14
C LEU G 107 -36.04 -16.26 44.83
N GLN G 108 -35.91 -16.17 46.15
CA GLN G 108 -36.78 -15.36 46.98
C GLN G 108 -36.63 -13.88 46.63
N MET G 109 -35.38 -13.43 46.48
CA MET G 109 -35.07 -12.03 46.17
C MET G 109 -35.67 -11.59 44.83
N VAL G 110 -35.50 -12.43 43.82
CA VAL G 110 -36.08 -12.18 42.50
C VAL G 110 -37.62 -12.12 42.54
N GLU G 111 -38.25 -13.00 43.32
CA GLU G 111 -39.69 -12.95 43.53
C GLU G 111 -40.10 -11.62 44.16
N GLY G 112 -39.31 -11.20 45.14
CA GLY G 112 -39.49 -9.91 45.81
C GLY G 112 -39.34 -8.81 44.79
N PHE G 113 -38.23 -8.87 44.04
CA PHE G 113 -37.97 -7.88 42.99
C PHE G 113 -39.18 -7.70 42.08
N ALA G 114 -39.73 -8.82 41.59
CA ALA G 114 -40.89 -8.75 40.71
C ALA G 114 -42.10 -8.11 41.39
N ALA G 115 -42.39 -8.49 42.63
CA ALA G 115 -43.50 -7.90 43.39
C ALA G 115 -43.32 -6.39 43.60
N GLY G 116 -42.09 -5.97 43.89
CA GLY G 116 -41.78 -4.56 44.11
C GLY G 116 -41.98 -3.72 42.87
N TYR G 117 -41.46 -4.23 41.76
CA TYR G 117 -41.65 -3.63 40.45
C TYR G 117 -43.14 -3.48 40.13
N ASN G 118 -43.90 -4.57 40.32
CA ASN G 118 -45.34 -4.56 40.05
C ASN G 118 -46.07 -3.58 40.96
N ARG G 119 -45.59 -3.45 42.19
CA ARG G 119 -46.18 -2.54 43.14
C ARG G 119 -46.12 -1.12 42.60
N TYR G 120 -44.96 -0.72 42.12
CA TYR G 120 -44.82 0.59 41.52
C TYR G 120 -45.69 0.75 40.27
N VAL G 121 -45.83 -0.31 39.48
CA VAL G 121 -46.71 -0.31 38.31
C VAL G 121 -48.17 0.02 38.66
N ARG G 122 -48.71 -0.64 39.70
CA ARG G 122 -50.07 -0.35 40.21
C ARG G 122 -50.23 1.12 40.59
N GLU G 123 -49.19 1.68 41.22
CA GLU G 123 -49.15 3.08 41.64
C GLU G 123 -49.11 4.04 40.44
N ALA G 124 -48.25 3.72 39.48
CA ALA G 124 -48.08 4.52 38.26
C ALA G 124 -49.35 4.55 37.41
N LYS G 125 -50.05 3.42 37.36
CA LYS G 125 -51.34 3.32 36.67
C LYS G 125 -52.42 4.15 37.37
N ALA G 126 -52.43 4.13 38.70
CA ALA G 126 -53.45 4.83 39.48
C ALA G 126 -53.45 6.36 39.27
N GLY G 127 -52.27 6.95 39.09
CA GLY G 127 -52.17 8.39 38.81
C GLY G 127 -50.77 8.97 38.90
N GLY G 128 -50.71 10.26 39.16
CA GLY G 128 -49.44 10.95 39.36
C GLY G 128 -48.84 11.42 38.05
N SER G 129 -47.90 12.35 38.16
CA SER G 129 -47.26 12.98 37.01
C SER G 129 -45.90 12.36 36.66
N ALA G 130 -45.46 11.38 37.45
CA ALA G 130 -44.21 10.65 37.18
C ALA G 130 -44.39 9.69 36.01
N HIS G 131 -43.35 9.58 35.17
CA HIS G 131 -43.33 8.67 34.02
C HIS G 131 -44.41 8.93 33.02
N ALA G 132 -44.62 10.22 32.73
CA ALA G 132 -45.66 10.63 31.79
C ALA G 132 -45.46 10.05 30.39
N ALA G 133 -44.22 9.78 30.02
CA ALA G 133 -43.90 9.27 28.68
C ALA G 133 -44.53 7.92 28.34
N CYS G 134 -44.88 7.13 29.36
CA CYS G 134 -45.25 5.73 29.15
C CYS G 134 -46.30 5.13 30.10
N ARG G 135 -46.68 5.85 31.16
CA ARG G 135 -47.48 5.22 32.22
C ARG G 135 -48.86 4.73 31.77
N SER G 136 -49.33 5.22 30.63
CA SER G 136 -50.65 4.85 30.13
C SER G 136 -50.61 3.80 29.00
N GLU G 137 -49.41 3.32 28.67
CA GLU G 137 -49.23 2.35 27.59
C GLU G 137 -49.51 0.91 28.04
N ALA G 138 -49.88 0.06 27.08
CA ALA G 138 -50.19 -1.34 27.37
C ALA G 138 -48.95 -2.11 27.87
N TRP G 139 -47.78 -1.69 27.38
CA TRP G 139 -46.52 -2.34 27.74
C TRP G 139 -45.98 -2.02 29.12
N VAL G 140 -46.63 -1.10 29.82
CA VAL G 140 -46.41 -0.91 31.25
C VAL G 140 -47.37 -1.86 31.98
N GLN G 141 -46.82 -2.95 32.53
CA GLN G 141 -47.65 -4.03 33.06
C GLN G 141 -46.93 -4.92 34.08
N PRO G 142 -47.69 -5.63 34.94
CA PRO G 142 -47.05 -6.60 35.85
C PRO G 142 -46.10 -7.58 35.14
N ILE G 143 -45.05 -8.00 35.84
CA ILE G 143 -44.13 -9.05 35.36
C ILE G 143 -44.00 -10.18 36.40
N THR G 144 -43.38 -11.28 36.01
CA THR G 144 -43.18 -12.43 36.89
C THR G 144 -41.71 -12.54 37.28
N ALA G 145 -41.43 -13.38 38.27
CA ALA G 145 -40.07 -13.70 38.67
C ALA G 145 -39.29 -14.25 37.46
N ARG G 146 -39.98 -15.05 36.65
CA ARG G 146 -39.40 -15.69 35.49
C ARG G 146 -38.91 -14.67 34.46
N ASP G 147 -39.61 -13.54 34.35
CA ASP G 147 -39.22 -12.45 33.47
C ASP G 147 -37.93 -11.79 33.95
N VAL G 148 -37.75 -11.73 35.28
CA VAL G 148 -36.54 -11.16 35.85
C VAL G 148 -35.35 -12.08 35.57
N TRP G 149 -35.57 -13.39 35.67
CA TRP G 149 -34.57 -14.38 35.28
C TRP G 149 -34.21 -14.32 33.82
N ARG G 150 -35.19 -14.09 32.95
CA ARG G 150 -34.94 -13.83 31.52
C ARG G 150 -33.95 -12.68 31.38
N ARG G 151 -34.23 -11.57 32.08
CA ARG G 151 -33.38 -10.36 32.07
C ARG G 151 -31.97 -10.67 32.58
N ILE G 152 -31.91 -11.51 33.60
CA ILE G 152 -30.67 -11.87 34.27
C ILE G 152 -29.83 -12.71 33.31
N TYR G 153 -30.47 -13.72 32.74
CA TYR G 153 -29.84 -14.57 31.73
C TYR G 153 -29.34 -13.76 30.52
N ALA G 154 -30.18 -12.83 30.06
CA ALA G 154 -29.82 -11.98 28.91
C ALA G 154 -28.48 -11.27 29.12
N ALA G 155 -28.24 -10.77 30.33
CA ALA G 155 -27.01 -10.04 30.66
C ALA G 155 -25.74 -10.87 30.49
N ASN G 156 -25.87 -12.17 30.68
CA ASN G 156 -24.75 -13.08 30.53
C ASN G 156 -24.27 -13.29 29.11
N LEU G 157 -25.15 -13.07 28.14
CA LEU G 157 -24.91 -13.45 26.75
C LEU G 157 -24.23 -12.34 25.96
N ALA G 158 -23.87 -11.27 26.66
CA ALA G 158 -23.31 -10.07 26.01
C ALA G 158 -22.07 -10.35 25.20
N GLY G 159 -21.26 -11.30 25.65
CA GLY G 159 -20.00 -11.62 24.97
C GLY G 159 -20.17 -12.63 23.84
N GLY G 160 -21.37 -13.16 23.67
CA GLY G 160 -21.59 -14.19 22.65
C GLY G 160 -22.91 -14.01 21.94
N TYR G 161 -23.91 -14.81 22.32
CA TYR G 161 -25.20 -14.82 21.65
C TYR G 161 -25.71 -13.42 21.33
N SER G 162 -25.65 -12.49 22.30
CA SER G 162 -26.25 -11.15 22.14
C SER G 162 -25.78 -10.42 20.88
N ASN G 163 -24.52 -10.64 20.51
CA ASN G 163 -23.93 -9.99 19.35
C ASN G 163 -24.43 -10.57 18.03
N PHE G 164 -25.14 -11.70 18.12
CA PHE G 164 -25.61 -12.42 16.94
C PHE G 164 -27.10 -12.68 17.03
N ALA G 165 -27.82 -11.76 17.68
CA ALA G 165 -29.26 -11.92 17.89
C ALA G 165 -30.04 -11.97 16.58
N GLU G 166 -29.72 -11.07 15.65
CA GLU G 166 -30.37 -11.10 14.34
C GLU G 166 -30.03 -12.37 13.54
N ALA G 167 -28.76 -12.74 13.54
CA ALA G 167 -28.31 -13.92 12.81
C ALA G 167 -28.88 -15.22 13.39
N ILE G 168 -29.02 -15.29 14.71
CA ILE G 168 -29.67 -16.43 15.36
C ILE G 168 -31.16 -16.51 15.00
N ALA G 169 -31.84 -15.36 15.01
CA ALA G 169 -33.27 -15.28 14.69
C ALA G 169 -33.59 -15.67 13.25
N ASN G 170 -32.57 -15.72 12.40
CA ASN G 170 -32.76 -15.92 10.96
C ASN G 170 -32.02 -17.10 10.36
N ALA G 171 -31.52 -17.99 11.21
CA ALA G 171 -30.93 -19.22 10.74
C ALA G 171 -32.04 -20.21 10.37
N GLN G 172 -32.15 -20.49 9.07
CA GLN G 172 -33.14 -21.45 8.55
C GLN G 172 -32.51 -22.32 7.47
N PRO G 173 -32.88 -23.62 7.44
CA PRO G 173 -32.36 -24.56 6.42
C PRO G 173 -32.83 -24.19 5.01
N PRO G 174 -32.15 -24.72 3.96
CA PRO G 174 -32.54 -24.39 2.59
C PRO G 174 -33.71 -25.22 2.04
N PHE H 8 -15.16 -18.76 -1.86
CA PHE H 8 -15.15 -17.72 -0.79
C PHE H 8 -14.41 -16.45 -1.22
N GLU H 9 -15.13 -15.32 -1.18
CA GLU H 9 -14.55 -14.02 -1.52
C GLU H 9 -14.31 -13.15 -0.27
N PRO H 10 -13.04 -12.96 0.14
CA PRO H 10 -12.69 -12.19 1.34
C PRO H 10 -13.26 -10.77 1.33
N GLY H 11 -13.33 -10.16 0.14
CA GLY H 11 -13.80 -8.78 0.00
C GLY H 11 -15.25 -8.60 0.39
N ARG H 12 -15.99 -9.71 0.43
CA ARG H 12 -17.40 -9.69 0.80
C ARG H 12 -17.65 -9.98 2.28
N THR H 13 -16.58 -10.17 3.07
CA THR H 13 -16.75 -10.35 4.51
C THR H 13 -17.12 -9.03 5.18
N ARG H 14 -18.08 -9.09 6.10
CA ARG H 14 -18.41 -7.95 6.93
C ARG H 14 -18.30 -8.36 8.40
N ALA H 15 -17.30 -7.80 9.07
CA ALA H 15 -17.04 -8.11 10.49
C ALA H 15 -18.20 -7.60 11.34
N PRO H 16 -18.67 -8.42 12.30
CA PRO H 16 -19.77 -7.98 13.16
C PRO H 16 -19.26 -7.12 14.32
N SER H 17 -20.19 -6.62 15.13
CA SER H 17 -19.84 -5.97 16.40
C SER H 17 -19.41 -7.02 17.42
N LEU H 18 -18.23 -6.85 18.00
CA LEU H 18 -17.65 -7.84 18.91
C LEU H 18 -17.36 -7.26 20.29
N GLN H 19 -16.55 -6.19 20.31
CA GLN H 19 -16.34 -5.39 21.50
C GLN H 19 -17.68 -5.12 22.23
N VAL H 20 -17.93 -5.88 23.30
CA VAL H 20 -19.09 -5.64 24.16
C VAL H 20 -19.10 -4.18 24.67
N GLY H 21 -20.26 -3.53 24.54
CA GLY H 21 -20.44 -2.17 25.04
C GLY H 21 -19.84 -1.08 24.16
N GLY H 22 -18.97 -1.47 23.23
CA GLY H 22 -18.25 -0.53 22.38
C GLY H 22 -18.78 -0.48 20.96
N GLU H 23 -18.83 0.73 20.40
CA GLU H 23 -19.33 1.00 19.05
C GLU H 23 -18.65 0.15 17.97
N SER I 1 -13.84 1.18 29.51
CA SER I 1 -13.81 1.19 30.99
C SER I 1 -12.39 1.21 31.54
N ASN I 2 -12.20 1.96 32.62
CA ASN I 2 -10.94 1.94 33.38
C ASN I 2 -11.18 1.39 34.79
N MET I 3 -10.11 0.88 35.40
CA MET I 3 -10.10 0.68 36.83
C MET I 3 -8.67 0.60 37.33
N TYR I 4 -8.44 1.10 38.54
CA TYR I 4 -7.17 0.94 39.23
C TYR I 4 -7.47 0.29 40.58
N GLY I 5 -6.58 -0.60 41.02
CA GLY I 5 -6.54 -1.04 42.42
C GLY I 5 -5.16 -0.69 42.92
N PHE I 6 -5.08 0.20 43.91
CA PHE I 6 -3.81 0.63 44.51
C PHE I 6 -3.59 -0.01 45.87
N GLY I 7 -2.47 -0.70 46.02
CA GLY I 7 -2.09 -1.30 47.31
C GLY I 7 -1.51 -0.30 48.29
N THR I 8 -1.12 -0.79 49.47
CA THR I 8 -0.67 0.07 50.57
C THR I 8 0.64 0.82 50.31
N ALA I 9 1.50 0.26 49.46
CA ALA I 9 2.75 0.91 49.04
C ALA I 9 2.44 2.14 48.16
N ALA I 10 1.31 2.09 47.47
CA ALA I 10 0.81 3.22 46.68
C ALA I 10 0.06 4.27 47.50
N THR I 11 -0.72 3.85 48.48
CA THR I 11 -1.56 4.80 49.23
C THR I 11 -0.83 5.38 50.43
N GLY I 12 0.24 4.69 50.83
CA GLY I 12 1.00 5.03 52.04
C GLY I 12 0.22 4.85 53.34
N GLU I 13 -0.97 4.24 53.26
CA GLU I 13 -1.84 4.12 54.42
C GLU I 13 -2.16 2.66 54.72
N GLY I 14 -3.03 2.46 55.72
CA GLY I 14 -3.41 1.11 56.18
C GLY I 14 -4.21 0.27 55.20
N SER I 15 -4.74 0.89 54.15
CA SER I 15 -5.48 0.15 53.12
C SER I 15 -5.21 0.72 51.72
N GLY I 16 -5.69 -0.01 50.71
CA GLY I 16 -5.57 0.43 49.34
C GLY I 16 -6.67 1.39 48.91
N VAL I 17 -6.65 1.73 47.62
CA VAL I 17 -7.68 2.57 47.00
C VAL I 17 -8.20 1.88 45.72
N LEU I 18 -9.52 1.75 45.63
CA LEU I 18 -10.16 1.14 44.46
C LEU I 18 -10.80 2.24 43.64
N PHE I 19 -10.45 2.32 42.35
CA PHE I 19 -11.11 3.25 41.40
C PHE I 19 -11.87 2.43 40.39
N GLY I 20 -13.20 2.57 40.38
CA GLY I 20 -14.06 1.91 39.40
C GLY I 20 -14.64 2.93 38.44
N ASN I 21 -14.50 2.68 37.13
CA ASN I 21 -14.83 3.64 36.08
C ASN I 21 -15.36 2.94 34.83
N PRO I 22 -16.48 2.21 34.97
CA PRO I 22 -17.01 1.55 33.79
C PRO I 22 -17.49 2.57 32.72
N HIS I 23 -17.05 2.40 31.47
CA HIS I 23 -17.57 3.25 30.38
C HIS I 23 -18.71 2.51 29.73
N TRP I 24 -19.92 3.02 29.91
CA TRP I 24 -21.12 2.25 29.63
C TRP I 24 -22.21 3.14 29.11
N TYR I 25 -23.40 2.55 28.92
CA TYR I 25 -24.55 3.25 28.37
C TYR I 25 -25.10 4.32 29.29
N TRP I 26 -25.61 5.39 28.69
CA TRP I 26 -26.30 6.45 29.42
C TRP I 26 -27.78 6.27 29.40
N LYS I 27 -28.27 5.41 28.52
CA LYS I 27 -29.70 5.11 28.43
C LYS I 27 -29.91 3.62 28.22
N GLY I 28 -31.13 3.16 28.41
CA GLY I 28 -31.45 1.76 28.17
C GLY I 28 -31.29 0.88 29.41
N PRO I 29 -31.83 -0.34 29.36
CA PRO I 29 -31.88 -1.19 30.57
C PRO I 29 -30.51 -1.67 31.07
N ASP I 30 -29.49 -1.58 30.22
CA ASP I 30 -28.13 -1.98 30.62
C ASP I 30 -27.40 -0.88 31.41
N ARG I 31 -28.05 0.27 31.54
CA ARG I 31 -27.48 1.37 32.31
C ARG I 31 -27.51 1.07 33.81
N PHE I 32 -26.53 1.64 34.51
CA PHE I 32 -26.33 1.41 35.92
C PHE I 32 -27.30 2.21 36.78
N TYR I 33 -27.57 1.68 37.97
CA TYR I 33 -28.46 2.31 38.92
C TYR I 33 -27.87 2.14 40.32
N GLN I 34 -27.66 3.26 41.02
CA GLN I 34 -26.93 3.26 42.29
C GLN I 34 -27.82 3.01 43.47
N ALA I 35 -27.44 2.04 44.30
CA ALA I 35 -28.22 1.75 45.50
C ALA I 35 -27.40 1.03 46.57
N GLN I 36 -27.95 1.01 47.78
CA GLN I 36 -27.38 0.24 48.88
C GLN I 36 -28.41 -0.78 49.36
N LEU I 37 -27.92 -1.99 49.66
CA LEU I 37 -28.73 -3.07 50.20
C LEU I 37 -28.22 -3.48 51.56
N THR I 38 -29.10 -3.44 52.54
CA THR I 38 -28.79 -3.81 53.91
C THR I 38 -29.78 -4.86 54.34
N ILE I 39 -29.28 -6.07 54.51
CA ILE I 39 -30.12 -7.20 54.82
C ILE I 39 -29.68 -7.73 56.19
N ASP I 40 -30.53 -7.55 57.20
CA ASP I 40 -30.19 -7.87 58.59
C ASP I 40 -29.33 -9.14 58.70
N GLY I 41 -28.05 -8.93 59.02
CA GLY I 41 -27.09 -10.01 59.25
C GLY I 41 -26.65 -10.83 58.05
N GLU I 42 -26.95 -10.35 56.86
CA GLU I 42 -26.61 -11.05 55.62
C GLU I 42 -25.65 -10.24 54.77
N ALA I 43 -26.00 -8.98 54.50
CA ALA I 43 -25.17 -8.14 53.67
C ALA I 43 -25.44 -6.68 53.88
N ASN I 44 -24.37 -5.90 53.80
CA ASN I 44 -24.49 -4.48 53.71
C ASN I 44 -23.59 -4.06 52.56
N VAL I 45 -24.21 -3.71 51.44
CA VAL I 45 -23.48 -3.52 50.19
C VAL I 45 -24.03 -2.31 49.44
N SER I 46 -23.13 -1.60 48.77
CA SER I 46 -23.47 -0.40 48.05
C SER I 46 -22.80 -0.42 46.68
N GLY I 47 -23.48 0.13 45.68
CA GLY I 47 -22.93 0.23 44.36
C GLY I 47 -24.00 0.29 43.29
N VAL I 48 -23.79 -0.49 42.25
CA VAL I 48 -24.55 -0.30 41.05
C VAL I 48 -25.01 -1.64 40.44
N SER I 49 -26.26 -1.68 39.98
CA SER I 49 -26.80 -2.79 39.18
C SER I 49 -27.29 -2.28 37.83
N PHE I 50 -27.26 -3.13 36.80
CA PHE I 50 -28.08 -2.88 35.61
C PHE I 50 -29.53 -2.74 36.08
N LEU I 51 -30.29 -1.88 35.41
CA LEU I 51 -31.74 -1.86 35.61
C LEU I 51 -32.24 -3.28 35.36
N GLY I 52 -33.01 -3.80 36.32
CA GLY I 52 -33.55 -5.15 36.18
C GLY I 52 -32.79 -6.21 36.93
N LEU I 53 -31.59 -5.87 37.42
CA LEU I 53 -30.78 -6.80 38.24
C LEU I 53 -30.87 -6.51 39.75
N PRO I 54 -31.03 -7.58 40.58
CA PRO I 54 -31.30 -7.43 42.00
C PRO I 54 -30.08 -7.36 42.93
N VAL I 55 -28.89 -7.75 42.48
CA VAL I 55 -27.69 -7.63 43.33
C VAL I 55 -26.72 -6.59 42.76
N ILE I 56 -25.77 -6.17 43.58
CA ILE I 56 -24.78 -5.19 43.22
C ILE I 56 -23.66 -5.82 42.41
N GLN I 57 -23.43 -5.28 41.21
CA GLN I 57 -22.43 -5.79 40.27
C GLN I 57 -21.08 -5.09 40.36
N ILE I 58 -21.10 -3.80 40.68
CA ILE I 58 -19.89 -3.03 40.92
C ILE I 58 -20.15 -2.18 42.16
N GLY I 59 -19.30 -2.33 43.16
CA GLY I 59 -19.54 -1.62 44.42
C GLY I 59 -18.52 -1.93 45.47
N PHE I 60 -19.00 -2.03 46.71
CA PHE I 60 -18.18 -2.25 47.90
C PHE I 60 -19.05 -2.63 49.09
N ASN I 61 -18.42 -3.23 50.09
CA ASN I 61 -19.05 -3.37 51.41
C ASN I 61 -18.05 -2.90 52.47
N ASP I 62 -18.18 -3.37 53.70
CA ASP I 62 -17.27 -2.91 54.75
C ASP I 62 -15.86 -3.52 54.61
N SER I 63 -15.71 -4.46 53.70
CA SER I 63 -14.49 -5.25 53.65
C SER I 63 -13.75 -5.20 52.33
N VAL I 64 -14.50 -5.10 51.23
CA VAL I 64 -13.94 -5.11 49.86
C VAL I 64 -14.59 -4.15 48.91
N ALA I 65 -13.80 -3.72 47.91
CA ALA I 65 -14.31 -2.87 46.86
C ALA I 65 -13.78 -3.40 45.54
N TRP I 66 -14.66 -3.46 44.53
CA TRP I 66 -14.25 -4.01 43.24
C TRP I 66 -14.90 -3.31 42.10
N SER I 67 -14.40 -3.54 40.89
CA SER I 67 -15.04 -3.04 39.68
C SER I 67 -14.67 -3.98 38.54
N HIS I 68 -15.21 -3.68 37.35
CA HIS I 68 -15.06 -4.53 36.16
C HIS I 68 -14.77 -3.71 34.93
N THR I 69 -14.01 -4.28 34.00
CA THR I 69 -13.84 -3.71 32.65
C THR I 69 -14.06 -4.85 31.66
N VAL I 70 -14.60 -4.56 30.49
CA VAL I 70 -14.79 -5.57 29.46
C VAL I 70 -13.43 -6.16 29.13
N SER I 71 -13.38 -7.49 29.16
CA SER I 71 -12.18 -8.28 28.89
C SER I 71 -11.99 -8.59 27.40
N THR I 72 -10.73 -8.68 26.95
CA THR I 72 -10.39 -9.15 25.60
C THR I 72 -10.62 -10.67 25.35
N ALA I 73 -10.90 -11.44 26.40
CA ALA I 73 -11.04 -12.89 26.23
C ALA I 73 -12.35 -13.21 25.49
N ARG I 74 -12.26 -13.99 24.41
CA ARG I 74 -13.44 -14.35 23.64
C ARG I 74 -14.25 -15.37 24.45
N ARG I 75 -15.57 -15.28 24.35
CA ARG I 75 -16.49 -16.05 25.18
C ARG I 75 -17.37 -16.98 24.36
N PHE I 76 -17.17 -16.97 23.04
CA PHE I 76 -17.98 -17.77 22.16
C PHE I 76 -17.11 -18.40 21.07
N GLY I 77 -17.69 -19.36 20.36
CA GLY I 77 -17.06 -19.93 19.18
C GLY I 77 -18.08 -20.36 18.15
N PHE I 78 -17.61 -20.80 16.98
CA PHE I 78 -18.51 -21.38 16.00
C PHE I 78 -18.22 -22.87 15.76
N PHE I 79 -19.27 -23.62 15.50
CA PHE I 79 -19.15 -24.99 15.05
C PHE I 79 -19.78 -25.13 13.67
N GLN I 80 -18.96 -25.59 12.72
CA GLN I 80 -19.38 -25.88 11.37
C GLN I 80 -19.91 -27.31 11.34
N LEU I 81 -21.13 -27.45 10.83
CA LEU I 81 -21.83 -28.71 10.87
C LEU I 81 -21.88 -29.28 9.45
N SER I 82 -21.47 -30.54 9.33
CA SER I 82 -21.57 -31.24 8.07
C SER I 82 -22.94 -31.90 8.04
N LEU I 83 -23.74 -31.48 7.09
CA LEU I 83 -25.12 -31.90 7.04
C LEU I 83 -25.28 -33.26 6.41
N VAL I 84 -26.33 -33.97 6.82
CA VAL I 84 -26.75 -35.22 6.21
C VAL I 84 -27.42 -34.86 4.88
N GLN I 85 -26.92 -35.36 3.75
CA GLN I 85 -27.54 -35.02 2.48
C GLN I 85 -28.97 -35.58 2.45
N GLY I 86 -29.88 -34.82 1.84
CA GLY I 86 -31.31 -35.06 1.98
C GLY I 86 -31.92 -34.51 3.26
N GLU I 87 -31.09 -34.21 4.26
CA GLU I 87 -31.59 -33.76 5.56
C GLU I 87 -30.80 -32.56 6.14
N PRO I 88 -31.10 -31.34 5.65
CA PRO I 88 -30.43 -30.13 6.15
C PRO I 88 -30.75 -29.75 7.60
N THR I 89 -31.63 -30.48 8.28
CA THR I 89 -31.85 -30.27 9.72
C THR I 89 -31.17 -31.35 10.57
N SER I 90 -30.28 -32.13 9.97
CA SER I 90 -29.48 -33.12 10.69
C SER I 90 -28.02 -33.00 10.28
N TYR I 91 -27.12 -33.17 11.24
CA TYR I 91 -25.67 -33.05 10.99
C TYR I 91 -24.94 -34.28 11.51
N LEU I 92 -23.72 -34.49 11.03
CA LEU I 92 -22.94 -35.69 11.37
C LEU I 92 -22.04 -35.49 12.60
N ARG I 93 -21.97 -36.52 13.45
CA ARG I 93 -21.02 -36.58 14.57
C ARG I 93 -20.20 -37.86 14.52
N ASP I 94 -18.96 -37.74 14.05
CA ASP I 94 -18.05 -38.86 13.86
C ASP I 94 -18.65 -39.98 13.00
N GLY I 95 -19.67 -39.64 12.20
CA GLY I 95 -20.29 -40.60 11.29
C GLY I 95 -21.75 -40.93 11.56
N VAL I 96 -22.26 -40.54 12.72
CA VAL I 96 -23.67 -40.76 13.04
C VAL I 96 -24.50 -39.50 12.74
N PRO I 97 -25.66 -39.68 12.09
CA PRO I 97 -26.59 -38.56 11.90
C PRO I 97 -27.18 -38.12 13.24
N VAL I 98 -27.19 -36.81 13.49
CA VAL I 98 -27.76 -36.25 14.71
C VAL I 98 -28.78 -35.17 14.35
N LYS I 99 -30.01 -35.32 14.84
CA LYS I 99 -31.08 -34.38 14.56
C LYS I 99 -30.91 -33.06 15.33
N MET I 100 -31.08 -31.93 14.64
CA MET I 100 -31.17 -30.63 15.30
C MET I 100 -32.52 -30.55 16.00
N LYS I 101 -32.61 -29.80 17.09
CA LYS I 101 -33.86 -29.68 17.84
C LYS I 101 -34.68 -28.50 17.29
N PRO I 102 -35.88 -28.78 16.74
CA PRO I 102 -36.68 -27.68 16.20
C PRO I 102 -37.42 -26.89 17.28
N ALA I 103 -37.77 -25.66 16.95
CA ALA I 103 -38.62 -24.84 17.78
C ALA I 103 -39.43 -23.94 16.86
N THR I 104 -40.73 -24.19 16.82
CA THR I 104 -41.64 -23.45 15.97
C THR I 104 -42.25 -22.32 16.79
N ILE I 105 -41.73 -21.11 16.58
CA ILE I 105 -42.06 -19.93 17.39
C ILE I 105 -42.95 -18.96 16.61
N THR I 106 -44.00 -18.48 17.26
CA THR I 106 -44.94 -17.55 16.64
C THR I 106 -44.94 -16.22 17.38
N VAL I 107 -44.55 -15.16 16.68
CA VAL I 107 -44.51 -13.82 17.28
C VAL I 107 -45.66 -12.97 16.74
N PRO I 108 -46.56 -12.52 17.64
CA PRO I 108 -47.54 -11.54 17.17
C PRO I 108 -46.84 -10.20 16.90
N SER I 109 -47.20 -9.55 15.79
CA SER I 109 -46.54 -8.31 15.40
C SER I 109 -47.57 -7.26 14.97
N ARG I 110 -47.36 -6.02 15.41
CA ARG I 110 -48.22 -4.92 15.03
C ARG I 110 -47.85 -4.45 13.62
N ASN I 111 -48.87 -4.25 12.78
CA ASN I 111 -48.67 -3.79 11.42
C ASN I 111 -48.68 -2.27 11.33
N ALA I 112 -48.30 -1.75 10.16
CA ALA I 112 -48.34 -0.32 9.87
C ALA I 112 -49.73 0.28 10.14
N ASP I 113 -50.77 -0.53 9.96
CA ASP I 113 -52.16 -0.08 10.07
C ASP I 113 -52.78 -0.27 11.47
N GLY I 114 -51.99 -0.73 12.43
CA GLY I 114 -52.47 -0.92 13.80
C GLY I 114 -53.11 -2.27 14.15
N SER I 115 -53.26 -3.14 13.15
CA SER I 115 -53.72 -4.51 13.44
C SER I 115 -52.52 -5.38 13.85
N VAL I 116 -52.81 -6.54 14.44
CA VAL I 116 -51.78 -7.46 14.90
C VAL I 116 -51.88 -8.77 14.12
N SER I 117 -50.74 -9.31 13.72
CA SER I 117 -50.74 -10.61 13.03
C SER I 117 -49.56 -11.48 13.41
N ASP I 118 -49.78 -12.79 13.37
CA ASP I 118 -48.77 -13.76 13.72
C ASP I 118 -47.71 -13.89 12.64
N VAL I 119 -46.45 -13.83 13.05
CA VAL I 119 -45.35 -14.26 12.19
C VAL I 119 -44.65 -15.42 12.89
N THR I 120 -44.39 -16.46 12.13
CA THR I 120 -43.96 -17.71 12.72
C THR I 120 -42.77 -18.27 11.94
N ARG I 121 -41.75 -18.71 12.67
CA ARG I 121 -40.54 -19.24 12.07
C ARG I 121 -40.14 -20.47 12.85
N THR I 122 -39.60 -21.46 12.15
CA THR I 122 -39.06 -22.63 12.82
C THR I 122 -37.56 -22.44 12.90
N LEU I 123 -37.06 -22.36 14.14
CA LEU I 123 -35.64 -22.23 14.42
C LEU I 123 -35.08 -23.49 15.07
N TYR I 124 -33.75 -23.54 15.21
CA TYR I 124 -33.06 -24.77 15.58
C TYR I 124 -31.94 -24.58 16.60
N HIS I 125 -31.73 -25.61 17.43
CA HIS I 125 -30.53 -25.71 18.23
C HIS I 125 -29.78 -26.93 17.79
N SER I 126 -28.45 -26.85 17.90
CA SER I 126 -27.60 -28.02 17.80
C SER I 126 -27.14 -28.34 19.23
N GLU I 127 -26.34 -29.39 19.38
CA GLU I 127 -25.80 -29.74 20.69
C GLU I 127 -24.77 -28.72 21.21
N PHE I 128 -24.32 -27.82 20.33
CA PHE I 128 -23.37 -26.79 20.70
C PHE I 128 -24.11 -25.52 21.14
N GLY I 129 -25.31 -25.35 20.61
CA GLY I 129 -26.10 -24.15 20.85
C GLY I 129 -26.99 -23.83 19.66
N PRO I 130 -27.53 -22.60 19.62
CA PRO I 130 -28.45 -22.22 18.53
C PRO I 130 -27.76 -22.20 17.18
N LEU I 131 -28.48 -22.55 16.13
CA LEU I 131 -28.00 -22.39 14.77
C LEU I 131 -27.86 -20.88 14.49
N VAL I 132 -26.87 -20.50 13.69
CA VAL I 132 -26.62 -19.10 13.44
C VAL I 132 -26.44 -18.84 11.94
N ASN I 133 -27.15 -17.83 11.43
CA ASN I 133 -27.02 -17.41 10.03
C ASN I 133 -25.77 -16.57 9.82
N LEU I 134 -24.82 -17.09 9.04
CA LEU I 134 -23.53 -16.42 8.87
C LEU I 134 -23.36 -15.78 7.48
N ALA I 135 -24.46 -15.62 6.74
CA ALA I 135 -24.41 -15.08 5.38
C ALA I 135 -24.09 -13.59 5.37
N GLY I 136 -24.52 -12.88 6.41
CA GLY I 136 -24.17 -11.47 6.59
C GLY I 136 -22.71 -11.28 6.94
N LEU I 137 -22.12 -12.26 7.62
CA LEU I 137 -20.67 -12.25 7.90
C LEU I 137 -19.94 -12.47 6.59
N ASN I 138 -20.38 -13.46 5.84
CA ASN I 138 -19.95 -13.66 4.46
C ASN I 138 -20.98 -14.51 3.72
N PRO I 139 -21.39 -14.09 2.50
CA PRO I 139 -22.44 -14.82 1.75
C PRO I 139 -22.13 -16.30 1.46
N ALA I 140 -20.85 -16.66 1.38
CA ALA I 140 -20.46 -18.05 1.17
C ALA I 140 -20.81 -18.98 2.37
N LEU I 141 -21.07 -18.39 3.53
CA LEU I 141 -21.36 -19.14 4.75
C LEU I 141 -22.86 -19.31 4.99
N ALA I 142 -23.62 -19.44 3.91
CA ALA I 142 -25.06 -19.66 3.96
C ALA I 142 -25.33 -21.09 4.40
N TRP I 143 -26.47 -21.30 5.05
CA TRP I 143 -26.92 -22.64 5.40
C TRP I 143 -27.37 -23.30 4.13
N SER I 144 -26.48 -24.14 3.59
CA SER I 144 -26.67 -24.82 2.30
C SER I 144 -27.07 -26.28 2.50
N GLN I 145 -26.98 -27.08 1.44
CA GLN I 145 -27.32 -28.51 1.47
C GLN I 145 -26.33 -29.35 2.27
N GLY I 146 -25.07 -28.93 2.30
CA GLY I 146 -24.02 -29.69 2.98
C GLY I 146 -23.42 -29.07 4.23
N THR I 147 -23.66 -27.77 4.45
CA THR I 147 -23.03 -27.04 5.54
C THR I 147 -23.97 -26.07 6.27
N ALA I 148 -23.88 -26.08 7.61
CA ALA I 148 -24.58 -25.12 8.47
C ALA I 148 -23.66 -24.71 9.61
N PHE I 149 -24.08 -23.71 10.39
CA PHE I 149 -23.24 -23.15 11.46
C PHE I 149 -24.04 -22.92 12.73
N ALA I 150 -23.51 -23.40 13.85
CA ALA I 150 -24.08 -23.10 15.16
C ALA I 150 -23.12 -22.21 15.93
N ILE I 151 -23.66 -21.53 16.94
CA ILE I 151 -22.82 -20.72 17.82
C ILE I 151 -22.88 -21.29 19.25
N ARG I 152 -21.75 -21.31 19.93
CA ARG I 152 -21.70 -21.62 21.36
C ARG I 152 -21.09 -20.45 22.15
N ASP I 153 -21.84 -20.00 23.16
CA ASP I 153 -21.39 -19.01 24.14
C ASP I 153 -21.29 -19.78 25.46
N ILE I 154 -20.12 -19.81 26.11
CA ILE I 154 -19.98 -20.62 27.35
C ILE I 154 -20.92 -20.15 28.46
N ASN I 155 -21.36 -18.91 28.36
CA ASN I 155 -22.29 -18.37 29.34
C ASN I 155 -23.71 -18.84 29.18
N GLY I 156 -24.00 -19.44 28.02
CA GLY I 156 -25.26 -20.12 27.79
C GLY I 156 -25.49 -21.20 28.81
N GLU I 157 -24.41 -21.85 29.27
CA GLU I 157 -24.47 -22.90 30.31
C GLU I 157 -24.07 -22.39 31.70
N ASN I 158 -23.69 -21.12 31.79
CA ASN I 158 -23.21 -20.54 33.04
C ASN I 158 -24.35 -19.95 33.86
N PHE I 159 -24.74 -20.65 34.93
CA PHE I 159 -25.86 -20.23 35.78
C PHE I 159 -25.41 -19.73 37.16
N ARG I 160 -24.13 -19.37 37.26
CA ARG I 160 -23.49 -19.09 38.56
C ARG I 160 -23.17 -17.62 38.79
N THR I 161 -23.48 -16.79 37.80
CA THR I 161 -23.08 -15.37 37.83
C THR I 161 -23.75 -14.54 38.93
N LEU I 162 -25.08 -14.57 38.99
CA LEU I 162 -25.85 -13.87 40.03
C LEU I 162 -25.40 -14.31 41.43
N ARG I 163 -25.31 -15.64 41.63
CA ARG I 163 -24.79 -16.22 42.88
C ARG I 163 -23.43 -15.60 43.25
N THR I 164 -22.55 -15.45 42.26
CA THR I 164 -21.19 -14.97 42.50
C THR I 164 -21.16 -13.54 43.01
N TRP I 165 -21.90 -12.64 42.36
CA TRP I 165 -22.01 -11.26 42.86
C TRP I 165 -22.65 -11.24 44.20
N MET I 166 -23.69 -12.08 44.39
CA MET I 166 -24.34 -12.16 45.70
C MET I 166 -23.30 -12.45 46.78
N ARG I 167 -22.40 -13.39 46.50
CA ARG I 167 -21.38 -13.76 47.49
C ARG I 167 -20.33 -12.67 47.72
N TRP I 168 -19.95 -11.97 46.64
CA TRP I 168 -19.12 -10.79 46.79
C TRP I 168 -19.79 -9.77 47.66
N ASN I 169 -21.06 -9.48 47.36
CA ASN I 169 -21.86 -8.52 48.13
C ASN I 169 -21.72 -8.77 49.65
N GLN I 170 -21.60 -10.05 50.03
CA GLN I 170 -21.48 -10.48 51.42
C GLN I 170 -20.04 -10.70 51.94
N ALA I 171 -19.06 -10.71 51.04
CA ALA I 171 -17.68 -11.12 51.39
C ALA I 171 -17.04 -10.27 52.49
N LYS I 172 -16.28 -10.94 53.37
CA LYS I 172 -15.68 -10.32 54.55
C LYS I 172 -14.16 -10.04 54.43
N SER I 173 -13.58 -10.30 53.27
CA SER I 173 -12.14 -10.07 53.05
C SER I 173 -11.81 -10.17 51.58
N LEU I 174 -10.69 -9.58 51.17
CA LEU I 174 -10.20 -9.74 49.81
C LEU I 174 -9.85 -11.20 49.52
N ASP I 175 -9.26 -11.88 50.51
CA ASP I 175 -8.94 -13.30 50.37
C ASP I 175 -10.19 -14.17 50.11
N GLU I 176 -11.31 -13.81 50.74
CA GLU I 176 -12.61 -14.47 50.49
C GLU I 176 -13.14 -14.10 49.12
N PHE I 177 -13.02 -12.82 48.77
CA PHE I 177 -13.39 -12.32 47.46
C PHE I 177 -12.71 -13.15 46.38
N ILE I 178 -11.40 -13.32 46.51
CA ILE I 178 -10.58 -14.07 45.56
C ILE I 178 -11.01 -15.54 45.55
N ALA I 179 -11.15 -16.13 46.72
CA ALA I 179 -11.62 -17.52 46.81
C ALA I 179 -13.00 -17.71 46.15
N ILE I 180 -13.90 -16.74 46.30
CA ILE I 180 -15.22 -16.83 45.67
C ILE I 180 -15.07 -16.80 44.15
N GLN I 181 -14.24 -15.87 43.66
CA GLN I 181 -14.01 -15.76 42.22
C GLN I 181 -13.51 -17.10 41.63
N LYS I 182 -12.52 -17.70 42.30
CA LYS I 182 -11.88 -18.93 41.82
C LYS I 182 -12.82 -20.14 41.88
N GLU I 183 -13.53 -20.27 42.99
CA GLU I 183 -14.53 -21.32 43.20
C GLU I 183 -15.66 -21.29 42.16
N GLU I 184 -16.15 -20.09 41.88
CA GLU I 184 -17.29 -19.93 40.97
C GLU I 184 -16.89 -19.88 39.49
N ALA I 185 -15.76 -19.24 39.18
CA ALA I 185 -15.23 -19.13 37.80
C ALA I 185 -16.32 -18.78 36.80
N SER I 186 -17.13 -17.78 37.16
CA SER I 186 -18.39 -17.51 36.48
C SER I 186 -18.44 -16.14 35.81
N ILE I 187 -17.49 -15.25 36.15
CA ILE I 187 -17.50 -13.89 35.62
C ILE I 187 -17.50 -13.98 34.10
N PRO I 188 -18.57 -13.48 33.46
CA PRO I 188 -18.91 -13.88 32.09
C PRO I 188 -18.16 -13.20 30.95
N TRP I 189 -17.83 -11.91 31.10
CA TRP I 189 -17.14 -11.19 30.02
C TRP I 189 -16.41 -9.95 30.45
N VAL I 190 -16.02 -9.92 31.72
CA VAL I 190 -15.28 -8.79 32.28
C VAL I 190 -14.07 -9.21 33.09
N ASN I 191 -13.10 -8.30 33.17
CA ASN I 191 -12.01 -8.37 34.14
C ASN I 191 -12.48 -7.98 35.52
N THR I 192 -11.68 -8.29 36.54
CA THR I 192 -12.02 -7.89 37.90
C THR I 192 -10.80 -7.27 38.58
N VAL I 193 -11.01 -6.12 39.24
CA VAL I 193 -10.00 -5.56 40.16
C VAL I 193 -10.68 -5.33 41.51
N ALA I 194 -9.96 -5.63 42.59
CA ALA I 194 -10.52 -5.49 43.93
C ALA I 194 -9.47 -5.06 44.95
N VAL I 195 -9.93 -4.33 45.97
CA VAL I 195 -9.08 -3.90 47.08
C VAL I 195 -9.72 -4.32 48.40
N GLY I 196 -8.89 -4.72 49.36
CA GLY I 196 -9.43 -5.23 50.62
C GLY I 196 -8.95 -4.48 51.85
N ARG I 197 -9.84 -4.33 52.82
CA ARG I 197 -9.51 -3.76 54.15
C ARG I 197 -8.38 -4.56 54.76
N GLY I 198 -7.36 -3.86 55.24
CA GLY I 198 -6.20 -4.52 55.85
C GLY I 198 -5.26 -5.21 54.87
N SER I 199 -5.70 -5.40 53.61
CA SER I 199 -4.90 -6.10 52.60
C SER I 199 -3.90 -5.19 51.92
N ALA I 200 -2.63 -5.57 52.01
CA ALA I 200 -1.53 -4.79 51.42
C ALA I 200 -1.58 -4.78 49.90
N LYS I 201 -1.93 -5.90 49.28
CA LYS I 201 -1.94 -6.01 47.83
C LYS I 201 -3.33 -5.80 47.24
N ALA I 202 -3.37 -5.15 46.08
CA ALA I 202 -4.58 -5.05 45.27
C ALA I 202 -4.63 -6.24 44.30
N TRP I 203 -5.83 -6.56 43.83
CA TRP I 203 -6.10 -7.78 43.07
C TRP I 203 -6.53 -7.51 41.66
N TYR I 204 -5.94 -8.21 40.70
CA TYR I 204 -6.44 -8.23 39.33
C TYR I 204 -6.64 -9.65 38.85
N ALA I 205 -7.73 -9.88 38.11
CA ALA I 205 -8.02 -11.18 37.52
C ALA I 205 -8.91 -11.13 36.29
N ASP I 206 -8.55 -11.91 35.28
CA ASP I 206 -9.48 -12.24 34.22
C ASP I 206 -9.87 -13.69 34.44
N ILE I 207 -10.56 -13.94 35.55
CA ILE I 207 -10.96 -15.29 35.97
C ILE I 207 -12.48 -15.38 35.92
N GLY I 208 -12.97 -16.21 35.02
CA GLY I 208 -14.42 -16.39 34.80
C GLY I 208 -14.66 -17.50 33.79
N ALA I 209 -15.80 -17.44 33.10
CA ALA I 209 -16.15 -18.47 32.10
C ALA I 209 -15.54 -18.14 30.74
N VAL I 210 -14.77 -19.09 30.21
CA VAL I 210 -13.98 -18.88 28.99
C VAL I 210 -13.87 -20.20 28.24
N PRO I 211 -14.14 -20.19 26.91
CA PRO I 211 -14.01 -21.42 26.11
C PRO I 211 -12.60 -21.97 26.20
N ASN I 212 -12.51 -23.28 26.35
CA ASN I 212 -11.23 -23.97 26.55
C ASN I 212 -10.87 -24.77 25.33
N VAL I 213 -9.99 -24.21 24.50
CA VAL I 213 -9.43 -24.94 23.36
C VAL I 213 -7.91 -25.01 23.46
N SER I 214 -7.31 -25.99 22.80
CA SER I 214 -5.86 -26.17 22.84
C SER I 214 -5.21 -25.69 21.53
N PRO I 215 -3.91 -25.33 21.56
CA PRO I 215 -3.24 -24.94 20.32
C PRO I 215 -3.33 -26.02 19.24
N ALA I 216 -3.23 -27.29 19.64
CA ALA I 216 -3.34 -28.41 18.73
C ALA I 216 -4.72 -28.45 18.07
N GLN I 217 -5.76 -28.26 18.88
CA GLN I 217 -7.13 -28.17 18.36
C GLN I 217 -7.32 -27.03 17.34
N THR I 218 -6.73 -25.87 17.62
CA THR I 218 -6.84 -24.71 16.72
C THR I 218 -6.21 -25.04 15.37
N ALA I 219 -5.02 -25.63 15.43
CA ALA I 219 -4.28 -26.07 14.25
C ALA I 219 -4.93 -27.22 13.47
N ALA I 220 -5.81 -27.99 14.12
CA ALA I 220 -6.39 -29.19 13.49
C ALA I 220 -7.92 -29.19 13.32
N CYS I 221 -8.61 -28.30 14.02
CA CYS I 221 -10.07 -28.29 14.04
C CYS I 221 -10.69 -27.14 13.28
N THR I 222 -9.87 -26.16 12.90
CA THR I 222 -10.35 -24.98 12.19
C THR I 222 -10.56 -25.35 10.73
N THR I 223 -11.81 -25.24 10.27
CA THR I 223 -12.22 -25.58 8.91
C THR I 223 -11.70 -24.56 7.89
N PRO I 224 -11.70 -24.92 6.58
CA PRO I 224 -11.29 -23.94 5.57
C PRO I 224 -12.05 -22.61 5.65
N PHE I 225 -13.36 -22.67 5.92
CA PHE I 225 -14.18 -21.48 6.16
C PHE I 225 -13.70 -20.72 7.38
N GLY I 226 -13.43 -21.46 8.46
CA GLY I 226 -12.88 -20.90 9.68
C GLY I 226 -11.62 -20.08 9.46
N MET I 227 -10.76 -20.57 8.56
CA MET I 227 -9.52 -19.89 8.19
C MET I 227 -9.78 -18.64 7.37
N ALA I 228 -10.72 -18.75 6.46
CA ALA I 228 -11.02 -17.69 5.52
C ALA I 228 -11.66 -16.48 6.22
N VAL I 229 -12.29 -16.73 7.36
CA VAL I 229 -13.07 -15.72 8.04
C VAL I 229 -12.52 -15.40 9.43
N GLY I 230 -11.59 -16.22 9.89
CA GLY I 230 -11.02 -16.10 11.23
C GLY I 230 -10.48 -14.74 11.61
N GLN I 231 -9.91 -14.02 10.62
CA GLN I 231 -9.37 -12.67 10.86
C GLN I 231 -10.44 -11.65 11.25
N ALA I 232 -11.69 -11.88 10.83
CA ALA I 232 -12.81 -11.06 11.29
C ALA I 232 -13.28 -11.47 12.69
N LEU I 233 -12.70 -12.56 13.21
CA LEU I 233 -13.11 -13.11 14.52
C LEU I 233 -11.87 -13.48 15.34
N PRO I 234 -11.07 -12.46 15.73
CA PRO I 234 -9.74 -12.72 16.31
C PRO I 234 -9.81 -13.60 17.55
N ASN I 235 -9.16 -14.76 17.47
CA ASN I 235 -9.05 -15.71 18.58
C ASN I 235 -10.36 -16.44 18.89
N VAL I 236 -11.35 -16.33 18.01
CA VAL I 236 -12.59 -17.09 18.15
C VAL I 236 -12.40 -18.45 17.48
N PRO I 237 -12.60 -19.54 18.25
CA PRO I 237 -12.49 -20.88 17.68
C PRO I 237 -13.63 -21.12 16.69
N PHE I 238 -13.28 -21.45 15.45
CA PHE I 238 -14.25 -21.74 14.42
C PHE I 238 -13.97 -23.18 14.03
N PHE I 239 -14.67 -24.11 14.69
CA PHE I 239 -14.29 -25.53 14.67
C PHE I 239 -15.22 -26.45 13.89
N ASP I 240 -14.68 -27.62 13.56
CA ASP I 240 -15.39 -28.71 12.89
C ASP I 240 -16.27 -29.47 13.91
N GLY I 241 -17.58 -29.26 13.83
CA GLY I 241 -18.53 -30.00 14.67
C GLY I 241 -18.91 -31.37 14.13
N SER I 242 -18.03 -31.94 13.31
CA SER I 242 -18.16 -33.33 12.85
C SER I 242 -17.43 -34.24 13.80
N ARG I 243 -16.37 -33.70 14.41
CA ARG I 243 -15.42 -34.48 15.17
C ARG I 243 -15.52 -34.11 16.65
N SER I 244 -15.79 -35.11 17.48
CA SER I 244 -15.92 -34.89 18.93
C SER I 244 -14.61 -34.42 19.56
N GLU I 245 -13.48 -34.77 18.94
CA GLU I 245 -12.16 -34.32 19.44
C GLU I 245 -11.97 -32.81 19.29
N CYS I 246 -12.90 -32.16 18.59
CA CYS I 246 -12.91 -30.71 18.41
C CYS I 246 -13.83 -29.99 19.38
N ASP I 247 -14.52 -30.75 20.23
CA ASP I 247 -15.34 -30.15 21.29
C ASP I 247 -14.42 -29.38 22.23
N TRP I 248 -14.96 -28.35 22.88
CA TRP I 248 -14.18 -27.62 23.86
C TRP I 248 -13.75 -28.54 24.97
N LEU I 249 -12.54 -28.32 25.47
CA LEU I 249 -11.92 -29.18 26.48
C LEU I 249 -12.31 -28.81 27.92
N THR I 250 -12.03 -29.74 28.83
CA THR I 250 -12.23 -29.56 30.27
C THR I 250 -10.92 -29.93 30.97
N ASP I 251 -10.39 -29.01 31.77
CA ASP I 251 -9.17 -29.26 32.55
C ASP I 251 -9.57 -29.89 33.88
N ALA I 252 -8.59 -30.40 34.62
CA ALA I 252 -8.86 -31.02 35.94
C ALA I 252 -9.51 -30.03 36.91
N ASP I 253 -9.12 -28.75 36.81
CA ASP I 253 -9.67 -27.71 37.67
C ASP I 253 -10.64 -26.75 36.96
N SER I 254 -11.34 -27.26 35.95
CA SER I 254 -12.44 -26.53 35.33
C SER I 254 -13.70 -26.67 36.16
N VAL I 255 -14.25 -25.54 36.58
CA VAL I 255 -15.54 -25.53 37.30
C VAL I 255 -16.67 -25.91 36.34
N GLN I 256 -16.49 -25.60 35.06
CA GLN I 256 -17.53 -25.78 34.04
C GLN I 256 -16.97 -26.50 32.83
N LYS I 257 -17.78 -27.38 32.26
CA LYS I 257 -17.47 -28.18 31.09
C LYS I 257 -17.21 -27.28 29.86
N GLY I 258 -16.14 -27.56 29.13
CA GLY I 258 -15.76 -26.76 27.97
C GLY I 258 -15.07 -25.45 28.33
N ALA I 259 -15.00 -25.14 29.62
CA ALA I 259 -14.38 -23.89 30.07
C ALA I 259 -12.97 -24.08 30.60
N VAL I 260 -12.17 -23.01 30.57
CA VAL I 260 -10.78 -23.03 31.04
C VAL I 260 -10.69 -23.25 32.55
N GLY I 261 -9.76 -24.11 32.95
CA GLY I 261 -9.44 -24.33 34.35
C GLY I 261 -8.91 -23.08 35.05
N VAL I 262 -9.18 -23.00 36.36
CA VAL I 262 -8.87 -21.84 37.20
C VAL I 262 -7.39 -21.45 37.20
N SER I 263 -6.50 -22.45 37.18
CA SER I 263 -5.07 -22.19 37.25
C SER I 263 -4.48 -21.70 35.93
N ARG I 264 -5.29 -21.69 34.87
CA ARG I 264 -4.86 -21.20 33.56
C ARG I 264 -5.57 -19.91 33.13
N MET I 265 -6.08 -19.17 34.09
CA MET I 265 -6.68 -17.88 33.85
C MET I 265 -5.87 -16.85 34.62
N PRO I 266 -5.51 -15.72 33.96
CA PRO I 266 -4.57 -14.74 34.52
C PRO I 266 -5.06 -14.02 35.76
N SER I 267 -4.17 -13.86 36.72
CA SER I 267 -4.43 -12.99 37.85
C SER I 267 -3.10 -12.42 38.33
N LEU I 268 -3.17 -11.43 39.21
CA LEU I 268 -1.98 -10.78 39.76
C LEU I 268 -2.34 -10.01 41.02
N GLN I 269 -1.43 -10.05 41.98
CA GLN I 269 -1.49 -9.21 43.18
C GLN I 269 -0.29 -8.28 43.22
N ARG I 270 -0.53 -7.01 43.51
CA ARG I 270 0.54 -6.03 43.61
C ARG I 270 0.30 -5.14 44.82
N ASP I 271 1.36 -4.76 45.53
CA ASP I 271 1.24 -3.74 46.58
C ASP I 271 1.33 -2.28 46.07
N ASP I 272 1.77 -2.09 44.84
CA ASP I 272 1.73 -0.75 44.24
C ASP I 272 0.40 -0.53 43.52
N TYR I 273 0.22 -1.13 42.35
CA TYR I 273 -1.04 -0.97 41.64
C TYR I 273 -1.31 -2.10 40.67
N VAL I 274 -2.60 -2.36 40.43
CA VAL I 274 -3.05 -3.03 39.21
C VAL I 274 -4.04 -2.12 38.46
N GLY I 275 -4.00 -2.18 37.14
CA GLY I 275 -4.95 -1.44 36.32
C GLY I 275 -5.37 -2.18 35.06
N ASN I 276 -6.54 -1.83 34.53
CA ASN I 276 -6.98 -2.23 33.20
C ASN I 276 -7.81 -1.15 32.51
N MET I 277 -7.58 -0.99 31.22
CA MET I 277 -8.33 -0.05 30.38
C MET I 277 -8.79 -0.73 29.08
N ASN I 278 -9.23 -1.99 29.19
CA ASN I 278 -9.77 -2.78 28.08
C ASN I 278 -8.76 -3.49 27.18
N ASP I 279 -7.46 -3.31 27.40
CA ASP I 279 -6.48 -4.15 26.71
C ASP I 279 -6.41 -5.51 27.42
N SER I 280 -5.57 -6.42 26.91
CA SER I 280 -5.45 -7.76 27.50
C SER I 280 -4.85 -7.73 28.90
N TYR I 281 -4.88 -8.90 29.56
CA TYR I 281 -4.37 -9.06 30.92
C TYR I 281 -2.89 -8.67 31.05
N TRP I 282 -2.22 -8.59 29.90
CA TRP I 282 -0.75 -8.46 29.83
C TRP I 282 -0.16 -7.45 30.78
N LEU I 283 -0.68 -6.23 30.74
CA LEU I 283 -0.11 -5.10 31.42
C LEU I 283 -0.88 -4.66 32.67
N ALA I 284 -1.56 -5.60 33.33
CA ALA I 284 -2.23 -5.34 34.61
C ALA I 284 -1.36 -4.49 35.54
N ASN I 285 -0.06 -4.71 35.50
CA ASN I 285 0.94 -3.83 36.09
C ASN I 285 2.13 -3.81 35.15
N VAL I 286 2.49 -2.61 34.72
CA VAL I 286 3.50 -2.39 33.70
C VAL I 286 4.89 -2.88 34.13
N HIS I 287 5.12 -2.97 35.43
CA HIS I 287 6.41 -3.42 35.97
C HIS I 287 6.55 -4.92 35.99
N ALA I 288 5.41 -5.63 35.98
CA ALA I 288 5.40 -7.08 36.14
C ALA I 288 4.41 -7.69 35.15
N PRO I 289 4.72 -7.59 33.85
CA PRO I 289 3.74 -8.00 32.84
C PRO I 289 3.44 -9.49 32.91
N LEU I 290 2.23 -9.88 32.53
CA LEU I 290 1.77 -11.26 32.58
C LEU I 290 1.76 -11.88 31.18
N THR I 291 2.27 -13.10 31.07
CA THR I 291 2.36 -13.78 29.79
C THR I 291 2.07 -15.27 29.94
N GLY I 292 1.82 -15.94 28.81
CA GLY I 292 1.80 -17.41 28.75
C GLY I 292 0.49 -18.07 29.10
N TYR I 293 -0.60 -17.31 29.06
CA TYR I 293 -1.93 -17.83 29.30
C TYR I 293 -2.55 -18.15 27.93
N PRO I 294 -3.67 -18.89 27.89
CA PRO I 294 -4.21 -19.29 26.59
C PRO I 294 -4.46 -18.12 25.62
N ALA I 295 -4.22 -18.38 24.33
CA ALA I 295 -4.42 -17.43 23.25
C ALA I 295 -5.74 -16.68 23.34
N ILE I 296 -6.81 -17.39 23.69
CA ILE I 296 -8.18 -16.83 23.70
C ILE I 296 -8.34 -15.57 24.56
N PHE I 297 -7.43 -15.35 25.53
CA PHE I 297 -7.44 -14.14 26.38
C PHE I 297 -6.90 -12.87 25.68
N GLY I 298 -6.37 -13.04 24.47
CA GLY I 298 -5.74 -11.92 23.77
C GLY I 298 -4.23 -11.91 23.80
N PRO I 299 -3.61 -10.91 23.14
CA PRO I 299 -2.15 -10.91 22.97
C PRO I 299 -1.42 -10.55 24.26
N ALA I 300 -0.21 -11.05 24.42
CA ALA I 300 0.55 -10.77 25.63
C ALA I 300 1.96 -10.31 25.29
N GLY I 301 2.06 -9.12 24.70
CA GLY I 301 3.35 -8.55 24.39
C GLY I 301 3.59 -8.48 22.91
N THR I 302 2.58 -8.85 22.13
CA THR I 302 2.72 -8.84 20.68
C THR I 302 1.90 -7.72 20.02
N SER I 303 0.90 -7.20 20.73
CA SER I 303 0.10 -6.07 20.24
C SER I 303 0.41 -4.78 20.98
N ALA I 304 0.45 -3.68 20.23
CA ALA I 304 0.49 -2.34 20.79
C ALA I 304 -0.76 -2.08 21.61
N GLN I 305 -0.58 -1.34 22.70
CA GLN I 305 -1.69 -0.95 23.54
C GLN I 305 -2.44 0.25 22.95
N THR I 306 -3.72 0.36 23.28
CA THR I 306 -4.50 1.52 22.85
C THR I 306 -3.96 2.78 23.52
N LEU I 307 -4.28 3.94 22.97
CA LEU I 307 -3.82 5.20 23.55
C LEU I 307 -4.35 5.38 24.97
N ARG I 308 -5.56 4.86 25.23
CA ARG I 308 -6.17 4.99 26.55
C ARG I 308 -5.47 4.12 27.59
N THR I 309 -5.02 2.92 27.17
CA THR I 309 -4.24 2.05 28.06
C THR I 309 -2.89 2.70 28.40
N ARG I 310 -2.22 3.19 27.36
CA ARG I 310 -0.97 3.95 27.50
C ARG I 310 -1.17 5.17 28.42
N MET I 311 -2.29 5.88 28.26
CA MET I 311 -2.60 7.01 29.13
C MET I 311 -2.78 6.52 30.56
N GLY I 312 -3.59 5.48 30.73
CA GLY I 312 -3.96 4.98 32.05
C GLY I 312 -2.77 4.59 32.91
N HIS I 313 -1.84 3.82 32.32
CA HIS I 313 -0.67 3.40 33.07
C HIS I 313 0.26 4.54 33.29
N THR I 314 0.41 5.40 32.27
CA THR I 314 1.21 6.60 32.42
C THR I 314 0.75 7.37 33.66
N MET I 315 -0.56 7.57 33.81
CA MET I 315 -1.10 8.26 34.96
C MET I 315 -0.73 7.58 36.29
N ALA I 316 -0.88 6.26 36.35
CA ALA I 316 -0.45 5.50 37.53
C ALA I 316 1.03 5.76 37.86
N LEU I 317 1.92 5.65 36.86
CA LEU I 317 3.36 5.82 37.07
C LEU I 317 3.73 7.22 37.55
N GLU I 318 3.15 8.23 36.93
CA GLU I 318 3.49 9.62 37.26
C GLU I 318 2.89 10.03 38.61
N ARG I 319 1.79 9.38 39.01
CA ARG I 319 1.25 9.59 40.35
C ARG I 319 2.28 9.13 41.38
N LEU I 320 2.66 7.86 41.29
CA LEU I 320 3.60 7.26 42.25
C LEU I 320 5.02 7.84 42.18
N ALA I 321 5.34 8.51 41.07
CA ALA I 321 6.62 9.21 40.93
C ALA I 321 6.51 10.66 41.39
N GLY I 322 5.29 11.12 41.64
CA GLY I 322 5.03 12.52 42.03
C GLY I 322 5.36 13.55 40.95
N THR I 323 5.16 13.21 39.68
CA THR I 323 5.48 14.17 38.59
C THR I 323 4.26 14.52 37.73
N ASP I 324 3.07 14.23 38.24
CA ASP I 324 1.83 14.49 37.50
C ASP I 324 1.14 15.81 37.86
N GLY I 325 1.75 16.61 38.75
CA GLY I 325 1.15 17.88 39.13
C GLY I 325 0.27 17.87 40.36
N TYR I 326 -0.03 16.69 40.92
CA TYR I 326 -0.83 16.59 42.14
C TYR I 326 0.05 16.51 43.40
N ALA I 327 -0.57 16.50 44.57
CA ALA I 327 0.14 16.46 45.86
C ALA I 327 0.90 15.15 46.10
N GLY I 328 2.14 15.26 46.58
CA GLY I 328 2.94 14.10 46.99
C GLY I 328 3.08 13.05 45.90
N ASN I 329 3.32 11.81 46.32
CA ASN I 329 3.49 10.71 45.39
C ASN I 329 2.63 9.51 45.78
N LYS I 330 1.52 9.79 46.45
CA LYS I 330 0.65 8.74 46.96
C LYS I 330 -0.69 8.72 46.26
N ALA I 331 -1.18 7.52 45.98
CA ALA I 331 -2.51 7.38 45.37
C ALA I 331 -3.59 7.35 46.44
N THR I 332 -3.75 8.47 47.15
CA THR I 332 -4.81 8.58 48.15
C THR I 332 -6.16 8.80 47.47
N SER I 333 -7.24 8.61 48.22
CA SER I 333 -8.62 8.83 47.74
C SER I 333 -8.82 10.24 47.18
N ALA I 334 -8.28 11.24 47.88
CA ALA I 334 -8.42 12.65 47.50
C ALA I 334 -7.73 12.96 46.17
N VAL I 335 -6.49 12.54 46.03
CA VAL I 335 -5.72 12.81 44.82
C VAL I 335 -6.28 12.01 43.64
N VAL I 336 -6.56 10.73 43.86
CA VAL I 336 -7.17 9.89 42.83
C VAL I 336 -8.48 10.49 42.30
N ARG I 337 -9.33 11.03 43.18
CA ARG I 337 -10.53 11.76 42.77
C ARG I 337 -10.22 12.88 41.75
N GLU I 338 -9.12 13.60 41.97
CA GLU I 338 -8.72 14.66 41.02
C GLU I 338 -8.17 14.06 39.75
N MET I 339 -7.22 13.14 39.88
CA MET I 339 -6.47 12.64 38.73
C MET I 339 -7.34 11.96 37.65
N VAL I 340 -8.41 11.27 38.07
CA VAL I 340 -9.21 10.49 37.11
C VAL I 340 -10.09 11.37 36.22
N LEU I 341 -10.27 12.62 36.63
CA LEU I 341 -11.08 13.60 35.89
C LEU I 341 -10.20 14.57 35.12
N GLY I 342 -8.89 14.36 35.23
CA GLY I 342 -7.89 15.27 34.71
C GLY I 342 -8.00 15.56 33.24
N SER I 343 -8.57 14.63 32.48
CA SER I 343 -8.83 14.82 31.03
C SER I 343 -7.58 15.14 30.23
N ARG I 344 -6.49 14.45 30.52
CA ARG I 344 -5.29 14.58 29.68
C ARG I 344 -5.58 13.87 28.36
N VAL I 345 -4.99 14.37 27.28
CA VAL I 345 -5.19 13.79 25.97
C VAL I 345 -3.87 13.21 25.49
N PHE I 346 -3.74 11.89 25.59
CA PHE I 346 -2.48 11.24 25.22
C PHE I 346 -1.99 11.60 23.82
N SER I 347 -2.86 11.58 22.82
CA SER I 347 -2.43 11.83 21.44
C SER I 347 -1.78 13.21 21.34
N ALA I 348 -2.42 14.19 21.96
CA ALA I 348 -1.90 15.56 21.93
C ALA I 348 -0.60 15.71 22.71
N GLU I 349 -0.53 15.10 23.89
CA GLU I 349 0.66 15.26 24.74
C GLU I 349 1.87 14.73 24.02
N ARG I 350 1.69 13.60 23.34
CA ARG I 350 2.82 12.94 22.72
C ARG I 350 3.11 13.45 21.33
N PHE I 351 2.08 13.83 20.57
CA PHE I 351 2.30 14.05 19.15
C PHE I 351 1.97 15.44 18.61
N LYS I 352 1.21 16.25 19.35
CA LYS I 352 0.78 17.54 18.85
C LYS I 352 1.96 18.42 18.39
N ASP I 353 2.98 18.53 19.23
CA ASP I 353 4.15 19.35 18.92
C ASP I 353 4.94 18.88 17.69
N GLU I 354 5.13 17.57 17.54
CA GLU I 354 5.74 17.05 16.32
C GLU I 354 4.91 17.45 15.08
N VAL I 355 3.58 17.32 15.20
CA VAL I 355 2.67 17.66 14.12
C VAL I 355 2.76 19.14 13.76
N LEU I 356 2.60 20.00 14.75
CA LEU I 356 2.65 21.44 14.51
C LEU I 356 4.01 21.89 13.97
N ASP I 357 5.09 21.36 14.54
CA ASP I 357 6.44 21.59 14.00
C ASP I 357 6.55 21.19 12.53
N LEU I 358 5.93 20.08 12.17
CA LEU I 358 5.98 19.55 10.82
C LEU I 358 5.19 20.37 9.78
N ILE I 359 4.08 20.95 10.19
CA ILE I 359 3.15 21.52 9.20
C ILE I 359 2.87 23.03 9.32
N CYS I 360 3.16 23.64 10.46
CA CYS I 360 2.75 25.04 10.70
C CYS I 360 3.70 26.14 10.26
N THR I 361 4.88 25.77 9.78
CA THR I 361 5.82 26.77 9.27
C THR I 361 6.13 26.50 7.79
N PRO I 362 5.48 27.26 6.88
CA PRO I 362 4.44 28.25 7.18
C PRO I 362 3.02 27.68 7.38
N ALA I 363 2.13 28.55 7.87
CA ALA I 363 0.74 28.23 8.14
C ALA I 363 -0.20 28.49 6.96
N GLN I 364 0.34 28.97 5.84
CA GLN I 364 -0.42 29.17 4.61
C GLN I 364 -0.12 28.01 3.67
N TRP I 365 -1.11 27.19 3.38
CA TRP I 365 -0.91 25.93 2.67
C TRP I 365 -1.51 25.89 1.31
N THR I 366 -1.08 24.89 0.54
CA THR I 366 -1.82 24.43 -0.62
C THR I 366 -2.26 23.00 -0.32
N VAL I 367 -3.56 22.82 -0.13
CA VAL I 367 -4.13 21.52 0.21
C VAL I 367 -5.11 21.13 -0.88
N ASN I 368 -4.79 20.05 -1.59
CA ASN I 368 -5.60 19.59 -2.73
C ASN I 368 -5.77 20.65 -3.79
N GLY I 369 -4.71 21.43 -4.02
CA GLY I 369 -4.76 22.51 -4.99
C GLY I 369 -5.45 23.77 -4.45
N ALA I 370 -5.82 23.77 -3.17
CA ALA I 370 -6.51 24.94 -2.58
C ALA I 370 -5.69 25.72 -1.53
N ALA I 371 -5.78 27.04 -1.57
CA ALA I 371 -5.19 27.90 -0.54
C ALA I 371 -5.94 27.74 0.77
N VAL I 372 -5.19 27.38 1.81
CA VAL I 372 -5.77 27.20 3.13
C VAL I 372 -5.00 28.09 4.09
N ASP I 373 -5.74 28.94 4.81
CA ASP I 373 -5.16 29.76 5.87
C ASP I 373 -5.25 29.03 7.20
N ALA I 374 -4.15 28.41 7.63
CA ALA I 374 -4.12 27.63 8.87
C ALA I 374 -3.45 28.32 10.07
N ALA I 375 -3.20 29.63 9.93
CA ALA I 375 -2.53 30.42 10.97
C ALA I 375 -3.24 30.30 12.30
N GLN I 376 -4.54 30.50 12.24
CA GLN I 376 -5.40 30.53 13.39
C GLN I 376 -5.47 29.14 14.03
N ALA I 377 -5.52 28.10 13.20
CA ALA I 377 -5.57 26.71 13.68
C ALA I 377 -4.25 26.33 14.35
N CYS I 378 -3.14 26.72 13.72
CA CYS I 378 -1.79 26.53 14.29
C CYS I 378 -1.61 27.25 15.63
N ALA I 379 -1.96 28.54 15.68
CA ALA I 379 -1.87 29.33 16.92
C ALA I 379 -2.75 28.77 18.04
N VAL I 380 -3.96 28.32 17.70
CA VAL I 380 -4.89 27.80 18.70
C VAL I 380 -4.42 26.48 19.30
N LEU I 381 -3.93 25.58 18.45
CA LEU I 381 -3.45 24.30 18.94
C LEU I 381 -2.14 24.49 19.69
N ALA I 382 -1.33 25.47 19.28
CA ALA I 382 -0.10 25.79 20.00
C ALA I 382 -0.43 26.20 21.43
N ALA I 383 -1.44 27.05 21.58
CA ALA I 383 -1.76 27.61 22.89
C ALA I 383 -2.53 26.64 23.79
N TRP I 384 -3.17 25.64 23.19
CA TRP I 384 -3.90 24.62 23.93
C TRP I 384 -2.96 23.71 24.66
N ASP I 385 -3.25 23.39 25.93
CA ASP I 385 -2.34 22.58 26.74
C ASP I 385 -2.62 21.05 26.80
N ASN I 386 -3.37 20.52 25.83
CA ASN I 386 -3.53 19.06 25.67
C ASN I 386 -4.43 18.40 26.71
N ARG I 387 -5.41 19.17 27.19
CA ARG I 387 -6.40 18.70 28.14
C ARG I 387 -7.75 19.03 27.62
N GLY I 388 -8.73 18.20 27.95
CA GLY I 388 -10.11 18.50 27.58
C GLY I 388 -10.94 18.86 28.79
N ARG I 389 -10.50 19.86 29.56
CA ARG I 389 -11.31 20.41 30.67
C ARG I 389 -12.35 21.38 30.11
N LYS I 390 -13.32 21.75 30.95
CA LYS I 390 -14.45 22.57 30.49
C LYS I 390 -13.98 23.87 29.84
N ASP I 391 -12.87 24.43 30.32
CA ASP I 391 -12.38 25.73 29.83
C ASP I 391 -11.29 25.59 28.76
N SER I 392 -10.95 24.37 28.38
CA SER I 392 -9.90 24.16 27.39
C SER I 392 -10.34 24.68 26.01
N ARG I 393 -9.50 25.53 25.42
CA ARG I 393 -9.85 26.15 24.13
C ARG I 393 -9.21 25.41 22.95
N GLY I 394 -10.04 24.90 22.04
CA GLY I 394 -9.53 24.27 20.81
C GLY I 394 -9.31 22.76 20.84
N SER I 395 -9.63 22.13 21.95
CA SER I 395 -9.45 20.68 22.10
C SER I 395 -10.33 19.89 21.14
N HIS I 396 -11.46 20.48 20.75
CA HIS I 396 -12.37 19.85 19.79
C HIS I 396 -11.79 19.87 18.39
N LEU I 397 -11.01 20.90 18.05
CA LEU I 397 -10.24 20.92 16.79
C LEU I 397 -9.32 19.72 16.75
N TRP I 398 -8.62 19.47 17.85
CA TRP I 398 -7.78 18.27 17.96
C TRP I 398 -8.56 17.00 17.71
N ASP I 399 -9.75 16.89 18.30
CA ASP I 399 -10.60 15.70 18.13
C ASP I 399 -10.94 15.48 16.65
N GLU I 400 -11.32 16.55 15.97
CA GLU I 400 -11.71 16.49 14.57
C GLU I 400 -10.49 16.22 13.69
N PHE I 401 -9.33 16.70 14.14
CA PHE I 401 -8.08 16.43 13.45
C PHE I 401 -7.55 15.02 13.65
N TRP I 402 -7.23 14.67 14.90
CA TRP I 402 -6.63 13.37 15.22
C TRP I 402 -7.39 12.19 14.66
N SER I 403 -8.72 12.20 14.80
CA SER I 403 -9.57 11.09 14.35
C SER I 403 -9.51 10.87 12.83
N ARG I 404 -8.96 11.84 12.12
CA ARG I 404 -8.91 11.77 10.66
C ARG I 404 -7.51 11.52 10.09
N VAL I 405 -6.51 11.49 10.95
CA VAL I 405 -5.14 11.21 10.52
C VAL I 405 -5.03 9.76 10.03
N PRO I 406 -4.58 9.56 8.77
CA PRO I 406 -4.41 8.17 8.34
C PRO I 406 -3.30 7.54 9.18
N THR I 407 -3.50 6.28 9.57
CA THR I 407 -2.52 5.61 10.44
C THR I 407 -1.40 4.87 9.69
N ALA I 408 -1.60 4.59 8.40
CA ALA I 408 -0.61 3.85 7.63
C ALA I 408 0.74 4.57 7.67
N SER I 409 1.72 3.92 8.30
CA SER I 409 3.11 4.40 8.40
C SER I 409 3.25 5.81 9.01
N LEU I 410 2.37 6.13 9.95
CA LEU I 410 2.38 7.42 10.64
C LEU I 410 3.55 7.55 11.63
N PHE I 411 3.94 6.42 12.24
CA PHE I 411 5.02 6.38 13.21
C PHE I 411 6.31 5.72 12.69
N THR I 412 7.45 6.27 13.08
CA THR I 412 8.74 5.77 12.64
C THR I 412 9.35 4.82 13.67
N VAL I 413 8.87 4.91 14.91
CA VAL I 413 9.35 4.06 16.00
C VAL I 413 8.25 3.07 16.32
N PRO I 414 8.39 1.81 15.87
CA PRO I 414 7.29 0.85 16.01
C PRO I 414 7.07 0.39 17.44
N PHE I 415 5.94 -0.25 17.70
CA PHE I 415 5.67 -0.86 18.99
C PHE I 415 6.82 -1.72 19.47
N SER I 416 7.26 -1.49 20.70
CA SER I 416 8.25 -2.31 21.37
C SER I 416 7.64 -2.81 22.67
N ALA I 417 7.71 -4.11 22.89
CA ALA I 417 7.15 -4.73 24.09
C ALA I 417 7.90 -4.36 25.36
N ALA I 418 9.17 -3.95 25.22
CA ALA I 418 9.98 -3.46 26.34
C ALA I 418 9.71 -1.98 26.64
N ASP I 419 8.90 -1.34 25.82
CA ASP I 419 8.50 0.05 26.04
C ASP I 419 7.04 0.27 25.59
N PRO I 420 6.09 -0.46 26.23
CA PRO I 420 4.70 -0.51 25.76
C PRO I 420 3.90 0.78 25.96
N LEU I 421 4.35 1.66 26.85
CA LEU I 421 3.63 2.91 27.06
C LEU I 421 4.05 4.00 26.07
N ASN I 422 5.29 3.93 25.56
CA ASN I 422 5.89 5.02 24.78
C ASN I 422 6.12 4.72 23.29
N THR I 423 5.71 3.53 22.88
CA THR I 423 5.71 3.14 21.47
C THR I 423 4.31 2.62 21.08
N PRO I 424 3.94 2.77 19.79
CA PRO I 424 4.77 3.40 18.76
C PRO I 424 4.86 4.92 18.95
N ARG I 425 5.87 5.55 18.35
CA ARG I 425 6.01 7.00 18.40
C ARG I 425 6.80 7.51 17.20
N GLY I 426 7.04 8.81 17.18
CA GLY I 426 7.82 9.45 16.11
C GLY I 426 6.99 9.67 14.86
N ILE I 427 6.41 10.86 14.77
CA ILE I 427 5.59 11.22 13.61
C ILE I 427 6.49 11.23 12.39
N ASN I 428 6.00 10.64 11.30
CA ASN I 428 6.79 10.52 10.08
C ASN I 428 6.77 11.84 9.32
N ALA I 429 7.95 12.41 9.06
CA ALA I 429 8.06 13.62 8.22
C ALA I 429 7.34 13.47 6.87
N ALA I 430 7.36 12.26 6.31
CA ALA I 430 6.67 11.92 5.06
C ALA I 430 5.14 12.06 5.09
N ALA I 431 4.55 12.15 6.28
CA ALA I 431 3.09 12.26 6.44
C ALA I 431 2.56 13.69 6.35
N ALA I 432 3.45 14.63 6.08
CA ALA I 432 3.14 16.06 6.16
C ALA I 432 1.90 16.47 5.34
N ASP I 433 1.83 16.01 4.09
CA ASP I 433 0.69 16.30 3.23
C ASP I 433 -0.61 15.72 3.77
N ALA I 434 -0.58 14.45 4.16
CA ALA I 434 -1.74 13.78 4.76
C ALA I 434 -2.21 14.51 6.00
N LEU I 435 -1.25 15.00 6.78
CA LEU I 435 -1.55 15.72 8.00
C LEU I 435 -2.23 17.06 7.68
N ARG I 436 -1.69 17.82 6.73
CA ARG I 436 -2.32 19.08 6.33
C ARG I 436 -3.73 18.83 5.78
N GLN I 437 -3.89 17.78 4.97
CA GLN I 437 -5.20 17.32 4.51
C GLN I 437 -6.19 17.09 5.66
N ALA I 438 -5.79 16.28 6.64
CA ALA I 438 -6.62 16.01 7.82
C ALA I 438 -6.92 17.29 8.60
N MET I 439 -5.92 18.16 8.75
CA MET I 439 -6.13 19.43 9.46
C MET I 439 -7.06 20.38 8.71
N ALA I 440 -6.91 20.50 7.39
CA ALA I 440 -7.85 21.28 6.58
C ALA I 440 -9.31 20.80 6.72
N THR I 441 -9.51 19.48 6.64
CA THR I 441 -10.84 18.88 6.83
C THR I 441 -11.39 19.17 8.24
N ALA I 442 -10.52 19.08 9.25
CA ALA I 442 -10.91 19.37 10.64
C ALA I 442 -11.34 20.84 10.85
N ILE I 443 -10.55 21.78 10.32
CA ILE I 443 -10.91 23.20 10.33
C ILE I 443 -12.29 23.39 9.70
N ALA I 444 -12.50 22.79 8.53
CA ALA I 444 -13.79 22.85 7.83
C ALA I 444 -14.97 22.30 8.66
N ARG I 445 -14.79 21.14 9.30
CA ARG I 445 -15.88 20.56 10.10
C ARG I 445 -16.22 21.46 11.27
N VAL I 446 -15.18 21.99 11.93
CA VAL I 446 -15.41 22.91 13.04
C VAL I 446 -16.15 24.15 12.55
N GLY I 447 -15.72 24.73 11.43
CA GLY I 447 -16.41 25.87 10.83
C GLY I 447 -17.88 25.58 10.55
N GLN I 448 -18.15 24.39 10.01
CA GLN I 448 -19.50 23.99 9.68
C GLN I 448 -20.40 23.86 10.94
N SER I 449 -19.80 23.54 12.09
CA SER I 449 -20.56 23.32 13.33
C SER I 449 -21.04 24.61 13.98
N GLY I 450 -20.45 25.75 13.58
CA GLY I 450 -20.76 27.02 14.22
C GLY I 450 -19.93 27.38 15.46
N TYR I 451 -19.17 26.42 15.98
CA TYR I 451 -18.22 26.70 17.06
C TYR I 451 -16.97 27.36 16.49
N ALA I 452 -16.38 28.27 17.25
CA ALA I 452 -15.09 28.85 16.88
C ALA I 452 -13.98 27.81 17.06
N LEU I 453 -12.91 27.95 16.28
CA LEU I 453 -11.74 27.09 16.46
C LEU I 453 -11.26 27.04 17.92
N ASP I 454 -11.38 28.16 18.64
CA ASP I 454 -10.91 28.26 20.02
C ASP I 454 -11.99 28.18 21.10
N ALA I 455 -13.18 27.70 20.76
CA ALA I 455 -14.26 27.57 21.74
C ALA I 455 -13.82 26.73 22.96
N PRO I 456 -14.32 27.07 24.16
CA PRO I 456 -14.08 26.26 25.35
C PRO I 456 -14.84 24.94 25.27
N ARG I 457 -14.16 23.85 25.64
CA ARG I 457 -14.71 22.50 25.48
C ARG I 457 -16.11 22.37 26.07
N GLY I 458 -16.33 23.00 27.22
CA GLY I 458 -17.62 22.94 27.92
C GLY I 458 -18.83 23.45 27.16
N GLU I 459 -18.61 24.19 26.07
CA GLU I 459 -19.70 24.65 25.20
C GLU I 459 -19.94 23.68 24.04
N VAL I 460 -18.90 22.93 23.70
CA VAL I 460 -18.99 21.93 22.62
C VAL I 460 -19.52 20.60 23.20
N LEU I 461 -19.09 20.29 24.42
CA LEU I 461 -19.36 19.00 25.06
C LEU I 461 -20.20 19.27 26.31
N TYR I 462 -21.44 18.82 26.31
CA TYR I 462 -22.39 19.22 27.37
C TYR I 462 -23.47 18.18 27.61
N ALA I 463 -24.15 18.26 28.76
CA ALA I 463 -25.35 17.49 29.03
C ALA I 463 -26.50 18.43 29.43
N THR I 464 -27.59 18.40 28.69
CA THR I 464 -28.75 19.27 28.97
C THR I 464 -29.64 18.67 30.06
N ARG I 465 -29.93 19.47 31.08
CA ARG I 465 -30.88 19.09 32.14
C ARG I 465 -31.64 20.33 32.53
N GLY I 466 -32.96 20.21 32.60
CA GLY I 466 -33.82 21.35 32.94
C GLY I 466 -33.54 22.55 32.06
N GLY I 467 -33.24 22.31 30.79
CA GLY I 467 -33.03 23.38 29.82
C GLY I 467 -31.70 24.12 29.85
N THR I 468 -30.79 23.76 30.76
CA THR I 468 -29.45 24.37 30.73
C THR I 468 -28.40 23.35 30.26
N ARG I 469 -27.46 23.80 29.43
CA ARG I 469 -26.38 22.95 28.94
C ARG I 469 -25.25 22.90 29.95
N LEU I 470 -25.17 21.80 30.69
CA LEU I 470 -24.17 21.66 31.72
C LEU I 470 -22.81 21.34 31.05
N PRO I 471 -21.81 22.21 31.28
CA PRO I 471 -20.52 22.01 30.62
C PRO I 471 -19.85 20.74 31.12
N LEU I 472 -19.34 19.94 30.18
CA LEU I 472 -18.65 18.71 30.53
C LEU I 472 -17.17 18.75 30.11
N TYR I 473 -16.47 17.67 30.39
CA TYR I 473 -15.03 17.59 30.15
C TYR I 473 -14.73 16.14 29.80
N GLY I 474 -13.55 15.88 29.25
CA GLY I 474 -13.21 14.53 28.86
C GLY I 474 -13.46 14.31 27.39
N GLY I 475 -13.29 13.08 26.94
CA GLY I 475 -13.43 12.83 25.50
C GLY I 475 -13.51 11.38 25.11
N CYS I 476 -13.11 11.10 23.87
CA CYS I 476 -13.15 9.74 23.37
C CYS I 476 -11.80 9.05 23.52
N GLY I 477 -11.85 7.76 23.85
CA GLY I 477 -10.63 6.95 23.99
C GLY I 477 -9.76 6.90 22.76
N ALA I 478 -10.35 7.09 21.59
CA ALA I 478 -9.57 7.14 20.35
C ALA I 478 -8.54 8.27 20.32
N MET I 479 -8.77 9.35 21.09
CA MET I 479 -7.78 10.44 21.17
C MET I 479 -6.78 10.24 22.30
N GLY I 480 -6.98 9.20 23.10
CA GLY I 480 -6.11 8.96 24.21
C GLY I 480 -6.54 9.64 25.48
N TYR I 481 -7.84 9.95 25.60
CA TYR I 481 -8.41 10.34 26.88
C TYR I 481 -8.47 9.12 27.82
N PHE I 482 -8.35 9.40 29.11
CA PHE I 482 -8.68 8.45 30.19
C PHE I 482 -10.07 8.81 30.70
N THR I 483 -10.30 10.11 30.93
CA THR I 483 -11.61 10.60 31.36
C THR I 483 -12.56 10.56 30.16
N ILE I 484 -13.55 9.67 30.20
CA ILE I 484 -14.34 9.40 28.99
C ILE I 484 -15.72 10.06 28.98
N THR I 485 -15.89 11.00 28.05
CA THR I 485 -17.18 11.64 27.80
C THR I 485 -17.26 11.74 26.27
N CYS I 486 -17.86 10.72 25.65
CA CYS I 486 -17.67 10.42 24.24
C CYS I 486 -19.02 10.39 23.50
N SER I 487 -19.30 11.48 22.79
CA SER I 487 -20.57 11.67 22.12
C SER I 487 -20.67 10.87 20.82
N GLU I 488 -21.87 10.38 20.51
CA GLU I 488 -22.11 9.73 19.22
C GLU I 488 -22.45 10.77 18.15
N ASN I 489 -22.60 12.02 18.58
CA ASN I 489 -23.11 13.11 17.76
C ASN I 489 -21.98 13.81 17.00
N ASP I 490 -22.16 13.99 15.69
CA ASP I 490 -21.19 14.73 14.91
C ASP I 490 -21.20 16.18 15.38
N ILE I 491 -20.00 16.74 15.57
CA ILE I 491 -19.85 18.16 15.95
C ILE I 491 -20.74 19.12 15.12
N THR I 492 -20.91 18.83 13.84
CA THR I 492 -21.74 19.69 12.99
C THR I 492 -23.23 19.54 13.31
N GLN I 493 -23.57 18.71 14.28
CA GLN I 493 -24.96 18.42 14.60
C GLN I 493 -25.34 19.02 15.96
N GLY I 494 -24.82 20.20 16.28
CA GLY I 494 -25.03 20.81 17.59
C GLY I 494 -23.92 20.49 18.59
N GLY I 495 -22.77 20.05 18.08
CA GLY I 495 -21.61 19.74 18.93
C GLY I 495 -21.71 18.37 19.60
N TYR I 496 -20.86 18.14 20.60
CA TYR I 496 -20.78 16.85 21.26
C TYR I 496 -21.82 16.74 22.38
N SER I 497 -23.09 16.78 21.99
CA SER I 497 -24.16 16.66 22.99
C SER I 497 -24.12 15.27 23.58
N MET I 498 -24.40 15.18 24.88
CA MET I 498 -24.48 13.88 25.54
C MET I 498 -25.94 13.50 25.79
N ASP I 499 -26.85 14.11 25.04
CA ASP I 499 -28.29 13.97 25.33
C ASP I 499 -28.96 12.78 24.69
N GLY I 500 -28.31 12.20 23.69
CA GLY I 500 -28.89 11.10 22.95
C GLY I 500 -28.51 9.78 23.59
N GLN I 501 -27.83 8.94 22.82
CA GLN I 501 -27.30 7.68 23.27
C GLN I 501 -25.81 7.68 23.00
N PRO I 502 -25.01 8.35 23.87
CA PRO I 502 -23.57 8.44 23.62
C PRO I 502 -22.89 7.08 23.57
N ASN I 503 -21.70 7.04 22.97
CA ASN I 503 -20.82 5.89 23.11
C ASN I 503 -20.48 5.68 24.58
N ALA I 504 -19.99 4.47 24.89
CA ALA I 504 -19.57 4.10 26.23
C ALA I 504 -18.79 5.25 26.89
N SER I 505 -19.24 5.68 28.07
CA SER I 505 -18.69 6.86 28.74
C SER I 505 -18.73 6.72 30.25
N ASN I 506 -17.99 7.58 30.94
CA ASN I 506 -18.10 7.70 32.40
C ASN I 506 -19.58 7.64 32.79
N SER I 507 -19.88 6.75 33.74
CA SER I 507 -21.25 6.45 34.16
C SER I 507 -21.28 6.33 35.67
N TYR I 508 -21.19 5.10 36.21
CA TYR I 508 -20.91 4.96 37.65
C TYR I 508 -19.41 5.02 37.91
N MET I 509 -19.00 5.95 38.78
CA MET I 509 -17.60 6.10 39.13
C MET I 509 -17.49 5.96 40.65
N GLN I 510 -16.43 5.31 41.13
CA GLN I 510 -16.23 5.19 42.57
C GLN I 510 -14.75 5.21 42.92
N VAL I 511 -14.43 5.95 43.96
CA VAL I 511 -13.11 5.92 44.55
C VAL I 511 -13.38 5.45 45.97
N VAL I 512 -12.98 4.21 46.28
CA VAL I 512 -13.24 3.59 47.59
C VAL I 512 -11.95 3.36 48.38
N SER I 513 -12.00 3.69 49.68
CA SER I 513 -10.87 3.46 50.59
C SER I 513 -11.36 2.90 51.94
N PHE I 514 -10.43 2.43 52.77
CA PHE I 514 -10.78 1.74 54.02
C PHE I 514 -10.00 2.32 55.20
N PRO I 515 -10.32 3.55 55.62
CA PRO I 515 -9.64 4.06 56.79
C PRO I 515 -10.20 3.32 58.01
N ALA I 516 -9.50 3.41 59.15
CA ALA I 516 -9.89 2.68 60.35
C ALA I 516 -11.34 2.91 60.79
N SER I 517 -11.86 4.12 60.54
CA SER I 517 -13.24 4.44 60.84
C SER I 517 -14.26 3.69 59.97
N GLY I 518 -13.84 3.11 58.85
CA GLY I 518 -14.73 2.32 57.99
C GLY I 518 -14.70 2.74 56.52
N VAL I 519 -15.23 1.88 55.64
CA VAL I 519 -15.30 2.15 54.19
C VAL I 519 -15.74 3.55 53.86
N GLN I 520 -15.11 4.13 52.86
CA GLN I 520 -15.52 5.43 52.34
C GLN I 520 -15.58 5.36 50.83
N ALA I 521 -16.68 5.82 50.26
CA ALA I 521 -16.83 5.88 48.81
C ALA I 521 -17.22 7.28 48.33
N HIS I 522 -16.57 7.70 47.25
CA HIS I 522 -16.94 8.92 46.57
C HIS I 522 -17.37 8.51 45.20
N THR I 523 -18.57 8.92 44.80
CA THR I 523 -19.23 8.37 43.63
C THR I 523 -19.83 9.43 42.68
N PHE I 524 -19.99 9.03 41.41
CA PHE I 524 -20.84 9.72 40.44
C PHE I 524 -21.74 8.69 39.81
N LEU I 525 -22.97 9.08 39.50
CA LEU I 525 -23.73 8.43 38.45
C LEU I 525 -24.03 9.54 37.43
N THR I 526 -23.16 9.64 36.42
CA THR I 526 -23.09 10.82 35.53
C THR I 526 -24.42 11.30 34.96
N PHE I 527 -25.28 10.37 34.56
CA PHE I 527 -26.53 10.70 33.89
C PHE I 527 -27.70 10.86 34.85
N SER I 528 -27.44 10.64 36.14
CA SER I 528 -28.41 10.74 37.23
C SER I 528 -29.33 9.50 37.37
N LEU I 529 -29.91 9.31 38.56
CA LEU I 529 -30.69 8.09 38.87
C LEU I 529 -31.87 7.79 37.94
N SER I 530 -32.59 8.85 37.53
CA SER I 530 -33.91 8.66 36.90
C SER I 530 -33.97 9.10 35.44
N ASP I 531 -34.59 8.25 34.61
CA ASP I 531 -34.76 8.55 33.19
C ASP I 531 -35.95 9.47 32.93
N ASP I 532 -36.66 9.83 34.00
CA ASP I 532 -37.88 10.63 33.86
C ASP I 532 -37.52 12.12 33.94
N PRO I 533 -37.79 12.88 32.85
CA PRO I 533 -37.48 14.31 32.86
C PRO I 533 -38.17 15.06 34.00
N ALA I 534 -39.27 14.50 34.51
CA ALA I 534 -40.03 15.14 35.59
C ALA I 534 -39.41 14.95 36.98
N SER I 535 -38.48 14.01 37.13
CA SER I 535 -37.99 13.62 38.45
C SER I 535 -36.95 14.59 39.00
N PRO I 536 -36.93 14.78 40.34
CA PRO I 536 -35.86 15.58 40.94
C PRO I 536 -34.49 14.91 40.80
N HIS I 537 -34.49 13.62 40.45
CA HIS I 537 -33.23 12.92 40.26
C HIS I 537 -32.95 12.58 38.82
N HIS I 538 -33.35 13.48 37.94
CA HIS I 538 -33.06 13.37 36.51
C HIS I 538 -31.79 14.10 36.16
N GLY I 539 -31.49 15.18 36.89
CA GLY I 539 -30.38 16.05 36.52
C GLY I 539 -29.45 16.48 37.64
N ASP I 540 -29.76 16.10 38.87
CA ASP I 540 -28.99 16.56 40.03
C ASP I 540 -27.55 16.00 40.09
N TYR I 541 -27.43 14.69 39.90
CA TYR I 541 -26.12 14.02 39.89
C TYR I 541 -25.27 14.55 38.72
N THR I 542 -25.93 14.75 37.58
CA THR I 542 -25.29 15.29 36.39
C THR I 542 -24.70 16.67 36.63
N LYS I 543 -25.45 17.51 37.34
CA LYS I 543 -24.97 18.83 37.71
C LYS I 543 -23.71 18.73 38.57
N ALA I 544 -23.70 17.78 39.52
CA ALA I 544 -22.53 17.58 40.36
C ALA I 544 -21.34 17.08 39.54
N TYR I 545 -21.64 16.22 38.56
CA TYR I 545 -20.59 15.67 37.70
C TYR I 545 -19.99 16.78 36.84
N SER I 546 -20.85 17.65 36.32
CA SER I 546 -20.40 18.83 35.58
C SER I 546 -19.48 19.73 36.40
N ALA I 547 -19.81 19.92 37.67
CA ALA I 547 -18.98 20.78 38.53
C ALA I 547 -17.83 19.99 39.15
N GLY I 548 -17.73 18.70 38.83
CA GLY I 548 -16.65 17.85 39.33
C GLY I 548 -16.69 17.60 40.83
N GLN I 549 -17.89 17.64 41.43
CA GLN I 549 -18.02 17.52 42.87
C GLN I 549 -18.48 16.12 43.26
N TRP I 550 -17.53 15.28 43.66
CA TRP I 550 -17.79 13.89 44.03
C TRP I 550 -18.75 13.80 45.16
N LEU I 551 -19.64 12.81 45.11
CA LEU I 551 -20.60 12.62 46.18
C LEU I 551 -19.97 11.66 47.19
N ARG I 552 -19.91 12.08 48.45
CA ARG I 552 -19.58 11.15 49.50
C ARG I 552 -20.87 10.40 49.81
N VAL I 553 -20.98 9.15 49.36
CA VAL I 553 -22.22 8.38 49.57
C VAL I 553 -22.28 7.83 51.00
N PRO I 554 -23.37 8.12 51.73
CA PRO I 554 -23.59 7.60 53.08
C PRO I 554 -23.66 6.08 53.04
N PHE I 555 -23.05 5.43 54.03
CA PHE I 555 -22.99 3.96 54.09
C PHE I 555 -23.45 3.38 55.43
N THR I 556 -22.89 3.88 56.54
CA THR I 556 -23.35 3.44 57.87
C THR I 556 -24.73 4.02 58.19
N GLU I 557 -25.43 3.38 59.12
CA GLU I 557 -26.75 3.83 59.53
C GLU I 557 -26.70 5.28 60.06
N ALA I 558 -25.64 5.59 60.80
CA ALA I 558 -25.39 6.96 61.27
C ALA I 558 -25.23 7.92 60.08
N GLU I 559 -24.46 7.50 59.07
CA GLU I 559 -24.26 8.35 57.88
C GLU I 559 -25.54 8.53 57.06
N ILE I 560 -26.34 7.47 56.95
CA ILE I 560 -27.58 7.54 56.19
C ILE I 560 -28.60 8.47 56.84
N THR I 561 -28.96 8.19 58.09
CA THR I 561 -29.94 9.01 58.82
C THR I 561 -29.41 10.41 59.07
N GLY I 562 -28.08 10.52 59.22
CA GLY I 562 -27.44 11.82 59.40
C GLY I 562 -27.35 12.69 58.15
N ASN I 563 -27.62 12.12 56.98
CA ASN I 563 -27.53 12.85 55.70
C ASN I 563 -28.54 14.01 55.61
N ALA I 564 -28.08 15.13 55.04
CA ALA I 564 -28.87 16.35 54.85
C ALA I 564 -30.18 16.18 54.10
N ASP I 565 -30.23 15.20 53.20
CA ASP I 565 -31.41 14.98 52.37
C ASP I 565 -32.22 13.75 52.77
N TYR I 566 -31.95 13.22 53.97
CA TYR I 566 -32.55 11.95 54.42
C TYR I 566 -34.07 11.95 54.44
N ARG I 567 -34.66 11.00 53.72
CA ARG I 567 -36.08 10.68 53.79
C ARG I 567 -36.19 9.17 53.95
N THR I 568 -37.11 8.72 54.80
CA THR I 568 -37.41 7.28 54.90
C THR I 568 -38.90 7.00 54.72
N ALA I 569 -39.18 5.91 54.02
CA ALA I 569 -40.54 5.39 53.87
C ALA I 569 -40.47 3.86 53.86
N THR I 570 -41.53 3.18 54.24
CA THR I 570 -41.50 1.72 54.14
C THR I 570 -42.62 1.20 53.22
N VAL I 571 -42.32 0.15 52.47
CA VAL I 571 -43.30 -0.46 51.59
C VAL I 571 -43.50 -1.92 51.97
N LYS I 572 -44.76 -2.33 52.12
CA LYS I 572 -45.08 -3.73 52.47
C LYS I 572 -46.28 -4.30 51.71
N GLU I 573 -46.32 -5.63 51.58
CA GLU I 573 -47.46 -6.37 50.99
C GLU I 573 -47.31 -7.89 51.12
N LEU I 574 -48.40 -8.61 50.83
CA LEU I 574 -48.48 -10.09 50.76
C LEU I 574 -48.79 -10.67 52.13
N THR J 8 -14.82 32.30 -27.16
CA THR J 8 -14.92 32.68 -25.72
C THR J 8 -16.37 32.55 -25.16
N TYR J 9 -16.52 32.09 -23.92
CA TYR J 9 -17.80 32.18 -23.21
C TYR J 9 -17.93 33.57 -22.59
N SER J 10 -19.16 34.08 -22.54
CA SER J 10 -19.44 35.38 -21.93
C SER J 10 -20.88 35.50 -21.49
N ALA J 11 -21.07 35.78 -20.20
CA ALA J 11 -22.41 35.90 -19.64
C ALA J 11 -22.47 37.01 -18.61
N GLU J 12 -23.50 37.83 -18.70
CA GLU J 12 -23.76 38.86 -17.71
C GLU J 12 -24.65 38.23 -16.66
N ILE J 13 -24.25 38.34 -15.40
CA ILE J 13 -25.01 37.79 -14.28
C ILE J 13 -25.62 38.91 -13.45
N ARG J 14 -26.95 39.00 -13.48
CA ARG J 14 -27.69 39.98 -12.69
C ARG J 14 -28.38 39.29 -11.52
N ARG J 15 -28.09 39.73 -10.30
CA ARG J 15 -28.79 39.21 -9.12
C ARG J 15 -29.76 40.24 -8.53
N THR J 16 -30.94 39.78 -8.14
CA THR J 16 -31.98 40.62 -7.52
C THR J 16 -32.33 40.10 -6.12
N THR J 17 -33.40 40.62 -5.52
CA THR J 17 -33.80 40.25 -4.15
C THR J 17 -33.77 38.72 -3.91
N MET J 18 -33.19 38.31 -2.78
CA MET J 18 -32.96 36.90 -2.44
C MET J 18 -31.80 36.31 -3.25
N GLY J 19 -31.19 37.14 -4.10
CA GLY J 19 -30.02 36.74 -4.89
C GLY J 19 -30.30 35.96 -6.15
N VAL J 20 -31.58 35.83 -6.53
CA VAL J 20 -31.98 35.17 -7.77
C VAL J 20 -31.10 35.64 -8.93
N PRO J 21 -30.39 34.73 -9.59
CA PRO J 21 -29.55 35.15 -10.72
C PRO J 21 -30.30 35.22 -12.05
N HIS J 22 -29.98 36.25 -12.83
CA HIS J 22 -30.58 36.46 -14.14
C HIS J 22 -29.48 36.42 -15.15
N ILE J 23 -29.29 35.26 -15.77
CA ILE J 23 -28.21 35.05 -16.71
C ILE J 23 -28.60 35.67 -18.05
N LYS J 24 -27.70 36.50 -18.59
CA LYS J 24 -27.91 37.09 -19.92
C LYS J 24 -26.76 36.72 -20.87
N ALA J 25 -27.10 36.14 -22.02
CA ALA J 25 -26.08 35.59 -22.93
C ALA J 25 -26.39 35.74 -24.40
N GLY J 26 -25.34 35.76 -25.21
CA GLY J 26 -25.47 35.88 -26.66
C GLY J 26 -25.82 34.57 -27.35
N ASN J 27 -25.45 33.46 -26.71
CA ASN J 27 -25.74 32.13 -27.23
C ASN J 27 -26.00 31.11 -26.10
N TRP J 28 -26.18 29.83 -26.47
CA TRP J 28 -26.52 28.79 -25.51
C TRP J 28 -25.32 28.32 -24.73
N GLY J 29 -24.16 28.29 -25.39
CA GLY J 29 -22.90 27.95 -24.73
C GLY J 29 -22.57 28.94 -23.62
N SER J 30 -22.84 30.21 -23.88
CA SER J 30 -22.63 31.26 -22.90
C SER J 30 -23.64 31.24 -21.75
N ALA J 31 -24.88 30.86 -22.06
CA ALA J 31 -25.93 30.73 -21.06
C ALA J 31 -25.61 29.63 -20.05
N GLY J 32 -25.15 28.48 -20.54
CA GLY J 32 -24.72 27.39 -19.67
C GLY J 32 -23.57 27.86 -18.81
N TYR J 33 -22.65 28.59 -19.41
CA TYR J 33 -21.50 29.15 -18.70
C TYR J 33 -21.94 29.95 -17.48
N GLY J 34 -22.87 30.89 -17.67
CA GLY J 34 -23.47 31.64 -16.56
C GLY J 34 -24.25 30.81 -15.56
N PHE J 35 -25.08 29.89 -16.05
CA PHE J 35 -25.96 29.11 -15.20
C PHE J 35 -25.14 28.18 -14.30
N GLY J 36 -24.15 27.52 -14.90
CA GLY J 36 -23.25 26.65 -14.17
C GLY J 36 -22.42 27.42 -13.15
N TYR J 37 -22.01 28.62 -13.51
CA TYR J 37 -21.22 29.43 -12.60
C TYR J 37 -22.02 29.78 -11.33
N VAL J 38 -23.23 30.31 -11.50
CA VAL J 38 -24.02 30.74 -10.34
C VAL J 38 -24.47 29.58 -9.47
N GLN J 39 -24.76 28.43 -10.08
CA GLN J 39 -25.14 27.23 -9.32
C GLN J 39 -24.01 26.84 -8.37
N ALA J 40 -22.82 26.65 -8.93
CA ALA J 40 -21.63 26.32 -8.14
C ALA J 40 -21.33 27.38 -7.09
N GLN J 41 -21.51 28.65 -7.47
CA GLN J 41 -21.21 29.75 -6.56
C GLN J 41 -22.09 29.69 -5.35
N ASP J 42 -23.33 29.24 -5.52
CA ASP J 42 -24.29 29.17 -4.41
C ASP J 42 -24.33 27.80 -3.73
N ASN J 43 -23.90 26.76 -4.45
CA ASN J 43 -24.12 25.39 -3.97
C ASN J 43 -22.97 24.39 -4.17
N LEU J 44 -21.74 24.90 -4.20
CA LEU J 44 -20.56 24.10 -4.50
C LEU J 44 -20.47 22.73 -3.77
N CYS J 45 -20.64 22.73 -2.46
CA CYS J 45 -20.40 21.49 -1.71
C CYS J 45 -21.41 20.38 -2.09
N THR J 46 -22.68 20.76 -2.23
CA THR J 46 -23.72 19.83 -2.64
C THR J 46 -23.43 19.29 -4.06
N MET J 47 -23.04 20.19 -4.96
CA MET J 47 -22.77 19.83 -6.34
C MET J 47 -21.50 18.97 -6.51
N ALA J 48 -20.40 19.34 -5.84
CA ALA J 48 -19.16 18.58 -5.95
C ALA J 48 -19.36 17.18 -5.42
N ASP J 49 -19.97 17.07 -4.23
CA ASP J 49 -20.38 15.76 -3.72
C ASP J 49 -21.19 15.00 -4.78
N SER J 50 -22.09 15.69 -5.47
CA SER J 50 -23.01 15.01 -6.39
C SER J 50 -22.34 14.42 -7.62
N PHE J 51 -21.30 15.09 -8.12
CA PHE J 51 -20.54 14.55 -9.26
C PHE J 51 -19.70 13.33 -8.92
N LEU J 52 -19.31 13.19 -7.65
CA LEU J 52 -18.76 11.91 -7.18
C LEU J 52 -19.81 10.84 -7.39
N THR J 53 -21.04 11.14 -7.01
CA THR J 53 -22.15 10.19 -7.16
C THR J 53 -22.30 9.70 -8.60
N TYR J 54 -22.51 10.63 -9.53
CA TYR J 54 -22.82 10.25 -10.91
C TYR J 54 -21.66 9.62 -11.66
N ARG J 55 -20.43 9.95 -11.27
CA ARG J 55 -19.23 9.38 -11.85
C ARG J 55 -18.91 8.02 -11.21
N GLY J 56 -19.51 7.77 -10.05
CA GLY J 56 -19.26 6.54 -9.28
C GLY J 56 -17.94 6.59 -8.53
N GLU J 57 -17.63 7.76 -7.98
CA GLU J 57 -16.34 8.01 -7.36
C GLU J 57 -16.45 8.36 -5.88
N ARG J 58 -17.62 8.12 -5.29
CA ARG J 58 -17.86 8.38 -3.86
C ARG J 58 -16.88 7.63 -2.97
N SER J 59 -16.68 6.34 -3.25
CA SER J 59 -15.91 5.47 -2.35
C SER J 59 -14.44 5.85 -2.29
N ARG J 60 -13.86 6.19 -3.45
CA ARG J 60 -12.49 6.68 -3.51
C ARG J 60 -12.22 7.75 -2.44
N HIS J 61 -13.15 8.66 -2.28
CA HIS J 61 -12.95 9.82 -1.40
C HIS J 61 -13.54 9.63 -0.02
N LEU J 62 -14.69 8.97 0.06
CA LEU J 62 -15.48 8.97 1.28
C LEU J 62 -15.60 7.59 1.95
N GLY J 63 -15.16 6.55 1.26
CA GLY J 63 -15.23 5.20 1.81
C GLY J 63 -16.44 4.48 1.26
N GLY J 64 -16.26 3.21 0.94
CA GLY J 64 -17.33 2.40 0.37
C GLY J 64 -18.51 2.11 1.28
N SER J 65 -18.28 2.11 2.59
CA SER J 65 -19.35 1.69 3.51
C SER J 65 -20.24 2.84 3.99
N ALA J 66 -19.77 4.09 3.86
CA ALA J 66 -20.59 5.25 4.18
C ALA J 66 -21.77 5.38 3.20
N GLN J 67 -22.89 5.88 3.70
CA GLN J 67 -24.05 6.15 2.86
C GLN J 67 -23.85 7.49 2.19
N LEU J 68 -24.53 7.72 1.07
CA LEU J 68 -24.69 9.04 0.46
C LEU J 68 -24.98 10.08 1.54
N VAL J 69 -24.34 11.24 1.44
CA VAL J 69 -24.51 12.31 2.43
C VAL J 69 -25.95 12.85 2.37
N TYR J 70 -26.43 13.12 1.16
CA TYR J 70 -27.74 13.72 0.93
C TYR J 70 -28.80 12.75 0.43
N ASN J 71 -30.04 12.94 0.87
CA ASN J 71 -31.15 12.26 0.26
C ASN J 71 -31.39 12.84 -1.15
N SER J 72 -31.96 12.02 -2.01
CA SER J 72 -32.27 12.41 -3.38
C SER J 72 -33.16 11.34 -4.00
N THR J 73 -33.40 11.42 -5.31
CA THR J 73 -34.20 10.39 -6.01
C THR J 73 -33.50 9.04 -5.97
N LEU J 74 -32.21 9.04 -5.63
CA LEU J 74 -31.42 7.84 -5.52
C LEU J 74 -31.56 7.16 -4.15
N GLY J 75 -32.25 7.81 -3.21
CA GLY J 75 -32.28 7.35 -1.83
C GLY J 75 -30.88 7.42 -1.23
N ARG J 76 -30.65 6.70 -0.13
CA ARG J 76 -29.34 6.77 0.51
C ARG J 76 -28.65 5.42 0.69
N PRO J 77 -28.28 4.76 -0.43
CA PRO J 77 -27.56 3.49 -0.34
C PRO J 77 -26.11 3.72 0.10
N ARG J 78 -25.38 2.63 0.33
CA ARG J 78 -23.95 2.71 0.64
C ARG J 78 -23.19 3.24 -0.59
N ASN J 79 -22.11 3.98 -0.34
CA ASN J 79 -21.27 4.49 -1.41
C ASN J 79 -20.81 3.43 -2.42
N ILE J 80 -20.45 2.24 -1.91
CA ILE J 80 -19.91 1.22 -2.80
C ILE J 80 -20.96 0.75 -3.84
N ASP J 81 -22.20 0.52 -3.40
CA ASP J 81 -23.28 0.13 -4.30
C ASP J 81 -23.71 1.26 -5.25
N SER J 82 -23.75 2.48 -4.74
CA SER J 82 -23.97 3.66 -5.59
C SER J 82 -22.94 3.74 -6.73
N ASP J 83 -21.67 3.58 -6.39
CA ASP J 83 -20.60 3.62 -7.39
C ASP J 83 -20.75 2.56 -8.47
N PHE J 84 -21.09 1.33 -8.07
CA PHE J 84 -21.33 0.26 -9.02
C PHE J 84 -22.55 0.51 -9.90
N PHE J 85 -23.62 1.02 -9.30
CA PHE J 85 -24.85 1.30 -10.04
C PHE J 85 -24.60 2.31 -11.16
N HIS J 86 -23.98 3.43 -10.81
CA HIS J 86 -23.69 4.50 -11.77
C HIS J 86 -22.74 4.10 -12.86
N ARG J 87 -21.68 3.35 -12.52
CA ARG J 87 -20.74 2.89 -13.55
C ARG J 87 -21.39 1.89 -14.51
N HIS J 88 -22.21 1.00 -13.96
CA HIS J 88 -22.87 -0.05 -14.72
C HIS J 88 -24.01 0.47 -15.56
N VAL J 89 -24.85 1.34 -15.00
CA VAL J 89 -26.00 1.89 -15.70
C VAL J 89 -25.66 3.17 -16.49
N ILE J 90 -24.89 4.07 -15.87
CA ILE J 90 -24.51 5.29 -16.57
C ILE J 90 -23.08 5.15 -17.05
N SER J 91 -22.90 4.19 -17.96
CA SER J 91 -21.60 3.87 -18.52
C SER J 91 -21.30 4.87 -19.60
N ASP J 92 -20.06 4.87 -20.09
CA ASP J 92 -19.62 5.76 -21.17
C ASP J 92 -20.46 5.58 -22.41
N GLU J 93 -20.94 4.36 -22.63
CA GLU J 93 -21.81 4.05 -23.76
C GLU J 93 -23.17 4.73 -23.61
N ALA J 94 -23.74 4.69 -22.41
CA ALA J 94 -25.00 5.37 -22.13
C ALA J 94 -24.86 6.88 -22.38
N VAL J 95 -23.70 7.43 -21.98
CA VAL J 95 -23.42 8.86 -22.16
C VAL J 95 -23.27 9.18 -23.66
N ASP J 96 -22.52 8.35 -24.38
CA ASP J 96 -22.40 8.46 -25.83
C ASP J 96 -23.76 8.51 -26.48
N ARG J 97 -24.63 7.54 -26.16
CA ARG J 97 -25.96 7.46 -26.75
C ARG J 97 -26.83 8.69 -26.42
N THR J 98 -26.78 9.14 -25.17
CA THR J 98 -27.49 10.34 -24.74
C THR J 98 -27.04 11.55 -25.56
N MET J 99 -25.73 11.75 -25.61
CA MET J 99 -25.14 12.90 -26.30
C MET J 99 -25.34 12.91 -27.81
N ALA J 100 -25.41 11.73 -28.44
CA ALA J 100 -25.57 11.66 -29.89
C ALA J 100 -27.00 12.00 -30.35
N ALA J 101 -27.93 12.09 -29.41
CA ALA J 101 -29.32 12.42 -29.74
C ALA J 101 -29.63 13.90 -29.51
N GLN J 102 -28.64 14.66 -29.04
CA GLN J 102 -28.89 16.03 -28.60
C GLN J 102 -28.74 17.04 -29.72
N PRO J 103 -29.53 18.14 -29.65
CA PRO J 103 -29.27 19.26 -30.56
C PRO J 103 -27.97 19.97 -30.21
N ALA J 104 -27.28 20.47 -31.24
CA ALA J 104 -26.01 21.18 -31.10
C ALA J 104 -26.03 22.24 -29.99
N LYS J 105 -27.10 23.03 -29.93
CA LYS J 105 -27.27 24.06 -28.91
C LYS J 105 -27.17 23.54 -27.47
N LEU J 106 -27.74 22.35 -27.22
CA LEU J 106 -27.69 21.76 -25.88
C LEU J 106 -26.31 21.21 -25.54
N LEU J 107 -25.68 20.50 -26.49
CA LEU J 107 -24.29 20.08 -26.29
C LEU J 107 -23.40 21.28 -25.94
N GLN J 108 -23.63 22.39 -26.62
CA GLN J 108 -22.90 23.63 -26.39
C GLN J 108 -23.19 24.20 -25.02
N MET J 109 -24.47 24.24 -24.66
CA MET J 109 -24.87 24.75 -23.36
C MET J 109 -24.25 23.93 -22.24
N VAL J 110 -24.36 22.61 -22.32
CA VAL J 110 -23.82 21.72 -21.31
C VAL J 110 -22.30 21.86 -21.25
N GLU J 111 -21.66 22.02 -22.41
CA GLU J 111 -20.23 22.34 -22.45
C GLU J 111 -19.87 23.60 -21.67
N GLY J 112 -20.65 24.66 -21.87
CA GLY J 112 -20.47 25.92 -21.14
C GLY J 112 -20.78 25.77 -19.66
N PHE J 113 -21.86 25.03 -19.36
CA PHE J 113 -22.22 24.73 -17.99
C PHE J 113 -21.05 24.11 -17.23
N ALA J 114 -20.43 23.08 -17.81
CA ALA J 114 -19.20 22.51 -17.25
C ALA J 114 -18.10 23.56 -17.02
N ALA J 115 -17.78 24.34 -18.05
CA ALA J 115 -16.72 25.37 -17.95
C ALA J 115 -17.01 26.45 -16.91
N GLY J 116 -18.30 26.75 -16.71
CA GLY J 116 -18.75 27.72 -15.73
C GLY J 116 -18.48 27.18 -14.34
N TYR J 117 -18.99 25.98 -14.09
CA TYR J 117 -18.73 25.25 -12.84
C TYR J 117 -17.24 25.21 -12.58
N ASN J 118 -16.46 24.84 -13.59
CA ASN J 118 -15.02 24.71 -13.45
C ASN J 118 -14.36 26.05 -13.10
N ARG J 119 -14.82 27.13 -13.75
CA ARG J 119 -14.36 28.47 -13.44
C ARG J 119 -14.56 28.78 -11.97
N TYR J 120 -15.76 28.54 -11.45
CA TYR J 120 -15.98 28.82 -10.05
C TYR J 120 -15.07 27.98 -9.14
N VAL J 121 -14.90 26.71 -9.48
CA VAL J 121 -13.97 25.83 -8.75
C VAL J 121 -12.55 26.39 -8.61
N ARG J 122 -12.01 26.94 -9.71
CA ARG J 122 -10.73 27.64 -9.66
C ARG J 122 -10.78 28.77 -8.63
N GLU J 123 -11.92 29.47 -8.58
CA GLU J 123 -12.07 30.62 -7.70
C GLU J 123 -12.11 30.20 -6.24
N ALA J 124 -12.90 29.17 -5.93
CA ALA J 124 -13.04 28.71 -4.57
C ALA J 124 -11.73 28.11 -4.07
N LYS J 125 -11.03 27.41 -4.95
CA LYS J 125 -9.69 26.89 -4.65
C LYS J 125 -8.69 28.01 -4.33
N ALA J 126 -8.83 29.12 -5.05
CA ALA J 126 -7.91 30.26 -4.91
C ALA J 126 -7.98 30.91 -3.52
N GLY J 127 -9.19 31.07 -2.98
CA GLY J 127 -9.37 31.75 -1.70
C GLY J 127 -10.82 31.98 -1.33
N GLY J 128 -11.04 32.88 -0.37
CA GLY J 128 -12.39 33.25 0.07
C GLY J 128 -12.86 32.49 1.30
N SER J 129 -13.95 32.98 1.90
CA SER J 129 -14.60 32.31 3.01
C SER J 129 -15.85 31.58 2.51
N ALA J 130 -16.02 31.58 1.19
CA ALA J 130 -17.11 30.87 0.54
C ALA J 130 -16.91 29.35 0.66
N HIS J 131 -18.01 28.64 0.97
CA HIS J 131 -18.02 27.17 1.06
C HIS J 131 -16.86 26.67 1.88
N ALA J 132 -16.68 27.23 3.07
CA ALA J 132 -15.61 26.76 3.96
C ALA J 132 -15.74 25.26 4.26
N ALA J 133 -16.94 24.70 4.14
CA ALA J 133 -17.20 23.30 4.53
C ALA J 133 -16.46 22.28 3.64
N CYS J 134 -16.08 22.67 2.42
CA CYS J 134 -15.56 21.71 1.44
C CYS J 134 -14.50 22.20 0.47
N ARG J 135 -14.32 23.52 0.37
CA ARG J 135 -13.47 24.11 -0.66
C ARG J 135 -12.04 23.55 -0.77
N SER J 136 -11.50 23.02 0.34
CA SER J 136 -10.14 22.44 0.30
C SER J 136 -10.10 20.90 0.23
N GLU J 137 -11.25 20.28 -0.01
CA GLU J 137 -11.32 18.84 -0.18
C GLU J 137 -10.93 18.41 -1.60
N ALA J 138 -10.31 17.24 -1.71
CA ALA J 138 -9.87 16.72 -3.01
C ALA J 138 -11.03 16.55 -4.00
N TRP J 139 -12.22 16.21 -3.49
CA TRP J 139 -13.41 16.03 -4.34
C TRP J 139 -14.06 17.28 -4.90
N VAL J 140 -13.59 18.46 -4.50
CA VAL J 140 -13.93 19.71 -5.19
C VAL J 140 -12.93 19.90 -6.33
N GLN J 141 -13.39 19.71 -7.55
CA GLN J 141 -12.49 19.56 -8.70
C GLN J 141 -13.20 19.84 -10.03
N PRO J 142 -12.45 20.17 -11.09
CA PRO J 142 -13.03 20.33 -12.43
C PRO J 142 -13.83 19.08 -12.88
N ILE J 143 -14.96 19.30 -13.55
CA ILE J 143 -15.75 18.23 -14.16
C ILE J 143 -15.74 18.37 -15.70
N THR J 144 -16.24 17.37 -16.42
CA THR J 144 -16.37 17.46 -17.89
C THR J 144 -17.83 17.66 -18.31
N ALA J 145 -18.04 17.99 -19.58
CA ALA J 145 -19.37 18.04 -20.19
C ALA J 145 -20.09 16.70 -20.01
N ARG J 146 -19.36 15.62 -20.24
CA ARG J 146 -19.83 14.24 -20.06
C ARG J 146 -20.37 13.99 -18.64
N ASP J 147 -19.72 14.61 -17.65
CA ASP J 147 -20.16 14.49 -16.27
C ASP J 147 -21.54 15.09 -16.03
N VAL J 148 -21.80 16.22 -16.66
CA VAL J 148 -23.12 16.87 -16.57
C VAL J 148 -24.17 16.00 -17.28
N TRP J 149 -23.81 15.45 -18.44
CA TRP J 149 -24.67 14.49 -19.12
C TRP J 149 -24.97 13.28 -18.27
N ARG J 150 -24.00 12.83 -17.49
CA ARG J 150 -24.25 11.79 -16.51
C ARG J 150 -25.36 12.23 -15.53
N ARG J 151 -25.27 13.48 -15.11
CA ARG J 151 -26.16 14.02 -14.10
C ARG J 151 -27.57 14.07 -14.66
N ILE J 152 -27.67 14.60 -15.89
CA ILE J 152 -28.91 14.70 -16.62
C ILE J 152 -29.55 13.34 -16.83
N TYR J 153 -28.75 12.36 -17.27
CA TYR J 153 -29.21 10.99 -17.45
C TYR J 153 -29.73 10.39 -16.12
N ALA J 154 -28.98 10.58 -15.04
CA ALA J 154 -29.40 10.13 -13.72
C ALA J 154 -30.79 10.63 -13.26
N ALA J 155 -31.11 11.90 -13.53
CA ALA J 155 -32.44 12.46 -13.15
C ALA J 155 -33.63 11.75 -13.84
N ASN J 156 -33.42 11.30 -15.08
CA ASN J 156 -34.45 10.54 -15.80
C ASN J 156 -34.80 9.19 -15.21
N LEU J 157 -33.90 8.65 -14.39
CA LEU J 157 -34.05 7.26 -13.90
C LEU J 157 -34.77 7.13 -12.54
N ALA J 158 -35.32 8.23 -12.06
CA ALA J 158 -35.96 8.30 -10.74
C ALA J 158 -37.15 7.35 -10.60
N GLY J 159 -37.90 7.15 -11.70
CA GLY J 159 -39.09 6.31 -11.69
C GLY J 159 -38.81 4.82 -11.77
N GLY J 160 -37.58 4.45 -12.13
CA GLY J 160 -37.23 3.05 -12.33
C GLY J 160 -35.88 2.67 -11.72
N TYR J 161 -34.83 2.67 -12.55
CA TYR J 161 -33.50 2.23 -12.09
C TYR J 161 -33.08 2.80 -10.74
N SER J 162 -33.29 4.10 -10.51
CA SER J 162 -32.81 4.74 -9.29
C SER J 162 -33.39 4.09 -8.05
N ASN J 163 -34.63 3.63 -8.16
CA ASN J 163 -35.32 2.97 -7.05
C ASN J 163 -34.78 1.59 -6.74
N PHE J 164 -34.00 1.03 -7.67
CA PHE J 164 -33.43 -0.28 -7.50
C PHE J 164 -31.91 -0.28 -7.61
N ALA J 165 -31.28 0.84 -7.30
CA ALA J 165 -29.84 1.01 -7.49
C ALA J 165 -29.01 -0.08 -6.81
N GLU J 166 -29.22 -0.27 -5.51
CA GLU J 166 -28.52 -1.28 -4.74
C GLU J 166 -28.77 -2.70 -5.27
N ALA J 167 -30.02 -2.97 -5.70
CA ALA J 167 -30.38 -4.29 -6.23
C ALA J 167 -29.69 -4.53 -7.57
N ILE J 168 -29.57 -3.46 -8.37
CA ILE J 168 -28.85 -3.54 -9.64
C ILE J 168 -27.36 -3.79 -9.41
N ALA J 169 -26.77 -3.02 -8.49
CA ALA J 169 -25.35 -3.13 -8.13
C ALA J 169 -25.00 -4.51 -7.58
N ASN J 170 -26.00 -5.25 -7.12
CA ASN J 170 -25.78 -6.56 -6.48
C ASN J 170 -26.43 -7.75 -7.19
N ALA J 171 -26.81 -7.56 -8.45
CA ALA J 171 -27.32 -8.65 -9.26
C ALA J 171 -26.16 -9.50 -9.80
N GLN J 172 -26.05 -10.71 -9.27
CA GLN J 172 -24.95 -11.64 -9.57
C GLN J 172 -25.40 -13.11 -9.59
N PRO J 173 -24.92 -13.87 -10.61
CA PRO J 173 -25.30 -15.28 -10.73
C PRO J 173 -24.69 -16.15 -9.63
N PRO J 174 -25.24 -17.36 -9.40
CA PRO J 174 -24.53 -18.32 -8.56
C PRO J 174 -23.64 -19.18 -9.44
N PHE K 8 -43.42 -20.06 -2.25
CA PHE K 8 -43.46 -18.57 -2.18
C PHE K 8 -44.34 -18.08 -1.04
N GLU K 9 -43.72 -17.42 -0.07
CA GLU K 9 -44.45 -16.83 1.06
C GLU K 9 -44.66 -15.34 0.87
N PRO K 10 -45.93 -14.92 0.69
CA PRO K 10 -46.27 -13.50 0.60
C PRO K 10 -45.87 -12.78 1.88
N GLY K 11 -45.84 -13.51 3.00
CA GLY K 11 -45.36 -13.02 4.28
C GLY K 11 -43.93 -12.48 4.24
N ARG K 12 -43.10 -13.07 3.38
CA ARG K 12 -41.69 -12.68 3.27
C ARG K 12 -41.42 -11.51 2.32
N THR K 13 -42.45 -11.10 1.57
CA THR K 13 -42.35 -9.97 0.63
C THR K 13 -42.11 -8.64 1.35
N ARG K 14 -41.07 -7.93 0.91
CA ARG K 14 -40.81 -6.57 1.37
C ARG K 14 -41.09 -5.61 0.22
N ALA K 15 -42.24 -4.95 0.27
CA ALA K 15 -42.64 -4.03 -0.79
C ALA K 15 -41.72 -2.82 -0.83
N PRO K 16 -41.18 -2.49 -2.01
CA PRO K 16 -40.31 -1.32 -2.14
C PRO K 16 -41.13 -0.03 -2.25
N SER K 17 -40.48 1.11 -2.05
CA SER K 17 -41.14 2.41 -2.24
C SER K 17 -40.93 2.86 -3.68
N LEU K 18 -42.04 3.05 -4.41
CA LEU K 18 -42.00 3.41 -5.82
C LEU K 18 -42.45 4.86 -6.05
N GLN K 19 -42.82 5.54 -4.97
CA GLN K 19 -43.17 6.94 -5.03
C GLN K 19 -41.90 7.80 -5.13
N VAL K 20 -41.65 8.38 -6.30
CA VAL K 20 -40.56 9.34 -6.46
C VAL K 20 -40.81 10.55 -5.55
N GLY K 21 -39.79 10.89 -4.76
CA GLY K 21 -39.89 11.98 -3.78
C GLY K 21 -40.47 11.54 -2.45
N GLY K 22 -41.09 10.36 -2.43
CA GLY K 22 -41.72 9.79 -1.23
C GLY K 22 -40.75 9.14 -0.27
N GLU K 23 -41.27 8.58 0.81
CA GLU K 23 -40.43 7.99 1.86
C GLU K 23 -39.99 6.58 1.51
N SER L 1 -46.42 16.77 -3.99
CA SER L 1 -46.47 17.94 -4.91
C SER L 1 -47.92 18.28 -5.25
N ASN L 2 -48.21 19.57 -5.38
CA ASN L 2 -49.51 20.06 -5.84
C ASN L 2 -49.30 20.94 -7.07
N MET L 3 -50.32 21.01 -7.93
CA MET L 3 -50.41 22.09 -8.91
C MET L 3 -51.84 22.41 -9.32
N TYR L 4 -52.07 23.67 -9.65
CA TYR L 4 -53.36 24.14 -10.13
C TYR L 4 -53.16 24.80 -11.49
N GLY L 5 -54.10 24.53 -12.40
CA GLY L 5 -54.23 25.31 -13.62
C GLY L 5 -55.66 25.84 -13.66
N PHE L 6 -55.83 27.13 -13.41
CA PHE L 6 -57.15 27.75 -13.49
C PHE L 6 -57.35 28.43 -14.83
N GLY L 7 -58.43 28.05 -15.52
CA GLY L 7 -58.80 28.64 -16.80
C GLY L 7 -59.51 29.96 -16.61
N THR L 8 -59.76 30.66 -17.72
CA THR L 8 -60.27 32.03 -17.68
C THR L 8 -61.61 32.17 -16.98
N ALA L 9 -62.44 31.13 -17.07
CA ALA L 9 -63.76 31.12 -16.44
C ALA L 9 -63.65 31.09 -14.92
N ALA L 10 -62.55 30.50 -14.43
CA ALA L 10 -62.28 30.44 -12.99
C ALA L 10 -61.67 31.72 -12.44
N THR L 11 -60.87 32.42 -13.25
CA THR L 11 -60.20 33.62 -12.74
C THR L 11 -60.97 34.89 -13.12
N GLY L 12 -61.95 34.75 -14.03
CA GLY L 12 -62.75 35.88 -14.52
C GLY L 12 -61.95 36.95 -15.25
N GLU L 13 -60.83 36.55 -15.85
CA GLU L 13 -59.89 37.47 -16.50
C GLU L 13 -59.60 37.06 -17.95
N GLY L 14 -58.66 37.74 -18.59
CA GLY L 14 -58.20 37.37 -19.93
C GLY L 14 -57.25 36.18 -19.95
N SER L 15 -56.77 35.77 -18.77
CA SER L 15 -55.88 34.61 -18.66
C SER L 15 -56.19 33.78 -17.43
N GLY L 16 -55.60 32.59 -17.40
CA GLY L 16 -55.70 31.72 -16.25
C GLY L 16 -54.58 31.97 -15.26
N VAL L 17 -54.57 31.19 -14.19
CA VAL L 17 -53.53 31.30 -13.17
C VAL L 17 -52.90 29.93 -12.96
N LEU L 18 -51.57 29.93 -12.91
CA LEU L 18 -50.80 28.70 -12.76
C LEU L 18 -50.15 28.67 -11.39
N PHE L 19 -50.48 27.65 -10.61
CA PHE L 19 -49.81 27.42 -9.32
C PHE L 19 -48.97 26.14 -9.34
N GLY L 20 -47.66 26.32 -9.21
CA GLY L 20 -46.70 25.23 -9.07
C GLY L 20 -46.21 25.06 -7.64
N ASN L 21 -46.25 23.82 -7.15
CA ASN L 21 -45.94 23.49 -5.76
C ASN L 21 -45.33 22.07 -5.60
N PRO L 22 -44.16 21.83 -6.23
CA PRO L 22 -43.47 20.55 -6.01
C PRO L 22 -43.06 20.35 -4.54
N HIS L 23 -43.44 19.22 -3.97
CA HIS L 23 -42.95 18.88 -2.65
C HIS L 23 -41.73 18.04 -2.88
N TRP L 24 -40.58 18.53 -2.41
CA TRP L 24 -39.29 18.02 -2.86
C TRP L 24 -38.23 18.22 -1.81
N TYR L 25 -36.99 17.89 -2.15
CA TYR L 25 -35.88 17.84 -1.20
C TYR L 25 -35.46 19.25 -0.78
N TRP L 26 -35.08 19.40 0.49
CA TRP L 26 -34.56 20.68 0.96
C TRP L 26 -33.06 20.77 0.88
N LYS L 27 -32.40 19.61 0.82
CA LYS L 27 -30.95 19.52 0.64
C LYS L 27 -30.61 18.51 -0.44
N GLY L 28 -29.38 18.55 -0.96
CA GLY L 28 -28.94 17.55 -1.93
C GLY L 28 -29.01 17.99 -3.39
N PRO L 29 -28.42 17.20 -4.29
CA PRO L 29 -28.29 17.63 -5.69
C PRO L 29 -29.62 17.73 -6.45
N ASP L 30 -30.66 16.99 -6.02
CA ASP L 30 -31.97 17.14 -6.66
C ASP L 30 -32.76 18.37 -6.21
N ARG L 31 -32.22 19.10 -5.24
CA ARG L 31 -32.82 20.34 -4.74
C ARG L 31 -32.97 21.37 -5.87
N PHE L 32 -34.04 22.17 -5.79
CA PHE L 32 -34.29 23.22 -6.78
C PHE L 32 -33.38 24.44 -6.63
N TYR L 33 -33.15 25.12 -7.74
CA TYR L 33 -32.35 26.31 -7.79
C TYR L 33 -33.05 27.27 -8.75
N GLN L 34 -33.39 28.46 -8.25
CA GLN L 34 -34.20 29.42 -8.99
C GLN L 34 -33.34 30.39 -9.80
N ALA L 35 -33.65 30.50 -11.08
CA ALA L 35 -32.94 31.44 -11.96
C ALA L 35 -33.75 31.78 -13.19
N GLN L 36 -33.19 32.71 -13.97
CA GLN L 36 -33.75 33.16 -15.24
C GLN L 36 -32.66 33.16 -16.34
N LEU L 37 -33.02 32.62 -17.50
CA LEU L 37 -32.14 32.57 -18.67
C LEU L 37 -32.65 33.50 -19.77
N THR L 38 -31.83 34.46 -20.14
CA THR L 38 -32.18 35.39 -21.19
C THR L 38 -31.17 35.19 -22.31
N ILE L 39 -31.63 34.51 -23.35
CA ILE L 39 -30.78 34.12 -24.45
C ILE L 39 -31.25 34.88 -25.69
N ASP L 40 -30.52 35.96 -25.96
CA ASP L 40 -30.65 36.82 -27.14
C ASP L 40 -31.27 36.10 -28.36
N GLY L 41 -32.54 36.36 -28.59
CA GLY L 41 -33.27 35.84 -29.75
C GLY L 41 -33.69 34.37 -29.72
N GLU L 42 -33.46 33.70 -28.59
CA GLU L 42 -33.72 32.27 -28.47
C GLU L 42 -34.69 31.93 -27.33
N ALA L 43 -34.43 32.47 -26.14
CA ALA L 43 -35.28 32.16 -24.98
C ALA L 43 -35.29 33.25 -23.92
N ASN L 44 -36.44 33.43 -23.28
CA ASN L 44 -36.48 34.15 -22.00
C ASN L 44 -37.31 33.37 -20.97
N VAL L 45 -36.63 32.60 -20.14
CA VAL L 45 -37.31 31.70 -19.24
C VAL L 45 -36.88 31.93 -17.79
N SER L 46 -37.84 31.87 -16.89
CA SER L 46 -37.54 31.89 -15.47
C SER L 46 -38.22 30.71 -14.79
N GLY L 47 -37.59 30.20 -13.74
CA GLY L 47 -38.16 29.10 -12.98
C GLY L 47 -37.12 28.40 -12.13
N VAL L 48 -37.17 27.08 -12.12
CA VAL L 48 -36.30 26.29 -11.25
C VAL L 48 -35.67 25.07 -11.94
N SER L 49 -34.41 24.78 -11.60
CA SER L 49 -33.68 23.58 -12.08
C SER L 49 -33.15 22.75 -10.91
N PHE L 50 -32.99 21.43 -11.09
CA PHE L 50 -32.19 20.63 -10.15
C PHE L 50 -30.78 21.20 -10.19
N LEU L 51 -30.04 21.12 -9.08
CA LEU L 51 -28.64 21.49 -9.14
C LEU L 51 -27.95 20.57 -10.15
N GLY L 52 -27.20 21.15 -11.08
CA GLY L 52 -26.55 20.41 -12.15
C GLY L 52 -27.31 20.35 -13.47
N LEU L 53 -28.58 20.76 -13.47
CA LEU L 53 -29.37 20.80 -14.69
C LEU L 53 -29.27 22.19 -15.33
N PRO L 54 -29.03 22.26 -16.65
CA PRO L 54 -28.75 23.54 -17.31
C PRO L 54 -29.96 24.27 -17.91
N VAL L 55 -31.12 23.62 -17.96
CA VAL L 55 -32.36 24.29 -18.42
C VAL L 55 -33.45 24.31 -17.33
N ILE L 56 -34.47 25.16 -17.53
CA ILE L 56 -35.54 25.33 -16.55
C ILE L 56 -36.58 24.21 -16.64
N GLN L 57 -36.80 23.52 -15.53
CA GLN L 57 -37.68 22.35 -15.49
C GLN L 57 -39.13 22.67 -15.10
N ILE L 58 -39.29 23.57 -14.14
CA ILE L 58 -40.57 24.11 -13.75
C ILE L 58 -40.40 25.62 -13.81
N GLY L 59 -41.26 26.31 -14.54
CA GLY L 59 -41.16 27.76 -14.61
C GLY L 59 -42.20 28.43 -15.47
N PHE L 60 -41.74 29.43 -16.22
CA PHE L 60 -42.59 30.25 -17.08
C PHE L 60 -41.71 31.06 -18.05
N ASN L 61 -42.33 31.51 -19.14
CA ASN L 61 -41.73 32.50 -20.04
C ASN L 61 -42.78 33.57 -20.34
N ASP L 62 -42.58 34.35 -21.41
CA ASP L 62 -43.51 35.44 -21.72
C ASP L 62 -44.88 34.93 -22.17
N SER L 63 -45.00 33.63 -22.38
CA SER L 63 -46.21 33.05 -22.98
C SER L 63 -46.82 31.86 -22.26
N VAL L 64 -45.98 30.98 -21.69
CA VAL L 64 -46.46 29.84 -20.91
C VAL L 64 -45.97 29.84 -19.47
N ALA L 65 -46.73 29.16 -18.62
CA ALA L 65 -46.30 28.77 -17.30
C ALA L 65 -46.74 27.32 -17.05
N TRP L 66 -45.88 26.56 -16.38
CA TRP L 66 -46.17 25.14 -16.11
C TRP L 66 -45.50 24.64 -14.84
N SER L 67 -45.96 23.50 -14.37
CA SER L 67 -45.31 22.79 -13.26
C SER L 67 -45.49 21.28 -13.40
N HIS L 68 -44.97 20.53 -12.43
CA HIS L 68 -45.00 19.08 -12.44
C HIS L 68 -45.31 18.48 -11.09
N THR L 69 -45.91 17.29 -11.09
CA THR L 69 -46.07 16.47 -9.88
C THR L 69 -45.68 15.04 -10.25
N VAL L 70 -45.14 14.28 -9.32
CA VAL L 70 -44.85 12.87 -9.57
C VAL L 70 -46.17 12.17 -9.93
N SER L 71 -46.11 11.41 -11.02
CA SER L 71 -47.25 10.69 -11.56
C SER L 71 -47.32 9.28 -10.98
N THR L 72 -48.53 8.75 -10.84
CA THR L 72 -48.71 7.37 -10.38
C THR L 72 -48.28 6.33 -11.42
N ALA L 73 -48.11 6.77 -12.66
CA ALA L 73 -47.76 5.87 -13.74
C ALA L 73 -46.40 5.19 -13.53
N ARG L 74 -46.41 3.85 -13.57
CA ARG L 74 -45.16 3.09 -13.51
C ARG L 74 -44.34 3.34 -14.76
N ARG L 75 -43.02 3.43 -14.59
CA ARG L 75 -42.10 3.74 -15.68
C ARG L 75 -41.16 2.58 -15.98
N PHE L 76 -41.40 1.48 -15.29
CA PHE L 76 -40.52 0.33 -15.37
C PHE L 76 -41.31 -0.97 -15.27
N GLY L 77 -40.65 -2.04 -15.68
CA GLY L 77 -41.20 -3.38 -15.58
C GLY L 77 -40.07 -4.35 -15.33
N PHE L 78 -40.44 -5.57 -14.97
CA PHE L 78 -39.48 -6.63 -14.79
C PHE L 78 -39.64 -7.68 -15.89
N PHE L 79 -38.51 -8.28 -16.27
CA PHE L 79 -38.53 -9.42 -17.15
C PHE L 79 -37.89 -10.61 -16.48
N GLN L 80 -38.68 -11.67 -16.35
CA GLN L 80 -38.24 -12.88 -15.72
C GLN L 80 -37.57 -13.72 -16.78
N LEU L 81 -36.32 -14.09 -16.52
CA LEU L 81 -35.49 -14.78 -17.49
C LEU L 81 -35.40 -16.28 -17.20
N SER L 82 -35.52 -17.08 -18.25
CA SER L 82 -35.29 -18.52 -18.14
C SER L 82 -33.84 -18.79 -18.49
N LEU L 83 -33.10 -19.33 -17.53
CA LEU L 83 -31.67 -19.53 -17.69
C LEU L 83 -31.32 -20.83 -18.42
N VAL L 84 -30.34 -20.75 -19.31
CA VAL L 84 -29.81 -21.91 -20.01
C VAL L 84 -29.03 -22.72 -18.99
N GLN L 85 -29.52 -23.91 -18.63
CA GLN L 85 -28.83 -24.72 -17.62
C GLN L 85 -27.39 -25.04 -18.04
N GLY L 86 -26.48 -24.98 -17.07
CA GLY L 86 -25.05 -24.97 -17.36
C GLY L 86 -24.49 -23.55 -17.28
N GLU L 87 -25.23 -22.60 -17.86
CA GLU L 87 -24.81 -21.20 -17.93
C GLU L 87 -25.81 -20.23 -17.30
N PRO L 88 -25.61 -19.88 -16.01
CA PRO L 88 -26.50 -18.95 -15.31
C PRO L 88 -26.41 -17.50 -15.78
N THR L 89 -25.49 -17.21 -16.71
CA THR L 89 -25.38 -15.88 -17.31
C THR L 89 -25.90 -15.86 -18.75
N SER L 90 -26.69 -16.86 -19.09
CA SER L 90 -27.39 -16.90 -20.38
C SER L 90 -28.85 -17.21 -20.16
N TYR L 91 -29.71 -16.70 -21.04
CA TYR L 91 -31.17 -16.93 -20.95
C TYR L 91 -31.77 -17.32 -22.30
N LEU L 92 -32.94 -17.93 -22.28
CA LEU L 92 -33.61 -18.39 -23.49
C LEU L 92 -34.51 -17.31 -24.11
N ARG L 93 -34.44 -17.19 -25.43
CA ARG L 93 -35.29 -16.27 -26.18
C ARG L 93 -35.95 -17.03 -27.32
N ASP L 94 -37.22 -17.39 -27.10
CA ASP L 94 -37.97 -18.31 -27.96
C ASP L 94 -37.12 -19.54 -28.25
N GLY L 95 -36.67 -20.18 -27.18
CA GLY L 95 -35.92 -21.43 -27.25
C GLY L 95 -34.48 -21.37 -27.74
N VAL L 96 -33.96 -20.16 -27.97
CA VAL L 96 -32.57 -20.01 -28.40
C VAL L 96 -31.79 -19.19 -27.36
N PRO L 97 -30.67 -19.74 -26.86
CA PRO L 97 -29.81 -19.09 -25.86
C PRO L 97 -29.24 -17.71 -26.27
N VAL L 98 -29.36 -16.74 -25.35
CA VAL L 98 -28.77 -15.41 -25.51
C VAL L 98 -27.81 -15.16 -24.34
N LYS L 99 -26.57 -14.78 -24.66
CA LYS L 99 -25.60 -14.38 -23.66
C LYS L 99 -26.00 -13.02 -23.06
N MET L 100 -25.90 -12.90 -21.74
CA MET L 100 -25.96 -11.60 -21.08
C MET L 100 -24.67 -10.83 -21.37
N LYS L 101 -24.77 -9.51 -21.54
CA LYS L 101 -23.58 -8.69 -21.75
C LYS L 101 -22.91 -8.39 -20.41
N PRO L 102 -21.63 -8.81 -20.25
CA PRO L 102 -20.98 -8.59 -18.96
C PRO L 102 -20.23 -7.27 -18.89
N ALA L 103 -19.98 -6.82 -17.67
CA ALA L 103 -19.09 -5.69 -17.44
C ALA L 103 -18.37 -5.88 -16.11
N THR L 104 -17.06 -6.00 -16.20
CA THR L 104 -16.22 -6.11 -15.03
C THR L 104 -15.84 -4.69 -14.63
N ILE L 105 -16.33 -4.30 -13.46
CA ILE L 105 -16.20 -2.93 -12.99
C ILE L 105 -15.36 -2.91 -11.73
N THR L 106 -14.35 -2.04 -11.74
CA THR L 106 -13.45 -1.86 -10.63
C THR L 106 -13.68 -0.47 -10.02
N VAL L 107 -14.07 -0.46 -8.76
CA VAL L 107 -14.27 0.78 -8.01
C VAL L 107 -13.19 0.89 -6.93
N PRO L 108 -12.36 1.94 -7.00
CA PRO L 108 -11.43 2.19 -5.89
C PRO L 108 -12.20 2.69 -4.68
N SER L 109 -11.83 2.18 -3.50
CA SER L 109 -12.56 2.46 -2.27
C SER L 109 -11.58 2.69 -1.12
N ARG L 110 -11.80 3.75 -0.34
CA ARG L 110 -10.87 4.05 0.77
C ARG L 110 -11.24 3.37 2.08
N ASN L 111 -10.24 2.79 2.73
CA ASN L 111 -10.39 2.08 3.99
C ASN L 111 -10.21 3.04 5.15
N ALA L 112 -10.64 2.61 6.35
CA ALA L 112 -10.58 3.45 7.55
C ALA L 112 -9.17 3.97 7.84
N ASP L 113 -8.16 3.24 7.37
CA ASP L 113 -6.76 3.57 7.61
C ASP L 113 -6.15 4.49 6.55
N GLY L 114 -6.98 4.92 5.60
CA GLY L 114 -6.62 5.98 4.65
C GLY L 114 -6.04 5.57 3.30
N SER L 115 -5.85 4.27 3.09
CA SER L 115 -5.41 3.79 1.77
C SER L 115 -6.60 3.56 0.81
N VAL L 116 -6.29 3.47 -0.47
CA VAL L 116 -7.29 3.30 -1.53
C VAL L 116 -7.03 1.97 -2.26
N SER L 117 -7.94 1.02 -2.11
CA SER L 117 -7.81 -0.26 -2.82
C SER L 117 -9.02 -0.58 -3.68
N ASP L 118 -8.78 -1.42 -4.69
CA ASP L 118 -9.78 -1.74 -5.71
C ASP L 118 -10.75 -2.82 -5.26
N VAL L 119 -12.05 -2.58 -5.45
CA VAL L 119 -13.06 -3.63 -5.31
C VAL L 119 -13.77 -3.83 -6.66
N THR L 120 -13.94 -5.11 -7.02
CA THR L 120 -14.37 -5.48 -8.37
C THR L 120 -15.62 -6.36 -8.33
N ARG L 121 -16.53 -6.07 -9.26
CA ARG L 121 -17.67 -6.96 -9.52
C ARG L 121 -17.89 -7.06 -11.01
N THR L 122 -18.38 -8.22 -11.44
CA THR L 122 -18.88 -8.36 -12.78
C THR L 122 -20.41 -8.26 -12.71
N LEU L 123 -20.95 -7.24 -13.35
CA LEU L 123 -22.39 -7.08 -13.44
C LEU L 123 -22.85 -7.35 -14.86
N TYR L 124 -24.18 -7.39 -15.07
CA TYR L 124 -24.72 -7.90 -16.33
C TYR L 124 -25.88 -7.07 -16.85
N HIS L 125 -25.94 -6.90 -18.17
CA HIS L 125 -27.15 -6.42 -18.84
C HIS L 125 -27.77 -7.51 -19.65
N SER L 126 -29.10 -7.51 -19.68
CA SER L 126 -29.86 -8.34 -20.63
C SER L 126 -30.29 -7.40 -21.73
N GLU L 127 -30.89 -7.94 -22.79
CA GLU L 127 -31.47 -7.11 -23.85
C GLU L 127 -32.58 -6.15 -23.34
N PHE L 128 -33.09 -6.41 -22.15
CA PHE L 128 -34.16 -5.59 -21.55
C PHE L 128 -33.64 -4.42 -20.72
N GLY L 129 -32.47 -4.61 -20.12
CA GLY L 129 -31.91 -3.64 -19.18
C GLY L 129 -31.02 -4.39 -18.22
N PRO L 130 -30.55 -3.71 -17.16
CA PRO L 130 -29.61 -4.38 -16.28
C PRO L 130 -30.27 -5.52 -15.52
N LEU L 131 -29.48 -6.51 -15.12
CA LEU L 131 -29.94 -7.56 -14.25
C LEU L 131 -30.21 -6.94 -12.89
N VAL L 132 -31.17 -7.48 -12.15
CA VAL L 132 -31.57 -6.89 -10.87
C VAL L 132 -31.82 -7.96 -9.81
N ASN L 133 -31.20 -7.76 -8.64
CA ASN L 133 -31.39 -8.64 -7.50
C ASN L 133 -32.76 -8.42 -6.85
N LEU L 134 -33.64 -9.40 -6.95
CA LEU L 134 -34.97 -9.27 -6.37
C LEU L 134 -35.16 -10.04 -5.07
N ALA L 135 -34.06 -10.56 -4.50
CA ALA L 135 -34.15 -11.39 -3.29
C ALA L 135 -34.67 -10.62 -2.07
N GLY L 136 -34.40 -9.32 -2.04
CA GLY L 136 -34.89 -8.46 -0.97
C GLY L 136 -36.38 -8.19 -1.05
N LEU L 137 -36.92 -8.17 -2.28
CA LEU L 137 -38.36 -8.06 -2.49
C LEU L 137 -39.05 -9.33 -1.99
N ASN L 138 -38.53 -10.49 -2.37
CA ASN L 138 -38.91 -11.76 -1.76
C ASN L 138 -37.76 -12.75 -1.95
N PRO L 139 -37.34 -13.44 -0.87
CA PRO L 139 -36.14 -14.31 -0.96
C PRO L 139 -36.27 -15.44 -2.00
N ALA L 140 -37.50 -15.78 -2.40
CA ALA L 140 -37.72 -16.82 -3.40
C ALA L 140 -37.43 -16.31 -4.81
N LEU L 141 -37.08 -15.03 -4.90
CA LEU L 141 -36.81 -14.37 -6.17
C LEU L 141 -35.31 -14.22 -6.47
N ALA L 142 -34.47 -15.05 -5.83
CA ALA L 142 -33.02 -14.97 -6.05
C ALA L 142 -32.63 -15.34 -7.49
N TRP L 143 -31.44 -14.91 -7.91
CA TRP L 143 -30.83 -15.36 -9.16
C TRP L 143 -30.37 -16.79 -8.97
N SER L 144 -31.14 -17.73 -9.51
CA SER L 144 -30.92 -19.15 -9.26
C SER L 144 -30.31 -19.87 -10.47
N GLN L 145 -30.41 -21.19 -10.46
CA GLN L 145 -29.98 -22.03 -11.56
C GLN L 145 -30.86 -21.83 -12.80
N GLY L 146 -32.17 -21.72 -12.59
CA GLY L 146 -33.13 -21.69 -13.67
C GLY L 146 -33.72 -20.32 -13.99
N THR L 147 -33.61 -19.38 -13.05
CA THR L 147 -34.29 -18.10 -13.19
C THR L 147 -33.50 -16.90 -12.68
N ALA L 148 -33.55 -15.81 -13.46
CA ALA L 148 -33.03 -14.50 -13.06
C ALA L 148 -34.02 -13.40 -13.49
N PHE L 149 -33.75 -12.16 -13.06
CA PHE L 149 -34.67 -11.03 -13.32
C PHE L 149 -33.95 -9.78 -13.82
N ALA L 150 -34.48 -9.20 -14.90
CA ALA L 150 -33.98 -7.93 -15.41
C ALA L 150 -35.00 -6.83 -15.17
N ILE L 151 -34.54 -5.58 -15.15
CA ILE L 151 -35.44 -4.42 -15.02
C ILE L 151 -35.31 -3.56 -16.26
N ARG L 152 -36.44 -3.19 -16.84
CA ARG L 152 -36.46 -2.19 -17.89
C ARG L 152 -37.18 -0.92 -17.41
N ASP L 153 -36.55 0.22 -17.67
CA ASP L 153 -37.08 1.55 -17.37
C ASP L 153 -37.06 2.28 -18.71
N ILE L 154 -38.23 2.70 -19.23
CA ILE L 154 -38.32 3.27 -20.59
C ILE L 154 -37.42 4.48 -20.72
N ASN L 155 -37.14 5.12 -19.59
CA ASN L 155 -36.35 6.33 -19.59
C ASN L 155 -34.87 6.07 -19.80
N GLY L 156 -34.46 4.82 -19.62
CA GLY L 156 -33.11 4.36 -19.97
C GLY L 156 -32.80 4.54 -21.44
N GLU L 157 -33.83 4.55 -22.29
CA GLU L 157 -33.66 4.83 -23.72
C GLU L 157 -34.29 6.15 -24.15
N ASN L 158 -34.63 6.99 -23.18
CA ASN L 158 -35.30 8.26 -23.44
C ASN L 158 -34.30 9.41 -23.37
N PHE L 159 -33.82 9.84 -24.53
CA PHE L 159 -32.76 10.85 -24.60
C PHE L 159 -33.33 12.20 -24.95
N ARG L 160 -34.65 12.34 -24.77
CA ARG L 160 -35.40 13.47 -25.30
C ARG L 160 -35.81 14.52 -24.27
N THR L 161 -35.67 14.20 -22.98
CA THR L 161 -36.19 15.06 -21.92
C THR L 161 -35.59 16.48 -21.92
N LEU L 162 -34.26 16.57 -21.98
CA LEU L 162 -33.58 17.86 -21.92
C LEU L 162 -34.07 18.77 -23.04
N ARG L 163 -34.11 18.26 -24.27
CA ARG L 163 -34.67 19.00 -25.43
C ARG L 163 -36.11 19.42 -25.19
N THR L 164 -36.88 18.59 -24.49
CA THR L 164 -38.30 18.88 -24.25
C THR L 164 -38.47 20.13 -23.38
N TRP L 165 -37.75 20.18 -22.27
CA TRP L 165 -37.75 21.39 -21.45
C TRP L 165 -37.18 22.55 -22.18
N MET L 166 -36.07 22.35 -22.89
CA MET L 166 -35.46 23.42 -23.69
C MET L 166 -36.49 24.05 -24.60
N ARG L 167 -37.29 23.21 -25.27
CA ARG L 167 -38.30 23.66 -26.22
C ARG L 167 -39.47 24.35 -25.52
N TRP L 168 -39.88 23.81 -24.37
CA TRP L 168 -40.86 24.47 -23.51
C TRP L 168 -40.36 25.82 -23.07
N ASN L 169 -39.08 25.89 -22.72
CA ASN L 169 -38.45 27.15 -22.33
C ASN L 169 -38.61 28.21 -23.42
N GLN L 170 -38.56 27.77 -24.68
CA GLN L 170 -38.64 28.68 -25.82
C GLN L 170 -40.06 28.94 -26.31
N ALA L 171 -41.03 28.17 -25.82
CA ALA L 171 -42.40 28.17 -26.37
C ALA L 171 -43.13 29.52 -26.33
N LYS L 172 -43.94 29.77 -27.36
CA LYS L 172 -44.66 31.03 -27.56
C LYS L 172 -46.17 30.95 -27.32
N SER L 173 -46.66 29.82 -26.80
CA SER L 173 -48.09 29.61 -26.57
C SER L 173 -48.37 28.26 -25.94
N LEU L 174 -49.50 28.14 -25.26
CA LEU L 174 -49.96 26.86 -24.69
C LEU L 174 -50.14 25.77 -25.76
N ASP L 175 -50.62 26.17 -26.94
CA ASP L 175 -50.82 25.23 -28.05
C ASP L 175 -49.49 24.67 -28.52
N GLU L 176 -48.45 25.51 -28.53
CA GLU L 176 -47.11 25.07 -28.84
C GLU L 176 -46.59 24.12 -27.76
N PHE L 177 -46.73 24.55 -26.50
CA PHE L 177 -46.36 23.74 -25.32
C PHE L 177 -46.95 22.34 -25.46
N ILE L 178 -48.26 22.28 -25.62
CA ILE L 178 -49.00 21.04 -25.86
C ILE L 178 -48.42 20.24 -27.04
N ALA L 179 -48.25 20.91 -28.18
CA ALA L 179 -47.69 20.25 -29.37
C ALA L 179 -46.34 19.62 -29.05
N ILE L 180 -45.48 20.37 -28.34
CA ILE L 180 -44.16 19.89 -27.95
C ILE L 180 -44.26 18.64 -27.07
N GLN L 181 -45.11 18.70 -26.06
CA GLN L 181 -45.28 17.56 -25.16
C GLN L 181 -45.65 16.30 -25.94
N LYS L 182 -46.55 16.45 -26.91
CA LYS L 182 -47.01 15.33 -27.74
C LYS L 182 -45.92 14.86 -28.73
N GLU L 183 -45.25 15.80 -29.38
CA GLU L 183 -44.14 15.51 -30.30
C GLU L 183 -43.04 14.71 -29.64
N GLU L 184 -42.74 15.03 -28.38
CA GLU L 184 -41.59 14.44 -27.69
C GLU L 184 -41.95 13.20 -26.86
N ALA L 185 -43.14 13.21 -26.27
CA ALA L 185 -43.60 12.12 -25.38
C ALA L 185 -42.47 11.58 -24.51
N SER L 186 -41.85 12.48 -23.74
CA SER L 186 -40.55 12.23 -23.12
C SER L 186 -40.58 12.40 -21.60
N ILE L 187 -41.57 13.15 -21.13
CA ILE L 187 -41.65 13.51 -19.71
C ILE L 187 -41.56 12.24 -18.88
N PRO L 188 -40.49 12.13 -18.06
CA PRO L 188 -40.08 10.80 -17.59
C PRO L 188 -40.88 10.19 -16.44
N TRP L 189 -41.36 11.00 -15.49
CA TRP L 189 -42.06 10.45 -14.32
C TRP L 189 -42.96 11.44 -13.62
N VAL L 190 -43.33 12.51 -14.34
CA VAL L 190 -44.19 13.54 -13.80
C VAL L 190 -45.43 13.85 -14.65
N ASN L 191 -46.50 14.23 -13.96
CA ASN L 191 -47.62 14.99 -14.53
C ASN L 191 -47.20 16.40 -14.99
N THR L 192 -47.99 16.98 -15.89
CA THR L 192 -47.78 18.35 -16.31
C THR L 192 -49.10 19.12 -16.26
N VAL L 193 -49.06 20.33 -15.72
CA VAL L 193 -50.16 21.27 -15.84
C VAL L 193 -49.59 22.58 -16.36
N ALA L 194 -50.31 23.21 -17.27
CA ALA L 194 -49.84 24.46 -17.85
C ALA L 194 -50.96 25.46 -18.14
N VAL L 195 -50.58 26.74 -18.12
CA VAL L 195 -51.45 27.84 -18.44
C VAL L 195 -50.72 28.69 -19.46
N GLY L 196 -51.43 29.11 -20.50
CA GLY L 196 -50.87 29.95 -21.55
C GLY L 196 -51.51 31.33 -21.59
N ARG L 197 -50.73 32.31 -22.05
CA ARG L 197 -51.23 33.66 -22.23
C ARG L 197 -52.36 33.63 -23.26
N GLY L 198 -53.50 34.20 -22.90
CA GLY L 198 -54.66 34.28 -23.81
C GLY L 198 -55.28 32.95 -24.18
N SER L 199 -55.18 31.95 -23.30
CA SER L 199 -55.85 30.67 -23.52
C SER L 199 -56.97 30.49 -22.52
N ALA L 200 -58.19 30.31 -23.04
CA ALA L 200 -59.38 30.11 -22.21
C ALA L 200 -59.24 28.88 -21.32
N LYS L 201 -58.47 27.91 -21.81
CA LYS L 201 -58.34 26.61 -21.17
C LYS L 201 -57.01 26.44 -20.42
N ALA L 202 -57.06 25.66 -19.36
CA ALA L 202 -55.88 25.22 -18.64
C ALA L 202 -55.60 23.78 -19.04
N TRP L 203 -54.33 23.39 -19.02
CA TRP L 203 -53.91 22.10 -19.58
C TRP L 203 -53.39 21.15 -18.54
N TYR L 204 -53.96 19.94 -18.51
CA TYR L 204 -53.38 18.82 -17.76
C TYR L 204 -52.99 17.70 -18.71
N ALA L 205 -51.89 17.02 -18.40
CA ALA L 205 -51.54 15.81 -19.13
C ALA L 205 -50.57 14.94 -18.34
N ASP L 206 -50.80 13.63 -18.39
CA ASP L 206 -49.79 12.66 -18.06
C ASP L 206 -49.30 12.05 -19.39
N ILE L 207 -48.70 12.91 -20.22
CA ILE L 207 -48.17 12.51 -21.51
C ILE L 207 -46.64 12.55 -21.40
N GLY L 208 -46.02 11.37 -21.48
CA GLY L 208 -44.57 11.24 -21.43
C GLY L 208 -44.16 9.84 -21.82
N ALA L 209 -42.95 9.43 -21.42
CA ALA L 209 -42.47 8.07 -21.71
C ALA L 209 -43.03 7.09 -20.69
N VAL L 210 -43.75 6.08 -21.19
CA VAL L 210 -44.45 5.11 -20.36
C VAL L 210 -44.42 3.73 -21.05
N PRO L 211 -44.09 2.65 -20.29
CA PRO L 211 -44.09 1.28 -20.82
C PRO L 211 -45.44 0.88 -21.44
N ASN L 212 -45.38 0.31 -22.64
CA ASN L 212 -46.58 -0.07 -23.40
C ASN L 212 -46.77 -1.58 -23.37
N VAL L 213 -47.75 -2.02 -22.59
CA VAL L 213 -48.18 -3.43 -22.57
C VAL L 213 -49.70 -3.44 -22.68
N SER L 214 -50.24 -4.41 -23.41
CA SER L 214 -51.68 -4.55 -23.60
C SER L 214 -52.28 -5.40 -22.47
N PRO L 215 -53.60 -5.26 -22.24
CA PRO L 215 -54.28 -6.13 -21.28
C PRO L 215 -54.15 -7.60 -21.67
N ALA L 216 -54.20 -7.89 -22.97
CA ALA L 216 -54.00 -9.25 -23.47
C ALA L 216 -52.60 -9.77 -23.07
N GLN L 217 -51.59 -8.92 -23.24
CA GLN L 217 -50.23 -9.24 -22.82
C GLN L 217 -50.14 -9.53 -21.33
N THR L 218 -50.61 -8.63 -20.48
CA THR L 218 -50.40 -8.85 -19.06
C THR L 218 -51.15 -10.12 -18.58
N ALA L 219 -52.26 -10.44 -19.24
CA ALA L 219 -52.96 -11.70 -19.03
C ALA L 219 -52.10 -12.90 -19.44
N ALA L 220 -51.53 -12.84 -20.64
CA ALA L 220 -50.78 -13.99 -21.18
C ALA L 220 -49.37 -14.09 -20.62
N CYS L 221 -48.75 -12.93 -20.38
CA CYS L 221 -47.30 -12.82 -20.12
C CYS L 221 -46.86 -12.79 -18.65
N THR L 222 -47.76 -12.43 -17.73
CA THR L 222 -47.36 -12.34 -16.33
C THR L 222 -47.01 -13.73 -15.82
N THR L 223 -45.83 -13.89 -15.21
CA THR L 223 -45.39 -15.20 -14.73
C THR L 223 -46.07 -15.52 -13.39
N PRO L 224 -46.00 -16.79 -12.94
CA PRO L 224 -46.45 -17.16 -11.58
C PRO L 224 -45.80 -16.31 -10.48
N PHE L 225 -44.51 -16.03 -10.62
CA PHE L 225 -43.84 -15.09 -9.71
C PHE L 225 -44.48 -13.69 -9.77
N GLY L 226 -44.71 -13.19 -10.99
CA GLY L 226 -45.36 -11.90 -11.21
C GLY L 226 -46.77 -11.82 -10.62
N MET L 227 -47.53 -12.91 -10.72
CA MET L 227 -48.86 -13.00 -10.11
C MET L 227 -48.76 -12.87 -8.60
N ALA L 228 -47.83 -13.60 -8.01
CA ALA L 228 -47.64 -13.69 -6.56
C ALA L 228 -47.22 -12.38 -5.91
N VAL L 229 -46.65 -11.49 -6.72
CA VAL L 229 -46.04 -10.27 -6.21
C VAL L 229 -46.69 -9.04 -6.85
N GLY L 230 -47.70 -9.27 -7.69
CA GLY L 230 -48.43 -8.21 -8.37
C GLY L 230 -48.92 -7.13 -7.43
N GLN L 231 -49.46 -7.55 -6.28
CA GLN L 231 -49.99 -6.63 -5.28
C GLN L 231 -48.91 -5.77 -4.59
N ALA L 232 -47.68 -6.26 -4.53
CA ALA L 232 -46.57 -5.48 -3.95
C ALA L 232 -45.99 -4.50 -4.97
N LEU L 233 -46.40 -4.63 -6.23
CA LEU L 233 -45.95 -3.78 -7.32
C LEU L 233 -47.13 -3.46 -8.25
N PRO L 234 -48.13 -2.70 -7.74
CA PRO L 234 -49.37 -2.58 -8.51
C PRO L 234 -49.09 -1.94 -9.86
N ASN L 235 -49.59 -2.58 -10.92
CA ASN L 235 -49.45 -2.11 -12.31
C ASN L 235 -48.03 -2.09 -12.90
N VAL L 236 -47.10 -2.77 -12.25
CA VAL L 236 -45.79 -2.99 -12.85
C VAL L 236 -45.86 -4.29 -13.65
N PRO L 237 -45.62 -4.20 -14.97
CA PRO L 237 -45.60 -5.44 -15.75
C PRO L 237 -44.40 -6.33 -15.36
N PHE L 238 -44.70 -7.57 -15.01
CA PHE L 238 -43.72 -8.53 -14.53
C PHE L 238 -43.89 -9.74 -15.45
N PHE L 239 -43.07 -9.78 -16.51
CA PHE L 239 -43.34 -10.57 -17.69
C PHE L 239 -42.34 -11.69 -17.94
N ASP L 240 -42.73 -12.62 -18.81
CA ASP L 240 -41.89 -13.74 -19.24
C ASP L 240 -40.92 -13.26 -20.31
N GLY L 241 -39.65 -13.11 -19.93
CA GLY L 241 -38.60 -12.65 -20.85
C GLY L 241 -38.21 -13.64 -21.93
N SER L 242 -38.76 -14.86 -21.82
CA SER L 242 -38.52 -15.97 -22.76
C SER L 242 -39.19 -15.79 -24.10
N ARG L 243 -40.25 -14.99 -24.14
CA ARG L 243 -41.12 -14.92 -25.30
C ARG L 243 -41.12 -13.51 -25.90
N SER L 244 -40.74 -13.41 -27.16
CA SER L 244 -40.74 -12.13 -27.89
C SER L 244 -42.10 -11.44 -27.92
N GLU L 245 -43.17 -12.23 -27.80
CA GLU L 245 -44.53 -11.72 -27.74
C GLU L 245 -44.80 -10.86 -26.49
N CYS L 246 -43.91 -10.97 -25.51
CA CYS L 246 -44.05 -10.24 -24.26
C CYS L 246 -43.19 -8.98 -24.17
N ASP L 247 -42.42 -8.70 -25.23
CA ASP L 247 -41.67 -7.43 -25.31
C ASP L 247 -42.68 -6.30 -25.26
N TRP L 248 -42.27 -5.12 -24.81
CA TRP L 248 -43.22 -4.01 -24.77
C TRP L 248 -43.66 -3.66 -26.15
N LEU L 249 -44.95 -3.36 -26.30
CA LEU L 249 -45.52 -3.04 -27.60
C LEU L 249 -45.15 -1.65 -28.10
N THR L 250 -45.27 -1.44 -29.41
CA THR L 250 -45.10 -0.13 -30.00
C THR L 250 -46.34 0.23 -30.81
N ASP L 251 -47.02 1.30 -30.43
CA ASP L 251 -48.22 1.73 -31.15
C ASP L 251 -47.84 2.47 -32.43
N ALA L 252 -48.82 2.65 -33.30
CA ALA L 252 -48.65 3.43 -34.52
C ALA L 252 -48.19 4.86 -34.23
N ASP L 253 -48.61 5.42 -33.10
CA ASP L 253 -48.23 6.79 -32.74
C ASP L 253 -47.30 6.90 -31.50
N SER L 254 -46.54 5.83 -31.24
CA SER L 254 -45.52 5.85 -30.21
C SER L 254 -44.29 6.60 -30.72
N VAL L 255 -43.81 7.55 -29.94
CA VAL L 255 -42.61 8.32 -30.29
C VAL L 255 -41.31 7.51 -30.05
N GLN L 256 -41.40 6.52 -29.16
CA GLN L 256 -40.27 5.68 -28.78
C GLN L 256 -40.74 4.22 -28.76
N LYS L 257 -39.89 3.29 -29.23
CA LYS L 257 -40.24 1.88 -29.20
C LYS L 257 -40.52 1.43 -27.77
N GLY L 258 -41.58 0.66 -27.57
CA GLY L 258 -41.88 0.09 -26.26
C GLY L 258 -42.71 0.99 -25.37
N ALA L 259 -42.91 2.22 -25.82
CA ALA L 259 -43.67 3.23 -25.08
C ALA L 259 -45.10 3.41 -25.60
N VAL L 260 -45.98 3.86 -24.72
CA VAL L 260 -47.39 4.12 -25.06
C VAL L 260 -47.52 5.24 -26.10
N GLY L 261 -48.39 5.03 -27.09
CA GLY L 261 -48.65 6.02 -28.12
C GLY L 261 -49.31 7.27 -27.56
N VAL L 262 -49.06 8.41 -28.23
CA VAL L 262 -49.49 9.71 -27.70
C VAL L 262 -50.97 9.77 -27.34
N SER L 263 -51.84 9.37 -28.26
CA SER L 263 -53.28 9.51 -28.08
C SER L 263 -53.89 8.56 -27.04
N ARG L 264 -53.10 7.64 -26.51
CA ARG L 264 -53.57 6.77 -25.42
C ARG L 264 -52.98 7.17 -24.06
N MET L 265 -52.60 8.45 -23.94
CA MET L 265 -52.09 8.99 -22.70
C MET L 265 -53.03 10.09 -22.23
N PRO L 266 -53.36 10.10 -20.92
CA PRO L 266 -54.43 10.98 -20.43
C PRO L 266 -54.05 12.44 -20.50
N SER L 267 -55.02 13.25 -20.93
CA SER L 267 -54.92 14.70 -20.88
C SER L 267 -56.34 15.28 -20.81
N LEU L 268 -56.43 16.56 -20.47
CA LEU L 268 -57.72 17.22 -20.32
C LEU L 268 -57.48 18.71 -20.38
N GLN L 269 -58.39 19.43 -21.00
CA GLN L 269 -58.35 20.89 -20.99
C GLN L 269 -59.62 21.41 -20.37
N ARG L 270 -59.48 22.41 -19.51
CA ARG L 270 -60.62 22.93 -18.77
C ARG L 270 -60.57 24.45 -18.67
N ASP L 271 -61.75 25.06 -18.71
CA ASP L 271 -61.92 26.50 -18.53
C ASP L 271 -62.04 26.92 -17.06
N ASP L 272 -62.34 25.98 -16.16
CA ASP L 272 -62.37 26.28 -14.74
C ASP L 272 -61.04 25.94 -14.07
N TYR L 273 -60.81 24.68 -13.77
CA TYR L 273 -59.51 24.28 -13.24
C TYR L 273 -59.10 22.89 -13.71
N VAL L 274 -57.80 22.64 -13.63
CA VAL L 274 -57.26 21.29 -13.54
C VAL L 274 -56.31 21.29 -12.34
N GLY L 275 -56.22 20.14 -11.67
CA GLY L 275 -55.29 19.97 -10.57
C GLY L 275 -54.80 18.55 -10.39
N ASN L 276 -53.71 18.42 -9.63
CA ASN L 276 -53.19 17.12 -9.24
C ASN L 276 -52.37 17.21 -7.96
N MET L 277 -52.57 16.23 -7.08
CA MET L 277 -51.87 16.16 -5.80
C MET L 277 -51.24 14.78 -5.59
N ASN L 278 -50.74 14.18 -6.69
CA ASN L 278 -50.03 12.87 -6.70
C ASN L 278 -50.89 11.61 -6.79
N ASP L 279 -52.21 11.74 -6.82
CA ASP L 279 -53.09 10.63 -7.20
C ASP L 279 -53.12 10.51 -8.74
N SER L 280 -53.80 9.47 -9.23
CA SER L 280 -53.88 9.22 -10.68
C SER L 280 -54.54 10.36 -11.47
N TYR L 281 -54.35 10.31 -12.79
CA TYR L 281 -54.97 11.24 -13.74
C TYR L 281 -56.49 11.42 -13.56
N TRP L 282 -57.14 10.42 -12.95
CA TRP L 282 -58.61 10.31 -12.91
C TRP L 282 -59.36 11.57 -12.56
N LEU L 283 -58.91 12.26 -11.53
CA LEU L 283 -59.61 13.43 -11.01
C LEU L 283 -58.88 14.75 -11.28
N ALA L 284 -58.31 14.89 -12.47
CA ALA L 284 -57.74 16.18 -12.92
C ALA L 284 -58.73 17.34 -12.78
N ASN L 285 -60.00 17.04 -13.01
CA ASN L 285 -61.11 17.96 -12.71
C ASN L 285 -62.27 17.11 -12.19
N VAL L 286 -62.72 17.39 -10.97
CA VAL L 286 -63.68 16.54 -10.27
C VAL L 286 -65.01 16.45 -11.02
N HIS L 287 -65.30 17.49 -11.82
CA HIS L 287 -66.54 17.56 -12.59
C HIS L 287 -66.49 16.68 -13.81
N ALA L 288 -65.30 16.53 -14.39
CA ALA L 288 -65.12 15.68 -15.57
C ALA L 288 -63.99 14.66 -15.37
N PRO L 289 -64.33 13.48 -14.80
CA PRO L 289 -63.36 12.40 -14.55
C PRO L 289 -62.88 11.70 -15.82
N LEU L 290 -61.66 11.18 -15.77
CA LEU L 290 -61.05 10.48 -16.90
C LEU L 290 -60.92 9.00 -16.61
N THR L 291 -61.37 8.17 -17.55
CA THR L 291 -61.35 6.70 -17.37
C THR L 291 -60.84 5.94 -18.59
N GLY L 292 -60.44 4.70 -18.32
CA GLY L 292 -60.19 3.74 -19.39
C GLY L 292 -58.86 3.90 -20.11
N TYR L 293 -57.92 4.63 -19.49
CA TYR L 293 -56.55 4.68 -20.02
C TYR L 293 -55.79 3.45 -19.53
N PRO L 294 -54.57 3.20 -20.06
CA PRO L 294 -53.90 1.94 -19.67
C PRO L 294 -53.72 1.78 -18.16
N ALA L 295 -53.85 0.52 -17.70
CA ALA L 295 -53.77 0.17 -16.28
C ALA L 295 -52.50 0.69 -15.62
N ILE L 296 -51.41 0.72 -16.38
CA ILE L 296 -50.11 1.21 -15.91
C ILE L 296 -50.16 2.65 -15.37
N PHE L 297 -51.12 3.46 -15.83
CA PHE L 297 -51.23 4.83 -15.34
C PHE L 297 -51.76 4.94 -13.91
N GLY L 298 -52.31 3.84 -13.39
CA GLY L 298 -52.79 3.77 -12.01
C GLY L 298 -54.29 3.52 -11.90
N PRO L 299 -54.78 3.23 -10.68
CA PRO L 299 -56.22 3.05 -10.46
C PRO L 299 -56.99 4.35 -10.73
N ALA L 300 -58.13 4.26 -11.42
CA ALA L 300 -58.88 5.44 -11.83
C ALA L 300 -60.34 5.40 -11.37
N GLY L 301 -60.52 5.45 -10.05
CA GLY L 301 -61.85 5.41 -9.46
C GLY L 301 -62.06 4.17 -8.63
N THR L 302 -61.04 3.31 -8.58
CA THR L 302 -61.14 2.02 -7.89
C THR L 302 -60.69 2.02 -6.42
N SER L 303 -59.95 3.05 -5.99
CA SER L 303 -59.53 3.17 -4.59
C SER L 303 -59.56 4.62 -4.05
N ALA L 304 -59.80 4.73 -2.74
CA ALA L 304 -59.83 6.02 -2.03
C ALA L 304 -58.68 6.96 -2.41
N GLN L 305 -58.99 8.24 -2.58
CA GLN L 305 -57.98 9.26 -2.84
C GLN L 305 -57.30 9.64 -1.53
N THR L 306 -56.09 10.17 -1.61
CA THR L 306 -55.37 10.62 -0.40
C THR L 306 -56.08 11.83 0.20
N LEU L 307 -55.78 12.10 1.46
CA LEU L 307 -56.34 13.24 2.16
C LEU L 307 -55.92 14.55 1.49
N ARG L 308 -54.71 14.57 0.93
CA ARG L 308 -54.19 15.78 0.28
C ARG L 308 -54.89 16.05 -1.05
N THR L 309 -55.26 14.99 -1.77
CA THR L 309 -56.04 15.15 -3.01
C THR L 309 -57.43 15.64 -2.65
N ARG L 310 -58.05 15.00 -1.66
CA ARG L 310 -59.37 15.42 -1.18
C ARG L 310 -59.35 16.90 -0.77
N MET L 311 -58.35 17.30 0.00
CA MET L 311 -58.13 18.72 0.35
C MET L 311 -57.92 19.61 -0.88
N GLY L 312 -57.00 19.21 -1.75
CA GLY L 312 -56.61 20.01 -2.93
C GLY L 312 -57.77 20.42 -3.81
N HIS L 313 -58.61 19.44 -4.16
CA HIS L 313 -59.81 19.69 -4.97
C HIS L 313 -60.89 20.42 -4.23
N THR L 314 -61.09 20.06 -2.96
CA THR L 314 -62.02 20.76 -2.07
C THR L 314 -61.69 22.23 -2.04
N MET L 315 -60.41 22.55 -1.90
CA MET L 315 -59.95 23.94 -1.96
C MET L 315 -60.27 24.60 -3.30
N ALA L 316 -60.25 23.82 -4.38
CA ALA L 316 -60.50 24.35 -5.70
C ALA L 316 -61.98 24.75 -5.83
N LEU L 317 -62.87 23.82 -5.47
CA LEU L 317 -64.30 24.06 -5.60
C LEU L 317 -64.78 25.22 -4.71
N GLU L 318 -64.23 25.29 -3.50
CA GLU L 318 -64.64 26.31 -2.53
C GLU L 318 -64.17 27.70 -2.94
N ARG L 319 -63.01 27.81 -3.56
CA ARG L 319 -62.60 29.07 -4.15
C ARG L 319 -63.53 29.46 -5.30
N LEU L 320 -64.05 28.44 -6.01
CA LEU L 320 -64.92 28.67 -7.17
C LEU L 320 -66.39 28.88 -6.84
N ALA L 321 -66.79 28.49 -5.63
CA ALA L 321 -68.14 28.76 -5.14
C ALA L 321 -68.12 29.87 -4.10
N GLY L 322 -66.94 30.49 -3.95
CA GLY L 322 -66.73 31.56 -2.99
C GLY L 322 -67.03 31.16 -1.54
N THR L 323 -66.80 29.90 -1.20
CA THR L 323 -67.21 29.36 0.11
C THR L 323 -66.02 28.99 0.99
N ASP L 324 -64.98 29.82 0.97
CA ASP L 324 -63.74 29.49 1.67
C ASP L 324 -63.16 30.67 2.47
N GLY L 325 -63.94 31.73 2.63
CA GLY L 325 -63.54 32.86 3.46
C GLY L 325 -62.54 33.85 2.86
N TYR L 326 -62.18 33.66 1.59
CA TYR L 326 -61.30 34.61 0.89
C TYR L 326 -62.13 35.57 0.04
N ALA L 327 -61.47 36.60 -0.50
CA ALA L 327 -62.10 37.61 -1.37
C ALA L 327 -62.60 37.07 -2.72
N GLY L 328 -63.84 37.42 -3.07
CA GLY L 328 -64.46 37.03 -4.34
C GLY L 328 -64.74 35.54 -4.48
N ASN L 329 -65.04 35.12 -5.71
CA ASN L 329 -65.20 33.70 -6.06
C ASN L 329 -64.31 33.30 -7.25
N LYS L 330 -63.30 34.14 -7.51
CA LYS L 330 -62.38 33.96 -8.63
C LYS L 330 -60.96 33.59 -8.17
N ALA L 331 -60.36 32.62 -8.85
CA ALA L 331 -59.01 32.18 -8.56
C ALA L 331 -57.97 33.13 -9.16
N THR L 332 -57.96 34.39 -8.72
CA THR L 332 -56.99 35.39 -9.19
C THR L 332 -55.61 35.12 -8.60
N SER L 333 -54.60 35.84 -9.08
CA SER L 333 -53.24 35.75 -8.54
C SER L 333 -53.19 35.90 -7.02
N ALA L 334 -53.60 37.09 -6.53
CA ALA L 334 -53.48 37.49 -5.12
C ALA L 334 -54.16 36.56 -4.13
N VAL L 335 -55.29 35.99 -4.53
CA VAL L 335 -56.10 35.10 -3.69
C VAL L 335 -55.56 33.67 -3.68
N VAL L 336 -55.08 33.19 -4.83
CA VAL L 336 -54.43 31.89 -4.86
C VAL L 336 -53.20 31.92 -3.96
N ARG L 337 -52.47 33.03 -4.02
CA ARG L 337 -51.30 33.25 -3.18
C ARG L 337 -51.56 33.04 -1.69
N GLU L 338 -52.73 33.49 -1.22
CA GLU L 338 -53.15 33.26 0.15
C GLU L 338 -53.68 31.85 0.31
N MET L 339 -54.53 31.40 -0.62
CA MET L 339 -55.23 30.12 -0.44
C MET L 339 -54.26 28.93 -0.28
N VAL L 340 -53.13 28.96 -1.00
CA VAL L 340 -52.15 27.85 -0.97
C VAL L 340 -51.30 27.78 0.31
N LEU L 341 -51.25 28.89 1.06
CA LEU L 341 -50.53 28.91 2.33
C LEU L 341 -51.49 28.67 3.50
N GLY L 342 -52.78 28.53 3.17
CA GLY L 342 -53.86 28.49 4.17
C GLY L 342 -53.65 27.50 5.31
N SER L 343 -52.94 26.41 5.02
CA SER L 343 -52.57 25.39 6.01
C SER L 343 -53.77 24.71 6.68
N ARG L 344 -54.86 24.56 5.95
CA ARG L 344 -56.01 23.80 6.42
C ARG L 344 -55.66 22.32 6.60
N VAL L 345 -56.29 21.66 7.57
CA VAL L 345 -55.99 20.27 7.89
C VAL L 345 -57.22 19.40 7.65
N PHE L 346 -57.21 18.64 6.56
CA PHE L 346 -58.39 17.88 6.13
C PHE L 346 -58.84 16.85 7.16
N SER L 347 -57.91 16.10 7.77
CA SER L 347 -58.29 15.12 8.80
C SER L 347 -59.00 15.79 9.98
N ALA L 348 -58.50 16.94 10.40
CA ALA L 348 -59.12 17.66 11.50
C ALA L 348 -60.45 18.28 11.07
N GLU L 349 -60.43 19.05 9.99
CA GLU L 349 -61.66 19.64 9.43
C GLU L 349 -62.80 18.62 9.32
N ARG L 350 -62.49 17.39 8.91
CA ARG L 350 -63.54 16.40 8.67
C ARG L 350 -63.78 15.42 9.81
N PHE L 351 -62.79 15.23 10.68
CA PHE L 351 -62.87 14.14 11.66
C PHE L 351 -62.69 14.54 13.13
N LYS L 352 -62.08 15.69 13.39
CA LYS L 352 -61.84 16.12 14.78
C LYS L 352 -63.11 16.14 15.64
N ASP L 353 -64.15 16.84 15.16
CA ASP L 353 -65.41 17.00 15.94
C ASP L 353 -65.99 15.65 16.33
N GLU L 354 -65.96 14.71 15.38
CA GLU L 354 -66.45 13.36 15.62
C GLU L 354 -65.61 12.65 16.67
N VAL L 355 -64.28 12.72 16.52
CA VAL L 355 -63.38 12.08 17.48
C VAL L 355 -63.63 12.66 18.88
N LEU L 356 -63.58 13.99 18.97
CA LEU L 356 -63.83 14.69 20.23
C LEU L 356 -65.17 14.29 20.87
N ASP L 357 -66.25 14.34 20.10
CA ASP L 357 -67.59 13.97 20.57
C ASP L 357 -67.60 12.56 21.15
N LEU L 358 -66.84 11.66 20.51
CA LEU L 358 -66.82 10.25 20.86
C LEU L 358 -66.03 9.93 22.14
N ILE L 359 -64.93 10.64 22.36
CA ILE L 359 -64.00 10.25 23.43
C ILE L 359 -63.89 11.23 24.62
N CYS L 360 -64.36 12.48 24.44
CA CYS L 360 -64.17 13.51 25.47
C CYS L 360 -65.29 13.68 26.49
N THR L 361 -66.33 12.84 26.43
CA THR L 361 -67.38 12.84 27.46
C THR L 361 -67.54 11.46 28.14
N PRO L 362 -66.89 11.28 29.31
CA PRO L 362 -66.10 12.28 30.04
C PRO L 362 -64.65 12.39 29.55
N ALA L 363 -63.87 13.28 30.17
CA ALA L 363 -62.48 13.56 29.77
C ALA L 363 -61.43 12.89 30.66
N GLN L 364 -61.92 12.20 31.70
CA GLN L 364 -61.07 11.40 32.59
C GLN L 364 -61.28 9.94 32.21
N TRP L 365 -60.20 9.27 31.82
CA TRP L 365 -60.28 7.93 31.20
C TRP L 365 -59.62 6.83 32.00
N THR L 366 -59.99 5.60 31.68
CA THR L 366 -59.16 4.45 31.99
C THR L 366 -58.59 3.89 30.66
N VAL L 367 -57.31 4.14 30.43
CA VAL L 367 -56.62 3.68 29.21
C VAL L 367 -55.57 2.66 29.62
N ASN L 368 -55.73 1.42 29.14
CA ASN L 368 -54.82 0.32 29.47
C ASN L 368 -54.68 0.13 30.98
N GLY L 369 -55.78 0.29 31.70
CA GLY L 369 -55.84 0.11 33.15
C GLY L 369 -55.22 1.24 33.93
N ALA L 370 -54.93 2.36 33.25
CA ALA L 370 -54.32 3.50 33.92
C ALA L 370 -55.25 4.71 33.83
N ALA L 371 -55.27 5.52 34.89
CA ALA L 371 -56.04 6.77 34.89
C ALA L 371 -55.34 7.81 34.00
N VAL L 372 -56.12 8.46 33.13
CA VAL L 372 -55.58 9.42 32.19
C VAL L 372 -56.49 10.65 32.22
N ASP L 373 -55.89 11.79 32.50
CA ASP L 373 -56.60 13.05 32.53
C ASP L 373 -56.46 13.75 31.17
N ALA L 374 -57.49 13.67 30.34
CA ALA L 374 -57.45 14.26 29.00
C ALA L 374 -58.20 15.59 28.89
N ALA L 375 -58.62 16.14 30.04
CA ALA L 375 -59.39 17.38 30.02
C ALA L 375 -58.68 18.44 29.20
N GLN L 376 -57.39 18.64 29.47
CA GLN L 376 -56.66 19.71 28.81
C GLN L 376 -56.49 19.42 27.32
N ALA L 377 -56.21 18.16 26.96
CA ALA L 377 -56.06 17.81 25.56
C ALA L 377 -57.36 18.02 24.77
N CYS L 378 -58.48 17.56 25.33
CA CYS L 378 -59.80 17.76 24.72
C CYS L 378 -60.16 19.24 24.52
N ALA L 379 -59.90 20.05 25.54
CA ALA L 379 -60.17 21.49 25.47
C ALA L 379 -59.31 22.20 24.43
N VAL L 380 -58.03 21.83 24.35
CA VAL L 380 -57.09 22.47 23.44
C VAL L 380 -57.50 22.20 21.99
N LEU L 381 -57.87 20.94 21.73
CA LEU L 381 -58.27 20.53 20.40
C LEU L 381 -59.60 21.15 19.98
N ALA L 382 -60.56 21.22 20.90
CA ALA L 382 -61.81 21.96 20.67
C ALA L 382 -61.56 23.44 20.35
N ALA L 383 -60.63 24.06 21.08
CA ALA L 383 -60.26 25.45 20.85
C ALA L 383 -59.46 25.65 19.55
N TRP L 384 -58.97 24.57 18.96
CA TRP L 384 -58.16 24.66 17.75
C TRP L 384 -59.01 24.66 16.49
N ASP L 385 -58.68 25.54 15.55
CA ASP L 385 -59.53 25.73 14.38
C ASP L 385 -59.10 24.96 13.12
N ASN L 386 -58.37 23.86 13.32
CA ASN L 386 -58.01 22.91 12.24
C ASN L 386 -57.10 23.48 11.17
N ARG L 387 -56.22 24.39 11.56
CA ARG L 387 -55.25 25.02 10.66
C ARG L 387 -53.87 24.96 11.27
N GLY L 388 -52.88 24.63 10.45
CA GLY L 388 -51.50 24.64 10.89
C GLY L 388 -50.81 25.96 10.61
N ARG L 389 -51.30 27.03 11.21
CA ARG L 389 -50.68 28.34 11.08
C ARG L 389 -49.68 28.54 12.22
N LYS L 390 -48.84 29.56 12.11
CA LYS L 390 -47.83 29.85 13.11
C LYS L 390 -48.37 30.01 14.52
N ASP L 391 -49.52 30.68 14.66
CA ASP L 391 -50.11 30.91 16.00
C ASP L 391 -51.08 29.83 16.50
N SER L 392 -51.22 28.76 15.73
CA SER L 392 -52.21 27.70 16.00
C SER L 392 -51.80 26.87 17.21
N ARG L 393 -52.68 26.84 18.20
CA ARG L 393 -52.40 26.19 19.47
C ARG L 393 -52.89 24.74 19.47
N GLY L 394 -51.97 23.80 19.66
CA GLY L 394 -52.30 22.38 19.75
C GLY L 394 -52.35 21.55 18.47
N SER L 395 -51.95 22.15 17.34
CA SER L 395 -51.96 21.47 16.03
C SER L 395 -51.02 20.25 16.00
N HIS L 396 -49.91 20.38 16.73
CA HIS L 396 -48.93 19.31 16.86
C HIS L 396 -49.51 18.13 17.61
N LEU L 397 -50.41 18.40 18.56
CA LEU L 397 -51.11 17.32 19.28
C LEU L 397 -51.95 16.48 18.31
N TRP L 398 -52.62 17.16 17.38
CA TRP L 398 -53.37 16.47 16.33
C TRP L 398 -52.49 15.65 15.41
N ASP L 399 -51.34 16.19 15.03
CA ASP L 399 -50.38 15.44 14.19
C ASP L 399 -49.95 14.16 14.90
N GLU L 400 -49.68 14.26 16.21
CA GLU L 400 -49.19 13.13 16.99
C GLU L 400 -50.28 12.10 17.28
N PHE L 401 -51.53 12.55 17.25
CA PHE L 401 -52.68 11.67 17.43
C PHE L 401 -53.08 10.98 16.14
N TRP L 402 -53.45 11.77 15.13
CA TRP L 402 -53.98 11.23 13.89
C TRP L 402 -53.06 10.21 13.24
N SER L 403 -51.75 10.50 13.26
CA SER L 403 -50.73 9.58 12.69
C SER L 403 -50.65 8.22 13.40
N ARG L 404 -51.30 8.11 14.57
CA ARG L 404 -51.23 6.88 15.37
C ARG L 404 -52.59 6.19 15.43
N VAL L 405 -53.57 6.73 14.72
CA VAL L 405 -54.88 6.12 14.72
C VAL L 405 -54.86 4.84 13.86
N PRO L 406 -55.25 3.70 14.46
CA PRO L 406 -55.42 2.46 13.69
C PRO L 406 -56.43 2.66 12.56
N THR L 407 -56.03 2.35 11.34
CA THR L 407 -56.82 2.68 10.17
C THR L 407 -57.90 1.64 9.84
N ALA L 408 -57.71 0.40 10.30
CA ALA L 408 -58.67 -0.68 10.05
C ALA L 408 -60.03 -0.39 10.69
N SER L 409 -61.08 -0.48 9.87
CA SER L 409 -62.46 -0.21 10.28
C SER L 409 -62.67 1.17 10.91
N LEU L 410 -61.73 2.09 10.70
CA LEU L 410 -61.84 3.45 11.24
C LEU L 410 -63.09 4.18 10.72
N PHE L 411 -63.40 3.96 9.44
CA PHE L 411 -64.50 4.61 8.78
C PHE L 411 -65.70 3.67 8.60
N THR L 412 -66.90 4.23 8.69
CA THR L 412 -68.13 3.46 8.44
C THR L 412 -68.66 3.71 7.03
N VAL L 413 -68.39 4.89 6.48
CA VAL L 413 -68.78 5.23 5.12
C VAL L 413 -67.61 4.98 4.19
N PRO L 414 -67.67 3.90 3.38
CA PRO L 414 -66.59 3.52 2.45
C PRO L 414 -66.42 4.50 1.28
N PHE L 415 -65.25 4.45 0.64
CA PHE L 415 -65.00 5.25 -0.55
C PHE L 415 -66.02 4.99 -1.64
N SER L 416 -66.59 6.06 -2.17
CA SER L 416 -67.46 5.97 -3.33
C SER L 416 -66.91 6.85 -4.43
N ALA L 417 -66.75 6.27 -5.63
CA ALA L 417 -66.23 6.99 -6.79
C ALA L 417 -67.14 8.14 -7.18
N ALA L 418 -68.43 8.00 -6.85
CA ALA L 418 -69.42 9.06 -7.05
C ALA L 418 -69.27 10.21 -6.05
N ASP L 419 -68.49 9.99 -4.98
CA ASP L 419 -68.27 11.01 -3.93
C ASP L 419 -66.82 10.97 -3.38
N PRO L 420 -65.83 11.28 -4.23
CA PRO L 420 -64.44 10.95 -3.91
C PRO L 420 -63.75 11.95 -2.98
N LEU L 421 -64.34 13.14 -2.85
CA LEU L 421 -63.78 14.15 -1.96
C LEU L 421 -64.29 13.94 -0.54
N ASN L 422 -65.53 13.47 -0.44
CA ASN L 422 -66.21 13.35 0.85
C ASN L 422 -66.33 11.92 1.37
N THR L 423 -65.67 10.97 0.69
CA THR L 423 -65.52 9.58 1.17
C THR L 423 -64.06 9.11 1.01
N PRO L 424 -63.60 8.15 1.83
CA PRO L 424 -64.33 7.55 2.96
C PRO L 424 -64.50 8.52 4.12
N ARG L 425 -65.48 8.26 4.99
CA ARG L 425 -65.74 9.12 6.16
C ARG L 425 -66.49 8.38 7.26
N GLY L 426 -66.99 9.13 8.25
CA GLY L 426 -67.78 8.57 9.34
C GLY L 426 -66.95 7.75 10.32
N ILE L 427 -66.47 8.41 11.38
CA ILE L 427 -65.63 7.74 12.38
C ILE L 427 -66.44 6.69 13.12
N ASN L 428 -65.95 5.46 13.08
CA ASN L 428 -66.56 4.31 13.72
C ASN L 428 -66.55 4.43 15.25
N ALA L 429 -67.74 4.39 15.84
CA ALA L 429 -67.92 4.47 17.28
C ALA L 429 -67.19 3.35 18.04
N ALA L 430 -67.07 2.18 17.41
CA ALA L 430 -66.33 1.05 17.99
C ALA L 430 -64.85 1.36 18.22
N ALA L 431 -64.28 2.29 17.46
CA ALA L 431 -62.86 2.66 17.55
C ALA L 431 -62.51 3.53 18.78
N ALA L 432 -63.53 3.88 19.57
CA ALA L 432 -63.40 4.73 20.76
C ALA L 432 -62.21 4.44 21.67
N ASP L 433 -62.12 3.19 22.15
CA ASP L 433 -61.00 2.74 22.99
C ASP L 433 -59.66 2.91 22.29
N ALA L 434 -59.61 2.56 21.00
CA ALA L 434 -58.38 2.69 20.21
C ALA L 434 -57.99 4.15 20.01
N LEU L 435 -58.99 5.01 19.89
CA LEU L 435 -58.79 6.45 19.71
C LEU L 435 -58.25 7.04 21.01
N ARG L 436 -58.81 6.58 22.13
CA ARG L 436 -58.34 6.96 23.44
C ARG L 436 -56.89 6.53 23.65
N GLN L 437 -56.53 5.33 23.19
CA GLN L 437 -55.15 4.84 23.25
C GLN L 437 -54.21 5.69 22.40
N ALA L 438 -54.63 6.00 21.18
CA ALA L 438 -53.87 6.89 20.30
C ALA L 438 -53.66 8.27 20.93
N MET L 439 -54.73 8.84 21.49
CA MET L 439 -54.67 10.15 22.14
C MET L 439 -53.79 10.14 23.40
N ALA L 440 -53.91 9.09 24.21
CA ALA L 440 -53.06 8.92 25.38
C ALA L 440 -51.58 8.94 24.98
N THR L 441 -51.23 8.21 23.93
CA THR L 441 -49.86 8.22 23.39
C THR L 441 -49.44 9.59 22.86
N ALA L 442 -50.33 10.25 22.12
CA ALA L 442 -50.01 11.57 21.58
C ALA L 442 -49.74 12.57 22.72
N ILE L 443 -50.62 12.56 23.73
CA ILE L 443 -50.37 13.36 24.93
C ILE L 443 -48.99 13.04 25.50
N ALA L 444 -48.73 11.75 25.72
CA ALA L 444 -47.44 11.30 26.29
C ALA L 444 -46.23 11.76 25.48
N ARG L 445 -46.31 11.65 24.15
CA ARG L 445 -45.24 12.09 23.24
C ARG L 445 -45.02 13.62 23.22
N VAL L 446 -46.11 14.40 23.21
CA VAL L 446 -45.99 15.86 23.33
C VAL L 446 -45.36 16.18 24.70
N GLY L 447 -45.82 15.46 25.72
CA GLY L 447 -45.24 15.53 27.06
C GLY L 447 -43.72 15.44 27.06
N GLN L 448 -43.17 14.40 26.42
CA GLN L 448 -41.70 14.25 26.46
C GLN L 448 -40.91 15.21 25.58
N SER L 449 -41.57 15.78 24.57
CA SER L 449 -40.93 16.74 23.68
C SER L 449 -40.62 18.04 24.42
N GLY L 450 -41.28 18.27 25.55
CA GLY L 450 -41.10 19.51 26.29
C GLY L 450 -42.06 20.63 25.91
N TYR L 451 -42.79 20.45 24.82
CA TYR L 451 -43.80 21.44 24.41
C TYR L 451 -45.08 21.26 25.22
N ALA L 452 -45.71 22.37 25.57
CA ALA L 452 -47.05 22.36 26.14
C ALA L 452 -48.03 21.77 25.10
N LEU L 453 -49.14 21.19 25.57
CA LEU L 453 -50.18 20.71 24.63
C LEU L 453 -50.72 21.85 23.78
N ASP L 454 -50.77 23.06 24.34
CA ASP L 454 -51.36 24.20 23.65
C ASP L 454 -50.32 25.13 23.01
N ALA L 455 -49.14 24.59 22.72
CA ALA L 455 -48.08 25.40 22.12
C ALA L 455 -48.46 25.87 20.70
N PRO L 456 -48.05 27.09 20.33
CA PRO L 456 -48.28 27.56 18.96
C PRO L 456 -47.37 26.84 17.96
N ARG L 457 -47.92 26.49 16.81
CA ARG L 457 -47.21 25.69 15.81
C ARG L 457 -45.82 26.20 15.44
N GLY L 458 -45.68 27.51 15.32
CA GLY L 458 -44.40 28.11 14.94
C GLY L 458 -43.24 27.90 15.90
N GLU L 459 -43.56 27.50 17.13
CA GLU L 459 -42.53 27.16 18.10
C GLU L 459 -42.15 25.69 17.96
N VAL L 460 -43.08 24.88 17.44
CA VAL L 460 -42.85 23.46 17.22
C VAL L 460 -42.22 23.23 15.85
N LEU L 461 -42.71 23.96 14.85
CA LEU L 461 -42.35 23.78 13.43
C LEU L 461 -41.55 25.00 13.01
N TYR L 462 -40.30 24.79 12.59
CA TYR L 462 -39.40 25.91 12.36
C TYR L 462 -38.21 25.53 11.47
N ALA L 463 -37.60 26.56 10.88
CA ALA L 463 -36.30 26.47 10.21
C ALA L 463 -35.34 27.41 10.94
N THR L 464 -34.11 26.96 11.19
CA THR L 464 -33.12 27.81 11.87
C THR L 464 -32.22 28.49 10.85
N ARG L 465 -32.14 29.81 10.92
CA ARG L 465 -31.23 30.58 10.05
C ARG L 465 -30.57 31.70 10.84
N GLY L 466 -29.24 31.77 10.74
CA GLY L 466 -28.46 32.77 11.46
C GLY L 466 -28.65 32.68 12.96
N GLY L 467 -28.83 31.46 13.46
CA GLY L 467 -29.01 31.21 14.88
C GLY L 467 -30.41 31.44 15.46
N THR L 468 -31.38 31.82 14.63
CA THR L 468 -32.76 32.04 15.14
C THR L 468 -33.79 31.11 14.49
N ARG L 469 -34.79 30.71 15.28
CA ARG L 469 -35.79 29.75 14.82
C ARG L 469 -36.97 30.39 14.09
N LEU L 470 -36.83 30.56 12.78
CA LEU L 470 -37.89 31.12 11.96
C LEU L 470 -39.15 30.23 12.05
N PRO L 471 -40.26 30.77 12.57
CA PRO L 471 -41.49 29.99 12.75
C PRO L 471 -42.19 29.63 11.43
N LEU L 472 -42.63 28.37 11.32
CA LEU L 472 -43.24 27.89 10.10
C LEU L 472 -44.68 27.42 10.26
N TYR L 473 -45.29 27.05 9.14
CA TYR L 473 -46.71 26.71 9.06
C TYR L 473 -46.83 25.60 8.02
N GLY L 474 -47.96 24.91 8.03
CA GLY L 474 -48.18 23.78 7.14
C GLY L 474 -47.80 22.47 7.82
N GLY L 475 -47.81 21.39 7.07
CA GLY L 475 -47.58 20.08 7.68
C GLY L 475 -47.39 18.93 6.71
N CYS L 476 -47.73 17.74 7.19
CA CYS L 476 -47.56 16.52 6.43
C CYS L 476 -48.87 16.12 5.75
N GLY L 477 -48.75 15.59 4.54
CA GLY L 477 -49.88 15.18 3.72
C GLY L 477 -50.72 14.08 4.34
N ALA L 478 -50.09 13.23 5.14
CA ALA L 478 -50.79 12.16 5.84
C ALA L 478 -51.93 12.67 6.73
N MET L 479 -51.79 13.91 7.20
CA MET L 479 -52.80 14.58 8.04
C MET L 479 -53.83 15.37 7.22
N GLY L 480 -53.55 15.56 5.94
CA GLY L 480 -54.48 16.24 5.04
C GLY L 480 -54.15 17.69 4.81
N TYR L 481 -52.91 18.08 5.06
CA TYR L 481 -52.44 19.41 4.71
C TYR L 481 -52.32 19.50 3.20
N PHE L 482 -52.44 20.70 2.68
CA PHE L 482 -52.12 20.99 1.29
C PHE L 482 -50.80 21.74 1.33
N THR L 483 -50.67 22.62 2.31
CA THR L 483 -49.45 23.41 2.53
C THR L 483 -48.44 22.52 3.24
N ILE L 484 -47.41 22.10 2.51
CA ILE L 484 -46.55 21.03 3.01
C ILE L 484 -45.26 21.51 3.66
N THR L 485 -45.15 21.25 4.96
CA THR L 485 -43.94 21.51 5.73
C THR L 485 -43.79 20.28 6.62
N CYS L 486 -43.08 19.28 6.10
CA CYS L 486 -43.10 17.94 6.68
C CYS L 486 -41.71 17.50 7.15
N SER L 487 -41.43 17.75 8.43
CA SER L 487 -40.19 17.34 9.07
C SER L 487 -40.06 15.82 9.14
N GLU L 488 -38.83 15.33 9.01
CA GLU L 488 -38.53 13.93 9.29
C GLU L 488 -38.25 13.73 10.79
N ASN L 489 -37.99 14.84 11.50
CA ASN L 489 -37.58 14.82 12.90
C ASN L 489 -38.72 14.48 13.85
N ASP L 490 -38.53 13.51 14.73
CA ASP L 490 -39.56 13.15 15.72
C ASP L 490 -39.74 14.33 16.68
N ILE L 491 -40.98 14.61 17.07
CA ILE L 491 -41.28 15.69 18.02
C ILE L 491 -40.40 15.68 19.29
N THR L 492 -40.07 14.49 19.80
CA THR L 492 -39.29 14.39 21.05
C THR L 492 -37.82 14.77 20.87
N GLN L 493 -37.41 15.03 19.64
CA GLN L 493 -36.01 15.36 19.35
C GLN L 493 -35.84 16.84 19.00
N GLY L 494 -36.55 17.69 19.75
CA GLY L 494 -36.49 19.14 19.56
C GLY L 494 -37.51 19.66 18.57
N GLY L 495 -38.67 19.01 18.50
CA GLY L 495 -39.78 19.46 17.65
C GLY L 495 -39.59 19.21 16.16
N TYR L 496 -40.48 19.79 15.35
CA TYR L 496 -40.48 19.58 13.89
C TYR L 496 -39.51 20.54 13.20
N SER L 497 -38.23 20.33 13.44
CA SER L 497 -37.19 21.12 12.82
C SER L 497 -37.05 20.76 11.35
N MET L 498 -36.91 21.78 10.49
CA MET L 498 -36.74 21.61 9.05
C MET L 498 -35.28 21.77 8.60
N ASP L 499 -34.36 21.62 9.56
CA ASP L 499 -32.94 21.89 9.36
C ASP L 499 -32.11 20.69 8.92
N GLY L 500 -32.67 19.48 9.00
CA GLY L 500 -31.95 18.27 8.64
C GLY L 500 -32.24 17.93 7.19
N GLN L 501 -32.80 16.74 6.96
CA GLN L 501 -33.25 16.45 5.60
C GLN L 501 -34.74 16.09 5.62
N PRO L 502 -35.61 17.12 5.66
CA PRO L 502 -37.05 16.86 5.80
C PRO L 502 -37.64 16.02 4.68
N ASN L 503 -38.84 15.51 4.91
CA ASN L 503 -39.60 14.85 3.86
C ASN L 503 -39.99 15.87 2.80
N ALA L 504 -40.40 15.37 1.64
CA ALA L 504 -40.86 16.20 0.53
C ALA L 504 -41.75 17.36 1.03
N SER L 505 -41.29 18.59 0.84
CA SER L 505 -41.99 19.76 1.36
C SER L 505 -41.97 20.91 0.35
N ASN L 506 -42.86 21.88 0.55
CA ASN L 506 -42.83 23.13 -0.22
C ASN L 506 -41.37 23.54 -0.45
N SER L 507 -41.03 23.79 -1.71
CA SER L 507 -39.66 24.11 -2.07
C SER L 507 -39.66 25.31 -3.02
N TYR L 508 -39.73 25.05 -4.33
CA TYR L 508 -40.02 26.12 -5.28
C TYR L 508 -41.52 26.26 -5.38
N MET L 509 -42.03 27.45 -5.09
CA MET L 509 -43.45 27.74 -5.28
C MET L 509 -43.62 28.87 -6.28
N GLN L 510 -44.59 28.72 -7.19
CA GLN L 510 -44.90 29.80 -8.12
C GLN L 510 -46.39 30.02 -8.33
N VAL L 511 -46.76 31.30 -8.31
CA VAL L 511 -48.07 31.74 -8.77
C VAL L 511 -47.85 32.62 -9.99
N VAL L 512 -48.34 32.15 -11.15
CA VAL L 512 -48.15 32.85 -12.43
C VAL L 512 -49.47 33.17 -13.13
N SER L 513 -49.56 34.41 -13.62
CA SER L 513 -50.70 34.87 -14.39
C SER L 513 -50.21 35.70 -15.58
N PHE L 514 -51.12 36.02 -16.50
CA PHE L 514 -50.76 36.82 -17.66
C PHE L 514 -51.70 38.03 -17.84
N PRO L 515 -51.58 39.05 -16.96
CA PRO L 515 -52.34 40.29 -17.14
C PRO L 515 -51.70 41.15 -18.23
N ALA L 516 -52.34 42.27 -18.58
CA ALA L 516 -51.85 43.15 -19.65
C ALA L 516 -50.39 43.54 -19.48
N SER L 517 -49.95 43.69 -18.24
CA SER L 517 -48.55 43.99 -17.93
C SER L 517 -47.59 43.01 -18.61
N GLY L 518 -48.03 41.75 -18.73
CA GLY L 518 -47.16 40.66 -19.19
C GLY L 518 -47.09 39.59 -18.12
N VAL L 519 -46.02 38.79 -18.15
CA VAL L 519 -45.90 37.66 -17.24
C VAL L 519 -45.77 38.12 -15.81
N GLN L 520 -46.62 37.59 -14.95
CA GLN L 520 -46.62 37.95 -13.55
C GLN L 520 -46.28 36.73 -12.73
N ALA L 521 -45.15 36.77 -12.01
CA ALA L 521 -44.74 35.65 -11.16
C ALA L 521 -44.41 36.00 -9.70
N HIS L 522 -45.05 35.29 -8.78
CA HIS L 522 -44.71 35.36 -7.36
C HIS L 522 -44.19 34.04 -6.88
N THR L 523 -43.10 34.05 -6.11
CA THR L 523 -42.33 32.83 -5.85
C THR L 523 -41.74 32.66 -4.45
N PHE L 524 -41.55 31.40 -4.06
CA PHE L 524 -40.70 31.05 -2.93
C PHE L 524 -39.68 30.02 -3.39
N LEU L 525 -38.47 30.10 -2.83
CA LEU L 525 -37.56 28.96 -2.71
C LEU L 525 -37.31 28.82 -1.20
N THR L 526 -38.11 27.95 -0.57
CA THR L 526 -38.28 27.93 0.89
C THR L 526 -36.98 27.84 1.70
N PHE L 527 -36.06 26.98 1.25
CA PHE L 527 -34.80 26.74 1.97
C PHE L 527 -33.72 27.74 1.60
N SER L 528 -34.03 28.62 0.64
CA SER L 528 -33.10 29.65 0.12
C SER L 528 -32.12 29.11 -0.93
N LEU L 529 -31.52 30.03 -1.68
CA LEU L 529 -30.64 29.70 -2.81
C LEU L 529 -29.39 28.87 -2.50
N SER L 530 -28.73 29.17 -1.38
CA SER L 530 -27.37 28.69 -1.12
C SER L 530 -27.30 27.76 0.07
N ASP L 531 -26.59 26.64 -0.10
CA ASP L 531 -26.43 25.66 0.97
C ASP L 531 -25.29 26.08 1.91
N ASP L 532 -24.63 27.19 1.58
CA ASP L 532 -23.51 27.70 2.40
C ASP L 532 -23.96 28.66 3.51
N PRO L 533 -23.72 28.29 4.80
CA PRO L 533 -24.07 29.18 5.93
C PRO L 533 -23.47 30.60 5.87
N ALA L 534 -22.24 30.76 5.39
CA ALA L 534 -21.64 32.09 5.22
C ALA L 534 -22.32 32.97 4.16
N SER L 535 -23.27 32.39 3.41
CA SER L 535 -23.88 33.12 2.29
C SER L 535 -25.08 33.97 2.69
N PRO L 536 -25.15 35.21 2.16
CA PRO L 536 -26.28 36.09 2.39
C PRO L 536 -27.59 35.51 1.86
N HIS L 537 -27.47 34.48 1.01
CA HIS L 537 -28.65 33.81 0.48
C HIS L 537 -28.79 32.40 1.02
N HIS L 538 -28.33 32.20 2.25
CA HIS L 538 -28.58 30.95 2.98
C HIS L 538 -29.89 30.94 3.71
N GLY L 539 -30.35 32.10 4.16
CA GLY L 539 -31.59 32.19 4.94
C GLY L 539 -32.57 33.33 4.66
N ASP L 540 -32.26 34.16 3.66
CA ASP L 540 -33.09 35.34 3.38
C ASP L 540 -34.43 34.96 2.78
N TYR L 541 -34.42 34.07 1.80
CA TYR L 541 -35.64 33.56 1.22
C TYR L 541 -36.47 32.80 2.27
N THR L 542 -35.78 32.10 3.16
CA THR L 542 -36.43 31.33 4.24
C THR L 542 -37.16 32.27 5.22
N LYS L 543 -36.53 33.41 5.53
CA LYS L 543 -37.13 34.46 6.36
C LYS L 543 -38.44 34.98 5.76
N ALA L 544 -38.44 35.23 4.44
CA ALA L 544 -39.64 35.68 3.73
C ALA L 544 -40.74 34.63 3.68
N TYR L 545 -40.35 33.37 3.50
CA TYR L 545 -41.32 32.26 3.56
C TYR L 545 -41.97 32.17 4.93
N SER L 546 -41.18 32.29 5.98
CA SER L 546 -41.66 32.32 7.36
C SER L 546 -42.69 33.44 7.57
N ALA L 547 -42.35 34.64 7.07
CA ALA L 547 -43.25 35.80 7.12
C ALA L 547 -44.41 35.70 6.13
N GLY L 548 -44.34 34.72 5.23
CA GLY L 548 -45.39 34.51 4.22
C GLY L 548 -45.44 35.60 3.17
N GLN L 549 -44.28 36.18 2.88
CA GLN L 549 -44.20 37.27 1.92
C GLN L 549 -43.61 36.80 0.59
N TRP L 550 -44.52 36.42 -0.30
CA TRP L 550 -44.22 36.03 -1.67
C TRP L 550 -43.28 36.99 -2.33
N LEU L 551 -42.21 36.48 -2.92
CA LEU L 551 -41.32 37.33 -3.68
C LEU L 551 -41.94 37.66 -5.05
N ARG L 552 -41.98 38.96 -5.37
CA ARG L 552 -42.27 39.41 -6.73
C ARG L 552 -40.96 39.31 -7.49
N VAL L 553 -40.85 38.31 -8.35
CA VAL L 553 -39.60 38.09 -9.06
C VAL L 553 -39.55 39.01 -10.26
N PRO L 554 -38.42 39.70 -10.45
CA PRO L 554 -38.26 40.48 -11.68
C PRO L 554 -38.24 39.54 -12.88
N PHE L 555 -38.80 39.98 -14.02
CA PHE L 555 -38.74 39.20 -15.25
C PHE L 555 -38.28 40.05 -16.43
N THR L 556 -39.00 41.12 -16.73
CA THR L 556 -38.62 42.03 -17.82
C THR L 556 -37.29 42.71 -17.49
N GLU L 557 -36.60 43.20 -18.52
CA GLU L 557 -35.29 43.82 -18.34
C GLU L 557 -35.36 45.04 -17.42
N ALA L 558 -36.47 45.79 -17.52
CA ALA L 558 -36.73 46.96 -16.68
C ALA L 558 -37.01 46.53 -15.24
N GLU L 559 -37.69 45.40 -15.08
CA GLU L 559 -37.97 44.86 -13.75
C GLU L 559 -36.68 44.44 -13.05
N ILE L 560 -35.77 43.81 -13.80
CA ILE L 560 -34.47 43.38 -13.27
C ILE L 560 -33.62 44.57 -12.83
N THR L 561 -33.33 45.47 -13.78
CA THR L 561 -32.49 46.65 -13.53
C THR L 561 -33.08 47.62 -12.49
N GLY L 562 -34.40 47.67 -12.39
CA GLY L 562 -35.11 48.51 -11.43
C GLY L 562 -35.43 47.88 -10.08
N ASN L 563 -34.91 46.69 -9.83
CA ASN L 563 -35.09 46.01 -8.53
C ASN L 563 -34.17 46.59 -7.45
N ALA L 564 -34.71 46.71 -6.24
CA ALA L 564 -34.00 47.33 -5.10
C ALA L 564 -32.59 46.77 -4.85
N ASP L 565 -32.44 45.46 -4.99
CA ASP L 565 -31.17 44.77 -4.69
C ASP L 565 -30.38 44.40 -5.94
N TYR L 566 -30.79 44.97 -7.07
CA TYR L 566 -30.12 44.71 -8.34
C TYR L 566 -28.59 44.93 -8.27
N ARG L 567 -27.86 44.06 -8.97
CA ARG L 567 -26.41 44.21 -9.22
C ARG L 567 -25.95 43.31 -10.36
N THR L 568 -24.86 43.70 -11.03
CA THR L 568 -24.38 42.99 -12.22
C THR L 568 -22.89 42.75 -12.22
N ALA L 569 -22.51 41.63 -12.82
CA ALA L 569 -21.15 41.23 -13.03
C ALA L 569 -21.19 40.39 -14.29
N THR L 570 -20.08 40.33 -15.01
CA THR L 570 -20.00 39.47 -16.20
C THR L 570 -18.75 38.59 -16.13
N VAL L 571 -18.91 37.32 -16.51
CA VAL L 571 -17.80 36.38 -16.50
C VAL L 571 -17.43 35.96 -17.92
N LYS L 572 -16.14 35.78 -18.17
CA LYS L 572 -15.69 35.33 -19.49
C LYS L 572 -14.37 34.57 -19.46
N GLU L 573 -14.19 33.71 -20.48
CA GLU L 573 -12.94 32.96 -20.70
C GLU L 573 -12.92 32.37 -22.11
N LEU L 574 -11.74 31.95 -22.57
CA LEU L 574 -11.56 31.30 -23.88
C LEU L 574 -12.25 29.92 -23.98
N GLU L 575 -12.02 29.21 -25.08
CA GLU L 575 -12.56 27.85 -25.23
C GLU L 575 -11.50 26.82 -25.62
#